data_5SCF
#
_entry.id   5SCF
#
_cell.length_a   207.193
_cell.length_b   112.922
_cell.length_c   188.595
_cell.angle_alpha   90.000
_cell.angle_beta   92.150
_cell.angle_gamma   90.000
#
_symmetry.space_group_name_H-M   'C 1 2 1'
#
loop_
_entity.id
_entity.type
_entity.pdbx_description
1 polymer 'Pyruvate kinase'
2 non-polymer 1,6-di-O-phosphono-beta-D-fructofuranose
3 non-polymer 'OXALATE ION'
4 non-polymer 'MAGNESIUM ION'
5 non-polymer 'POTASSIUM ION'
6 non-polymer N-(3-hydroxy-9,10-dioxo-9,10-dihydroanthracene-2-sulfonyl)glycine
7 water water
#
_entity_poly.entity_id   1
_entity_poly.type   'polypeptide(L)'
_entity_poly.pdbx_seq_one_letter_code
;GSMEGPAGYLRRADVAQLTQELGTAFFQQQQLPAAMADTFLEHLCLLDIDSEPVAARSTSIIATIGPASRSVERLKEMIK
AGMNIARLNFSHGSHEYHAESIANVREAVESFAGSPLSYRPVAIALDTKGPGSGPGLSEQDVRDLRFGVEHGVDIVFASF
VRKASDVAAVRAALGPEGHGIKIISKIENHEGVKRFDEILEVSDGIMVARGDLGIEIPAEKVFLAQKMMIGRCNLAGKPV
VCATQMLESMITKPRPTRAETSDVANAVLDGADCIMLSGETAKGNFPVEAVKMQHAIAREAEAAVYHRQLFEELRRAAPL
SRDPTEVTAIGAVEAAFKCCAAAIIVLTTTGRSAQLLSRYRPRAAVIAVTRSAQAARQVHLCRGVFPLLYREPPEAIWAD
DVDRRVQFGIESGKLRGFLRVGDLVIVVTGWRPGSGYTNIMRVLSIS
;
_entity_poly.pdbx_strand_id   A,B,C,D,E,F,G,H
#
# COMPACT_ATOMS: atom_id res chain seq x y z
N GLN A 28 4.76 27.52 14.36
CA GLN A 28 5.15 28.83 14.89
C GLN A 28 5.55 28.78 16.39
N GLN A 29 6.22 29.84 16.86
CA GLN A 29 6.70 30.10 18.22
C GLN A 29 5.54 30.14 19.25
N GLN A 30 5.89 30.23 20.56
CA GLN A 30 5.04 30.30 21.75
C GLN A 30 3.82 29.36 21.74
N GLN A 31 4.04 28.11 21.26
CA GLN A 31 3.05 27.04 21.16
C GLN A 31 1.75 27.47 20.47
N LEU A 32 1.87 28.32 19.45
CA LEU A 32 0.71 28.80 18.70
C LEU A 32 -0.03 27.68 17.96
N PRO A 33 0.62 26.65 17.34
CA PRO A 33 -0.15 25.54 16.76
C PRO A 33 -0.98 24.80 17.84
N ALA A 34 -0.40 24.58 19.03
CA ALA A 34 -1.09 23.92 20.15
C ALA A 34 -2.22 24.80 20.72
N ALA A 35 -2.07 26.13 20.65
CA ALA A 35 -3.08 27.09 21.14
C ALA A 35 -4.28 27.18 20.19
N MET A 36 -4.07 26.91 18.87
CA MET A 36 -5.12 26.93 17.84
C MET A 36 -5.96 25.63 17.81
N ALA A 37 -5.54 24.57 18.52
CA ALA A 37 -6.23 23.29 18.52
C ALA A 37 -7.69 23.36 18.94
N ASP A 38 -8.53 22.48 18.35
CA ASP A 38 -9.97 22.47 18.61
C ASP A 38 -10.36 21.69 19.88
N THR A 39 -9.49 20.83 20.37
CA THR A 39 -9.71 20.06 21.59
C THR A 39 -8.47 20.15 22.48
N PHE A 40 -8.64 19.92 23.78
CA PHE A 40 -7.53 19.91 24.72
C PHE A 40 -6.55 18.74 24.41
N LEU A 41 -7.08 17.61 23.94
CA LEU A 41 -6.30 16.46 23.57
C LEU A 41 -5.40 16.79 22.38
N GLU A 42 -5.95 17.46 21.35
CA GLU A 42 -5.19 17.90 20.17
CA GLU A 42 -5.14 17.84 20.19
C GLU A 42 -4.14 18.96 20.55
N HIS A 43 -4.46 19.80 21.57
CA HIS A 43 -3.62 20.84 22.10
C HIS A 43 -2.38 20.17 22.69
N LEU A 44 -2.56 19.12 23.52
CA LEU A 44 -1.43 18.40 24.11
C LEU A 44 -0.56 17.77 23.02
N CYS A 45 -1.19 17.12 22.03
CA CYS A 45 -0.49 16.47 20.92
C CYS A 45 0.35 17.44 20.11
N LEU A 46 -0.07 18.70 20.03
CA LEU A 46 0.63 19.72 19.25
C LEU A 46 1.72 20.47 20.00
N LEU A 47 1.93 20.20 21.31
CA LEU A 47 3.00 20.83 22.08
C LEU A 47 4.36 20.46 21.45
N ASP A 48 5.21 21.46 21.21
CA ASP A 48 6.48 21.28 20.50
C ASP A 48 7.64 21.80 21.34
N ILE A 49 8.63 20.94 21.63
CA ILE A 49 9.81 21.37 22.39
C ILE A 49 10.67 22.39 21.60
N ASP A 50 10.54 22.42 20.26
CA ASP A 50 11.25 23.37 19.42
C ASP A 50 10.53 24.72 19.27
N SER A 51 9.28 24.83 19.74
CA SER A 51 8.53 26.08 19.71
C SER A 51 9.00 26.90 20.93
N GLU A 52 9.76 27.97 20.67
CA GLU A 52 10.33 28.78 21.75
C GLU A 52 9.39 29.84 22.31
N PRO A 53 9.44 30.03 23.64
CA PRO A 53 8.59 31.07 24.24
C PRO A 53 9.08 32.48 23.87
N VAL A 54 8.15 33.34 23.40
CA VAL A 54 8.52 34.70 23.01
C VAL A 54 8.11 35.71 24.08
N ALA A 55 6.89 35.55 24.62
CA ALA A 55 6.35 36.45 25.63
C ALA A 55 7.14 36.47 26.94
N ALA A 56 7.05 37.62 27.64
CA ALA A 56 7.72 37.81 28.93
C ALA A 56 7.07 36.90 29.95
N ARG A 57 7.86 36.42 30.93
CA ARG A 57 7.37 35.55 32.00
C ARG A 57 6.29 36.28 32.84
N SER A 58 5.09 35.72 32.92
CA SER A 58 3.90 36.24 33.59
C SER A 58 3.73 35.81 35.04
N THR A 59 4.17 34.60 35.42
CA THR A 59 3.97 34.11 36.78
C THR A 59 5.06 34.66 37.67
N SER A 60 4.70 35.40 38.74
CA SER A 60 5.71 35.99 39.61
C SER A 60 6.42 34.99 40.48
N ILE A 61 7.68 35.27 40.78
CA ILE A 61 8.48 34.41 41.62
C ILE A 61 8.64 35.10 42.97
N ILE A 62 8.30 34.38 44.05
CA ILE A 62 8.47 34.87 45.39
C ILE A 62 9.68 34.13 45.95
N ALA A 63 10.73 34.87 46.40
CA ALA A 63 11.91 34.21 46.94
C ALA A 63 12.01 34.52 48.41
N THR A 64 12.21 33.49 49.24
CA THR A 64 12.35 33.70 50.68
C THR A 64 13.76 34.18 50.95
N ILE A 65 13.89 35.34 51.59
CA ILE A 65 15.20 35.93 51.88
C ILE A 65 15.75 35.42 53.23
N GLY A 66 16.99 34.91 53.22
CA GLY A 66 17.65 34.40 54.41
C GLY A 66 19.16 34.50 54.30
N PRO A 67 19.89 33.69 55.10
CA PRO A 67 21.37 33.74 55.06
C PRO A 67 22.02 33.57 53.68
N ALA A 68 21.42 32.73 52.80
CA ALA A 68 21.95 32.49 51.46
C ALA A 68 21.62 33.58 50.44
N SER A 69 20.70 34.49 50.76
CA SER A 69 20.26 35.51 49.82
C SER A 69 20.12 36.89 50.47
N ARG A 70 20.92 37.16 51.50
CA ARG A 70 20.82 38.43 52.22
C ARG A 70 21.65 39.58 51.70
N SER A 71 22.82 39.30 51.09
CA SER A 71 23.71 40.37 50.64
C SER A 71 23.12 41.21 49.52
N VAL A 72 23.47 42.50 49.46
CA VAL A 72 22.98 43.40 48.42
C VAL A 72 23.42 42.90 47.04
N GLU A 73 24.65 42.40 46.93
CA GLU A 73 25.20 41.89 45.69
C GLU A 73 24.45 40.63 45.22
N ARG A 74 24.09 39.74 46.17
CA ARG A 74 23.34 38.52 45.90
C ARG A 74 21.92 38.85 45.48
N LEU A 75 21.29 39.82 46.18
CA LEU A 75 19.93 40.28 45.88
C LEU A 75 19.82 40.94 44.51
N LYS A 76 20.89 41.60 44.04
CA LYS A 76 20.91 42.19 42.71
C LYS A 76 20.88 41.08 41.65
N GLU A 77 21.61 39.96 41.92
CA GLU A 77 21.67 38.78 41.06
CA GLU A 77 21.63 38.85 40.99
C GLU A 77 20.28 38.13 40.97
N MET A 78 19.57 38.09 42.11
CA MET A 78 18.24 37.48 42.19
CA MET A 78 18.24 37.48 42.19
C MET A 78 17.19 38.34 41.49
N ILE A 79 17.36 39.67 41.51
CA ILE A 79 16.44 40.56 40.81
C ILE A 79 16.62 40.34 39.30
N LYS A 80 17.87 40.24 38.84
CA LYS A 80 18.17 39.99 37.43
C LYS A 80 17.68 38.61 36.99
N ALA A 81 17.75 37.59 37.90
CA ALA A 81 17.28 36.24 37.62
C ALA A 81 15.74 36.13 37.51
N GLY A 82 15.02 37.06 38.13
CA GLY A 82 13.57 37.09 38.06
C GLY A 82 12.76 37.26 39.33
N MET A 83 13.39 37.44 40.50
CA MET A 83 12.64 37.63 41.75
C MET A 83 11.73 38.86 41.68
N ASN A 84 10.43 38.70 42.00
CA ASN A 84 9.47 39.79 41.97
C ASN A 84 8.98 40.17 43.36
N ILE A 85 8.97 39.21 44.30
CA ILE A 85 8.52 39.41 45.67
C ILE A 85 9.53 38.78 46.61
N ALA A 86 9.96 39.54 47.63
CA ALA A 86 10.91 39.06 48.64
C ALA A 86 10.12 38.67 49.86
N ARG A 87 10.21 37.41 50.29
CA ARG A 87 9.46 36.93 51.44
C ARG A 87 10.32 36.86 52.70
N LEU A 88 9.85 37.45 53.81
CA LEU A 88 10.59 37.41 55.06
C LEU A 88 9.82 36.53 56.02
N ASN A 89 10.39 35.37 56.35
CA ASN A 89 9.71 34.41 57.20
C ASN A 89 9.89 34.76 58.66
N PHE A 90 8.85 35.31 59.29
CA PHE A 90 8.92 35.70 60.69
C PHE A 90 8.82 34.52 61.68
N SER A 91 8.83 33.29 61.17
CA SER A 91 8.95 32.11 62.00
C SER A 91 10.44 31.93 62.44
N HIS A 92 11.39 32.57 61.73
CA HIS A 92 12.82 32.52 62.00
C HIS A 92 13.39 33.95 62.09
N GLY A 93 14.61 34.08 62.62
CA GLY A 93 15.26 35.37 62.77
C GLY A 93 14.59 36.30 63.77
N SER A 94 14.98 37.57 63.75
CA SER A 94 14.45 38.58 64.65
C SER A 94 13.99 39.82 63.85
N HIS A 95 13.36 40.81 64.53
CA HIS A 95 12.96 42.06 63.90
C HIS A 95 14.18 42.78 63.33
N GLU A 96 15.32 42.75 64.06
CA GLU A 96 16.55 43.39 63.63
C GLU A 96 17.12 42.73 62.39
N TYR A 97 17.05 41.39 62.35
CA TYR A 97 17.53 40.58 61.23
C TYR A 97 16.71 40.87 59.96
N HIS A 98 15.38 40.83 60.07
CA HIS A 98 14.49 41.09 58.97
C HIS A 98 14.52 42.54 58.50
N ALA A 99 14.75 43.50 59.42
CA ALA A 99 14.87 44.91 59.02
C ALA A 99 16.11 45.14 58.16
N GLU A 100 17.21 44.39 58.44
CA GLU A 100 18.41 44.50 57.65
C GLU A 100 18.18 43.87 56.27
N SER A 101 17.46 42.75 56.21
CA SER A 101 17.11 42.11 54.94
C SER A 101 16.26 43.06 54.07
N ILE A 102 15.22 43.71 54.67
CA ILE A 102 14.36 44.69 54.00
C ILE A 102 15.19 45.82 53.41
N ALA A 103 16.15 46.35 54.19
CA ALA A 103 17.03 47.43 53.76
C ALA A 103 17.94 47.00 52.60
N ASN A 104 18.43 45.75 52.64
CA ASN A 104 19.29 45.21 51.58
C ASN A 104 18.51 44.99 50.29
N VAL A 105 17.22 44.56 50.40
CA VAL A 105 16.36 44.37 49.24
C VAL A 105 16.13 45.73 48.60
N ARG A 106 15.75 46.74 49.40
CA ARG A 106 15.52 48.09 48.91
C ARG A 106 16.76 48.72 48.29
N GLU A 107 17.93 48.43 48.87
CA GLU A 107 19.19 48.93 48.32
C GLU A 107 19.46 48.31 46.96
N ALA A 108 19.27 46.97 46.84
CA ALA A 108 19.49 46.27 45.58
C ALA A 108 18.49 46.71 44.51
N VAL A 109 17.22 46.93 44.89
CA VAL A 109 16.17 47.38 43.95
C VAL A 109 16.49 48.78 43.43
N GLU A 110 16.90 49.69 44.33
CA GLU A 110 17.20 51.06 43.93
C GLU A 110 18.50 51.22 43.17
N SER A 111 19.38 50.21 43.18
CA SER A 111 20.60 50.24 42.40
C SER A 111 20.34 50.19 40.87
N PHE A 112 19.09 49.94 40.45
CA PHE A 112 18.69 49.92 39.04
C PHE A 112 17.75 51.09 38.67
N ALA A 113 17.46 52.01 39.64
CA ALA A 113 16.54 53.14 39.43
C ALA A 113 17.05 54.24 38.48
N GLY A 114 18.34 54.16 38.11
CA GLY A 114 18.96 55.09 37.17
C GLY A 114 18.42 54.99 35.76
N SER A 115 17.80 53.85 35.43
CA SER A 115 17.19 53.61 34.12
C SER A 115 15.68 53.37 34.35
N PRO A 116 14.87 54.45 34.43
CA PRO A 116 13.43 54.29 34.76
C PRO A 116 12.57 53.46 33.79
N LEU A 117 12.97 53.36 32.52
CA LEU A 117 12.23 52.54 31.55
C LEU A 117 12.52 51.02 31.77
N SER A 118 13.60 50.64 32.50
CA SER A 118 13.93 49.23 32.73
C SER A 118 14.12 48.83 34.23
N TYR A 119 13.69 49.68 35.16
CA TYR A 119 13.77 49.45 36.62
C TYR A 119 12.69 48.44 37.03
N ARG A 120 13.04 47.49 37.91
CA ARG A 120 12.06 46.48 38.34
C ARG A 120 11.65 46.58 39.82
N PRO A 121 10.36 46.95 40.08
CA PRO A 121 9.89 47.01 41.47
C PRO A 121 9.86 45.61 42.13
N VAL A 122 10.18 45.50 43.42
CA VAL A 122 10.14 44.22 44.12
C VAL A 122 9.28 44.38 45.37
N ALA A 123 8.19 43.61 45.49
CA ALA A 123 7.33 43.70 46.66
C ALA A 123 8.00 43.05 47.87
N ILE A 124 7.62 43.49 49.07
CA ILE A 124 8.15 42.92 50.29
C ILE A 124 7.01 42.29 51.07
N ALA A 125 7.10 40.99 51.32
CA ALA A 125 6.04 40.26 51.99
C ALA A 125 6.48 39.74 53.33
N LEU A 126 5.62 39.87 54.33
CA LEU A 126 5.92 39.39 55.67
C LEU A 126 5.12 38.12 55.91
N ASP A 127 5.80 36.99 56.12
CA ASP A 127 5.10 35.73 56.39
C ASP A 127 5.06 35.57 57.92
N THR A 128 3.86 35.56 58.53
CA THR A 128 3.73 35.49 59.98
C THR A 128 4.08 34.12 60.57
N LYS A 129 4.43 34.09 61.87
CA LYS A 129 4.77 32.87 62.60
C LYS A 129 3.54 31.97 62.78
N GLY A 130 2.38 32.58 63.01
CA GLY A 130 1.14 31.83 63.16
C GLY A 130 0.62 31.69 64.58
N PRO A 131 -0.58 31.10 64.70
CA PRO A 131 -1.20 30.95 66.03
C PRO A 131 -0.61 29.87 66.95
N GLY A 132 -0.01 28.84 66.37
CA GLY A 132 0.54 27.74 67.16
C GLY A 132 -0.55 26.97 67.88
N SER A 133 -0.35 26.72 69.19
CA SER A 133 -1.33 26.00 70.01
C SER A 133 -2.52 26.89 70.39
N GLY A 136 -6.20 31.66 68.23
CA GLY A 136 -6.50 32.92 67.54
C GLY A 136 -5.23 33.65 67.15
N LEU A 137 -5.30 35.01 67.02
CA LEU A 137 -4.10 35.77 66.65
C LEU A 137 -3.15 35.84 67.84
N SER A 138 -1.92 35.33 67.67
CA SER A 138 -0.93 35.31 68.75
C SER A 138 -0.38 36.72 69.08
N GLU A 139 0.26 36.87 70.25
CA GLU A 139 0.83 38.17 70.65
C GLU A 139 2.07 38.52 69.83
N GLN A 140 2.85 37.50 69.40
CA GLN A 140 4.02 37.72 68.56
C GLN A 140 3.56 38.19 67.17
N ASP A 141 2.45 37.64 66.66
CA ASP A 141 1.90 38.06 65.37
C ASP A 141 1.49 39.52 65.41
N VAL A 142 0.88 39.98 66.51
CA VAL A 142 0.50 41.38 66.63
C VAL A 142 1.75 42.29 66.57
N ARG A 143 2.83 41.87 67.24
CA ARG A 143 4.09 42.63 67.22
C ARG A 143 4.75 42.62 65.84
N ASP A 144 4.70 41.49 65.15
CA ASP A 144 5.30 41.33 63.82
C ASP A 144 4.51 42.09 62.75
N LEU A 145 3.17 42.06 62.84
CA LEU A 145 2.31 42.80 61.92
C LEU A 145 2.53 44.30 62.09
N ARG A 146 2.73 44.76 63.34
CA ARG A 146 3.03 46.16 63.64
C ARG A 146 4.39 46.54 63.03
N PHE A 147 5.38 45.62 63.11
CA PHE A 147 6.71 45.80 62.51
C PHE A 147 6.56 46.02 61.00
N GLY A 148 5.72 45.21 60.36
CA GLY A 148 5.46 45.30 58.93
C GLY A 148 4.89 46.64 58.51
N VAL A 149 3.93 47.16 59.28
CA VAL A 149 3.35 48.47 59.01
C VAL A 149 4.41 49.56 59.12
N GLU A 150 5.21 49.51 60.21
CA GLU A 150 6.28 50.47 60.46
C GLU A 150 7.39 50.41 59.41
N HIS A 151 7.62 49.23 58.81
CA HIS A 151 8.66 49.09 57.79
C HIS A 151 8.14 49.16 56.35
N GLY A 152 6.86 49.44 56.17
CA GLY A 152 6.24 49.59 54.85
C GLY A 152 6.14 48.35 53.98
N VAL A 153 5.82 47.19 54.59
CA VAL A 153 5.66 45.97 53.79
C VAL A 153 4.42 46.08 52.90
N ASP A 154 4.42 45.35 51.79
CA ASP A 154 3.33 45.43 50.83
C ASP A 154 2.30 44.33 51.03
N ILE A 155 2.75 43.14 51.44
CA ILE A 155 1.90 41.97 51.58
C ILE A 155 2.14 41.26 52.91
N VAL A 156 1.10 40.61 53.42
CA VAL A 156 1.19 39.77 54.60
C VAL A 156 0.75 38.37 54.18
N PHE A 157 1.59 37.36 54.40
CA PHE A 157 1.23 36.00 54.14
C PHE A 157 0.81 35.52 55.53
N ALA A 158 -0.49 35.51 55.82
CA ALA A 158 -0.99 35.15 57.14
C ALA A 158 -1.02 33.63 57.35
N SER A 159 -0.16 33.11 58.23
CA SER A 159 -0.08 31.67 58.51
C SER A 159 -1.31 31.08 59.20
N PHE A 160 -1.59 29.82 58.90
CA PHE A 160 -2.66 29.00 59.46
C PHE A 160 -4.03 29.70 59.56
N VAL A 161 -4.50 30.33 58.47
CA VAL A 161 -5.82 30.95 58.47
C VAL A 161 -6.83 29.80 58.41
N ARG A 162 -7.76 29.71 59.38
CA ARG A 162 -8.75 28.62 59.38
C ARG A 162 -10.21 29.09 59.36
N LYS A 163 -10.46 30.40 59.39
CA LYS A 163 -11.79 30.96 59.30
C LYS A 163 -11.71 32.45 58.94
N ALA A 164 -12.85 33.04 58.50
CA ALA A 164 -12.88 34.45 58.13
C ALA A 164 -12.49 35.40 59.27
N SER A 165 -12.78 35.04 60.53
CA SER A 165 -12.45 35.86 61.69
C SER A 165 -10.94 35.99 61.93
N ASP A 166 -10.15 35.01 61.44
CA ASP A 166 -8.68 35.05 61.53
C ASP A 166 -8.16 36.18 60.63
N VAL A 167 -8.76 36.33 59.43
CA VAL A 167 -8.39 37.39 58.48
C VAL A 167 -8.73 38.75 59.06
N ALA A 168 -9.91 38.87 59.71
CA ALA A 168 -10.38 40.10 60.36
C ALA A 168 -9.43 40.51 61.48
N ALA A 169 -8.92 39.53 62.25
CA ALA A 169 -7.96 39.79 63.32
C ALA A 169 -6.63 40.32 62.75
N VAL A 170 -6.16 39.79 61.61
CA VAL A 170 -4.94 40.27 60.98
C VAL A 170 -5.15 41.69 60.48
N ARG A 171 -6.31 41.96 59.86
CA ARG A 171 -6.67 43.27 59.36
C ARG A 171 -6.67 44.32 60.50
N ALA A 172 -7.27 43.95 61.66
CA ALA A 172 -7.32 44.82 62.82
C ALA A 172 -5.93 45.10 63.37
N ALA A 173 -5.06 44.07 63.43
CA ALA A 173 -3.69 44.21 63.91
C ALA A 173 -2.81 45.11 63.00
N LEU A 174 -3.23 45.33 61.74
CA LEU A 174 -2.52 46.25 60.83
C LEU A 174 -2.92 47.72 61.06
N GLY A 175 -3.86 47.98 61.98
CA GLY A 175 -4.35 49.30 62.35
C GLY A 175 -4.81 50.19 61.22
N PRO A 176 -4.88 51.50 61.49
CA PRO A 176 -5.31 52.44 60.43
C PRO A 176 -4.21 52.80 59.43
N GLU A 177 -2.92 52.64 59.82
CA GLU A 177 -1.82 52.95 58.91
C GLU A 177 -1.52 51.84 57.89
N GLY A 178 -2.09 50.65 58.09
CA GLY A 178 -1.91 49.51 57.21
C GLY A 178 -3.16 49.10 56.47
N HIS A 179 -3.98 50.08 56.06
CA HIS A 179 -5.20 49.83 55.28
C HIS A 179 -4.88 49.31 53.87
N GLY A 180 -3.75 49.76 53.31
CA GLY A 180 -3.29 49.42 51.96
C GLY A 180 -2.47 48.16 51.82
N ILE A 181 -2.20 47.41 52.91
CA ILE A 181 -1.43 46.16 52.81
C ILE A 181 -2.35 45.01 52.32
N LYS A 182 -1.82 44.09 51.50
CA LYS A 182 -2.61 42.96 51.02
C LYS A 182 -2.49 41.81 51.99
N ILE A 183 -3.60 41.12 52.26
CA ILE A 183 -3.58 39.95 53.13
C ILE A 183 -3.83 38.70 52.29
N ILE A 184 -2.80 37.86 52.15
CA ILE A 184 -2.84 36.60 51.42
C ILE A 184 -2.94 35.53 52.50
N SER A 185 -4.10 34.87 52.61
CA SER A 185 -4.31 33.85 53.64
C SER A 185 -3.67 32.52 53.28
N LYS A 186 -2.84 31.98 54.17
CA LYS A 186 -2.21 30.69 53.94
C LYS A 186 -3.13 29.57 54.41
N ILE A 187 -3.50 28.66 53.48
CA ILE A 187 -4.35 27.52 53.83
C ILE A 187 -3.40 26.38 54.12
N GLU A 188 -3.30 25.99 55.41
CA GLU A 188 -2.33 24.98 55.85
C GLU A 188 -2.91 23.79 56.57
N ASN A 189 -4.23 23.72 56.73
CA ASN A 189 -4.84 22.59 57.46
C ASN A 189 -6.24 22.24 56.95
N HIS A 190 -6.84 21.15 57.46
CA HIS A 190 -8.15 20.72 57.02
C HIS A 190 -9.22 21.79 57.22
N GLU A 191 -9.18 22.54 58.33
CA GLU A 191 -10.19 23.58 58.60
C GLU A 191 -10.16 24.71 57.58
N GLY A 192 -8.96 25.14 57.20
CA GLY A 192 -8.78 26.18 56.19
C GLY A 192 -9.32 25.73 54.84
N VAL A 193 -9.11 24.45 54.48
CA VAL A 193 -9.61 23.90 53.23
C VAL A 193 -11.13 23.85 53.24
N LYS A 194 -11.72 23.40 54.36
CA LYS A 194 -13.17 23.29 54.47
C LYS A 194 -13.87 24.65 54.51
N ARG A 195 -13.25 25.63 55.16
CA ARG A 195 -13.83 26.97 55.23
C ARG A 195 -13.26 27.92 54.17
N PHE A 196 -12.68 27.37 53.08
CA PHE A 196 -12.04 28.10 52.00
C PHE A 196 -12.87 29.26 51.43
N ASP A 197 -14.13 29.03 51.10
CA ASP A 197 -14.98 30.06 50.51
C ASP A 197 -15.14 31.30 51.37
N GLU A 198 -15.30 31.13 52.70
CA GLU A 198 -15.44 32.26 53.59
C GLU A 198 -14.11 33.00 53.79
N ILE A 199 -12.99 32.27 53.72
CA ILE A 199 -11.66 32.86 53.85
C ILE A 199 -11.32 33.66 52.59
N LEU A 200 -11.56 33.08 51.41
CA LEU A 200 -11.29 33.76 50.14
C LEU A 200 -12.14 35.03 50.01
N GLU A 201 -13.39 34.96 50.47
CA GLU A 201 -14.32 36.10 50.42
CA GLU A 201 -14.31 36.11 50.41
C GLU A 201 -13.75 37.34 51.12
N VAL A 202 -13.10 37.15 52.28
CA VAL A 202 -12.54 38.28 53.04
C VAL A 202 -11.04 38.52 52.84
N SER A 203 -10.35 37.67 52.07
CA SER A 203 -8.92 37.82 51.82
C SER A 203 -8.64 38.49 50.48
N ASP A 204 -7.44 39.06 50.33
CA ASP A 204 -7.04 39.61 49.03
C ASP A 204 -6.55 38.51 48.07
N GLY A 205 -6.14 37.36 48.63
CA GLY A 205 -5.64 36.21 47.90
C GLY A 205 -5.35 35.04 48.81
N ILE A 206 -4.83 33.97 48.23
CA ILE A 206 -4.57 32.73 48.95
C ILE A 206 -3.18 32.18 48.66
N MET A 207 -2.60 31.47 49.63
CA MET A 207 -1.36 30.77 49.43
C MET A 207 -1.64 29.30 49.76
N VAL A 208 -1.31 28.40 48.83
CA VAL A 208 -1.45 26.97 49.04
C VAL A 208 -0.14 26.57 49.72
N ALA A 209 -0.14 26.56 51.06
CA ALA A 209 1.01 26.26 51.90
C ALA A 209 1.12 24.75 52.04
N ARG A 210 1.74 24.11 51.04
CA ARG A 210 1.82 22.65 50.93
C ARG A 210 2.64 21.93 51.99
N GLY A 211 3.57 22.61 52.63
CA GLY A 211 4.38 22.00 53.69
C GLY A 211 3.54 21.54 54.86
N ASP A 212 2.83 22.47 55.52
CA ASP A 212 1.94 22.11 56.63
C ASP A 212 0.73 21.35 56.15
N LEU A 213 0.19 21.72 54.99
CA LEU A 213 -0.99 21.05 54.43
C LEU A 213 -0.74 19.55 54.23
N GLY A 214 0.46 19.21 53.77
CA GLY A 214 0.88 17.82 53.56
C GLY A 214 1.08 17.00 54.82
N ILE A 215 1.13 17.66 55.99
CA ILE A 215 1.25 17.04 57.31
C ILE A 215 -0.17 16.97 57.93
N GLU A 216 -0.98 18.04 57.75
CA GLU A 216 -2.33 18.15 58.30
C GLU A 216 -3.36 17.25 57.63
N ILE A 217 -3.22 17.05 56.32
CA ILE A 217 -4.09 16.17 55.53
C ILE A 217 -3.20 15.10 54.88
N PRO A 218 -3.75 13.96 54.39
CA PRO A 218 -2.90 12.95 53.74
C PRO A 218 -2.11 13.57 52.56
N ALA A 219 -0.82 13.25 52.46
CA ALA A 219 0.04 13.81 51.42
C ALA A 219 -0.50 13.64 50.02
N GLU A 220 -1.16 12.49 49.76
CA GLU A 220 -1.73 12.17 48.45
C GLU A 220 -3.00 12.95 48.10
N LYS A 221 -3.48 13.82 49.01
CA LYS A 221 -4.67 14.65 48.79
C LYS A 221 -4.30 16.13 48.56
N VAL A 222 -3.05 16.54 48.84
CA VAL A 222 -2.62 17.93 48.66
C VAL A 222 -2.86 18.44 47.23
N PHE A 223 -2.59 17.63 46.19
CA PHE A 223 -2.81 18.06 44.81
C PHE A 223 -4.28 18.45 44.55
N LEU A 224 -5.24 17.77 45.24
CA LEU A 224 -6.66 18.06 45.08
C LEU A 224 -6.96 19.42 45.67
N ALA A 225 -6.40 19.71 46.86
CA ALA A 225 -6.58 20.98 47.55
C ALA A 225 -5.94 22.12 46.73
N GLN A 226 -4.73 21.90 46.18
CA GLN A 226 -4.05 22.89 45.37
C GLN A 226 -4.86 23.25 44.12
N LYS A 227 -5.27 22.25 43.32
CA LYS A 227 -6.03 22.47 42.11
C LYS A 227 -7.39 23.10 42.38
N MET A 228 -8.05 22.72 43.49
CA MET A 228 -9.36 23.28 43.86
C MET A 228 -9.22 24.76 44.22
N MET A 229 -8.25 25.08 45.11
CA MET A 229 -8.02 26.45 45.54
C MET A 229 -7.58 27.34 44.40
N ILE A 230 -6.69 26.86 43.52
CA ILE A 230 -6.27 27.65 42.37
C ILE A 230 -7.46 27.97 41.44
N GLY A 231 -8.29 26.95 41.16
CA GLY A 231 -9.47 27.11 40.33
C GLY A 231 -10.45 28.13 40.89
N ARG A 232 -10.74 28.03 42.20
CA ARG A 232 -11.65 28.96 42.85
C ARG A 232 -11.12 30.38 42.87
N CYS A 233 -9.81 30.55 43.06
CA CYS A 233 -9.17 31.86 43.06
C CYS A 233 -9.23 32.45 41.68
N ASN A 234 -9.05 31.63 40.63
CA ASN A 234 -9.13 32.08 39.23
C ASN A 234 -10.56 32.57 38.93
N LEU A 235 -11.54 31.85 39.44
CA LEU A 235 -12.96 32.16 39.30
CA LEU A 235 -12.95 32.18 39.28
C LEU A 235 -13.26 33.49 40.00
N ALA A 236 -12.73 33.67 41.22
CA ALA A 236 -12.91 34.88 42.03
C ALA A 236 -12.10 36.08 41.51
N GLY A 237 -11.09 35.83 40.69
CA GLY A 237 -10.22 36.88 40.18
C GLY A 237 -9.26 37.38 41.25
N LYS A 238 -8.86 36.52 42.21
CA LYS A 238 -7.96 36.89 43.28
C LYS A 238 -6.65 36.10 43.18
N PRO A 239 -5.50 36.72 43.51
CA PRO A 239 -4.22 36.00 43.39
C PRO A 239 -4.09 34.73 44.22
N VAL A 240 -3.45 33.71 43.64
CA VAL A 240 -3.19 32.46 44.33
C VAL A 240 -1.70 32.10 44.17
N VAL A 241 -1.05 31.75 45.27
CA VAL A 241 0.37 31.42 45.28
C VAL A 241 0.52 29.91 45.48
N CYS A 242 1.41 29.25 44.69
CA CYS A 242 1.71 27.84 44.96
C CYS A 242 3.04 27.84 45.68
N ALA A 243 3.10 27.19 46.84
CA ALA A 243 4.29 27.23 47.68
C ALA A 243 4.76 25.87 48.21
N THR A 244 6.06 25.80 48.58
CA THR A 244 6.81 24.77 49.32
C THR A 244 7.24 23.54 48.54
N GLN A 245 8.56 23.27 48.60
CA GLN A 245 9.29 22.13 48.04
C GLN A 245 9.21 22.02 46.54
N MET A 246 8.94 23.14 45.83
CA MET A 246 8.84 23.16 44.38
C MET A 246 10.13 22.73 43.71
N LEU A 247 11.30 23.21 44.21
CA LEU A 247 12.62 22.83 43.68
C LEU A 247 13.52 22.42 44.85
N GLU A 248 12.97 21.69 45.83
CA GLU A 248 13.64 21.30 47.07
C GLU A 248 15.07 20.80 46.92
N SER A 249 15.32 19.86 46.01
CA SER A 249 16.65 19.30 45.80
C SER A 249 17.71 20.36 45.45
N MET A 250 17.29 21.50 44.91
CA MET A 250 18.22 22.56 44.56
C MET A 250 18.82 23.30 45.78
N ILE A 251 18.38 22.94 47.01
CA ILE A 251 18.99 23.46 48.24
C ILE A 251 20.48 22.97 48.29
N THR A 252 20.75 21.75 47.81
CA THR A 252 22.10 21.20 47.78
C THR A 252 22.64 20.91 46.37
N LYS A 253 21.76 20.66 45.36
CA LYS A 253 22.19 20.31 44.00
C LYS A 253 21.96 21.43 42.99
N PRO A 254 22.81 21.59 41.96
CA PRO A 254 22.64 22.72 41.01
C PRO A 254 21.49 22.59 40.00
N ARG A 255 20.92 21.40 39.88
CA ARG A 255 19.84 21.12 38.96
C ARG A 255 18.72 20.43 39.73
N PRO A 256 17.45 20.70 39.38
CA PRO A 256 16.35 20.01 40.08
C PRO A 256 16.04 18.61 39.53
N THR A 257 15.16 17.87 40.20
CA THR A 257 14.74 16.57 39.74
C THR A 257 13.63 16.72 38.68
N ARG A 258 13.32 15.62 37.97
CA ARG A 258 12.27 15.61 36.96
C ARG A 258 10.89 15.90 37.57
N ALA A 259 10.67 15.49 38.83
CA ALA A 259 9.42 15.75 39.53
C ALA A 259 9.26 17.23 39.89
N GLU A 260 10.37 17.89 40.21
CA GLU A 260 10.38 19.30 40.58
C GLU A 260 10.08 20.23 39.41
N THR A 261 10.71 20.02 38.25
CA THR A 261 10.42 20.87 37.08
C THR A 261 8.95 20.67 36.65
N SER A 262 8.45 19.42 36.75
CA SER A 262 7.08 19.04 36.44
C SER A 262 6.13 19.76 37.40
N ASP A 263 6.45 19.78 38.70
CA ASP A 263 5.65 20.45 39.70
C ASP A 263 5.50 21.95 39.41
N VAL A 264 6.61 22.64 39.09
CA VAL A 264 6.57 24.06 38.77
C VAL A 264 5.71 24.31 37.53
N ALA A 265 5.93 23.54 36.46
CA ALA A 265 5.16 23.68 35.23
C ALA A 265 3.67 23.44 35.46
N ASN A 266 3.33 22.45 36.29
CA ASN A 266 1.94 22.12 36.57
C ASN A 266 1.26 23.14 37.44
N ALA A 267 1.99 23.83 38.34
CA ALA A 267 1.40 24.88 39.16
C ALA A 267 0.99 26.06 38.26
N VAL A 268 1.82 26.40 37.27
CA VAL A 268 1.52 27.43 36.28
C VAL A 268 0.33 26.99 35.40
N LEU A 269 0.36 25.74 34.89
CA LEU A 269 -0.77 25.21 34.10
C LEU A 269 -2.07 25.16 34.92
N ASP A 270 -1.99 24.91 36.24
CA ASP A 270 -3.17 24.91 37.13
C ASP A 270 -3.81 26.29 37.19
N GLY A 271 -3.01 27.35 37.10
CA GLY A 271 -3.50 28.72 37.11
C GLY A 271 -2.94 29.58 38.22
N ALA A 272 -1.80 29.17 38.84
CA ALA A 272 -1.18 29.95 39.91
C ALA A 272 -0.67 31.29 39.41
N ASP A 273 -0.96 32.35 40.16
CA ASP A 273 -0.48 33.68 39.83
C ASP A 273 1.00 33.80 40.21
N CYS A 274 1.40 33.18 41.34
CA CYS A 274 2.77 33.22 41.84
C CYS A 274 3.25 31.84 42.16
N ILE A 275 4.57 31.66 42.07
CA ILE A 275 5.25 30.44 42.49
C ILE A 275 6.31 30.86 43.52
N MET A 276 6.58 30.02 44.52
CA MET A 276 7.47 30.38 45.60
C MET A 276 8.68 29.48 45.80
N LEU A 277 9.75 30.07 46.36
CA LEU A 277 10.97 29.37 46.76
C LEU A 277 11.16 29.64 48.25
N SER A 278 11.35 28.58 49.05
CA SER A 278 11.54 28.75 50.49
C SER A 278 13.03 28.48 50.85
N GLY A 279 13.37 27.27 51.29
CA GLY A 279 14.74 26.89 51.61
C GLY A 279 15.67 27.00 50.43
N GLU A 280 15.15 26.85 49.20
CA GLU A 280 15.93 26.94 47.96
C GLU A 280 16.64 28.30 47.86
N THR A 281 16.01 29.37 48.36
CA THR A 281 16.62 30.70 48.31
C THR A 281 17.07 31.21 49.69
N ALA A 282 16.40 30.79 50.77
CA ALA A 282 16.75 31.25 52.11
C ALA A 282 18.02 30.62 52.64
N LYS A 283 18.24 29.32 52.43
CA LYS A 283 19.41 28.64 52.97
C LYS A 283 20.22 27.80 51.98
N GLY A 284 19.72 27.65 50.76
CA GLY A 284 20.35 26.80 49.76
C GLY A 284 21.60 27.32 49.09
N ASN A 285 22.42 26.39 48.57
CA ASN A 285 23.67 26.69 47.89
C ASN A 285 23.48 27.31 46.51
N PHE A 286 22.26 27.26 45.94
CA PHE A 286 22.03 27.80 44.60
C PHE A 286 20.79 28.71 44.54
N PRO A 287 20.73 29.80 45.33
CA PRO A 287 19.53 30.65 45.33
C PRO A 287 19.24 31.34 43.99
N VAL A 288 20.28 31.80 43.30
CA VAL A 288 20.10 32.48 42.02
C VAL A 288 19.66 31.48 40.95
N GLU A 289 20.24 30.28 40.98
CA GLU A 289 19.93 29.21 40.04
C GLU A 289 18.50 28.71 40.21
N ALA A 290 18.00 28.67 41.45
CA ALA A 290 16.63 28.26 41.75
C ALA A 290 15.66 29.26 41.14
N VAL A 291 15.96 30.57 41.25
CA VAL A 291 15.12 31.61 40.65
C VAL A 291 15.15 31.50 39.12
N LYS A 292 16.34 31.30 38.56
CA LYS A 292 16.53 31.15 37.11
C LYS A 292 15.74 29.95 36.58
N MET A 293 15.70 28.86 37.35
CA MET A 293 15.00 27.65 36.97
C MET A 293 13.50 27.86 36.96
N GLN A 294 12.96 28.52 38.00
CA GLN A 294 11.53 28.83 38.05
C GLN A 294 11.14 29.76 36.91
N HIS A 295 12.01 30.73 36.59
CA HIS A 295 11.78 31.66 35.50
C HIS A 295 11.67 30.90 34.17
N ALA A 296 12.65 29.99 33.90
CA ALA A 296 12.71 29.20 32.68
C ALA A 296 11.48 28.28 32.52
N ILE A 297 11.08 27.58 33.60
CA ILE A 297 9.93 26.68 33.53
C ILE A 297 8.63 27.46 33.35
N ALA A 298 8.45 28.55 34.10
CA ALA A 298 7.21 29.34 33.99
C ALA A 298 7.00 29.88 32.58
N ARG A 299 8.06 30.36 31.90
CA ARG A 299 7.93 30.87 30.54
C ARG A 299 7.44 29.79 29.59
N GLU A 300 7.96 28.56 29.75
CA GLU A 300 7.59 27.42 28.92
C GLU A 300 6.15 27.03 29.19
N ALA A 301 5.75 26.95 30.48
CA ALA A 301 4.41 26.55 30.89
C ALA A 301 3.36 27.54 30.49
N GLU A 302 3.67 28.84 30.53
CA GLU A 302 2.71 29.88 30.13
C GLU A 302 2.38 29.80 28.63
N ALA A 303 3.39 29.48 27.79
CA ALA A 303 3.16 29.32 26.36
C ALA A 303 2.28 28.10 26.07
N ALA A 304 2.38 27.04 26.90
CA ALA A 304 1.61 25.81 26.78
C ALA A 304 0.18 25.89 27.34
N VAL A 305 -0.23 27.07 27.86
CA VAL A 305 -1.58 27.24 28.38
C VAL A 305 -2.55 27.22 27.17
N TYR A 306 -3.65 26.47 27.30
CA TYR A 306 -4.64 26.33 26.25
C TYR A 306 -5.64 27.49 26.37
N HIS A 307 -5.26 28.69 25.91
CA HIS A 307 -6.09 29.90 26.03
C HIS A 307 -7.47 29.79 25.41
N ARG A 308 -7.63 29.01 24.34
CA ARG A 308 -8.93 28.87 23.69
C ARG A 308 -10.01 28.36 24.68
N GLN A 309 -9.68 27.32 25.44
CA GLN A 309 -10.62 26.81 26.43
C GLN A 309 -10.65 27.69 27.67
N LEU A 310 -9.47 28.14 28.12
CA LEU A 310 -9.34 28.97 29.32
C LEU A 310 -10.13 30.27 29.26
N PHE A 311 -9.96 31.05 28.20
CA PHE A 311 -10.69 32.30 28.06
C PHE A 311 -12.18 32.05 27.96
N GLU A 312 -12.60 31.04 27.18
CA GLU A 312 -14.03 30.68 27.03
CA GLU A 312 -14.03 30.73 27.05
C GLU A 312 -14.65 30.32 28.39
N GLU A 313 -13.91 29.55 29.21
CA GLU A 313 -14.40 29.13 30.52
C GLU A 313 -14.42 30.27 31.53
N LEU A 314 -13.40 31.15 31.49
CA LEU A 314 -13.34 32.31 32.40
C LEU A 314 -14.45 33.27 32.05
N ARG A 315 -14.64 33.54 30.76
CA ARG A 315 -15.71 34.41 30.33
C ARG A 315 -17.08 33.84 30.70
N ARG A 316 -17.34 32.55 30.43
CA ARG A 316 -18.62 31.90 30.74
C ARG A 316 -18.92 31.93 32.24
N ALA A 317 -17.90 31.66 33.06
CA ALA A 317 -18.06 31.59 34.51
C ALA A 317 -18.14 32.93 35.22
N ALA A 318 -17.52 33.98 34.66
CA ALA A 318 -17.55 35.29 35.30
C ALA A 318 -18.93 35.85 35.22
N PRO A 319 -19.47 36.38 36.32
CA PRO A 319 -20.85 36.87 36.29
C PRO A 319 -21.01 38.15 35.51
N LEU A 320 -22.26 38.45 35.11
CA LEU A 320 -22.57 39.71 34.44
C LEU A 320 -22.28 40.85 35.43
N SER A 321 -21.86 42.00 34.91
CA SER A 321 -21.49 43.10 35.77
C SER A 321 -21.93 44.40 35.26
N ARG A 322 -22.32 45.31 36.16
CA ARG A 322 -22.69 46.66 35.81
CA ARG A 322 -22.67 46.65 35.74
C ARG A 322 -21.58 47.67 36.16
N ASP A 323 -20.37 47.19 36.51
CA ASP A 323 -19.22 48.00 36.86
C ASP A 323 -18.44 48.28 35.59
N PRO A 324 -18.27 49.56 35.20
CA PRO A 324 -17.55 49.86 33.96
C PRO A 324 -16.12 49.35 33.87
N THR A 325 -15.43 49.21 35.00
CA THR A 325 -14.05 48.69 34.98
C THR A 325 -14.07 47.22 34.55
N GLU A 326 -15.00 46.45 35.16
CA GLU A 326 -15.23 45.05 34.87
C GLU A 326 -15.65 44.82 33.40
N VAL A 327 -16.58 45.65 32.90
CA VAL A 327 -17.06 45.61 31.53
C VAL A 327 -15.96 45.98 30.52
N THR A 328 -15.17 47.02 30.82
CA THR A 328 -14.10 47.44 29.93
C THR A 328 -13.02 46.38 29.87
N ALA A 329 -12.71 45.74 31.02
CA ALA A 329 -11.68 44.70 31.11
C ALA A 329 -11.96 43.52 30.19
N ILE A 330 -13.23 43.04 30.15
CA ILE A 330 -13.54 41.90 29.29
C ILE A 330 -13.53 42.32 27.81
N GLY A 331 -14.01 43.53 27.50
CA GLY A 331 -13.96 44.04 26.13
C GLY A 331 -12.54 44.21 25.64
N ALA A 332 -11.62 44.67 26.50
CA ALA A 332 -10.22 44.84 26.18
C ALA A 332 -9.51 43.51 25.94
N VAL A 333 -9.76 42.49 26.78
CA VAL A 333 -9.14 41.18 26.61
C VAL A 333 -9.66 40.51 25.33
N GLU A 334 -10.96 40.67 25.04
CA GLU A 334 -11.55 40.12 23.83
C GLU A 334 -10.91 40.77 22.60
N ALA A 335 -10.73 42.10 22.63
CA ALA A 335 -10.10 42.87 21.56
C ALA A 335 -8.64 42.46 21.38
N ALA A 336 -7.90 42.27 22.48
CA ALA A 336 -6.51 41.82 22.44
C ALA A 336 -6.34 40.46 21.74
N PHE A 337 -7.24 39.51 22.01
CA PHE A 337 -7.20 38.20 21.36
C PHE A 337 -7.56 38.29 19.87
N LYS A 338 -8.49 39.18 19.49
CA LYS A 338 -8.91 39.39 18.10
C LYS A 338 -7.77 39.83 17.17
N CYS A 339 -6.89 40.70 17.67
CA CYS A 339 -5.78 41.22 16.86
C CYS A 339 -4.41 40.69 17.25
N CYS A 340 -4.32 39.78 18.24
CA CYS A 340 -3.04 39.31 18.74
C CYS A 340 -2.21 40.48 19.25
N ALA A 341 -2.86 41.36 20.03
CA ALA A 341 -2.24 42.55 20.60
C ALA A 341 -1.00 42.18 21.39
N ALA A 342 0.08 42.94 21.17
CA ALA A 342 1.33 42.66 21.86
C ALA A 342 1.19 42.92 23.35
N ALA A 343 0.36 43.92 23.73
CA ALA A 343 0.16 44.29 25.11
C ALA A 343 -1.17 45.02 25.30
N ILE A 344 -1.60 45.13 26.54
CA ILE A 344 -2.74 45.91 26.98
C ILE A 344 -2.11 46.90 27.97
N ILE A 345 -2.10 48.18 27.64
CA ILE A 345 -1.52 49.20 28.51
C ILE A 345 -2.65 49.77 29.33
N VAL A 346 -2.55 49.66 30.66
CA VAL A 346 -3.62 50.12 31.52
C VAL A 346 -3.09 51.11 32.53
N LEU A 347 -3.84 52.19 32.75
CA LEU A 347 -3.49 53.22 33.73
C LEU A 347 -4.21 52.82 35.00
N THR A 348 -3.47 52.65 36.11
CA THR A 348 -4.09 52.25 37.36
C THR A 348 -3.51 53.01 38.58
N THR A 349 -4.38 53.32 39.55
CA THR A 349 -3.96 53.99 40.77
C THR A 349 -3.70 52.93 41.85
N THR A 350 -4.69 52.06 42.11
CA THR A 350 -4.63 50.99 43.12
C THR A 350 -4.17 49.62 42.59
N GLY A 351 -4.15 49.47 41.27
CA GLY A 351 -3.83 48.19 40.62
C GLY A 351 -5.08 47.41 40.22
N ARG A 352 -6.28 47.86 40.65
CA ARG A 352 -7.52 47.16 40.38
C ARG A 352 -7.84 46.97 38.90
N SER A 353 -7.68 47.99 38.08
CA SER A 353 -7.96 47.86 36.64
C SER A 353 -7.02 46.81 35.99
N ALA A 354 -5.77 46.69 36.47
CA ALA A 354 -4.85 45.69 35.94
C ALA A 354 -5.27 44.29 36.44
N GLN A 355 -5.76 44.19 37.69
CA GLN A 355 -6.21 42.93 38.26
C GLN A 355 -7.41 42.40 37.48
N LEU A 356 -8.36 43.28 37.11
CA LEU A 356 -9.54 42.87 36.35
C LEU A 356 -9.20 42.44 34.93
N LEU A 357 -8.09 42.91 34.38
CA LEU A 357 -7.65 42.47 33.05
C LEU A 357 -7.01 41.06 33.21
N SER A 358 -6.15 40.91 34.23
CA SER A 358 -5.44 39.68 34.57
CA SER A 358 -5.43 39.68 34.54
C SER A 358 -6.32 38.47 34.82
N ARG A 359 -7.51 38.69 35.38
CA ARG A 359 -8.43 37.60 35.70
C ARG A 359 -8.93 36.86 34.43
N TYR A 360 -8.90 37.51 33.27
CA TYR A 360 -9.30 36.88 32.01
C TYR A 360 -8.14 36.20 31.27
N ARG A 361 -6.96 36.12 31.90
CA ARG A 361 -5.74 35.50 31.41
C ARG A 361 -5.43 35.81 29.95
N PRO A 362 -5.28 37.10 29.59
CA PRO A 362 -4.94 37.42 28.19
C PRO A 362 -3.54 36.90 27.86
N ARG A 363 -3.29 36.57 26.59
CA ARG A 363 -1.95 36.21 26.14
C ARG A 363 -1.09 37.52 26.08
N ALA A 364 -1.74 38.68 25.79
CA ALA A 364 -1.12 40.00 25.73
C ALA A 364 -0.66 40.43 27.13
N ALA A 365 0.57 40.97 27.25
CA ALA A 365 1.09 41.43 28.53
C ALA A 365 0.28 42.61 29.02
N VAL A 366 -0.02 42.66 30.31
CA VAL A 366 -0.76 43.80 30.86
C VAL A 366 0.25 44.76 31.45
N ILE A 367 0.57 45.83 30.72
CA ILE A 367 1.55 46.81 31.18
C ILE A 367 0.80 47.84 32.00
N ALA A 368 1.00 47.80 33.32
CA ALA A 368 0.27 48.70 34.21
C ALA A 368 1.11 49.93 34.56
N VAL A 369 0.70 51.13 34.07
CA VAL A 369 1.39 52.39 34.34
C VAL A 369 0.76 53.06 35.57
N THR A 370 1.50 53.08 36.69
CA THR A 370 0.99 53.64 37.93
C THR A 370 1.99 54.64 38.53
N ARG A 371 1.47 55.66 39.21
CA ARG A 371 2.30 56.60 39.95
C ARG A 371 2.53 56.07 41.39
N SER A 372 1.70 55.13 41.90
CA SER A 372 1.86 54.58 43.24
C SER A 372 2.96 53.51 43.25
N ALA A 373 3.96 53.67 44.10
CA ALA A 373 5.04 52.69 44.23
C ALA A 373 4.55 51.40 44.93
N GLN A 374 3.59 51.53 45.87
CA GLN A 374 3.06 50.37 46.55
C GLN A 374 2.22 49.52 45.60
N ALA A 375 1.36 50.18 44.77
CA ALA A 375 0.57 49.47 43.76
C ALA A 375 1.50 48.74 42.79
N ALA A 376 2.57 49.40 42.31
CA ALA A 376 3.53 48.80 41.40
C ALA A 376 4.15 47.53 41.99
N ARG A 377 4.41 47.50 43.29
CA ARG A 377 4.97 46.32 43.95
C ARG A 377 3.92 45.24 44.16
N GLN A 378 2.73 45.62 44.61
CA GLN A 378 1.66 44.66 44.91
C GLN A 378 1.07 43.99 43.68
N VAL A 379 1.08 44.67 42.56
CA VAL A 379 0.52 44.19 41.30
C VAL A 379 1.30 42.96 40.75
N HIS A 380 2.45 42.60 41.35
CA HIS A 380 3.21 41.38 41.04
C HIS A 380 2.40 40.14 41.50
N LEU A 381 1.43 40.28 42.40
CA LEU A 381 0.58 39.18 42.84
C LEU A 381 -0.35 38.70 41.70
N CYS A 382 -0.62 39.55 40.67
CA CYS A 382 -1.49 39.23 39.55
C CYS A 382 -0.70 38.77 38.34
N ARG A 383 -0.97 37.55 37.86
CA ARG A 383 -0.28 37.00 36.71
C ARG A 383 -0.43 37.84 35.44
N GLY A 384 0.69 38.08 34.76
CA GLY A 384 0.69 38.81 33.51
C GLY A 384 0.64 40.32 33.60
N VAL A 385 0.77 40.85 34.82
CA VAL A 385 0.79 42.30 35.05
C VAL A 385 2.23 42.74 35.24
N PHE A 386 2.69 43.64 34.36
CA PHE A 386 4.05 44.19 34.34
C PHE A 386 3.98 45.63 34.82
N PRO A 387 4.32 45.88 36.09
CA PRO A 387 4.21 47.27 36.62
C PRO A 387 5.29 48.24 36.17
N LEU A 388 4.88 49.44 35.79
CA LEU A 388 5.79 50.52 35.41
C LEU A 388 5.50 51.67 36.33
N LEU A 389 6.48 52.04 37.16
CA LEU A 389 6.30 53.17 38.07
C LEU A 389 6.61 54.47 37.31
N TYR A 390 5.60 55.30 37.18
CA TYR A 390 5.65 56.56 36.45
C TYR A 390 6.27 57.65 37.32
N ARG A 391 7.54 57.98 37.05
CA ARG A 391 8.24 59.02 37.80
C ARG A 391 8.51 60.23 36.93
N GLU A 392 7.50 60.62 36.14
CA GLU A 392 7.61 61.78 35.28
CA GLU A 392 7.60 61.79 35.27
C GLU A 392 6.68 62.90 35.76
N PRO A 393 7.06 64.17 35.47
CA PRO A 393 6.24 65.28 35.94
C PRO A 393 4.89 65.36 35.24
N PRO A 394 3.85 65.78 35.99
CA PRO A 394 2.51 65.89 35.38
C PRO A 394 2.42 66.92 34.26
N GLU A 395 1.52 66.66 33.30
CA GLU A 395 1.23 67.63 32.25
C GLU A 395 0.03 68.48 32.76
N ALA A 396 0.01 69.78 32.43
CA ALA A 396 -1.03 70.68 32.89
C ALA A 396 -2.47 70.22 32.57
N ILE A 397 -2.72 69.80 31.30
CA ILE A 397 -4.02 69.32 30.83
C ILE A 397 -4.14 67.83 31.16
N TRP A 398 -5.19 67.41 31.90
CA TRP A 398 -5.38 66.00 32.27
C TRP A 398 -5.36 65.06 31.08
N ALA A 399 -6.00 65.44 29.97
CA ALA A 399 -5.98 64.63 28.75
C ALA A 399 -4.54 64.39 28.24
N ASP A 400 -3.64 65.37 28.47
CA ASP A 400 -2.24 65.26 28.08
C ASP A 400 -1.43 64.45 29.10
N ASP A 401 -1.78 64.53 30.39
CA ASP A 401 -1.09 63.73 31.41
C ASP A 401 -1.33 62.22 31.15
N VAL A 402 -2.57 61.88 30.76
CA VAL A 402 -2.97 60.52 30.41
C VAL A 402 -2.18 60.03 29.20
N ASP A 403 -2.14 60.81 28.10
CA ASP A 403 -1.41 60.46 26.89
CA ASP A 403 -1.41 60.39 26.91
C ASP A 403 0.07 60.21 27.16
N ARG A 404 0.70 61.00 28.09
CA ARG A 404 2.14 60.80 28.35
C ARG A 404 2.33 59.50 29.18
N ARG A 405 1.39 59.15 30.07
CA ARG A 405 1.49 57.86 30.78
C ARG A 405 1.32 56.67 29.83
N VAL A 406 0.54 56.83 28.74
CA VAL A 406 0.33 55.82 27.72
C VAL A 406 1.58 55.71 26.83
N GLN A 407 2.18 56.86 26.47
CA GLN A 407 3.44 56.88 25.72
C GLN A 407 4.59 56.32 26.56
N PHE A 408 4.55 56.49 27.89
CA PHE A 408 5.54 55.95 28.78
C PHE A 408 5.48 54.41 28.73
N GLY A 409 4.26 53.86 28.74
CA GLY A 409 4.01 52.42 28.65
C GLY A 409 4.56 51.87 27.35
N ILE A 410 4.30 52.59 26.23
CA ILE A 410 4.78 52.19 24.91
C ILE A 410 6.31 52.23 24.82
N GLU A 411 6.93 53.31 25.31
CA GLU A 411 8.39 53.43 25.29
C GLU A 411 9.08 52.35 26.11
N SER A 412 8.58 52.06 27.33
CA SER A 412 9.14 50.99 28.16
C SER A 412 8.92 49.61 27.51
N GLY A 413 7.78 49.44 26.86
CA GLY A 413 7.43 48.21 26.18
C GLY A 413 8.38 47.95 25.03
N LYS A 414 8.72 48.99 24.28
CA LYS A 414 9.66 48.90 23.16
C LYS A 414 11.06 48.57 23.67
N LEU A 415 11.53 49.29 24.71
CA LEU A 415 12.83 49.07 25.32
C LEU A 415 12.97 47.65 25.90
N ARG A 416 11.92 47.16 26.57
CA ARG A 416 11.98 45.83 27.18
C ARG A 416 11.65 44.67 26.23
N GLY A 417 11.38 44.96 24.96
CA GLY A 417 11.12 43.92 23.96
C GLY A 417 9.69 43.45 23.84
N PHE A 418 8.75 44.02 24.61
CA PHE A 418 7.34 43.65 24.53
C PHE A 418 6.72 44.12 23.21
N LEU A 419 7.13 45.29 22.73
CA LEU A 419 6.52 45.92 21.55
C LEU A 419 7.52 46.25 20.46
N ARG A 420 7.00 46.39 19.23
CA ARG A 420 7.74 46.79 18.04
C ARG A 420 6.82 47.68 17.22
N VAL A 421 7.40 48.49 16.34
CA VAL A 421 6.63 49.35 15.44
C VAL A 421 5.77 48.46 14.53
N GLY A 422 4.50 48.83 14.36
CA GLY A 422 3.57 48.03 13.59
C GLY A 422 2.69 47.13 14.45
N ASP A 423 3.05 46.90 15.72
CA ASP A 423 2.25 46.08 16.63
C ASP A 423 0.95 46.81 17.00
N LEU A 424 -0.07 46.04 17.42
CA LEU A 424 -1.31 46.65 17.93
C LEU A 424 -1.34 46.50 19.45
N VAL A 425 -1.82 47.51 20.14
CA VAL A 425 -1.99 47.47 21.59
C VAL A 425 -3.40 47.93 21.94
N ILE A 426 -3.87 47.50 23.10
CA ILE A 426 -5.15 47.91 23.62
C ILE A 426 -4.83 48.84 24.77
N VAL A 427 -5.41 50.03 24.80
CA VAL A 427 -5.14 51.01 25.86
C VAL A 427 -6.38 51.21 26.74
N VAL A 428 -6.24 50.92 28.03
CA VAL A 428 -7.34 51.01 28.98
C VAL A 428 -7.14 52.20 29.93
N THR A 429 -7.98 53.24 29.76
CA THR A 429 -7.94 54.49 30.52
C THR A 429 -9.33 54.85 31.11
N GLY A 430 -9.40 55.90 31.93
CA GLY A 430 -10.64 56.35 32.55
C GLY A 430 -11.14 57.67 32.00
N TRP A 431 -12.38 58.06 32.37
CA TRP A 431 -12.97 59.32 31.89
C TRP A 431 -12.65 60.55 32.77
N ARG A 432 -12.26 60.30 34.02
CA ARG A 432 -11.91 61.33 34.96
C ARG A 432 -10.86 60.76 35.95
N PRO A 433 -9.92 61.61 36.45
CA PRO A 433 -8.88 61.09 37.37
C PRO A 433 -9.41 60.59 38.70
N GLY A 434 -8.68 59.67 39.30
CA GLY A 434 -9.06 59.04 40.55
C GLY A 434 -9.38 57.58 40.33
N SER A 435 -9.19 56.76 41.36
CA SER A 435 -9.46 55.33 41.30
CA SER A 435 -9.47 55.32 41.29
C SER A 435 -10.97 55.04 41.07
N GLY A 436 -11.27 54.00 40.31
CA GLY A 436 -12.63 53.56 40.05
C GLY A 436 -13.36 54.06 38.83
N TYR A 437 -12.70 54.79 37.92
CA TYR A 437 -13.39 55.35 36.76
C TYR A 437 -12.96 54.80 35.41
N THR A 438 -12.30 53.62 35.36
CA THR A 438 -11.91 53.03 34.07
C THR A 438 -13.15 52.73 33.24
N ASN A 439 -13.18 53.15 31.98
CA ASN A 439 -14.34 52.91 31.12
C ASN A 439 -14.01 53.01 29.61
N ILE A 440 -12.72 53.16 29.25
CA ILE A 440 -12.32 53.34 27.86
C ILE A 440 -11.32 52.30 27.37
N MET A 441 -11.57 51.77 26.18
CA MET A 441 -10.66 50.84 25.54
CA MET A 441 -10.70 50.80 25.54
C MET A 441 -10.38 51.37 24.14
N ARG A 442 -9.09 51.49 23.79
CA ARG A 442 -8.68 52.06 22.52
C ARG A 442 -7.77 51.08 21.80
N VAL A 443 -7.92 50.96 20.48
CA VAL A 443 -7.03 50.12 19.69
C VAL A 443 -5.99 51.06 19.09
N LEU A 444 -4.72 50.87 19.42
CA LEU A 444 -3.64 51.75 19.01
C LEU A 444 -2.55 50.99 18.25
N SER A 445 -2.04 51.59 17.16
CA SER A 445 -0.97 50.99 16.35
CA SER A 445 -0.97 50.98 16.37
C SER A 445 0.37 51.61 16.77
N ILE A 446 1.35 50.79 17.11
CA ILE A 446 2.65 51.27 17.56
C ILE A 446 3.45 51.94 16.46
N SER A 447 3.75 53.23 16.73
CA SER A 447 4.51 54.18 15.90
C SER A 447 3.88 54.34 14.50
N ARG B 12 -26.66 30.23 37.49
CA ARG B 12 -27.21 30.94 38.65
C ARG B 12 -26.24 31.95 39.27
N ALA B 13 -25.03 31.53 39.71
CA ALA B 13 -24.04 32.43 40.30
C ALA B 13 -23.45 33.41 39.28
N ASP B 14 -23.49 33.06 37.97
CA ASP B 14 -23.02 33.93 36.88
C ASP B 14 -24.05 35.03 36.50
N VAL B 15 -25.24 35.03 37.13
CA VAL B 15 -26.27 36.06 36.95
C VAL B 15 -26.87 36.52 38.29
N ALA B 16 -26.41 35.97 39.46
CA ALA B 16 -26.94 36.25 40.80
C ALA B 16 -26.93 37.71 41.21
N GLN B 17 -25.79 38.43 41.05
CA GLN B 17 -25.75 39.83 41.42
C GLN B 17 -26.53 40.70 40.45
N LEU B 18 -26.49 40.38 39.15
CA LEU B 18 -27.27 41.15 38.17
C LEU B 18 -28.77 40.91 38.34
N THR B 19 -29.17 39.74 38.90
CA THR B 19 -30.57 39.38 39.17
C THR B 19 -31.05 40.20 40.36
N GLN B 20 -30.20 40.37 41.40
CA GLN B 20 -30.55 41.18 42.54
C GLN B 20 -30.70 42.64 42.12
N GLU B 21 -29.80 43.13 41.25
CA GLU B 21 -29.82 44.50 40.75
C GLU B 21 -30.98 44.82 39.78
N LEU B 22 -31.06 44.11 38.64
CA LEU B 22 -32.10 44.37 37.64
C LEU B 22 -33.47 43.74 37.96
N GLY B 23 -33.50 42.78 38.88
CA GLY B 23 -34.75 42.15 39.30
C GLY B 23 -35.11 40.86 38.60
N THR B 24 -35.98 40.05 39.22
CA THR B 24 -36.37 38.78 38.61
C THR B 24 -37.23 39.00 37.39
N ALA B 25 -38.11 40.03 37.40
CA ALA B 25 -38.98 40.32 36.27
C ALA B 25 -38.21 40.66 34.99
N PHE B 26 -37.04 41.29 35.14
CA PHE B 26 -36.21 41.65 33.99
C PHE B 26 -35.72 40.37 33.31
N PHE B 27 -35.26 39.40 34.12
CA PHE B 27 -34.71 38.15 33.63
C PHE B 27 -35.77 37.14 33.17
N GLN B 28 -37.08 37.42 33.36
CA GLN B 28 -38.13 36.56 32.85
C GLN B 28 -38.54 36.99 31.42
N GLN B 29 -38.35 38.29 31.07
CA GLN B 29 -38.71 38.84 29.76
C GLN B 29 -37.67 38.51 28.69
N GLN B 30 -37.99 38.83 27.41
CA GLN B 30 -37.21 38.68 26.17
C GLN B 30 -36.42 37.34 26.07
N GLN B 31 -37.05 36.23 26.50
CA GLN B 31 -36.53 34.87 26.51
C GLN B 31 -35.15 34.76 27.15
N LEU B 32 -34.91 35.55 28.20
CA LEU B 32 -33.63 35.53 28.89
C LEU B 32 -33.35 34.19 29.57
N PRO B 33 -34.31 33.44 30.17
CA PRO B 33 -33.97 32.11 30.69
C PRO B 33 -33.50 31.18 29.56
N ALA B 34 -34.16 31.24 28.39
CA ALA B 34 -33.80 30.42 27.23
C ALA B 34 -32.43 30.84 26.64
N ALA B 35 -32.09 32.13 26.73
CA ALA B 35 -30.82 32.67 26.24
C ALA B 35 -29.63 32.28 27.15
N MET B 36 -29.88 32.08 28.46
CA MET B 36 -28.86 31.68 29.42
C MET B 36 -28.60 30.15 29.45
N ALA B 37 -29.39 29.35 28.71
CA ALA B 37 -29.26 27.89 28.68
C ALA B 37 -27.89 27.41 28.25
N ASP B 38 -27.44 26.26 28.80
CA ASP B 38 -26.11 25.72 28.49
C ASP B 38 -26.06 24.90 27.20
N THR B 39 -27.21 24.45 26.71
CA THR B 39 -27.31 23.69 25.45
C THR B 39 -28.43 24.26 24.61
N PHE B 40 -28.41 24.01 23.31
CA PHE B 40 -29.47 24.44 22.40
C PHE B 40 -30.79 23.71 22.70
N LEU B 41 -30.72 22.46 23.15
CA LEU B 41 -31.86 21.66 23.52
C LEU B 41 -32.54 22.28 24.74
N GLU B 42 -31.75 22.67 25.76
CA GLU B 42 -32.26 23.34 26.98
CA GLU B 42 -32.34 23.30 26.94
C GLU B 42 -32.85 24.71 26.63
N HIS B 43 -32.25 25.38 25.61
CA HIS B 43 -32.68 26.69 25.13
C HIS B 43 -34.09 26.56 24.56
N LEU B 44 -34.32 25.54 23.71
CA LEU B 44 -35.66 25.30 23.16
C LEU B 44 -36.66 25.02 24.27
N CYS B 45 -36.30 24.14 25.23
CA CYS B 45 -37.16 23.77 26.36
C CYS B 45 -37.56 24.96 27.20
N LEU B 46 -36.69 25.98 27.29
CA LEU B 46 -36.94 27.15 28.10
C LEU B 46 -37.69 28.27 27.40
N LEU B 47 -38.00 28.15 26.10
CA LEU B 47 -38.80 29.16 25.38
C LEU B 47 -40.19 29.27 26.05
N ASP B 48 -40.66 30.48 26.28
CA ASP B 48 -41.87 30.72 27.05
C ASP B 48 -42.78 31.69 26.30
N ILE B 49 -44.03 31.30 26.03
CA ILE B 49 -44.97 32.20 25.37
C ILE B 49 -45.35 33.42 26.25
N ASP B 50 -45.17 33.29 27.57
CA ASP B 50 -45.44 34.38 28.52
C ASP B 50 -44.25 35.33 28.69
N SER B 51 -43.09 35.00 28.13
CA SER B 51 -41.92 35.87 28.17
C SER B 51 -42.07 36.89 27.03
N GLU B 52 -42.39 38.15 27.37
CA GLU B 52 -42.64 39.17 26.36
C GLU B 52 -41.39 39.83 25.78
N PRO B 53 -41.39 40.10 24.46
CA PRO B 53 -40.25 40.82 23.88
C PRO B 53 -40.20 42.29 24.33
N VAL B 54 -39.04 42.75 24.81
CA VAL B 54 -38.89 44.14 25.29
C VAL B 54 -38.17 44.99 24.25
N ALA B 55 -37.08 44.44 23.65
CA ALA B 55 -36.26 45.11 22.66
C ALA B 55 -37.02 45.58 21.41
N ALA B 56 -36.52 46.65 20.76
CA ALA B 56 -37.07 47.17 19.51
C ALA B 56 -36.80 46.12 18.42
N ARG B 57 -37.68 46.05 17.41
CA ARG B 57 -37.55 45.08 16.34
C ARG B 57 -36.32 45.38 15.53
N SER B 58 -35.44 44.39 15.38
CA SER B 58 -34.18 44.60 14.69
C SER B 58 -34.11 44.07 13.24
N THR B 59 -34.99 43.15 12.79
CA THR B 59 -34.98 42.66 11.40
C THR B 59 -35.81 43.61 10.56
N SER B 60 -35.25 44.17 9.51
CA SER B 60 -35.96 45.14 8.69
C SER B 60 -37.00 44.52 7.82
N ILE B 61 -38.05 45.28 7.55
CA ILE B 61 -39.13 44.82 6.70
C ILE B 61 -39.03 45.58 5.39
N ILE B 62 -38.97 44.85 4.27
CA ILE B 62 -38.98 45.42 2.95
C ILE B 62 -40.40 45.22 2.40
N ALA B 63 -41.08 46.30 2.02
CA ALA B 63 -42.44 46.17 1.49
C ALA B 63 -42.43 46.57 0.04
N THR B 64 -42.99 45.72 -0.84
CA THR B 64 -43.07 46.06 -2.25
C THR B 64 -44.20 47.07 -2.44
N ILE B 65 -43.89 48.23 -3.02
CA ILE B 65 -44.89 49.27 -3.24
C ILE B 65 -45.58 49.09 -4.59
N GLY B 66 -46.91 49.06 -4.57
CA GLY B 66 -47.73 48.90 -5.76
C GLY B 66 -49.10 49.55 -5.60
N PRO B 67 -50.08 49.11 -6.42
CA PRO B 67 -51.42 49.72 -6.33
C PRO B 67 -52.06 49.73 -4.94
N ALA B 68 -51.82 48.69 -4.13
CA ALA B 68 -52.38 48.61 -2.79
C ALA B 68 -51.66 49.46 -1.73
N SER B 69 -50.48 49.96 -2.05
CA SER B 69 -49.67 50.68 -1.07
C SER B 69 -49.01 51.95 -1.65
N ARG B 70 -49.66 52.58 -2.63
CA ARG B 70 -49.11 53.76 -3.29
C ARG B 70 -49.44 55.10 -2.66
N SER B 71 -50.64 55.26 -2.12
CA SER B 71 -51.08 56.55 -1.59
C SER B 71 -50.19 57.03 -0.45
N VAL B 72 -50.03 58.35 -0.34
CA VAL B 72 -49.22 58.96 0.72
C VAL B 72 -49.79 58.61 2.10
N GLU B 73 -51.12 58.60 2.22
CA GLU B 73 -51.81 58.28 3.48
C GLU B 73 -51.59 56.80 3.85
N ARG B 74 -51.61 55.89 2.85
CA ARG B 74 -51.39 54.45 3.05
C ARG B 74 -49.92 54.21 3.44
N LEU B 75 -48.98 54.89 2.76
CA LEU B 75 -47.55 54.80 3.03
C LEU B 75 -47.20 55.29 4.42
N LYS B 76 -47.92 56.29 4.94
CA LYS B 76 -47.68 56.78 6.30
C LYS B 76 -48.06 55.69 7.30
N GLU B 77 -49.17 54.95 7.01
CA GLU B 77 -49.67 53.83 7.83
CA GLU B 77 -49.61 53.87 7.89
C GLU B 77 -48.63 52.70 7.85
N MET B 78 -48.00 52.44 6.68
CA MET B 78 -47.01 51.38 6.54
CA MET B 78 -47.02 51.38 6.54
C MET B 78 -45.71 51.74 7.25
N ILE B 79 -45.35 53.04 7.29
CA ILE B 79 -44.16 53.48 8.00
C ILE B 79 -44.40 53.28 9.50
N LYS B 80 -45.60 53.63 9.98
CA LYS B 80 -45.96 53.45 11.39
C LYS B 80 -46.03 51.96 11.76
N ALA B 81 -46.47 51.10 10.81
CA ALA B 81 -46.55 49.65 11.02
C ALA B 81 -45.17 48.96 11.08
N GLY B 82 -44.15 49.60 10.48
CA GLY B 82 -42.79 49.07 10.54
C GLY B 82 -41.99 48.96 9.24
N MET B 83 -42.53 49.43 8.10
CA MET B 83 -41.78 49.37 6.84
C MET B 83 -40.45 50.18 6.94
N ASN B 84 -39.31 49.55 6.57
CA ASN B 84 -38.00 50.20 6.61
C ASN B 84 -37.44 50.43 5.22
N ILE B 85 -37.78 49.57 4.26
CA ILE B 85 -37.32 49.64 2.88
C ILE B 85 -38.51 49.50 1.94
N ALA B 86 -38.63 50.40 0.97
CA ALA B 86 -39.69 50.36 -0.03
C ALA B 86 -39.12 49.75 -1.29
N ARG B 87 -39.69 48.65 -1.77
CA ARG B 87 -39.18 47.98 -2.97
C ARG B 87 -40.02 48.32 -4.19
N LEU B 88 -39.37 48.68 -5.31
CA LEU B 88 -40.09 48.97 -6.54
C LEU B 88 -39.73 47.91 -7.52
N ASN B 89 -40.71 47.11 -7.92
CA ASN B 89 -40.45 46.00 -8.82
C ASN B 89 -40.53 46.44 -10.27
N PHE B 90 -39.36 46.59 -10.91
CA PHE B 90 -39.28 47.01 -12.30
C PHE B 90 -39.65 45.93 -13.31
N SER B 91 -40.12 44.77 -12.84
CA SER B 91 -40.68 43.73 -13.69
C SER B 91 -42.12 44.15 -14.10
N HIS B 92 -42.75 45.09 -13.37
CA HIS B 92 -44.08 45.59 -13.65
C HIS B 92 -44.06 47.14 -13.70
N GLY B 93 -45.14 47.74 -14.20
CA GLY B 93 -45.26 49.19 -14.27
C GLY B 93 -44.30 49.84 -15.26
N SER B 94 -44.18 51.15 -15.15
CA SER B 94 -43.33 51.94 -16.03
C SER B 94 -42.43 52.87 -15.18
N HIS B 95 -41.51 53.60 -15.83
CA HIS B 95 -40.66 54.58 -15.17
C HIS B 95 -41.53 55.68 -14.54
N GLU B 96 -42.60 56.10 -15.24
CA GLU B 96 -43.51 57.13 -14.75
C GLU B 96 -44.26 56.65 -13.51
N TYR B 97 -44.70 55.39 -13.53
CA TYR B 97 -45.42 54.76 -12.43
C TYR B 97 -44.54 54.68 -11.17
N HIS B 98 -43.31 54.15 -11.34
CA HIS B 98 -42.37 54.00 -10.22
C HIS B 98 -41.86 55.33 -9.70
N ALA B 99 -41.73 56.36 -10.57
CA ALA B 99 -41.31 57.69 -10.14
C ALA B 99 -42.36 58.31 -9.22
N GLU B 100 -43.66 58.05 -9.50
CA GLU B 100 -44.72 58.57 -8.67
C GLU B 100 -44.72 57.87 -7.31
N SER B 101 -44.49 56.54 -7.31
CA SER B 101 -44.40 55.77 -6.07
C SER B 101 -43.23 56.29 -5.20
N ILE B 102 -42.04 56.51 -5.81
CA ILE B 102 -40.86 57.07 -5.12
C ILE B 102 -41.20 58.41 -4.47
N ALA B 103 -41.89 59.29 -5.21
CA ALA B 103 -42.28 60.61 -4.71
C ALA B 103 -43.26 60.51 -3.54
N ASN B 104 -44.19 59.53 -3.59
CA ASN B 104 -45.17 59.33 -2.52
C ASN B 104 -44.52 58.78 -1.26
N VAL B 105 -43.52 57.90 -1.43
CA VAL B 105 -42.76 57.35 -0.30
C VAL B 105 -42.01 58.50 0.37
N ARG B 106 -41.29 59.31 -0.42
CA ARG B 106 -40.56 60.46 0.11
C ARG B 106 -41.46 61.49 0.78
N GLU B 107 -42.66 61.71 0.23
CA GLU B 107 -43.63 62.61 0.85
C GLU B 107 -44.10 62.08 2.22
N ALA B 108 -44.42 60.77 2.29
CA ALA B 108 -44.85 60.14 3.54
C ALA B 108 -43.73 60.13 4.58
N VAL B 109 -42.47 59.87 4.15
CA VAL B 109 -41.31 59.86 5.05
C VAL B 109 -41.04 61.24 5.61
N GLU B 110 -41.11 62.28 4.76
CA GLU B 110 -40.85 63.65 5.21
C GLU B 110 -41.97 64.23 6.08
N SER B 111 -43.16 63.64 6.07
CA SER B 111 -44.24 64.09 6.93
C SER B 111 -43.93 63.85 8.44
N PHE B 112 -42.84 63.12 8.77
CA PHE B 112 -42.42 62.87 10.15
C PHE B 112 -41.07 63.56 10.48
N ALA B 113 -40.52 64.38 9.55
CA ALA B 113 -39.21 65.03 9.71
C ALA B 113 -39.13 66.15 10.75
N GLY B 114 -40.23 66.44 11.42
CA GLY B 114 -40.23 67.48 12.44
C GLY B 114 -39.39 67.25 13.69
N SER B 115 -38.87 66.02 13.94
CA SER B 115 -38.12 65.75 15.19
C SER B 115 -37.27 64.46 15.13
N PRO B 116 -36.16 64.32 15.89
CA PRO B 116 -35.43 63.04 15.88
C PRO B 116 -36.21 61.92 16.57
N LEU B 117 -37.11 62.28 17.49
CA LEU B 117 -37.99 61.36 18.20
C LEU B 117 -39.09 60.79 17.25
N SER B 118 -39.46 61.54 16.20
CA SER B 118 -40.48 61.10 15.25
C SER B 118 -39.94 60.68 13.87
N TYR B 119 -38.68 61.05 13.55
CA TYR B 119 -38.15 60.76 12.23
C TYR B 119 -37.79 59.32 12.07
N ARG B 120 -38.10 58.78 10.89
CA ARG B 120 -37.87 57.40 10.57
C ARG B 120 -37.47 57.31 9.08
N PRO B 121 -36.15 57.11 8.79
CA PRO B 121 -35.70 57.02 7.38
C PRO B 121 -36.19 55.75 6.67
N VAL B 122 -36.53 55.83 5.37
CA VAL B 122 -36.98 54.64 4.63
C VAL B 122 -36.13 54.53 3.37
N ALA B 123 -35.41 53.41 3.20
CA ALA B 123 -34.59 53.21 2.01
C ALA B 123 -35.47 52.92 0.79
N ILE B 124 -34.99 53.25 -0.40
CA ILE B 124 -35.71 52.96 -1.63
C ILE B 124 -34.91 52.00 -2.46
N ALA B 125 -35.48 50.84 -2.75
CA ALA B 125 -34.79 49.80 -3.48
C ALA B 125 -35.42 49.54 -4.85
N LEU B 126 -34.60 49.36 -5.87
CA LEU B 126 -35.07 49.10 -7.22
C LEU B 126 -34.81 47.63 -7.52
N ASP B 127 -35.85 46.84 -7.76
CA ASP B 127 -35.69 45.44 -8.10
C ASP B 127 -35.73 45.35 -9.63
N THR B 128 -34.64 44.90 -10.26
CA THR B 128 -34.57 44.85 -11.72
C THR B 128 -35.39 43.75 -12.35
N LYS B 129 -35.76 43.92 -13.63
CA LYS B 129 -36.53 42.94 -14.41
C LYS B 129 -35.72 41.66 -14.65
N GLY B 130 -34.43 41.80 -14.88
CA GLY B 130 -33.55 40.65 -15.07
C GLY B 130 -33.12 40.42 -16.49
N PRO B 131 -32.28 39.38 -16.70
CA PRO B 131 -31.76 39.09 -18.04
C PRO B 131 -32.73 38.51 -19.05
N GLY B 132 -33.72 37.74 -18.59
CA GLY B 132 -34.68 37.11 -19.49
C GLY B 132 -34.07 36.03 -20.36
N PRO B 135 -29.30 35.95 -20.82
CA PRO B 135 -28.04 35.84 -21.56
C PRO B 135 -26.86 36.53 -20.83
N GLY B 136 -27.10 37.78 -20.43
CA GLY B 136 -26.21 38.68 -19.69
C GLY B 136 -27.02 39.87 -19.23
N LEU B 137 -26.48 41.11 -19.31
CA LEU B 137 -27.24 42.29 -18.89
C LEU B 137 -28.19 42.85 -19.98
N SER B 138 -29.51 42.87 -19.69
CA SER B 138 -30.53 43.32 -20.66
C SER B 138 -30.47 44.83 -20.92
N GLU B 139 -31.05 45.29 -22.06
CA GLU B 139 -31.09 46.71 -22.42
C GLU B 139 -32.06 47.47 -21.54
N GLN B 140 -33.19 46.84 -21.14
CA GLN B 140 -34.12 47.52 -20.23
C GLN B 140 -33.54 47.58 -18.80
N ASP B 141 -32.64 46.64 -18.44
CA ASP B 141 -31.96 46.66 -17.15
C ASP B 141 -31.05 47.90 -17.10
N VAL B 142 -30.34 48.19 -18.21
CA VAL B 142 -29.47 49.38 -18.30
C VAL B 142 -30.28 50.69 -18.17
N ARG B 143 -31.45 50.74 -18.81
CA ARG B 143 -32.31 51.92 -18.73
C ARG B 143 -32.90 52.11 -17.32
N ASP B 144 -33.28 50.99 -16.67
CA ASP B 144 -33.87 51.01 -15.33
C ASP B 144 -32.84 51.37 -14.26
N LEU B 145 -31.61 50.86 -14.41
CA LEU B 145 -30.52 51.16 -13.49
C LEU B 145 -30.16 52.65 -13.59
N ARG B 146 -30.18 53.23 -14.81
CA ARG B 146 -29.95 54.67 -15.01
C ARG B 146 -31.07 55.48 -14.37
N PHE B 147 -32.32 54.98 -14.44
CA PHE B 147 -33.48 55.62 -13.80
C PHE B 147 -33.25 55.69 -12.29
N GLY B 148 -32.75 54.61 -11.71
CA GLY B 148 -32.47 54.51 -10.28
C GLY B 148 -31.44 55.52 -9.82
N VAL B 149 -30.36 55.66 -10.61
CA VAL B 149 -29.32 56.64 -10.31
C VAL B 149 -29.90 58.06 -10.36
N GLU B 150 -30.67 58.36 -11.42
CA GLU B 150 -31.30 59.67 -11.59
C GLU B 150 -32.33 60.00 -10.53
N HIS B 151 -32.99 58.97 -9.97
CA HIS B 151 -33.98 59.18 -8.92
C HIS B 151 -33.46 58.98 -7.49
N GLY B 152 -32.16 58.74 -7.33
CA GLY B 152 -31.52 58.61 -6.03
C GLY B 152 -31.87 57.40 -5.19
N VAL B 153 -32.02 56.23 -5.85
CA VAL B 153 -32.32 55.01 -5.10
C VAL B 153 -31.11 54.61 -4.24
N ASP B 154 -31.37 53.91 -3.13
CA ASP B 154 -30.31 53.52 -2.20
C ASP B 154 -29.79 52.14 -2.47
N ILE B 155 -30.66 51.23 -2.93
CA ILE B 155 -30.30 49.82 -3.13
C ILE B 155 -30.82 49.31 -4.48
N VAL B 156 -30.11 48.33 -5.06
CA VAL B 156 -30.53 47.64 -6.26
C VAL B 156 -30.64 46.15 -5.88
N PHE B 157 -31.81 45.55 -6.12
CA PHE B 157 -31.97 44.12 -5.94
C PHE B 157 -31.79 43.58 -7.36
N ALA B 158 -30.60 43.10 -7.68
CA ALA B 158 -30.29 42.63 -9.03
C ALA B 158 -30.82 41.23 -9.29
N SER B 159 -31.84 41.10 -10.15
CA SER B 159 -32.44 39.81 -10.49
C SER B 159 -31.51 38.83 -11.24
N PHE B 160 -31.71 37.54 -11.00
CA PHE B 160 -31.01 36.43 -11.61
C PHE B 160 -29.48 36.58 -11.73
N VAL B 161 -28.80 36.94 -10.62
CA VAL B 161 -27.36 37.01 -10.63
C VAL B 161 -26.83 35.58 -10.65
N ARG B 162 -26.01 35.24 -11.65
CA ARG B 162 -25.48 33.89 -11.83
C ARG B 162 -23.97 33.73 -11.66
N LYS B 163 -23.24 34.83 -11.72
CA LYS B 163 -21.79 34.84 -11.61
C LYS B 163 -21.32 36.24 -11.20
N ALA B 164 -20.06 36.35 -10.78
CA ALA B 164 -19.50 37.63 -10.35
C ALA B 164 -19.53 38.72 -11.45
N SER B 165 -19.39 38.32 -12.72
CA SER B 165 -19.42 39.27 -13.83
C SER B 165 -20.77 39.96 -14.00
N ASP B 166 -21.86 39.33 -13.54
CA ASP B 166 -23.21 39.91 -13.61
C ASP B 166 -23.28 41.11 -12.67
N VAL B 167 -22.69 41.00 -11.48
CA VAL B 167 -22.76 42.10 -10.53
C VAL B 167 -21.81 43.24 -11.00
N ALA B 168 -20.68 42.91 -11.66
CA ALA B 168 -19.78 43.92 -12.22
C ALA B 168 -20.50 44.70 -13.33
N ALA B 169 -21.33 44.01 -14.14
CA ALA B 169 -22.10 44.67 -15.19
C ALA B 169 -23.15 45.61 -14.59
N VAL B 170 -23.76 45.25 -13.45
CA VAL B 170 -24.74 46.13 -12.80
C VAL B 170 -24.04 47.37 -12.29
N ARG B 171 -22.85 47.19 -11.68
CA ARG B 171 -22.04 48.29 -11.16
CA ARG B 171 -22.03 48.28 -11.15
C ARG B 171 -21.66 49.26 -12.28
N ALA B 172 -21.23 48.72 -13.43
CA ALA B 172 -20.86 49.52 -14.58
C ALA B 172 -22.07 50.31 -15.11
N ALA B 173 -23.26 49.67 -15.19
CA ALA B 173 -24.50 50.32 -15.64
C ALA B 173 -24.98 51.43 -14.70
N LEU B 174 -24.58 51.39 -13.42
CA LEU B 174 -24.92 52.45 -12.46
C LEU B 174 -24.04 53.73 -12.67
N GLY B 175 -22.90 53.56 -13.35
CA GLY B 175 -22.00 54.65 -13.68
C GLY B 175 -21.28 55.25 -12.49
N PRO B 176 -20.57 56.36 -12.74
CA PRO B 176 -19.84 57.02 -11.65
C PRO B 176 -20.75 57.71 -10.64
N GLU B 177 -21.96 58.13 -11.05
CA GLU B 177 -22.89 58.79 -10.14
C GLU B 177 -23.63 57.83 -9.19
N GLY B 178 -23.59 56.53 -9.48
CA GLY B 178 -24.23 55.53 -8.62
C GLY B 178 -23.24 54.71 -7.81
N HIS B 179 -22.09 55.30 -7.50
CA HIS B 179 -21.05 54.62 -6.74
C HIS B 179 -21.49 54.26 -5.29
N GLY B 180 -22.40 55.05 -4.72
CA GLY B 180 -22.86 54.83 -3.35
C GLY B 180 -23.96 53.80 -3.18
N ILE B 181 -24.69 53.51 -4.28
CA ILE B 181 -25.80 52.54 -4.28
C ILE B 181 -25.33 51.13 -3.93
N LYS B 182 -26.08 50.42 -3.05
CA LYS B 182 -25.75 49.05 -2.64
C LYS B 182 -26.32 48.06 -3.63
N ILE B 183 -25.56 47.04 -3.98
CA ILE B 183 -26.03 45.99 -4.89
C ILE B 183 -26.25 44.70 -4.10
N ILE B 184 -27.52 44.30 -3.98
CA ILE B 184 -27.93 43.07 -3.30
C ILE B 184 -28.25 42.08 -4.43
N SER B 185 -27.42 41.05 -4.61
CA SER B 185 -27.62 40.07 -5.68
C SER B 185 -28.70 39.04 -5.35
N LYS B 186 -29.68 38.88 -6.24
CA LYS B 186 -30.75 37.90 -6.04
C LYS B 186 -30.32 36.55 -6.56
N ILE B 187 -30.30 35.52 -5.67
CA ILE B 187 -29.96 34.16 -6.09
C ILE B 187 -31.27 33.45 -6.39
N GLU B 188 -31.52 33.19 -7.68
CA GLU B 188 -32.80 32.64 -8.14
C GLU B 188 -32.70 31.35 -8.92
N ASN B 189 -31.51 30.78 -9.09
CA ASN B 189 -31.36 29.56 -9.89
C ASN B 189 -30.18 28.69 -9.43
N HIS B 190 -30.03 27.49 -10.01
CA HIS B 190 -28.96 26.59 -9.63
C HIS B 190 -27.57 27.18 -9.83
N GLU B 191 -27.36 27.96 -10.92
CA GLU B 191 -26.03 28.55 -11.16
C GLU B 191 -25.62 29.57 -10.10
N GLY B 192 -26.58 30.41 -9.67
CA GLY B 192 -26.36 31.39 -8.61
C GLY B 192 -25.99 30.69 -7.31
N VAL B 193 -26.65 29.56 -6.99
CA VAL B 193 -26.38 28.81 -5.78
C VAL B 193 -24.98 28.21 -5.83
N LYS B 194 -24.61 27.63 -6.97
CA LYS B 194 -23.30 27.00 -7.14
C LYS B 194 -22.15 27.99 -7.15
N ARG B 195 -22.37 29.16 -7.73
CA ARG B 195 -21.32 30.19 -7.77
C ARG B 195 -21.52 31.25 -6.66
N PHE B 196 -22.22 30.89 -5.58
CA PHE B 196 -22.56 31.78 -4.47
C PHE B 196 -21.35 32.54 -3.88
N ASP B 197 -20.24 31.86 -3.58
CA ASP B 197 -19.08 32.48 -2.96
C ASP B 197 -18.49 33.61 -3.78
N GLU B 198 -18.43 33.44 -5.11
CA GLU B 198 -17.89 34.48 -5.99
C GLU B 198 -18.86 35.65 -6.13
N ILE B 199 -20.17 35.39 -6.05
CA ILE B 199 -21.19 36.43 -6.12
C ILE B 199 -21.20 37.26 -4.83
N LEU B 200 -21.18 36.59 -3.67
CA LEU B 200 -21.17 37.26 -2.38
C LEU B 200 -19.92 38.13 -2.23
N GLU B 201 -18.77 37.64 -2.72
CA GLU B 201 -17.49 38.35 -2.64
C GLU B 201 -17.57 39.72 -3.29
N VAL B 202 -18.25 39.82 -4.43
CA VAL B 202 -18.34 41.10 -5.15
C VAL B 202 -19.63 41.88 -4.88
N SER B 203 -20.58 41.32 -4.11
CA SER B 203 -21.85 42.00 -3.83
C SER B 203 -21.83 42.66 -2.46
N ASP B 204 -22.73 43.61 -2.24
CA ASP B 204 -22.88 44.21 -0.91
C ASP B 204 -23.74 43.31 0.02
N GLY B 205 -24.56 42.44 -0.57
CA GLY B 205 -25.45 41.53 0.11
C GLY B 205 -26.16 40.59 -0.83
N ILE B 206 -27.03 39.74 -0.29
CA ILE B 206 -27.75 38.73 -1.07
C ILE B 206 -29.24 38.71 -0.75
N MET B 207 -30.04 38.31 -1.73
CA MET B 207 -31.46 38.09 -1.50
C MET B 207 -31.75 36.66 -1.89
N VAL B 208 -32.39 35.90 -0.99
CA VAL B 208 -32.82 34.53 -1.26
C VAL B 208 -34.20 34.70 -1.92
N ALA B 209 -34.20 34.73 -3.27
CA ALA B 209 -35.40 34.92 -4.08
C ALA B 209 -36.09 33.57 -4.28
N ARG B 210 -36.88 33.16 -3.27
CA ARG B 210 -37.48 31.83 -3.23
C ARG B 210 -38.53 31.50 -4.30
N GLY B 211 -39.18 32.50 -4.89
CA GLY B 211 -40.14 32.28 -5.96
C GLY B 211 -39.52 31.57 -7.16
N ASP B 212 -38.52 32.18 -7.79
CA ASP B 212 -37.84 31.58 -8.93
C ASP B 212 -36.99 30.43 -8.51
N LEU B 213 -36.33 30.52 -7.34
CA LEU B 213 -35.49 29.44 -6.84
C LEU B 213 -36.28 28.13 -6.70
N GLY B 214 -37.53 28.23 -6.22
CA GLY B 214 -38.44 27.10 -6.06
C GLY B 214 -38.93 26.46 -7.36
N ILE B 215 -38.74 27.15 -8.51
CA ILE B 215 -39.06 26.65 -9.84
C ILE B 215 -37.76 26.09 -10.49
N GLU B 216 -36.60 26.76 -10.26
CA GLU B 216 -35.31 26.39 -10.84
C GLU B 216 -34.69 25.16 -10.23
N ILE B 217 -34.89 24.98 -8.91
CA ILE B 217 -34.42 23.79 -8.18
C ILE B 217 -35.64 23.11 -7.55
N PRO B 218 -35.56 21.83 -7.13
CA PRO B 218 -36.74 21.19 -6.50
C PRO B 218 -37.24 22.00 -5.31
N ALA B 219 -38.55 22.18 -5.18
CA ALA B 219 -39.12 23.00 -4.11
C ALA B 219 -38.68 22.53 -2.71
N GLU B 220 -38.52 21.22 -2.52
CA GLU B 220 -38.11 20.66 -1.25
C GLU B 220 -36.65 20.90 -0.89
N LYS B 221 -35.87 21.53 -1.77
CA LYS B 221 -34.46 21.88 -1.54
C LYS B 221 -34.26 23.37 -1.25
N VAL B 222 -35.26 24.23 -1.48
CA VAL B 222 -35.13 25.67 -1.24
C VAL B 222 -34.68 26.01 0.18
N PHE B 223 -35.22 25.33 1.20
CA PHE B 223 -34.83 25.58 2.58
C PHE B 223 -33.32 25.37 2.82
N LEU B 224 -32.70 24.40 2.10
CA LEU B 224 -31.28 24.12 2.22
C LEU B 224 -30.48 25.29 1.67
N ALA B 225 -30.92 25.83 0.51
CA ALA B 225 -30.27 26.96 -0.13
C ALA B 225 -30.43 28.21 0.73
N GLN B 226 -31.63 28.44 1.30
CA GLN B 226 -31.88 29.59 2.17
C GLN B 226 -30.97 29.56 3.41
N LYS B 227 -30.96 28.46 4.14
CA LYS B 227 -30.14 28.32 5.35
C LYS B 227 -28.65 28.41 5.06
N MET B 228 -28.19 27.84 3.91
CA MET B 228 -26.78 27.90 3.52
C MET B 228 -26.34 29.34 3.21
N MET B 229 -27.13 30.06 2.38
CA MET B 229 -26.85 31.42 2.00
C MET B 229 -26.91 32.36 3.18
N ILE B 230 -27.90 32.22 4.07
CA ILE B 230 -27.99 33.06 5.27
C ILE B 230 -26.77 32.86 6.16
N GLY B 231 -26.39 31.59 6.40
CA GLY B 231 -25.22 31.26 7.19
C GLY B 231 -23.93 31.86 6.64
N ARG B 232 -23.71 31.75 5.32
CA ARG B 232 -22.52 32.31 4.68
C ARG B 232 -22.49 33.82 4.73
N CYS B 233 -23.66 34.47 4.59
CA CYS B 233 -23.76 35.91 4.67
C CYS B 233 -23.46 36.38 6.08
N ASN B 234 -23.92 35.65 7.09
CA ASN B 234 -23.66 35.95 8.50
C ASN B 234 -22.14 35.84 8.78
N LEU B 235 -21.50 34.81 8.21
CA LEU B 235 -20.07 34.58 8.32
C LEU B 235 -19.30 35.74 7.67
N ALA B 236 -19.74 36.18 6.49
CA ALA B 236 -19.13 37.27 5.75
C ALA B 236 -19.43 38.65 6.33
N GLY B 237 -20.44 38.75 7.19
CA GLY B 237 -20.85 40.02 7.74
C GLY B 237 -21.58 40.88 6.71
N LYS B 238 -22.24 40.28 5.72
CA LYS B 238 -22.98 41.03 4.69
C LYS B 238 -24.49 40.81 4.80
N PRO B 239 -25.32 41.83 4.53
CA PRO B 239 -26.77 41.63 4.66
C PRO B 239 -27.39 40.56 3.76
N VAL B 240 -28.36 39.82 4.31
CA VAL B 240 -29.07 38.79 3.56
C VAL B 240 -30.58 39.03 3.77
N VAL B 241 -31.33 39.03 2.67
CA VAL B 241 -32.78 39.21 2.71
C VAL B 241 -33.48 37.87 2.46
N CYS B 242 -34.53 37.55 3.22
CA CYS B 242 -35.36 36.37 2.92
C CYS B 242 -36.59 36.90 2.23
N ALA B 243 -36.90 36.36 1.04
CA ALA B 243 -38.01 36.87 0.24
C ALA B 243 -38.95 35.81 -0.30
N THR B 244 -40.21 36.26 -0.63
CA THR B 244 -41.29 35.60 -1.39
C THR B 244 -42.15 34.59 -0.63
N GLN B 245 -43.44 34.81 -0.65
CA GLN B 245 -44.52 33.98 -0.10
C GLN B 245 -44.46 33.83 1.41
N MET B 246 -43.79 34.73 2.11
CA MET B 246 -43.70 34.65 3.56
C MET B 246 -45.06 34.70 4.25
N LEU B 247 -45.95 35.60 3.82
CA LEU B 247 -47.31 35.72 4.37
C LEU B 247 -48.31 35.75 3.20
N GLU B 248 -48.08 34.89 2.18
CA GLU B 248 -48.86 34.82 0.95
C GLU B 248 -50.36 34.90 1.10
N SER B 249 -50.93 34.11 2.01
CA SER B 249 -52.38 34.08 2.23
C SER B 249 -52.95 35.44 2.64
N MET B 250 -52.14 36.34 3.20
CA MET B 250 -52.59 37.66 3.61
C MET B 250 -52.88 38.61 2.41
N ILE B 251 -52.60 38.15 1.15
CA ILE B 251 -52.98 38.87 -0.05
C ILE B 251 -54.51 38.95 -0.08
N THR B 252 -55.21 37.88 0.36
CA THR B 252 -56.66 37.91 0.43
C THR B 252 -57.19 37.84 1.86
N LYS B 253 -56.55 37.11 2.78
CA LYS B 253 -57.07 36.93 4.14
C LYS B 253 -56.45 37.88 5.15
N PRO B 254 -57.19 38.28 6.20
CA PRO B 254 -56.61 39.22 7.18
C PRO B 254 -55.61 38.60 8.16
N ARG B 255 -55.56 37.25 8.25
CA ARG B 255 -54.66 36.54 9.15
C ARG B 255 -53.87 35.51 8.36
N PRO B 256 -52.58 35.28 8.71
CA PRO B 256 -51.81 34.28 7.95
C PRO B 256 -52.05 32.83 8.46
N THR B 257 -51.51 31.85 7.71
CA THR B 257 -51.58 30.47 8.09
C THR B 257 -50.49 30.15 9.15
N ARG B 258 -50.59 28.98 9.80
CA ARG B 258 -49.60 28.57 10.77
C ARG B 258 -48.23 28.35 10.14
N ALA B 259 -48.19 27.96 8.84
CA ALA B 259 -46.94 27.77 8.11
C ALA B 259 -46.27 29.09 7.81
N GLU B 260 -47.06 30.14 7.56
CA GLU B 260 -46.55 31.48 7.26
C GLU B 260 -45.91 32.17 8.44
N THR B 261 -46.56 32.13 9.62
CA THR B 261 -45.94 32.76 10.80
C THR B 261 -44.64 32.01 11.18
N SER B 262 -44.66 30.68 11.00
CA SER B 262 -43.53 29.81 11.26
C SER B 262 -42.39 30.19 10.28
N ASP B 263 -42.70 30.38 9.00
CA ASP B 263 -41.71 30.73 7.99
C ASP B 263 -41.02 32.06 8.34
N VAL B 264 -41.79 33.11 8.73
CA VAL B 264 -41.21 34.39 9.10
C VAL B 264 -40.30 34.23 10.30
N ALA B 265 -40.76 33.54 11.33
CA ALA B 265 -39.98 33.33 12.54
C ALA B 265 -38.69 32.58 12.26
N ASN B 266 -38.76 31.58 11.38
CA ASN B 266 -37.61 30.75 11.04
C ASN B 266 -36.61 31.48 10.17
N ALA B 267 -37.05 32.45 9.35
CA ALA B 267 -36.11 33.24 8.54
C ALA B 267 -35.27 34.11 9.49
N VAL B 268 -35.90 34.70 10.52
CA VAL B 268 -35.22 35.50 11.52
C VAL B 268 -34.28 34.58 12.34
N LEU B 269 -34.76 33.42 12.79
CA LEU B 269 -33.90 32.47 13.53
C LEU B 269 -32.73 31.98 12.68
N ASP B 270 -32.90 31.83 11.36
CA ASP B 270 -31.84 31.42 10.45
C ASP B 270 -30.70 32.45 10.43
N GLY B 271 -31.04 33.75 10.58
CA GLY B 271 -30.09 34.84 10.61
C GLY B 271 -30.32 35.90 9.54
N ALA B 272 -31.53 35.97 8.98
CA ALA B 272 -31.82 36.98 7.95
C ALA B 272 -31.77 38.39 8.52
N ASP B 273 -31.14 39.30 7.80
CA ASP B 273 -31.08 40.70 8.19
C ASP B 273 -32.40 41.40 7.87
N CYS B 274 -33.02 41.03 6.74
CA CYS B 274 -34.27 41.60 6.28
C CYS B 274 -35.26 40.51 5.92
N ILE B 275 -36.54 40.82 6.06
CA ILE B 275 -37.62 39.95 5.59
C ILE B 275 -38.48 40.81 4.60
N MET B 276 -39.04 40.17 3.58
CA MET B 276 -39.75 40.89 2.53
C MET B 276 -41.22 40.55 2.34
N LEU B 277 -41.99 41.51 1.85
CA LEU B 277 -43.39 41.34 1.45
C LEU B 277 -43.46 41.73 -0.02
N SER B 278 -44.02 40.86 -0.86
CA SER B 278 -44.14 41.13 -2.29
CA SER B 278 -44.15 41.15 -2.28
C SER B 278 -45.62 41.48 -2.61
N GLY B 279 -46.42 40.51 -3.12
CA GLY B 279 -47.83 40.71 -3.41
C GLY B 279 -48.64 41.08 -2.16
N GLU B 280 -48.18 40.68 -0.97
CA GLU B 280 -48.85 40.98 0.29
C GLU B 280 -49.02 42.50 0.48
N THR B 281 -48.04 43.30 -0.02
CA THR B 281 -48.12 44.76 0.11
C THR B 281 -48.36 45.47 -1.22
N ALA B 282 -47.90 44.88 -2.33
CA ALA B 282 -48.07 45.51 -3.63
C ALA B 282 -49.50 45.45 -4.13
N LYS B 283 -50.18 44.31 -3.95
CA LYS B 283 -51.52 44.16 -4.47
C LYS B 283 -52.57 43.60 -3.53
N GLY B 284 -52.17 43.14 -2.37
CA GLY B 284 -53.10 42.52 -1.45
C GLY B 284 -54.15 43.43 -0.85
N ASN B 285 -55.12 42.83 -0.16
CA ASN B 285 -56.19 43.54 0.53
C ASN B 285 -55.77 44.01 1.92
N PHE B 286 -54.64 43.52 2.47
CA PHE B 286 -54.20 43.90 3.82
C PHE B 286 -52.71 44.29 3.87
N PRO B 287 -52.26 45.32 3.12
CA PRO B 287 -50.82 45.67 3.14
C PRO B 287 -50.28 46.12 4.50
N VAL B 288 -51.04 46.91 5.24
CA VAL B 288 -50.60 47.40 6.53
C VAL B 288 -50.55 46.25 7.54
N GLU B 289 -51.56 45.36 7.49
CA GLU B 289 -51.67 44.22 8.38
C GLU B 289 -50.54 43.21 8.15
N ALA B 290 -50.09 43.06 6.89
CA ALA B 290 -49.01 42.18 6.54
C ALA B 290 -47.70 42.71 7.18
N VAL B 291 -47.49 44.05 7.14
CA VAL B 291 -46.33 44.67 7.75
C VAL B 291 -46.38 44.50 9.26
N LYS B 292 -47.56 44.74 9.85
CA LYS B 292 -47.76 44.59 11.30
C LYS B 292 -47.47 43.16 11.77
N MET B 293 -47.85 42.17 10.95
CA MET B 293 -47.66 40.78 11.27
C MET B 293 -46.19 40.41 11.23
N GLN B 294 -45.46 40.87 10.20
CA GLN B 294 -44.02 40.61 10.13
C GLN B 294 -43.29 41.27 11.29
N HIS B 295 -43.73 42.49 11.68
CA HIS B 295 -43.17 43.23 12.81
C HIS B 295 -43.32 42.40 14.09
N ALA B 296 -44.53 41.91 14.36
CA ALA B 296 -44.88 41.12 15.54
C ALA B 296 -44.09 39.81 15.63
N ILE B 297 -44.00 39.07 14.50
CA ILE B 297 -43.26 37.81 14.49
C ILE B 297 -41.76 38.04 14.65
N ALA B 298 -41.19 39.03 13.93
CA ALA B 298 -39.75 39.32 14.06
C ALA B 298 -39.33 39.67 15.48
N ARG B 299 -40.14 40.49 16.20
CA ARG B 299 -39.84 40.81 17.59
C ARG B 299 -39.79 39.56 18.47
N GLU B 300 -40.70 38.59 18.24
CA GLU B 300 -40.74 37.36 19.03
C GLU B 300 -39.56 36.48 18.70
N ALA B 301 -39.24 36.34 17.41
CA ALA B 301 -38.16 35.49 16.92
C ALA B 301 -36.81 35.98 17.30
N GLU B 302 -36.60 37.30 17.34
CA GLU B 302 -35.31 37.86 17.74
C GLU B 302 -35.00 37.55 19.19
N ALA B 303 -36.03 37.59 20.06
CA ALA B 303 -35.82 37.30 21.47
C ALA B 303 -35.45 35.82 21.65
N ALA B 304 -35.98 34.91 20.79
CA ALA B 304 -35.74 33.47 20.85
C ALA B 304 -34.41 33.04 20.22
N VAL B 305 -33.59 33.98 19.72
CA VAL B 305 -32.30 33.65 19.14
C VAL B 305 -31.39 33.19 20.30
N TYR B 306 -30.65 32.09 20.10
CA TYR B 306 -29.76 31.54 21.10
C TYR B 306 -28.41 32.26 21.00
N HIS B 307 -28.33 33.50 21.52
CA HIS B 307 -27.12 34.34 21.44
C HIS B 307 -25.87 33.70 22.01
N ARG B 308 -25.99 32.88 23.06
CA ARG B 308 -24.82 32.25 23.68
C ARG B 308 -24.03 31.43 22.67
N GLN B 309 -24.70 30.57 21.88
CA GLN B 309 -24.01 29.77 20.88
C GLN B 309 -23.65 30.64 19.68
N LEU B 310 -24.58 31.51 19.25
CA LEU B 310 -24.38 32.36 18.08
C LEU B 310 -23.15 33.26 18.19
N PHE B 311 -23.02 34.01 19.29
CA PHE B 311 -21.87 34.89 19.49
C PHE B 311 -20.58 34.09 19.58
N GLU B 312 -20.58 32.96 20.29
CA GLU B 312 -19.38 32.10 20.38
C GLU B 312 -18.97 31.58 19.02
N GLU B 313 -19.93 31.18 18.18
CA GLU B 313 -19.66 30.66 16.85
C GLU B 313 -19.21 31.75 15.89
N LEU B 314 -19.76 32.97 16.00
CA LEU B 314 -19.35 34.09 15.15
C LEU B 314 -17.90 34.46 15.53
N ARG B 315 -17.54 34.44 16.83
CA ARG B 315 -16.18 34.68 17.32
C ARG B 315 -15.19 33.59 16.84
N ARG B 316 -15.58 32.33 16.98
CA ARG B 316 -14.72 31.20 16.59
C ARG B 316 -14.48 31.18 15.07
N ALA B 317 -15.53 31.50 14.29
CA ALA B 317 -15.42 31.48 12.84
C ALA B 317 -14.77 32.69 12.24
N ALA B 318 -14.91 33.86 12.87
CA ALA B 318 -14.33 35.08 12.33
C ALA B 318 -12.80 35.03 12.47
N PRO B 319 -12.09 35.38 11.39
CA PRO B 319 -10.62 35.35 11.47
C PRO B 319 -10.07 36.51 12.30
N LEU B 320 -8.79 36.38 12.71
CA LEU B 320 -8.13 37.46 13.45
C LEU B 320 -8.04 38.71 12.56
N SER B 321 -8.09 39.89 13.18
CA SER B 321 -8.08 41.10 12.37
C SER B 321 -7.18 42.15 12.90
N ARG B 322 -6.52 42.87 11.99
CA ARG B 322 -5.66 43.99 12.40
C ARG B 322 -6.32 45.33 12.03
N ASP B 323 -7.64 45.34 11.71
CA ASP B 323 -8.41 46.53 11.38
C ASP B 323 -9.01 47.05 12.69
N PRO B 324 -8.66 48.27 13.11
CA PRO B 324 -9.20 48.77 14.39
C PRO B 324 -10.72 48.85 14.48
N THR B 325 -11.43 49.05 13.35
CA THR B 325 -12.89 49.10 13.38
C THR B 325 -13.42 47.71 13.75
N GLU B 326 -12.87 46.69 13.11
CA GLU B 326 -13.20 45.29 13.35
C GLU B 326 -12.89 44.87 14.80
N VAL B 327 -11.72 45.24 15.32
CA VAL B 327 -11.28 44.94 16.68
C VAL B 327 -12.16 45.66 17.72
N THR B 328 -12.49 46.93 17.47
CA THR B 328 -13.32 47.70 18.39
C THR B 328 -14.73 47.13 18.44
N ALA B 329 -15.26 46.70 17.28
CA ALA B 329 -16.60 46.15 17.17
C ALA B 329 -16.77 44.90 18.04
N ILE B 330 -15.80 43.97 18.02
CA ILE B 330 -15.93 42.77 18.83
C ILE B 330 -15.77 43.08 20.33
N GLY B 331 -14.89 44.01 20.69
CA GLY B 331 -14.73 44.43 22.07
C GLY B 331 -16.00 45.08 22.60
N ALA B 332 -16.66 45.91 21.76
CA ALA B 332 -17.91 46.60 22.13
C ALA B 332 -19.07 45.63 22.32
N VAL B 333 -19.20 44.61 21.44
CA VAL B 333 -20.27 43.63 21.53
C VAL B 333 -20.05 42.75 22.76
N GLU B 334 -18.79 42.39 23.05
CA GLU B 334 -18.46 41.59 24.22
CA GLU B 334 -18.46 41.59 24.22
C GLU B 334 -18.82 42.37 25.50
N ALA B 335 -18.52 43.68 25.53
CA ALA B 335 -18.81 44.55 26.64
C ALA B 335 -20.32 44.71 26.82
N ALA B 336 -21.07 44.87 25.71
CA ALA B 336 -22.52 44.98 25.74
C ALA B 336 -23.19 43.72 26.35
N PHE B 337 -22.67 42.52 26.03
CA PHE B 337 -23.23 41.29 26.57
C PHE B 337 -22.92 41.16 28.07
N LYS B 338 -21.73 41.59 28.49
CA LYS B 338 -21.28 41.52 29.90
C LYS B 338 -22.18 42.26 30.85
N CYS B 339 -22.68 43.42 30.44
CA CYS B 339 -23.51 44.26 31.30
C CYS B 339 -24.97 44.35 30.88
N CYS B 340 -25.39 43.63 29.84
CA CYS B 340 -26.75 43.70 29.32
C CYS B 340 -27.04 45.14 28.89
N ALA B 341 -26.09 45.75 28.15
CA ALA B 341 -26.18 47.14 27.68
C ALA B 341 -27.45 47.35 26.91
N ALA B 342 -28.12 48.46 27.19
CA ALA B 342 -29.38 48.76 26.53
C ALA B 342 -29.15 49.06 25.05
N ALA B 343 -28.03 49.69 24.72
CA ALA B 343 -27.70 50.05 23.35
C ALA B 343 -26.18 50.21 23.16
N ILE B 344 -25.74 50.24 21.91
CA ILE B 344 -24.39 50.52 21.49
C ILE B 344 -24.57 51.74 20.57
N ILE B 345 -24.11 52.92 20.98
CA ILE B 345 -24.23 54.12 20.15
C ILE B 345 -22.97 54.24 19.32
N VAL B 346 -23.09 54.27 18.00
CA VAL B 346 -21.93 54.33 17.13
C VAL B 346 -22.03 55.52 16.19
N LEU B 347 -20.91 56.24 16.00
CA LEU B 347 -20.86 57.36 15.04
C LEU B 347 -20.37 56.76 13.75
N THR B 348 -21.08 56.99 12.65
CA THR B 348 -20.68 56.42 11.37
C THR B 348 -20.94 57.38 10.20
N THR B 349 -20.06 57.36 9.20
CA THR B 349 -20.21 58.20 8.02
C THR B 349 -20.83 57.37 6.88
N THR B 350 -20.25 56.20 6.60
CA THR B 350 -20.72 55.30 5.55
C THR B 350 -21.66 54.19 6.03
N GLY B 351 -21.74 53.98 7.34
CA GLY B 351 -22.52 52.90 7.94
C GLY B 351 -21.67 51.68 8.29
N ARG B 352 -20.40 51.65 7.84
CA ARG B 352 -19.51 50.51 8.06
C ARG B 352 -19.28 50.14 9.52
N SER B 353 -19.04 51.12 10.41
CA SER B 353 -18.83 50.81 11.83
C SER B 353 -20.06 50.15 12.45
N ALA B 354 -21.27 50.55 12.00
CA ALA B 354 -22.51 49.95 12.51
C ALA B 354 -22.64 48.52 11.95
N GLN B 355 -22.24 48.30 10.69
CA GLN B 355 -22.29 47.00 10.04
C GLN B 355 -21.38 46.02 10.76
N LEU B 356 -20.17 46.44 11.15
CA LEU B 356 -19.23 45.57 11.86
C LEU B 356 -19.70 45.22 13.27
N LEU B 357 -20.54 46.07 13.88
CA LEU B 357 -21.10 45.77 15.19
C LEU B 357 -22.22 44.72 14.98
N SER B 358 -23.10 44.96 13.99
CA SER B 358 -24.23 44.13 13.62
C SER B 358 -23.84 42.66 13.26
N ARG B 359 -22.66 42.44 12.65
CA ARG B 359 -22.24 41.09 12.28
C ARG B 359 -22.03 40.16 13.50
N TYR B 360 -21.80 40.72 14.70
CA TYR B 360 -21.66 39.91 15.91
C TYR B 360 -22.99 39.66 16.63
N ARG B 361 -24.10 40.08 16.02
CA ARG B 361 -25.45 39.93 16.48
C ARG B 361 -25.64 40.29 17.95
N PRO B 362 -25.31 41.54 18.35
CA PRO B 362 -25.56 41.90 19.76
C PRO B 362 -27.06 41.93 20.04
N ARG B 363 -27.42 41.66 21.27
CA ARG B 363 -28.80 41.81 21.72
C ARG B 363 -29.08 43.35 21.88
N ALA B 364 -28.05 44.15 22.26
CA ALA B 364 -28.15 45.61 22.41
C ALA B 364 -28.41 46.28 21.07
N ALA B 365 -29.33 47.24 21.04
CA ALA B 365 -29.64 47.97 19.80
C ALA B 365 -28.41 48.78 19.36
N VAL B 366 -28.12 48.80 18.06
CA VAL B 366 -26.99 49.58 17.56
C VAL B 366 -27.56 50.88 17.04
N ILE B 367 -27.46 51.95 17.83
CA ILE B 367 -27.96 53.26 17.44
C ILE B 367 -26.88 53.96 16.63
N ALA B 368 -27.07 54.08 15.33
CA ALA B 368 -26.06 54.66 14.45
C ALA B 368 -26.35 56.12 14.14
N VAL B 369 -25.51 57.03 14.66
CA VAL B 369 -25.66 58.45 14.43
C VAL B 369 -24.83 58.85 13.22
N THR B 370 -25.48 59.35 12.18
CA THR B 370 -24.80 59.69 10.94
C THR B 370 -25.30 61.01 10.37
N ARG B 371 -24.43 61.70 9.64
CA ARG B 371 -24.81 62.92 8.92
C ARG B 371 -25.26 62.58 7.50
N SER B 372 -24.94 61.37 6.98
CA SER B 372 -25.30 60.94 5.64
C SER B 372 -26.74 60.40 5.61
N ALA B 373 -27.64 61.08 4.89
CA ALA B 373 -29.02 60.60 4.75
C ALA B 373 -29.08 59.27 4.00
N GLN B 374 -28.16 59.05 3.04
CA GLN B 374 -28.09 57.80 2.30
C GLN B 374 -27.64 56.66 3.22
N ALA B 375 -26.62 56.89 4.05
CA ALA B 375 -26.14 55.88 5.00
C ALA B 375 -27.25 55.55 5.99
N ALA B 376 -27.98 56.54 6.49
CA ALA B 376 -29.09 56.32 7.41
C ALA B 376 -30.17 55.39 6.78
N ARG B 377 -30.45 55.52 5.47
CA ARG B 377 -31.41 54.67 4.79
C ARG B 377 -30.84 53.27 4.52
N GLN B 378 -29.59 53.20 4.05
CA GLN B 378 -28.95 51.94 3.72
C GLN B 378 -28.63 51.03 4.91
N VAL B 379 -28.38 51.60 6.12
CA VAL B 379 -28.06 50.76 7.28
C VAL B 379 -29.24 49.89 7.72
N HIS B 380 -30.46 50.13 7.18
CA HIS B 380 -31.62 49.27 7.44
C HIS B 380 -31.35 47.84 6.94
N LEU B 381 -30.40 47.65 5.99
CA LEU B 381 -30.02 46.34 5.49
C LEU B 381 -29.34 45.49 6.60
N CYS B 382 -28.79 46.11 7.65
CA CYS B 382 -28.06 45.44 8.73
C CYS B 382 -28.92 45.25 9.94
N ARG B 383 -29.09 44.00 10.37
CA ARG B 383 -29.94 43.71 11.49
C ARG B 383 -29.51 44.38 12.77
N GLY B 384 -30.46 45.01 13.45
CA GLY B 384 -30.21 45.64 14.74
C GLY B 384 -29.63 47.03 14.70
N VAL B 385 -29.56 47.63 13.52
CA VAL B 385 -29.05 49.00 13.36
C VAL B 385 -30.22 49.98 13.23
N PHE B 386 -30.29 50.95 14.16
CA PHE B 386 -31.30 51.98 14.24
C PHE B 386 -30.69 53.33 13.84
N PRO B 387 -30.95 53.77 12.61
CA PRO B 387 -30.32 55.02 12.13
C PRO B 387 -30.89 56.33 12.65
N LEU B 388 -30.00 57.25 13.06
CA LEU B 388 -30.40 58.60 13.49
C LEU B 388 -29.68 59.58 12.59
N LEU B 389 -30.44 60.35 11.81
CA LEU B 389 -29.84 61.36 10.94
C LEU B 389 -29.61 62.63 11.76
N TYR B 390 -28.35 63.04 11.89
CA TYR B 390 -27.94 64.23 12.62
C TYR B 390 -27.83 65.37 11.61
N ARG B 391 -28.54 66.48 11.85
CA ARG B 391 -28.56 67.58 10.88
C ARG B 391 -27.85 68.86 11.33
N GLU B 392 -27.45 68.93 12.62
CA GLU B 392 -26.79 70.10 13.18
C GLU B 392 -25.50 70.51 12.49
N PRO B 393 -25.23 71.83 12.45
CA PRO B 393 -23.95 72.29 11.85
C PRO B 393 -22.78 71.92 12.77
N PRO B 394 -21.60 71.63 12.18
CA PRO B 394 -20.47 71.21 13.00
C PRO B 394 -19.99 72.23 14.03
N GLU B 395 -19.51 71.75 15.16
CA GLU B 395 -18.91 72.58 16.20
C GLU B 395 -17.49 72.93 15.74
N ALA B 396 -16.93 74.02 16.28
CA ALA B 396 -15.57 74.44 15.95
C ALA B 396 -14.56 73.39 16.45
N ILE B 397 -14.76 72.87 17.67
CA ILE B 397 -13.89 71.83 18.21
C ILE B 397 -14.47 70.46 17.82
N TRP B 398 -13.73 69.67 17.03
CA TRP B 398 -14.17 68.34 16.57
C TRP B 398 -14.65 67.44 17.72
N ALA B 399 -13.88 67.36 18.82
CA ALA B 399 -14.24 66.56 19.98
C ALA B 399 -15.60 66.95 20.58
N ASP B 400 -15.96 68.23 20.51
CA ASP B 400 -17.26 68.70 21.01
C ASP B 400 -18.36 68.30 20.06
N ASP B 401 -18.10 68.32 18.74
CA ASP B 401 -19.06 67.91 17.72
C ASP B 401 -19.38 66.40 17.90
N VAL B 402 -18.34 65.59 18.18
CA VAL B 402 -18.43 64.16 18.45
C VAL B 402 -19.34 63.94 19.66
N ASP B 403 -19.05 64.63 20.79
CA ASP B 403 -19.82 64.56 22.03
C ASP B 403 -21.26 64.98 21.83
N ARG B 404 -21.51 65.97 20.97
CA ARG B 404 -22.87 66.41 20.70
C ARG B 404 -23.66 65.30 20.01
N ARG B 405 -23.02 64.61 19.05
CA ARG B 405 -23.64 63.51 18.32
C ARG B 405 -23.93 62.31 19.22
N VAL B 406 -23.05 62.03 20.21
CA VAL B 406 -23.23 60.95 21.19
C VAL B 406 -24.40 61.32 22.09
N GLN B 407 -24.44 62.57 22.57
CA GLN B 407 -25.55 63.05 23.40
C GLN B 407 -26.87 63.06 22.65
N PHE B 408 -26.84 63.32 21.34
CA PHE B 408 -28.03 63.27 20.48
C PHE B 408 -28.61 61.83 20.47
N GLY B 409 -27.74 60.81 20.48
CA GLY B 409 -28.13 59.41 20.53
C GLY B 409 -28.58 59.00 21.91
N ILE B 410 -27.94 59.53 22.95
CA ILE B 410 -28.33 59.24 24.32
C ILE B 410 -29.67 59.89 24.68
N GLU B 411 -30.02 61.01 24.02
CA GLU B 411 -31.30 61.70 24.24
C GLU B 411 -32.39 61.08 23.43
N SER B 412 -32.14 60.82 22.14
CA SER B 412 -33.14 60.15 21.32
C SER B 412 -33.44 58.72 21.86
N GLY B 413 -32.43 58.07 22.44
CA GLY B 413 -32.56 56.75 23.03
C GLY B 413 -33.35 56.76 24.32
N LYS B 414 -33.06 57.72 25.21
CA LYS B 414 -33.77 57.85 26.49
C LYS B 414 -35.24 58.18 26.20
N LEU B 415 -35.44 59.18 25.34
CA LEU B 415 -36.75 59.67 24.96
C LEU B 415 -37.57 58.69 24.11
N ARG B 416 -36.95 57.74 23.38
CA ARG B 416 -37.74 56.78 22.59
C ARG B 416 -37.80 55.36 23.26
N GLY B 417 -37.64 55.33 24.57
CA GLY B 417 -37.72 54.10 25.36
C GLY B 417 -36.50 53.21 25.39
N PHE B 418 -35.66 53.24 24.32
CA PHE B 418 -34.46 52.42 24.19
C PHE B 418 -33.57 52.44 25.44
N LEU B 419 -33.53 53.58 26.12
CA LEU B 419 -32.65 53.77 27.26
C LEU B 419 -33.38 54.36 28.46
N ARG B 420 -32.87 54.05 29.62
CA ARG B 420 -33.41 54.57 30.87
C ARG B 420 -32.25 54.96 31.83
N VAL B 421 -32.56 55.80 32.82
CA VAL B 421 -31.58 56.17 33.83
C VAL B 421 -31.14 54.91 34.60
N GLY B 422 -29.84 54.75 34.76
CA GLY B 422 -29.29 53.56 35.39
C GLY B 422 -28.77 52.54 34.40
N ASP B 423 -29.19 52.65 33.12
CA ASP B 423 -28.76 51.75 32.06
C ASP B 423 -27.29 51.97 31.72
N LEU B 424 -26.65 50.93 31.17
CA LEU B 424 -25.30 51.03 30.69
C LEU B 424 -25.37 51.03 29.17
N VAL B 425 -24.53 51.84 28.56
CA VAL B 425 -24.47 51.99 27.12
C VAL B 425 -23.00 51.88 26.67
N ILE B 426 -22.78 51.37 25.46
CA ILE B 426 -21.43 51.24 24.93
C ILE B 426 -21.35 52.27 23.81
N VAL B 427 -20.33 53.16 23.84
CA VAL B 427 -20.21 54.21 22.82
C VAL B 427 -19.01 53.97 21.92
N VAL B 428 -19.23 53.84 20.63
CA VAL B 428 -18.18 53.53 19.67
C VAL B 428 -17.88 54.74 18.77
N THR B 429 -16.62 55.26 18.85
CA THR B 429 -16.15 56.47 18.14
C THR B 429 -14.72 56.28 17.55
N GLY B 430 -14.28 57.23 16.74
CA GLY B 430 -12.93 57.21 16.17
C GLY B 430 -12.01 58.22 16.84
N TRP B 431 -10.73 58.22 16.46
CA TRP B 431 -9.74 59.11 17.04
C TRP B 431 -9.52 60.41 16.23
N ARG B 432 -9.83 60.37 14.92
CA ARG B 432 -9.71 61.51 14.03
C ARG B 432 -10.94 61.56 13.12
N PRO B 433 -11.26 62.72 12.51
CA PRO B 433 -12.44 62.78 11.62
C PRO B 433 -12.31 61.89 10.39
N GLY B 434 -13.41 61.71 9.66
CA GLY B 434 -13.42 60.91 8.45
C GLY B 434 -13.70 59.42 8.61
N SER B 435 -14.19 58.80 7.53
CA SER B 435 -14.49 57.39 7.47
C SER B 435 -13.24 56.52 7.68
N GLY B 436 -13.41 55.39 8.39
CA GLY B 436 -12.36 54.40 8.59
C GLY B 436 -11.49 54.48 9.83
N TYR B 437 -11.80 55.38 10.80
CA TYR B 437 -10.90 55.53 11.95
C TYR B 437 -11.46 55.11 13.29
N THR B 438 -12.60 54.37 13.31
CA THR B 438 -13.21 53.89 14.56
C THR B 438 -12.20 53.03 15.35
N ASN B 439 -11.94 53.39 16.60
CA ASN B 439 -10.96 52.64 17.42
C ASN B 439 -11.22 52.77 18.94
N ILE B 440 -12.32 53.38 19.34
CA ILE B 440 -12.60 53.62 20.77
C ILE B 440 -13.96 53.06 21.19
N MET B 441 -13.98 52.46 22.37
CA MET B 441 -15.19 51.94 22.98
CA MET B 441 -15.16 51.90 23.00
C MET B 441 -15.24 52.47 24.42
N ARG B 442 -16.38 53.09 24.79
CA ARG B 442 -16.59 53.65 26.13
C ARG B 442 -17.78 53.04 26.82
N VAL B 443 -17.66 52.75 28.13
CA VAL B 443 -18.79 52.25 28.91
C VAL B 443 -19.36 53.45 29.65
N LEU B 444 -20.60 53.82 29.36
CA LEU B 444 -21.22 54.97 30.00
CA LEU B 444 -21.23 54.97 29.99
C LEU B 444 -22.46 54.59 30.80
N SER B 445 -22.67 55.23 31.97
CA SER B 445 -23.87 54.99 32.78
C SER B 445 -24.88 56.10 32.51
N ILE B 446 -26.12 55.76 32.17
CA ILE B 446 -27.14 56.76 31.87
C ILE B 446 -27.68 57.49 33.10
N SER B 447 -27.66 58.83 33.05
CA SER B 447 -28.17 59.66 34.13
C SER B 447 -29.26 60.63 33.58
N GLU C 21 -31.90 2.02 44.74
CA GLU C 21 -31.06 3.06 44.17
C GLU C 21 -29.59 2.97 44.70
N LEU C 22 -28.81 4.10 44.73
CA LEU C 22 -27.41 4.08 45.18
C LEU C 22 -27.14 4.95 46.43
N GLY C 23 -27.97 5.97 46.66
CA GLY C 23 -27.84 6.84 47.83
C GLY C 23 -27.06 8.13 47.59
N THR C 24 -27.23 9.12 48.49
CA THR C 24 -26.53 10.40 48.38
C THR C 24 -25.03 10.25 48.67
N ALA C 25 -24.69 9.35 49.62
CA ALA C 25 -23.30 9.09 49.99
C ALA C 25 -22.49 8.52 48.84
N PHE C 26 -23.14 7.76 47.93
CA PHE C 26 -22.45 7.20 46.76
C PHE C 26 -22.01 8.34 45.84
N PHE C 27 -22.89 9.32 45.62
CA PHE C 27 -22.62 10.43 44.72
C PHE C 27 -21.69 11.51 45.32
N GLN C 28 -21.32 11.40 46.62
CA GLN C 28 -20.37 12.33 47.22
C GLN C 28 -18.92 11.77 47.12
N GLN C 29 -18.77 10.42 47.02
CA GLN C 29 -17.49 9.72 46.88
C GLN C 29 -16.92 9.80 45.44
N GLN C 30 -15.65 9.35 45.28
CA GLN C 30 -14.84 9.28 44.05
C GLN C 30 -14.98 10.50 43.11
N GLN C 31 -15.00 11.71 43.71
CA GLN C 31 -15.10 13.00 43.03
C GLN C 31 -16.24 13.07 42.03
N LEU C 32 -17.38 12.42 42.34
CA LEU C 32 -18.54 12.41 41.45
C LEU C 32 -19.14 13.82 41.24
N PRO C 33 -19.24 14.72 42.24
CA PRO C 33 -19.69 16.09 41.94
C PRO C 33 -18.77 16.81 40.95
N ALA C 34 -17.43 16.64 41.09
CA ALA C 34 -16.44 17.24 40.18
C ALA C 34 -16.50 16.60 38.78
N ALA C 35 -16.86 15.32 38.70
CA ALA C 35 -16.98 14.60 37.43
C ALA C 35 -18.25 15.01 36.65
N MET C 36 -19.31 15.45 37.37
CA MET C 36 -20.57 15.89 36.76
C MET C 36 -20.51 17.36 36.27
N ALA C 37 -19.44 18.12 36.58
CA ALA C 37 -19.31 19.53 36.22
C ALA C 37 -19.41 19.78 34.73
N ASP C 38 -19.97 20.94 34.34
CA ASP C 38 -20.16 21.30 32.94
C ASP C 38 -18.93 21.90 32.26
N THR C 39 -17.96 22.39 33.06
CA THR C 39 -16.71 22.94 32.54
C THR C 39 -15.54 22.36 33.34
N PHE C 40 -14.33 22.40 32.75
CA PHE C 40 -13.12 21.94 33.42
C PHE C 40 -12.78 22.82 34.64
N LEU C 41 -13.07 24.11 34.54
CA LEU C 41 -12.86 25.07 35.61
C LEU C 41 -13.76 24.73 36.80
N GLU C 42 -15.06 24.44 36.55
CA GLU C 42 -16.02 24.03 37.59
CA GLU C 42 -15.96 24.06 37.64
C GLU C 42 -15.62 22.68 38.20
N HIS C 43 -15.03 21.79 37.36
CA HIS C 43 -14.57 20.48 37.76
C HIS C 43 -13.47 20.64 38.79
N LEU C 44 -12.47 21.52 38.52
CA LEU C 44 -11.39 21.78 39.49
C LEU C 44 -11.95 22.34 40.80
N CYS C 45 -12.87 23.32 40.72
CA CYS C 45 -13.50 23.94 41.87
C CYS C 45 -14.26 22.94 42.75
N LEU C 46 -14.79 21.88 42.15
CA LEU C 46 -15.57 20.89 42.87
C LEU C 46 -14.74 19.73 43.45
N LEU C 47 -13.42 19.70 43.22
CA LEU C 47 -12.57 18.66 43.80
C LEU C 47 -12.62 18.75 45.33
N ASP C 48 -12.79 17.63 46.02
CA ASP C 48 -12.98 17.60 47.47
C ASP C 48 -12.00 16.65 48.12
N ILE C 49 -11.19 17.13 49.09
CA ILE C 49 -10.27 16.24 49.81
C ILE C 49 -11.02 15.21 50.69
N ASP C 50 -12.28 15.50 51.04
CA ASP C 50 -13.09 14.59 51.84
C ASP C 50 -13.83 13.54 50.98
N SER C 51 -13.82 13.69 49.66
CA SER C 51 -14.43 12.73 48.75
C SER C 51 -13.42 11.58 48.58
N GLU C 52 -13.72 10.41 49.18
CA GLU C 52 -12.81 9.28 49.16
C GLU C 52 -12.88 8.43 47.91
N PRO C 53 -11.71 7.97 47.41
CA PRO C 53 -11.72 7.08 46.24
C PRO C 53 -12.28 5.70 46.59
N VAL C 54 -13.22 5.21 45.78
CA VAL C 54 -13.84 3.91 46.01
C VAL C 54 -13.27 2.84 45.09
N ALA C 55 -13.15 3.20 43.79
CA ALA C 55 -12.64 2.34 42.74
C ALA C 55 -11.22 1.80 43.01
N ALA C 56 -10.92 0.62 42.44
CA ALA C 56 -9.60 0.01 42.51
C ALA C 56 -8.61 0.89 41.70
N ARG C 57 -7.33 0.95 42.14
CA ARG C 57 -6.30 1.72 41.47
C ARG C 57 -6.06 1.16 40.07
N SER C 58 -6.17 1.99 39.06
CA SER C 58 -6.10 1.54 37.68
C SER C 58 -4.77 1.83 36.97
N THR C 59 -3.92 2.77 37.45
CA THR C 59 -2.60 3.07 36.84
C THR C 59 -1.60 2.08 37.37
N SER C 60 -0.97 1.26 36.50
CA SER C 60 -0.04 0.24 36.98
C SER C 60 1.25 0.82 37.49
N ILE C 61 1.84 0.13 38.46
CA ILE C 61 3.09 0.55 39.04
C ILE C 61 4.18 -0.40 38.56
N ILE C 62 5.24 0.16 37.95
CA ILE C 62 6.39 -0.62 37.52
C ILE C 62 7.46 -0.38 38.57
N ALA C 63 7.98 -1.44 39.19
CA ALA C 63 9.04 -1.26 40.18
C ALA C 63 10.31 -1.88 39.64
N THR C 64 11.42 -1.10 39.68
CA THR C 64 12.71 -1.64 39.25
C THR C 64 13.26 -2.56 40.36
N ILE C 65 13.55 -3.81 40.02
CA ILE C 65 14.05 -4.78 40.96
C ILE C 65 15.59 -4.73 41.03
N GLY C 66 16.13 -4.57 42.24
CA GLY C 66 17.57 -4.49 42.49
C GLY C 66 17.91 -5.00 43.87
N PRO C 67 19.09 -4.63 44.40
CA PRO C 67 19.49 -5.12 45.73
C PRO C 67 18.47 -4.88 46.86
N ALA C 68 17.78 -3.71 46.83
CA ALA C 68 16.79 -3.36 47.85
C ALA C 68 15.44 -4.07 47.72
N SER C 69 15.20 -4.77 46.60
CA SER C 69 13.90 -5.41 46.35
C SER C 69 14.03 -6.77 45.70
N ARG C 70 15.13 -7.46 45.95
CA ARG C 70 15.43 -8.73 45.30
C ARG C 70 14.94 -9.96 46.01
N SER C 71 14.83 -9.92 47.35
CA SER C 71 14.43 -11.09 48.14
C SER C 71 12.99 -11.49 47.90
N VAL C 72 12.68 -12.80 47.99
CA VAL C 72 11.33 -13.31 47.80
C VAL C 72 10.37 -12.68 48.81
N GLU C 73 10.83 -12.54 50.06
CA GLU C 73 10.02 -11.95 51.12
C GLU C 73 9.73 -10.47 50.86
N ARG C 74 10.72 -9.74 50.36
CA ARG C 74 10.57 -8.32 50.03
C ARG C 74 9.64 -8.15 48.82
N LEU C 75 9.78 -9.01 47.81
CA LEU C 75 8.94 -9.01 46.61
C LEU C 75 7.49 -9.32 46.92
N LYS C 76 7.23 -10.18 47.93
CA LYS C 76 5.86 -10.47 48.36
C LYS C 76 5.23 -9.22 48.95
N GLU C 77 6.00 -8.43 49.70
CA GLU C 77 5.54 -7.18 50.29
C GLU C 77 5.25 -6.13 49.24
N MET C 78 6.06 -6.12 48.15
CA MET C 78 5.87 -5.19 47.04
CA MET C 78 5.87 -5.18 47.04
C MET C 78 4.65 -5.56 46.19
N ILE C 79 4.34 -6.86 46.09
CA ILE C 79 3.16 -7.31 45.37
C ILE C 79 1.93 -6.86 46.15
N LYS C 80 1.96 -7.03 47.50
CA LYS C 80 0.88 -6.60 48.38
C LYS C 80 0.72 -5.06 48.37
N ALA C 81 1.81 -4.33 48.22
CA ALA C 81 1.77 -2.87 48.16
C ALA C 81 1.19 -2.32 46.82
N GLY C 82 1.24 -3.14 45.77
CA GLY C 82 0.71 -2.73 44.47
C GLY C 82 1.56 -2.88 43.23
N MET C 83 2.78 -3.46 43.32
CA MET C 83 3.63 -3.66 42.14
C MET C 83 2.93 -4.58 41.12
N ASN C 84 2.85 -4.10 39.85
CA ASN C 84 2.22 -4.88 38.78
C ASN C 84 3.22 -5.39 37.76
N ILE C 85 4.32 -4.62 37.56
CA ILE C 85 5.34 -4.97 36.60
C ILE C 85 6.69 -4.85 37.28
N ALA C 86 7.53 -5.88 37.13
CA ALA C 86 8.88 -5.89 37.67
C ALA C 86 9.84 -5.51 36.55
N ARG C 87 10.61 -4.42 36.72
CA ARG C 87 11.56 -3.98 35.71
C ARG C 87 12.97 -4.45 36.05
N LEU C 88 13.66 -5.06 35.08
CA LEU C 88 15.04 -5.47 35.24
C LEU C 88 15.90 -4.58 34.37
N ASN C 89 16.75 -3.76 35.00
CA ASN C 89 17.58 -2.82 34.26
C ASN C 89 18.86 -3.47 33.80
N PHE C 90 18.93 -3.80 32.50
CA PHE C 90 20.11 -4.44 31.95
C PHE C 90 21.31 -3.47 31.72
N SER C 91 21.18 -2.23 32.18
CA SER C 91 22.30 -1.30 32.23
C SER C 91 23.21 -1.66 33.44
N HIS C 92 22.73 -2.46 34.42
CA HIS C 92 23.45 -2.89 35.60
C HIS C 92 23.32 -4.41 35.75
N GLY C 93 24.11 -4.99 36.66
CA GLY C 93 24.07 -6.43 36.92
C GLY C 93 24.51 -7.30 35.76
N SER C 94 24.26 -8.59 35.86
CA SER C 94 24.61 -9.55 34.82
C SER C 94 23.37 -10.41 34.46
N HIS C 95 23.50 -11.30 33.45
CA HIS C 95 22.45 -12.23 33.09
C HIS C 95 22.12 -13.15 34.27
N GLU C 96 23.15 -13.60 35.00
CA GLU C 96 22.98 -14.48 36.16
C GLU C 96 22.24 -13.76 37.30
N TYR C 97 22.57 -12.48 37.52
CA TYR C 97 21.96 -11.65 38.54
C TYR C 97 20.47 -11.44 38.23
N HIS C 98 20.15 -11.03 36.99
CA HIS C 98 18.78 -10.80 36.56
C HIS C 98 17.96 -12.08 36.48
N ALA C 99 18.59 -13.23 36.15
CA ALA C 99 17.86 -14.51 36.12
C ALA C 99 17.41 -14.90 37.52
N GLU C 100 18.23 -14.57 38.56
CA GLU C 100 17.89 -14.85 39.96
CA GLU C 100 17.86 -14.86 39.94
C GLU C 100 16.72 -13.95 40.37
N SER C 101 16.77 -12.67 39.98
CA SER C 101 15.70 -11.72 40.28
C SER C 101 14.38 -12.20 39.63
N ILE C 102 14.40 -12.62 38.33
CA ILE C 102 13.24 -13.16 37.61
C ILE C 102 12.65 -14.35 38.37
N ALA C 103 13.52 -15.27 38.81
CA ALA C 103 13.08 -16.45 39.57
C ALA C 103 12.44 -16.08 40.92
N ASN C 104 12.98 -15.06 41.60
CA ASN C 104 12.45 -14.59 42.87
C ASN C 104 11.10 -13.92 42.70
N VAL C 105 10.91 -13.17 41.58
CA VAL C 105 9.63 -12.52 41.28
C VAL C 105 8.59 -13.61 41.06
N ARG C 106 8.91 -14.60 40.21
CA ARG C 106 8.00 -15.73 39.94
C ARG C 106 7.68 -16.55 41.20
N GLU C 107 8.67 -16.71 42.09
CA GLU C 107 8.45 -17.42 43.36
C GLU C 107 7.50 -16.63 44.25
N ALA C 108 7.69 -15.31 44.38
CA ALA C 108 6.83 -14.46 45.19
C ALA C 108 5.41 -14.41 44.63
N VAL C 109 5.26 -14.36 43.29
CA VAL C 109 3.96 -14.33 42.62
C VAL C 109 3.22 -15.64 42.87
N GLU C 110 3.93 -16.78 42.75
CA GLU C 110 3.29 -18.08 42.94
C GLU C 110 2.99 -18.43 44.39
N SER C 111 3.56 -17.69 45.35
CA SER C 111 3.23 -17.90 46.75
C SER C 111 1.77 -17.48 47.11
N PHE C 112 1.06 -16.84 46.18
CA PHE C 112 -0.33 -16.45 46.37
C PHE C 112 -1.27 -17.22 45.42
N ALA C 113 -0.80 -18.32 44.77
CA ALA C 113 -1.63 -19.08 43.84
C ALA C 113 -2.71 -19.94 44.50
N GLY C 114 -2.73 -20.00 45.82
CA GLY C 114 -3.76 -20.76 46.54
C GLY C 114 -4.97 -19.90 46.91
N SER C 115 -4.70 -18.63 47.25
CA SER C 115 -5.69 -17.63 47.64
C SER C 115 -6.14 -16.79 46.44
N PRO C 116 -7.39 -17.00 45.96
CA PRO C 116 -7.87 -16.22 44.81
C PRO C 116 -8.01 -14.70 45.05
N LEU C 117 -8.08 -14.29 46.34
CA LEU C 117 -8.20 -12.90 46.79
C LEU C 117 -6.82 -12.18 46.80
N SER C 118 -5.73 -12.95 46.99
CA SER C 118 -4.39 -12.37 47.02
CA SER C 118 -4.38 -12.40 47.04
C SER C 118 -3.56 -12.63 45.76
N TYR C 119 -3.96 -13.61 44.89
CA TYR C 119 -3.18 -13.87 43.67
C TYR C 119 -3.21 -12.75 42.64
N ARG C 120 -2.03 -12.29 42.21
CA ARG C 120 -1.91 -11.24 41.19
C ARG C 120 -0.78 -11.50 40.19
N PRO C 121 -1.10 -11.60 38.87
CA PRO C 121 -0.03 -11.78 37.87
C PRO C 121 0.88 -10.54 37.83
N VAL C 122 2.18 -10.76 37.69
CA VAL C 122 3.15 -9.66 37.66
C VAL C 122 3.95 -9.80 36.36
N ALA C 123 3.93 -8.79 35.50
CA ALA C 123 4.68 -8.84 34.25
C ALA C 123 6.17 -8.65 34.53
N ILE C 124 7.01 -9.18 33.63
CA ILE C 124 8.45 -9.01 33.75
C ILE C 124 8.97 -8.24 32.57
N ALA C 125 9.59 -7.09 32.82
CA ALA C 125 10.05 -6.21 31.76
C ALA C 125 11.58 -6.09 31.74
N LEU C 126 12.17 -6.15 30.56
CA LEU C 126 13.61 -6.04 30.40
C LEU C 126 13.93 -4.66 29.87
N ASP C 127 14.65 -3.85 30.62
CA ASP C 127 15.05 -2.51 30.15
C ASP C 127 16.46 -2.63 29.55
N THR C 128 16.63 -2.38 28.25
CA THR C 128 17.92 -2.57 27.60
C THR C 128 18.96 -1.50 27.95
N LYS C 129 20.25 -1.83 27.80
CA LYS C 129 21.37 -0.93 28.05
C LYS C 129 21.39 0.23 27.06
N GLY C 130 21.08 -0.05 25.80
CA GLY C 130 21.01 0.98 24.79
C GLY C 130 22.16 0.95 23.79
N PRO C 131 22.04 1.80 22.75
CA PRO C 131 23.09 1.85 21.72
C PRO C 131 24.40 2.51 22.15
N GLY C 134 26.21 4.41 19.72
CA GLY C 134 26.46 3.94 18.34
C GLY C 134 25.20 4.02 17.50
N PRO C 135 25.22 3.57 16.22
CA PRO C 135 24.06 3.69 15.34
C PRO C 135 22.93 2.71 15.66
N GLY C 136 23.00 1.48 15.13
CA GLY C 136 21.90 0.51 15.32
C GLY C 136 21.89 -0.16 16.68
N LEU C 137 21.41 -1.41 16.73
CA LEU C 137 21.29 -2.14 18.00
C LEU C 137 22.69 -2.56 18.46
N SER C 138 23.00 -2.31 19.72
CA SER C 138 24.26 -2.75 20.29
C SER C 138 24.39 -4.25 20.35
N GLU C 139 25.62 -4.76 20.42
CA GLU C 139 25.87 -6.19 20.50
C GLU C 139 25.38 -6.77 21.84
N GLN C 140 25.51 -6.00 22.92
CA GLN C 140 25.06 -6.41 24.23
C GLN C 140 23.52 -6.43 24.25
N ASP C 141 22.85 -5.49 23.56
CA ASP C 141 21.40 -5.48 23.46
C ASP C 141 20.91 -6.71 22.73
N VAL C 142 21.62 -7.18 21.67
CA VAL C 142 21.22 -8.42 20.99
C VAL C 142 21.28 -9.60 21.97
N ARG C 143 22.33 -9.67 22.80
CA ARG C 143 22.49 -10.75 23.75
C ARG C 143 21.47 -10.69 24.87
N ASP C 144 21.15 -9.48 25.33
CA ASP C 144 20.17 -9.24 26.41
C ASP C 144 18.74 -9.50 25.95
N LEU C 145 18.39 -9.08 24.72
CA LEU C 145 17.09 -9.35 24.13
C LEU C 145 16.91 -10.86 23.95
N ARG C 146 17.96 -11.56 23.56
CA ARG C 146 17.92 -13.01 23.43
C ARG C 146 17.71 -13.66 24.80
N PHE C 147 18.32 -13.11 25.86
CA PHE C 147 18.16 -13.57 27.24
C PHE C 147 16.67 -13.45 27.64
N GLY C 148 16.06 -12.33 27.29
CA GLY C 148 14.66 -12.06 27.57
C GLY C 148 13.73 -13.07 26.92
N VAL C 149 13.98 -13.41 25.64
CA VAL C 149 13.19 -14.41 24.94
C VAL C 149 13.34 -15.76 25.65
N GLU C 150 14.58 -16.15 25.98
CA GLU C 150 14.85 -17.42 26.65
C GLU C 150 14.27 -17.51 28.04
N HIS C 151 14.14 -16.38 28.73
CA HIS C 151 13.59 -16.35 30.08
C HIS C 151 12.09 -16.01 30.14
N GLY C 152 11.46 -15.82 28.99
CA GLY C 152 10.03 -15.55 28.92
C GLY C 152 9.57 -14.20 29.41
N VAL C 153 10.34 -13.13 29.16
CA VAL C 153 9.93 -11.80 29.56
C VAL C 153 8.70 -11.37 28.73
N ASP C 154 7.91 -10.47 29.31
CA ASP C 154 6.66 -10.03 28.68
C ASP C 154 6.83 -8.74 27.93
N ILE C 155 7.69 -7.85 28.42
CA ILE C 155 7.87 -6.52 27.85
C ILE C 155 9.36 -6.15 27.70
N VAL C 156 9.68 -5.32 26.71
CA VAL C 156 11.01 -4.80 26.49
C VAL C 156 10.88 -3.29 26.56
N PHE C 157 11.64 -2.65 27.44
CA PHE C 157 11.69 -1.19 27.47
C PHE C 157 12.97 -0.89 26.65
N ALA C 158 12.81 -0.57 25.36
CA ALA C 158 13.98 -0.33 24.49
C ALA C 158 14.56 1.04 24.67
N SER C 159 15.79 1.13 25.24
CA SER C 159 16.47 2.40 25.49
C SER C 159 16.87 3.15 24.22
N PHE C 160 16.87 4.47 24.33
CA PHE C 160 17.27 5.43 23.30
C PHE C 160 16.74 5.14 21.90
N VAL C 161 15.41 4.93 21.76
CA VAL C 161 14.82 4.71 20.45
C VAL C 161 14.78 6.06 19.76
N ARG C 162 15.37 6.20 18.56
CA ARG C 162 15.48 7.48 17.88
C ARG C 162 14.71 7.56 16.58
N LYS C 163 14.42 6.40 15.97
CA LYS C 163 13.73 6.28 14.70
C LYS C 163 13.02 4.92 14.61
N ALA C 164 12.11 4.78 13.63
CA ALA C 164 11.36 3.53 13.46
C ALA C 164 12.25 2.33 13.21
N SER C 165 13.40 2.53 12.54
CA SER C 165 14.32 1.42 12.25
C SER C 165 14.96 0.82 13.50
N ASP C 166 15.04 1.60 14.59
CA ASP C 166 15.54 1.10 15.87
C ASP C 166 14.56 0.07 16.43
N VAL C 167 13.24 0.34 16.30
CA VAL C 167 12.19 -0.56 16.77
C VAL C 167 12.20 -1.84 15.96
N ALA C 168 12.40 -1.72 14.62
CA ALA C 168 12.47 -2.86 13.71
C ALA C 168 13.65 -3.75 14.07
N ALA C 169 14.78 -3.16 14.47
CA ALA C 169 15.96 -3.93 14.87
C ALA C 169 15.68 -4.68 16.16
N VAL C 170 14.97 -4.06 17.14
CA VAL C 170 14.63 -4.74 18.39
C VAL C 170 13.66 -5.89 18.10
N ARG C 171 12.67 -5.64 17.23
CA ARG C 171 11.67 -6.60 16.80
C ARG C 171 12.34 -7.82 16.18
N ALA C 172 13.33 -7.61 15.29
CA ALA C 172 14.10 -8.66 14.63
C ALA C 172 14.92 -9.45 15.65
N ALA C 173 15.53 -8.73 16.61
CA ALA C 173 16.32 -9.37 17.66
C ALA C 173 15.46 -10.25 18.57
N LEU C 174 14.16 -9.92 18.72
CA LEU C 174 13.23 -10.71 19.52
CA LEU C 174 13.27 -10.71 19.54
C LEU C 174 13.00 -12.12 18.95
N GLY C 175 13.74 -12.47 17.89
CA GLY C 175 13.88 -13.75 17.24
C GLY C 175 12.64 -14.49 16.95
N PRO C 176 12.79 -15.78 16.61
CA PRO C 176 11.60 -16.55 16.20
C PRO C 176 10.60 -16.82 17.34
N GLU C 177 11.10 -16.98 18.56
CA GLU C 177 10.25 -17.31 19.69
C GLU C 177 9.68 -16.12 20.43
N GLY C 178 10.04 -14.88 20.09
CA GLY C 178 9.59 -13.75 20.88
C GLY C 178 8.75 -12.69 20.23
N HIS C 179 8.07 -12.97 19.11
CA HIS C 179 7.21 -11.98 18.47
C HIS C 179 6.02 -11.56 19.34
N GLY C 180 5.74 -12.26 20.47
CA GLY C 180 4.69 -11.88 21.40
C GLY C 180 5.07 -10.90 22.50
N ILE C 181 6.37 -10.67 22.70
CA ILE C 181 6.86 -9.70 23.66
C ILE C 181 6.48 -8.30 23.18
N LYS C 182 6.07 -7.41 24.10
CA LYS C 182 5.67 -6.04 23.79
C LYS C 182 6.90 -5.15 23.78
N ILE C 183 7.01 -4.23 22.80
CA ILE C 183 8.14 -3.33 22.73
C ILE C 183 7.67 -1.95 23.06
N ILE C 184 8.10 -1.43 24.19
CA ILE C 184 7.78 -0.09 24.68
C ILE C 184 9.03 0.74 24.40
N SER C 185 8.98 1.66 23.43
CA SER C 185 10.13 2.46 23.04
C SER C 185 10.37 3.60 24.00
N LYS C 186 11.60 3.71 24.52
CA LYS C 186 11.94 4.79 25.43
C LYS C 186 12.39 6.01 24.65
N ILE C 187 11.70 7.13 24.81
CA ILE C 187 12.09 8.37 24.13
C ILE C 187 12.96 9.11 25.13
N GLU C 188 14.28 9.19 24.83
CA GLU C 188 15.26 9.77 25.74
C GLU C 188 16.08 10.92 25.16
N ASN C 189 15.82 11.35 23.91
CA ASN C 189 16.61 12.42 23.30
C ASN C 189 15.80 13.24 22.30
N HIS C 190 16.38 14.33 21.77
CA HIS C 190 15.71 15.21 20.82
C HIS C 190 15.26 14.46 19.56
N GLU C 191 16.09 13.54 19.04
CA GLU C 191 15.72 12.78 17.83
C GLU C 191 14.46 11.90 18.02
N GLY C 192 14.37 11.25 19.17
CA GLY C 192 13.22 10.43 19.51
C GLY C 192 11.95 11.26 19.60
N VAL C 193 12.06 12.48 20.19
CA VAL C 193 10.91 13.38 20.30
C VAL C 193 10.46 13.86 18.92
N LYS C 194 11.43 14.21 18.05
CA LYS C 194 11.12 14.70 16.71
C LYS C 194 10.57 13.62 15.78
N ARG C 195 11.06 12.38 15.94
CA ARG C 195 10.56 11.28 15.13
C ARG C 195 9.51 10.44 15.88
N PHE C 196 8.84 11.02 16.90
CA PHE C 196 7.85 10.36 17.73
C PHE C 196 6.75 9.62 16.97
N ASP C 197 6.11 10.26 15.99
CA ASP C 197 5.01 9.63 15.24
C ASP C 197 5.39 8.33 14.54
N GLU C 198 6.60 8.30 13.95
CA GLU C 198 7.04 7.10 13.27
C GLU C 198 7.43 6.00 14.25
N ILE C 199 7.90 6.37 15.44
CA ILE C 199 8.28 5.42 16.46
C ILE C 199 7.02 4.80 17.08
N LEU C 200 6.03 5.64 17.43
CA LEU C 200 4.79 5.18 18.02
C LEU C 200 4.05 4.25 17.06
N GLU C 201 4.06 4.57 15.76
CA GLU C 201 3.41 3.75 14.74
C GLU C 201 3.89 2.29 14.73
N VAL C 202 5.19 2.07 14.94
CA VAL C 202 5.76 0.72 14.92
C VAL C 202 5.98 0.11 16.31
N SER C 203 5.74 0.88 17.40
CA SER C 203 5.93 0.37 18.76
C SER C 203 4.62 -0.07 19.38
N ASP C 204 4.69 -0.91 20.41
CA ASP C 204 3.48 -1.31 21.16
C ASP C 204 3.08 -0.21 22.17
N GLY C 205 4.03 0.65 22.55
CA GLY C 205 3.83 1.73 23.49
C GLY C 205 5.09 2.56 23.66
N ILE C 206 5.04 3.54 24.55
CA ILE C 206 6.11 4.49 24.78
C ILE C 206 6.43 4.66 26.26
N MET C 207 7.69 4.95 26.57
CA MET C 207 8.11 5.29 27.90
C MET C 207 8.74 6.70 27.82
N VAL C 208 8.25 7.64 28.63
CA VAL C 208 8.80 8.99 28.69
C VAL C 208 9.92 8.87 29.70
N ALA C 209 11.14 8.60 29.20
CA ALA C 209 12.35 8.38 29.98
C ALA C 209 12.95 9.75 30.34
N ARG C 210 12.39 10.39 31.39
CA ARG C 210 12.73 11.77 31.77
C ARG C 210 14.15 12.00 32.25
N GLY C 211 14.84 10.97 32.74
CA GLY C 211 16.23 11.10 33.18
C GLY C 211 17.16 11.56 32.07
N ASP C 212 17.30 10.74 31.03
CA ASP C 212 18.12 11.11 29.88
C ASP C 212 17.51 12.25 29.09
N LEU C 213 16.18 12.29 28.96
CA LEU C 213 15.52 13.34 28.21
C LEU C 213 15.84 14.73 28.80
N GLY C 214 15.89 14.82 30.13
CA GLY C 214 16.21 16.05 30.87
C GLY C 214 17.65 16.51 30.73
N ILE C 215 18.53 15.63 30.21
CA ILE C 215 19.95 15.92 29.93
C ILE C 215 20.10 16.26 28.43
N GLU C 216 19.37 15.53 27.55
CA GLU C 216 19.42 15.69 26.10
C GLU C 216 18.74 16.96 25.59
N ILE C 217 17.68 17.38 26.26
CA ILE C 217 16.93 18.61 25.94
C ILE C 217 16.93 19.49 27.19
N PRO C 218 16.64 20.80 27.09
CA PRO C 218 16.57 21.63 28.31
C PRO C 218 15.58 21.06 29.32
N ALA C 219 15.97 21.02 30.59
CA ALA C 219 15.16 20.45 31.66
C ALA C 219 13.75 21.05 31.73
N GLU C 220 13.64 22.36 31.45
CA GLU C 220 12.37 23.06 31.50
C GLU C 220 11.43 22.73 30.32
N LYS C 221 11.87 21.91 29.36
CA LYS C 221 11.04 21.49 28.21
C LYS C 221 10.51 20.04 28.36
N VAL C 222 11.04 19.24 29.31
CA VAL C 222 10.63 17.86 29.51
C VAL C 222 9.11 17.71 29.71
N PHE C 223 8.48 18.60 30.50
CA PHE C 223 7.05 18.54 30.73
C PHE C 223 6.24 18.64 29.41
N LEU C 224 6.74 19.40 28.42
CA LEU C 224 6.08 19.55 27.12
C LEU C 224 6.14 18.24 26.38
N ALA C 225 7.30 17.56 26.41
CA ALA C 225 7.52 16.29 25.75
C ALA C 225 6.67 15.21 26.41
N GLN C 226 6.59 15.21 27.75
CA GLN C 226 5.77 14.23 28.48
C GLN C 226 4.27 14.36 28.12
N LYS C 227 3.72 15.57 28.25
CA LYS C 227 2.32 15.81 27.97
C LYS C 227 1.98 15.54 26.49
N MET C 228 2.90 15.85 25.56
CA MET C 228 2.67 15.62 24.14
C MET C 228 2.63 14.13 23.83
N MET C 229 3.64 13.39 24.32
CA MET C 229 3.72 11.95 24.10
C MET C 229 2.56 11.21 24.75
N ILE C 230 2.15 11.59 25.98
CA ILE C 230 1.03 10.94 26.64
C ILE C 230 -0.27 11.17 25.85
N GLY C 231 -0.47 12.39 25.41
CA GLY C 231 -1.65 12.73 24.61
C GLY C 231 -1.73 11.94 23.32
N ARG C 232 -0.59 11.83 22.60
CA ARG C 232 -0.55 11.10 21.33
C ARG C 232 -0.77 9.63 21.52
N CYS C 233 -0.25 9.07 22.63
CA CYS C 233 -0.43 7.65 22.95
C CYS C 233 -1.88 7.38 23.29
N ASN C 234 -2.55 8.30 24.00
CA ASN C 234 -3.95 8.17 24.35
C ASN C 234 -4.79 8.19 23.08
N LEU C 235 -4.45 9.06 22.12
CA LEU C 235 -5.10 9.19 20.82
C LEU C 235 -4.94 7.89 20.03
N ALA C 236 -3.73 7.33 20.02
CA ALA C 236 -3.38 6.09 19.34
C ALA C 236 -3.92 4.84 20.02
N GLY C 237 -4.27 4.94 21.30
CA GLY C 237 -4.74 3.79 22.08
C GLY C 237 -3.62 2.85 22.44
N LYS C 238 -2.41 3.39 22.65
CA LYS C 238 -1.24 2.59 23.00
C LYS C 238 -0.71 2.97 24.39
N PRO C 239 -0.22 2.00 25.18
CA PRO C 239 0.26 2.33 26.52
C PRO C 239 1.43 3.31 26.59
N VAL C 240 1.39 4.20 27.58
CA VAL C 240 2.43 5.17 27.80
C VAL C 240 2.85 5.11 29.27
N VAL C 241 4.16 5.03 29.53
CA VAL C 241 4.71 4.96 30.88
C VAL C 241 5.35 6.29 31.24
N CYS C 242 5.12 6.81 32.44
CA CYS C 242 5.82 8.00 32.90
C CYS C 242 6.91 7.51 33.84
N ALA C 243 8.16 7.87 33.57
CA ALA C 243 9.28 7.34 34.33
C ALA C 243 10.25 8.40 34.82
N THR C 244 11.03 8.03 35.89
CA THR C 244 12.23 8.65 36.46
C THR C 244 12.00 9.83 37.38
N GLN C 245 12.53 9.68 38.63
CA GLN C 245 12.56 10.66 39.71
C GLN C 245 11.20 11.06 40.23
N MET C 246 10.17 10.20 40.03
CA MET C 246 8.82 10.51 40.50
C MET C 246 8.73 10.69 42.01
N LEU C 247 9.42 9.82 42.78
CA LEU C 247 9.46 9.93 44.24
C LEU C 247 10.93 9.81 44.70
N GLU C 248 11.85 10.47 43.97
CA GLU C 248 13.30 10.40 44.17
C GLU C 248 13.77 10.49 45.62
N SER C 249 13.28 11.50 46.36
CA SER C 249 13.64 11.68 47.77
C SER C 249 13.35 10.45 48.66
N MET C 250 12.43 9.58 48.23
CA MET C 250 12.13 8.37 48.98
C MET C 250 13.22 7.29 48.88
N ILE C 251 14.30 7.54 48.16
CA ILE C 251 15.45 6.64 48.15
C ILE C 251 16.09 6.64 49.58
N THR C 252 16.09 7.81 50.24
CA THR C 252 16.64 7.95 51.58
C THR C 252 15.60 8.33 52.66
N LYS C 253 14.50 9.01 52.28
CA LYS C 253 13.49 9.49 53.24
C LYS C 253 12.17 8.69 53.21
N PRO C 254 11.47 8.50 54.34
CA PRO C 254 10.25 7.66 54.32
C PRO C 254 9.01 8.32 53.70
N ARG C 255 9.07 9.64 53.45
CA ARG C 255 7.97 10.39 52.87
C ARG C 255 8.50 11.23 51.71
N PRO C 256 7.70 11.41 50.64
CA PRO C 256 8.18 12.23 49.51
C PRO C 256 7.95 13.74 49.70
N THR C 257 8.48 14.55 48.78
CA THR C 257 8.28 15.99 48.83
C THR C 257 6.92 16.36 48.20
N ARG C 258 6.49 17.62 48.38
CA ARG C 258 5.26 18.12 47.80
C ARG C 258 5.31 18.10 46.28
N ALA C 259 6.50 18.29 45.68
CA ALA C 259 6.67 18.27 44.24
C ALA C 259 6.54 16.86 43.68
N GLU C 260 7.00 15.86 44.44
CA GLU C 260 6.95 14.46 44.05
C GLU C 260 5.53 13.88 44.03
N THR C 261 4.72 14.13 45.07
CA THR C 261 3.35 13.65 45.07
C THR C 261 2.55 14.33 43.95
N SER C 262 2.83 15.61 43.71
CA SER C 262 2.22 16.40 42.66
C SER C 262 2.60 15.80 41.29
N ASP C 263 3.88 15.45 41.10
CA ASP C 263 4.35 14.84 39.87
C ASP C 263 3.63 13.53 39.56
N VAL C 264 3.49 12.64 40.56
CA VAL C 264 2.79 11.37 40.36
C VAL C 264 1.32 11.62 39.97
N ALA C 265 0.64 12.50 40.71
CA ALA C 265 -0.75 12.81 40.44
C ALA C 265 -0.93 13.41 39.05
N ASN C 266 0.00 14.29 38.63
CA ASN C 266 -0.09 14.93 37.33
C ASN C 266 0.21 14.00 36.18
N ALA C 267 1.05 12.97 36.38
CA ALA C 267 1.32 11.98 35.34
C ALA C 267 0.02 11.17 35.07
N VAL C 268 -0.71 10.81 36.15
CA VAL C 268 -1.99 10.12 36.06
C VAL C 268 -3.04 11.05 35.37
N LEU C 269 -3.12 12.31 35.81
CA LEU C 269 -4.04 13.27 35.18
C LEU C 269 -3.71 13.52 33.70
N ASP C 270 -2.40 13.48 33.32
CA ASP C 270 -1.96 13.64 31.92
C ASP C 270 -2.51 12.52 31.05
N GLY C 271 -2.64 11.31 31.61
CA GLY C 271 -3.14 10.17 30.88
C GLY C 271 -2.20 8.98 30.84
N ALA C 272 -1.21 8.92 31.74
CA ALA C 272 -0.26 7.80 31.76
C ALA C 272 -0.94 6.49 32.15
N ASP C 273 -0.63 5.43 31.41
CA ASP C 273 -1.14 4.11 31.72
C ASP C 273 -0.36 3.51 32.89
N CYS C 274 0.95 3.75 32.95
CA CYS C 274 1.83 3.24 33.99
C CYS C 274 2.67 4.34 34.58
N ILE C 275 3.06 4.15 35.83
CA ILE C 275 4.00 5.04 36.52
C ILE C 275 5.14 4.13 37.02
N MET C 276 6.36 4.67 37.06
CA MET C 276 7.52 3.85 37.38
C MET C 276 8.32 4.32 38.58
N LEU C 277 9.01 3.35 39.23
CA LEU C 277 9.94 3.58 40.31
C LEU C 277 11.27 3.00 39.86
N SER C 278 12.35 3.78 39.95
CA SER C 278 13.68 3.29 39.56
C SER C 278 14.56 3.05 40.80
N GLY C 279 15.38 4.02 41.19
CA GLY C 279 16.21 3.95 42.38
C GLY C 279 15.41 3.80 43.66
N GLU C 280 14.18 4.34 43.68
CA GLU C 280 13.26 4.26 44.82
C GLU C 280 13.02 2.82 45.23
N THR C 281 12.99 1.88 44.28
CA THR C 281 12.78 0.46 44.60
C THR C 281 14.03 -0.41 44.39
N ALA C 282 14.90 -0.03 43.44
CA ALA C 282 16.09 -0.83 43.16
C ALA C 282 17.16 -0.72 44.25
N LYS C 283 17.39 0.50 44.78
CA LYS C 283 18.48 0.70 45.73
C LYS C 283 18.10 1.46 47.00
N GLY C 284 16.93 2.08 47.05
CA GLY C 284 16.53 2.86 48.21
C GLY C 284 16.27 2.10 49.49
N ASN C 285 16.07 2.85 50.57
CA ASN C 285 15.79 2.32 51.90
C ASN C 285 14.30 2.06 52.15
N PHE C 286 13.41 2.57 51.25
CA PHE C 286 11.97 2.39 51.42
C PHE C 286 11.28 1.91 50.14
N PRO C 287 11.66 0.74 49.59
CA PRO C 287 11.02 0.28 48.34
C PRO C 287 9.52 -0.01 48.45
N VAL C 288 9.09 -0.63 49.55
CA VAL C 288 7.69 -0.97 49.75
C VAL C 288 6.85 0.30 49.95
N GLU C 289 7.39 1.26 50.69
CA GLU C 289 6.75 2.52 50.99
C GLU C 289 6.59 3.39 49.74
N ALA C 290 7.58 3.31 48.82
CA ALA C 290 7.53 4.04 47.56
C ALA C 290 6.36 3.49 46.70
N VAL C 291 6.19 2.16 46.68
CA VAL C 291 5.10 1.52 45.94
C VAL C 291 3.76 1.94 46.56
N LYS C 292 3.68 1.90 47.90
CA LYS C 292 2.48 2.27 48.64
C LYS C 292 2.08 3.71 48.36
N MET C 293 3.07 4.60 48.24
CA MET C 293 2.85 6.00 47.98
C MET C 293 2.31 6.23 46.57
N GLN C 294 2.89 5.55 45.57
CA GLN C 294 2.39 5.67 44.21
C GLN C 294 0.97 5.12 44.10
N HIS C 295 0.70 4.01 44.81
CA HIS C 295 -0.62 3.42 44.85
C HIS C 295 -1.65 4.44 45.39
N ALA C 296 -1.36 5.06 46.53
CA ALA C 296 -2.21 6.05 47.20
C ALA C 296 -2.48 7.29 46.35
N ILE C 297 -1.44 7.84 45.70
CA ILE C 297 -1.61 9.02 44.87
C ILE C 297 -2.42 8.70 43.59
N ALA C 298 -2.10 7.57 42.92
CA ALA C 298 -2.80 7.20 41.69
C ALA C 298 -4.29 7.01 41.92
N ARG C 299 -4.71 6.39 43.06
CA ARG C 299 -6.14 6.23 43.35
C ARG C 299 -6.84 7.57 43.46
N GLU C 300 -6.18 8.55 44.10
CA GLU C 300 -6.73 9.88 44.28
C GLU C 300 -6.84 10.60 42.95
N ALA C 301 -5.78 10.52 42.13
CA ALA C 301 -5.71 11.20 40.85
C ALA C 301 -6.67 10.62 39.83
N GLU C 302 -6.90 9.31 39.85
CA GLU C 302 -7.84 8.68 38.93
C GLU C 302 -9.28 9.13 39.19
N ALA C 303 -9.66 9.31 40.47
CA ALA C 303 -10.99 9.79 40.80
C ALA C 303 -11.17 11.26 40.32
N ALA C 304 -10.09 12.06 40.32
CA ALA C 304 -10.11 13.45 39.89
C ALA C 304 -10.04 13.65 38.37
N VAL C 305 -10.01 12.57 37.59
CA VAL C 305 -10.00 12.68 36.14
C VAL C 305 -11.37 13.22 35.68
N TYR C 306 -11.37 14.21 34.76
CA TYR C 306 -12.59 14.82 34.25
C TYR C 306 -13.09 13.99 33.07
N HIS C 307 -13.71 12.85 33.35
CA HIS C 307 -14.19 11.91 32.34
C HIS C 307 -15.16 12.51 31.32
N ARG C 308 -15.98 13.48 31.71
CA ARG C 308 -16.95 14.09 30.80
C ARG C 308 -16.27 14.69 29.56
N GLN C 309 -15.21 15.47 29.76
CA GLN C 309 -14.49 16.04 28.64
C GLN C 309 -13.60 15.00 27.98
N LEU C 310 -12.89 14.17 28.79
CA LEU C 310 -11.99 13.14 28.30
C LEU C 310 -12.67 12.15 27.35
N PHE C 311 -13.79 11.55 27.76
CA PHE C 311 -14.50 10.60 26.93
C PHE C 311 -15.02 11.26 25.65
N GLU C 312 -15.57 12.47 25.75
CA GLU C 312 -16.08 13.19 24.58
C GLU C 312 -14.96 13.50 23.59
N GLU C 313 -13.78 13.87 24.11
CA GLU C 313 -12.65 14.20 23.26
C GLU C 313 -12.02 12.96 22.64
N LEU C 314 -11.94 11.84 23.39
CA LEU C 314 -11.41 10.58 22.88
C LEU C 314 -12.31 10.10 21.74
N ARG C 315 -13.62 10.19 21.95
CA ARG C 315 -14.65 9.85 21.00
C ARG C 315 -14.53 10.72 19.74
N ARG C 316 -14.53 12.05 19.89
CA ARG C 316 -14.46 12.99 18.77
C ARG C 316 -13.16 12.85 17.97
N ALA C 317 -12.03 12.61 18.66
CA ALA C 317 -10.75 12.47 17.99
C ALA C 317 -10.54 11.12 17.31
N ALA C 318 -11.12 10.03 17.88
CA ALA C 318 -10.95 8.71 17.30
C ALA C 318 -11.68 8.65 15.97
N PRO C 319 -11.03 8.10 14.94
CA PRO C 319 -11.70 8.03 13.63
C PRO C 319 -12.79 6.98 13.62
N LEU C 320 -13.68 7.06 12.61
CA LEU C 320 -14.72 6.05 12.46
C LEU C 320 -14.08 4.71 12.16
N SER C 321 -14.72 3.63 12.64
CA SER C 321 -14.12 2.32 12.50
C SER C 321 -15.09 1.29 12.02
N ARG C 322 -14.62 0.40 11.17
CA ARG C 322 -15.42 -0.71 10.72
C ARG C 322 -14.95 -2.03 11.37
N ASP C 323 -14.14 -1.96 12.44
CA ASP C 323 -13.68 -3.12 13.19
C ASP C 323 -14.67 -3.38 14.34
N PRO C 324 -15.33 -4.53 14.35
CA PRO C 324 -16.31 -4.80 15.41
C PRO C 324 -15.79 -4.72 16.83
N THR C 325 -14.49 -5.02 17.08
CA THR C 325 -13.93 -4.93 18.42
C THR C 325 -13.91 -3.47 18.85
N GLU C 326 -13.44 -2.59 17.96
CA GLU C 326 -13.37 -1.16 18.24
CA GLU C 326 -13.38 -1.16 18.22
C GLU C 326 -14.79 -0.56 18.41
N VAL C 327 -15.76 -0.95 17.58
CA VAL C 327 -17.15 -0.48 17.67
C VAL C 327 -17.82 -0.99 18.98
N THR C 328 -17.60 -2.28 19.34
CA THR C 328 -18.15 -2.84 20.57
C THR C 328 -17.57 -2.14 21.80
N ALA C 329 -16.29 -1.84 21.77
CA ALA C 329 -15.59 -1.21 22.87
C ALA C 329 -16.17 0.15 23.20
N ILE C 330 -16.45 0.99 22.18
CA ILE C 330 -17.01 2.31 22.46
C ILE C 330 -18.47 2.21 22.95
N GLY C 331 -19.24 1.28 22.40
CA GLY C 331 -20.60 1.03 22.86
C GLY C 331 -20.62 0.57 24.30
N ALA C 332 -19.68 -0.32 24.70
CA ALA C 332 -19.59 -0.84 26.06
C ALA C 332 -19.20 0.22 27.06
N VAL C 333 -18.26 1.09 26.72
CA VAL C 333 -17.80 2.18 27.60
C VAL C 333 -18.94 3.22 27.75
N GLU C 334 -19.68 3.50 26.68
CA GLU C 334 -20.83 4.41 26.73
CA GLU C 334 -20.83 4.41 26.73
C GLU C 334 -21.89 3.85 27.67
N ALA C 335 -22.17 2.55 27.56
CA ALA C 335 -23.14 1.86 28.39
C ALA C 335 -22.69 1.84 29.86
N ALA C 336 -21.39 1.63 30.12
CA ALA C 336 -20.85 1.62 31.47
C ALA C 336 -21.03 2.98 32.15
N PHE C 337 -20.84 4.08 31.42
CA PHE C 337 -21.02 5.42 31.97
C PHE C 337 -22.51 5.71 32.25
N LYS C 338 -23.42 5.25 31.38
CA LYS C 338 -24.85 5.45 31.52
C LYS C 338 -25.44 4.87 32.79
N CYS C 339 -24.94 3.69 33.25
CA CYS C 339 -25.47 3.06 34.45
C CYS C 339 -24.52 3.04 35.62
N CYS C 340 -23.33 3.69 35.51
CA CYS C 340 -22.29 3.63 36.53
C CYS C 340 -21.93 2.16 36.84
N ALA C 341 -21.69 1.37 35.76
CA ALA C 341 -21.36 -0.05 35.81
C ALA C 341 -20.24 -0.27 36.80
N ALA C 342 -20.38 -1.30 37.66
CA ALA C 342 -19.34 -1.58 38.63
C ALA C 342 -18.10 -2.08 37.92
N ALA C 343 -18.26 -2.79 36.79
CA ALA C 343 -17.14 -3.31 36.02
C ALA C 343 -17.59 -3.61 34.58
N ILE C 344 -16.61 -3.77 33.64
CA ILE C 344 -16.78 -4.24 32.26
C ILE C 344 -15.99 -5.54 32.22
N ILE C 345 -16.65 -6.68 32.09
CA ILE C 345 -15.97 -7.97 32.05
C ILE C 345 -15.76 -8.34 30.60
N VAL C 346 -14.50 -8.51 30.18
CA VAL C 346 -14.19 -8.82 28.80
C VAL C 346 -13.40 -10.11 28.69
N LEU C 347 -13.76 -10.96 27.75
CA LEU C 347 -13.04 -12.19 27.47
C LEU C 347 -12.03 -11.81 26.38
N THR C 348 -10.74 -12.10 26.61
CA THR C 348 -9.69 -11.72 25.66
C THR C 348 -8.57 -12.75 25.68
N THR C 349 -8.07 -13.20 24.52
CA THR C 349 -6.97 -14.16 24.48
C THR C 349 -5.61 -13.48 24.30
N THR C 350 -5.58 -12.41 23.53
CA THR C 350 -4.37 -11.65 23.29
C THR C 350 -4.30 -10.38 24.15
N GLY C 351 -5.43 -9.93 24.75
CA GLY C 351 -5.50 -8.69 25.52
C GLY C 351 -6.01 -7.53 24.72
N ARG C 352 -6.18 -7.70 23.39
CA ARG C 352 -6.63 -6.62 22.51
C ARG C 352 -8.00 -6.04 22.83
N SER C 353 -9.01 -6.89 23.05
CA SER C 353 -10.35 -6.39 23.41
C SER C 353 -10.31 -5.51 24.72
N ALA C 354 -9.45 -5.90 25.70
CA ALA C 354 -9.33 -5.13 26.94
C ALA C 354 -8.61 -3.80 26.65
N GLN C 355 -7.63 -3.81 25.73
CA GLN C 355 -6.89 -2.61 25.36
C GLN C 355 -7.80 -1.60 24.70
N LEU C 356 -8.69 -2.08 23.79
CA LEU C 356 -9.61 -1.20 23.10
C LEU C 356 -10.67 -0.61 24.04
N LEU C 357 -10.97 -1.28 25.16
CA LEU C 357 -11.90 -0.75 26.14
C LEU C 357 -11.17 0.36 26.92
N SER C 358 -9.96 0.06 27.38
CA SER C 358 -9.07 0.92 28.13
C SER C 358 -8.78 2.26 27.44
N ARG C 359 -8.68 2.30 26.09
CA ARG C 359 -8.40 3.53 25.36
C ARG C 359 -9.48 4.61 25.51
N TYR C 360 -10.72 4.20 25.86
CA TYR C 360 -11.81 5.16 26.10
C TYR C 360 -11.91 5.62 27.55
N ARG C 361 -10.97 5.22 28.39
CA ARG C 361 -10.85 5.58 29.77
C ARG C 361 -12.15 5.46 30.56
N PRO C 362 -12.75 4.26 30.62
CA PRO C 362 -13.97 4.12 31.42
C PRO C 362 -13.65 4.27 32.91
N ARG C 363 -14.61 4.74 33.67
CA ARG C 363 -14.48 4.80 35.13
C ARG C 363 -14.67 3.33 35.68
N ALA C 364 -15.35 2.43 34.93
CA ALA C 364 -15.52 1.06 35.38
C ALA C 364 -14.23 0.24 35.24
N ALA C 365 -13.97 -0.70 36.15
CA ALA C 365 -12.82 -1.58 36.05
C ALA C 365 -13.02 -2.50 34.89
N VAL C 366 -11.96 -2.73 34.10
CA VAL C 366 -12.05 -3.64 32.97
C VAL C 366 -11.49 -4.95 33.46
N ILE C 367 -12.35 -5.91 33.81
CA ILE C 367 -11.93 -7.20 34.29
C ILE C 367 -11.71 -8.11 33.08
N ALA C 368 -10.44 -8.41 32.76
CA ALA C 368 -10.14 -9.20 31.59
C ALA C 368 -9.91 -10.65 31.94
N VAL C 369 -10.78 -11.52 31.47
CA VAL C 369 -10.66 -12.94 31.76
C VAL C 369 -9.95 -13.59 30.56
N THR C 370 -8.84 -14.29 30.84
CA THR C 370 -8.09 -14.91 29.76
C THR C 370 -7.50 -16.23 30.14
N ARG C 371 -7.33 -17.14 29.16
CA ARG C 371 -6.58 -18.40 29.36
C ARG C 371 -5.09 -18.19 29.15
N SER C 372 -4.66 -17.03 28.64
CA SER C 372 -3.25 -16.72 28.41
C SER C 372 -2.54 -16.04 29.56
N ALA C 373 -1.62 -16.77 30.21
CA ALA C 373 -0.80 -16.20 31.31
C ALA C 373 0.00 -14.99 30.86
N GLN C 374 0.52 -15.00 29.61
CA GLN C 374 1.29 -13.87 29.08
C GLN C 374 0.39 -12.65 28.88
N ALA C 375 -0.79 -12.84 28.28
CA ALA C 375 -1.75 -11.75 28.08
C ALA C 375 -2.16 -11.17 29.44
N ALA C 376 -2.42 -12.01 30.45
CA ALA C 376 -2.76 -11.55 31.77
C ALA C 376 -1.67 -10.66 32.38
N ARG C 377 -0.38 -10.98 32.15
CA ARG C 377 0.71 -10.14 32.64
C ARG C 377 0.86 -8.86 31.83
N GLN C 378 0.78 -8.96 30.49
CA GLN C 378 0.97 -7.82 29.61
C GLN C 378 -0.14 -6.78 29.67
N VAL C 379 -1.38 -7.18 30.00
CA VAL C 379 -2.48 -6.19 30.05
C VAL C 379 -2.32 -5.20 31.19
N HIS C 380 -1.34 -5.40 32.11
CA HIS C 380 -1.01 -4.42 33.12
C HIS C 380 -0.54 -3.11 32.47
N LEU C 381 -0.06 -3.15 31.21
CA LEU C 381 0.36 -1.95 30.48
C LEU C 381 -0.81 -1.01 30.18
N CYS C 382 -2.05 -1.51 30.17
CA CYS C 382 -3.26 -0.74 29.87
C CYS C 382 -3.98 -0.30 31.13
N ARG C 383 -4.17 1.01 31.29
CA ARG C 383 -4.84 1.55 32.46
C ARG C 383 -6.26 1.04 32.67
N GLY C 384 -6.53 0.60 33.88
CA GLY C 384 -7.84 0.11 34.29
C GLY C 384 -8.14 -1.31 33.92
N VAL C 385 -7.13 -2.07 33.46
CA VAL C 385 -7.33 -3.48 33.09
C VAL C 385 -6.88 -4.37 34.20
N PHE C 386 -7.82 -5.16 34.76
CA PHE C 386 -7.53 -6.00 35.92
C PHE C 386 -7.62 -7.40 35.45
N PRO C 387 -6.47 -8.06 35.19
CA PRO C 387 -6.52 -9.42 34.60
C PRO C 387 -6.84 -10.58 35.52
N LEU C 388 -7.51 -11.60 34.98
CA LEU C 388 -7.84 -12.82 35.70
C LEU C 388 -7.44 -13.96 34.81
N LEU C 389 -6.45 -14.75 35.22
CA LEU C 389 -6.04 -15.93 34.44
C LEU C 389 -7.01 -17.09 34.75
N TYR C 390 -7.59 -17.68 33.72
CA TYR C 390 -8.56 -18.73 33.86
C TYR C 390 -7.94 -20.02 33.35
N ARG C 391 -7.99 -21.10 34.13
CA ARG C 391 -7.34 -22.35 33.75
C ARG C 391 -8.23 -23.57 33.83
N GLU C 392 -9.55 -23.39 33.89
CA GLU C 392 -10.47 -24.51 33.92
C GLU C 392 -10.42 -25.24 32.58
N PRO C 393 -10.72 -26.56 32.56
CA PRO C 393 -10.76 -27.25 31.27
C PRO C 393 -11.93 -26.77 30.42
N PRO C 394 -11.73 -26.68 29.08
CA PRO C 394 -12.82 -26.18 28.21
C PRO C 394 -14.06 -27.02 28.23
N GLU C 395 -15.24 -26.38 28.14
CA GLU C 395 -16.51 -27.11 28.05
C GLU C 395 -16.65 -27.56 26.59
N ALA C 396 -17.43 -28.62 26.35
CA ALA C 396 -17.71 -29.13 25.00
C ALA C 396 -18.52 -28.10 24.22
N ILE C 397 -19.49 -27.44 24.87
CA ILE C 397 -20.28 -26.39 24.21
C ILE C 397 -19.60 -25.03 24.44
N TRP C 398 -19.20 -24.36 23.36
CA TRP C 398 -18.52 -23.07 23.46
C TRP C 398 -19.31 -22.02 24.24
N ALA C 399 -20.61 -21.91 24.01
CA ALA C 399 -21.46 -20.93 24.70
C ALA C 399 -21.46 -21.17 26.22
N ASP C 400 -21.30 -22.42 26.64
CA ASP C 400 -21.20 -22.73 28.06
C ASP C 400 -19.85 -22.35 28.60
N ASP C 401 -18.77 -22.52 27.78
CA ASP C 401 -17.42 -22.13 28.16
C ASP C 401 -17.35 -20.63 28.36
N VAL C 402 -17.97 -19.86 27.45
CA VAL C 402 -18.07 -18.40 27.57
C VAL C 402 -18.77 -17.99 28.87
N ASP C 403 -19.95 -18.54 29.15
CA ASP C 403 -20.72 -18.30 30.37
C ASP C 403 -19.94 -18.66 31.60
N ARG C 404 -19.21 -19.78 31.60
CA ARG C 404 -18.36 -20.13 32.75
C ARG C 404 -17.27 -19.07 33.03
N ARG C 405 -16.65 -18.50 31.97
CA ARG C 405 -15.63 -17.45 32.19
C ARG C 405 -16.22 -16.15 32.60
N VAL C 406 -17.40 -15.81 32.11
CA VAL C 406 -18.10 -14.59 32.53
C VAL C 406 -18.45 -14.70 34.02
N GLN C 407 -18.99 -15.86 34.42
CA GLN C 407 -19.30 -16.12 35.82
C GLN C 407 -18.05 -16.13 36.69
N PHE C 408 -16.92 -16.60 36.16
CA PHE C 408 -15.63 -16.54 36.88
C PHE C 408 -15.23 -15.08 37.13
N GLY C 409 -15.50 -14.20 36.17
CA GLY C 409 -15.21 -12.78 36.29
C GLY C 409 -16.10 -12.11 37.31
N ILE C 410 -17.38 -12.53 37.38
CA ILE C 410 -18.30 -12.01 38.38
C ILE C 410 -17.96 -12.53 39.78
N GLU C 411 -17.68 -13.83 39.93
CA GLU C 411 -17.32 -14.40 41.23
C GLU C 411 -16.05 -13.80 41.78
N SER C 412 -15.01 -13.62 40.94
CA SER C 412 -13.77 -12.98 41.38
C SER C 412 -14.01 -11.51 41.72
N GLY C 413 -14.85 -10.86 40.93
CA GLY C 413 -15.23 -9.48 41.19
C GLY C 413 -15.88 -9.29 42.55
N LYS C 414 -16.81 -10.18 42.92
CA LYS C 414 -17.53 -10.20 44.22
C LYS C 414 -16.52 -10.46 45.34
N LEU C 415 -15.65 -11.45 45.14
CA LEU C 415 -14.60 -11.82 46.07
C LEU C 415 -13.62 -10.66 46.36
N ARG C 416 -13.18 -9.90 45.33
CA ARG C 416 -12.22 -8.82 45.54
C ARG C 416 -12.79 -7.43 45.91
N GLY C 417 -14.11 -7.25 45.85
CA GLY C 417 -14.73 -5.99 46.24
C GLY C 417 -15.24 -5.11 45.11
N PHE C 418 -15.05 -5.54 43.86
CA PHE C 418 -15.54 -4.79 42.73
C PHE C 418 -17.09 -4.84 42.63
N LEU C 419 -17.69 -6.02 42.88
CA LEU C 419 -19.13 -6.26 42.68
C LEU C 419 -19.90 -6.72 43.92
N ARG C 420 -21.20 -6.46 43.92
CA ARG C 420 -22.17 -6.87 44.91
C ARG C 420 -23.46 -7.25 44.15
N VAL C 421 -24.32 -8.05 44.76
CA VAL C 421 -25.61 -8.44 44.18
C VAL C 421 -26.44 -7.17 43.99
N GLY C 422 -27.07 -7.03 42.83
CA GLY C 422 -27.78 -5.79 42.49
C GLY C 422 -26.99 -4.84 41.60
N ASP C 423 -25.66 -5.00 41.52
CA ASP C 423 -24.84 -4.16 40.65
C ASP C 423 -25.08 -4.46 39.17
N LEU C 424 -24.77 -3.49 38.30
CA LEU C 424 -24.84 -3.70 36.86
C LEU C 424 -23.42 -3.82 36.32
N VAL C 425 -23.16 -4.78 35.43
CA VAL C 425 -21.87 -4.89 34.76
C VAL C 425 -22.13 -4.90 33.25
N ILE C 426 -21.10 -4.59 32.45
CA ILE C 426 -21.16 -4.68 30.98
C ILE C 426 -20.28 -5.85 30.61
N VAL C 427 -20.75 -6.74 29.76
CA VAL C 427 -19.96 -7.92 29.39
C VAL C 427 -19.62 -7.85 27.94
N VAL C 428 -18.35 -7.95 27.61
CA VAL C 428 -17.89 -7.91 26.24
C VAL C 428 -17.34 -9.27 25.80
N THR C 429 -17.98 -9.87 24.83
CA THR C 429 -17.57 -11.15 24.27
C THR C 429 -17.67 -11.04 22.70
N GLY C 430 -17.37 -12.11 21.98
CA GLY C 430 -17.49 -12.21 20.55
C GLY C 430 -18.47 -13.29 20.18
N TRP C 431 -18.65 -13.51 18.88
CA TRP C 431 -19.68 -14.44 18.40
C TRP C 431 -19.20 -15.87 18.11
N ARG C 432 -17.91 -16.05 18.00
CA ARG C 432 -17.29 -17.33 17.73
C ARG C 432 -15.91 -17.37 18.46
N PRO C 433 -15.35 -18.58 18.71
CA PRO C 433 -14.09 -18.67 19.45
C PRO C 433 -12.88 -18.13 18.69
N GLY C 434 -11.79 -17.94 19.41
CA GLY C 434 -10.58 -17.45 18.82
C GLY C 434 -10.58 -15.95 18.76
N SER C 435 -9.39 -15.41 18.81
CA SER C 435 -9.06 -14.01 18.73
C SER C 435 -9.62 -13.28 17.54
N GLY C 436 -9.93 -12.00 17.74
CA GLY C 436 -10.39 -11.11 16.70
C GLY C 436 -11.86 -10.99 16.36
N TYR C 437 -12.76 -11.65 17.08
CA TYR C 437 -14.20 -11.62 16.78
C TYR C 437 -15.11 -10.94 17.81
N THR C 438 -14.57 -10.12 18.70
CA THR C 438 -15.39 -9.41 19.68
C THR C 438 -16.40 -8.55 18.97
N ASN C 439 -17.67 -8.80 19.23
CA ASN C 439 -18.73 -8.01 18.60
C ASN C 439 -20.00 -7.91 19.50
N ILE C 440 -19.94 -8.34 20.78
CA ILE C 440 -21.08 -8.37 21.65
C ILE C 440 -20.85 -7.60 22.92
N MET C 441 -21.87 -6.82 23.34
CA MET C 441 -21.91 -6.10 24.60
C MET C 441 -23.26 -6.44 25.27
N ARG C 442 -23.23 -7.00 26.51
CA ARG C 442 -24.45 -7.37 27.27
C ARG C 442 -24.50 -6.55 28.55
N VAL C 443 -25.70 -6.12 28.96
CA VAL C 443 -25.90 -5.43 30.22
C VAL C 443 -26.42 -6.49 31.18
N LEU C 444 -25.63 -6.79 32.22
CA LEU C 444 -25.97 -7.88 33.14
C LEU C 444 -26.18 -7.37 34.56
N SER C 445 -27.18 -7.88 35.24
CA SER C 445 -27.45 -7.55 36.64
C SER C 445 -26.84 -8.65 37.56
N ILE C 446 -26.03 -8.27 38.52
CA ILE C 446 -25.37 -9.23 39.41
C ILE C 446 -26.36 -9.91 40.38
N SER C 447 -26.41 -11.24 40.35
CA SER C 447 -27.23 -12.03 41.23
C SER C 447 -26.37 -13.01 42.07
N GLY D 23 -15.90 5.00 -0.10
CA GLY D 23 -15.80 5.80 -1.30
C GLY D 23 -16.02 7.29 -1.08
N THR D 24 -15.52 8.12 -2.01
CA THR D 24 -15.68 9.58 -1.89
C THR D 24 -17.14 10.00 -2.10
N ALA D 25 -17.81 9.34 -3.04
CA ALA D 25 -19.21 9.62 -3.36
C ALA D 25 -20.12 9.40 -2.17
N PHE D 26 -19.80 8.42 -1.29
CA PHE D 26 -20.61 8.15 -0.10
C PHE D 26 -20.57 9.36 0.83
N PHE D 27 -19.38 9.92 1.03
CA PHE D 27 -19.19 11.04 1.95
C PHE D 27 -19.66 12.41 1.39
N GLN D 28 -20.05 12.47 0.10
CA GLN D 28 -20.61 13.70 -0.47
C GLN D 28 -22.16 13.73 -0.35
N GLN D 29 -22.80 12.55 -0.26
CA GLN D 29 -24.25 12.39 -0.11
C GLN D 29 -24.73 12.63 1.34
N GLN D 30 -26.07 12.68 1.53
CA GLN D 30 -26.82 12.86 2.78
C GLN D 30 -26.24 13.91 3.74
N GLN D 31 -25.76 15.05 3.17
CA GLN D 31 -25.19 16.20 3.87
C GLN D 31 -24.10 15.80 4.86
N LEU D 32 -23.27 14.79 4.49
CA LEU D 32 -22.19 14.33 5.36
C LEU D 32 -21.11 15.41 5.58
N PRO D 33 -20.71 16.25 4.59
CA PRO D 33 -19.79 17.35 4.90
C PRO D 33 -20.37 18.32 5.95
N ALA D 34 -21.67 18.65 5.84
CA ALA D 34 -22.35 19.54 6.79
C ALA D 34 -22.50 18.89 8.18
N ALA D 35 -22.63 17.55 8.23
CA ALA D 35 -22.76 16.79 9.48
C ALA D 35 -21.44 16.68 10.25
N MET D 36 -20.30 16.72 9.52
CA MET D 36 -18.94 16.67 10.07
C MET D 36 -18.44 18.02 10.62
N ALA D 37 -19.17 19.13 10.35
CA ALA D 37 -18.77 20.46 10.78
C ALA D 37 -18.57 20.61 12.29
N ASP D 38 -17.62 21.46 12.70
CA ASP D 38 -17.31 21.65 14.11
C ASP D 38 -18.23 22.66 14.82
N THR D 39 -18.93 23.50 14.05
CA THR D 39 -19.90 24.45 14.59
C THR D 39 -21.22 24.35 13.81
N PHE D 40 -22.31 24.80 14.41
CA PHE D 40 -23.61 24.84 13.78
C PHE D 40 -23.62 25.84 12.59
N LEU D 41 -22.87 26.94 12.72
CA LEU D 41 -22.75 27.94 11.67
C LEU D 41 -22.05 27.33 10.45
N GLU D 42 -20.95 26.58 10.68
CA GLU D 42 -20.24 25.92 9.56
C GLU D 42 -21.09 24.80 8.94
N HIS D 43 -21.93 24.16 9.78
CA HIS D 43 -22.86 23.12 9.36
C HIS D 43 -23.84 23.73 8.34
N LEU D 44 -24.44 24.90 8.66
CA LEU D 44 -25.36 25.57 7.75
C LEU D 44 -24.65 25.95 6.44
N CYS D 45 -23.42 26.51 6.54
CA CYS D 45 -22.64 26.91 5.37
C CYS D 45 -22.30 25.74 4.45
N LEU D 46 -22.19 24.53 5.01
CA LEU D 46 -21.83 23.35 4.22
C LEU D 46 -23.02 22.61 3.62
N LEU D 47 -24.29 23.03 3.89
CA LEU D 47 -25.48 22.42 3.31
C LEU D 47 -25.41 22.56 1.77
N ASP D 48 -25.66 21.45 1.06
CA ASP D 48 -25.51 21.38 -0.38
C ASP D 48 -26.80 20.88 -1.05
N ILE D 49 -27.39 21.67 -1.97
CA ILE D 49 -28.58 21.23 -2.68
C ILE D 49 -28.29 20.04 -3.62
N ASP D 50 -27.01 19.82 -3.99
CA ASP D 50 -26.63 18.69 -4.84
C ASP D 50 -26.32 17.43 -4.03
N SER D 51 -26.25 17.53 -2.69
CA SER D 51 -26.01 16.37 -1.84
C SER D 51 -27.37 15.66 -1.68
N GLU D 52 -27.52 14.49 -2.31
CA GLU D 52 -28.79 13.77 -2.29
C GLU D 52 -29.01 12.92 -1.07
N PRO D 53 -30.28 12.90 -0.56
CA PRO D 53 -30.57 12.07 0.60
C PRO D 53 -30.51 10.57 0.25
N VAL D 54 -29.80 9.75 1.04
CA VAL D 54 -29.70 8.31 0.77
C VAL D 54 -30.61 7.54 1.70
N ALA D 55 -30.61 7.92 3.00
CA ALA D 55 -31.41 7.27 4.03
C ALA D 55 -32.92 7.29 3.76
N ALA D 56 -33.62 6.29 4.30
CA ALA D 56 -35.07 6.23 4.20
C ALA D 56 -35.65 7.36 5.06
N ARG D 57 -36.82 7.87 4.67
CA ARG D 57 -37.48 8.95 5.40
C ARG D 57 -37.87 8.47 6.77
N SER D 58 -37.45 9.17 7.80
CA SER D 58 -37.67 8.74 9.16
C SER D 58 -38.82 9.47 9.92
N THR D 59 -39.26 10.68 9.49
CA THR D 59 -40.38 11.39 10.12
C THR D 59 -41.70 10.83 9.56
N SER D 60 -42.58 10.34 10.41
CA SER D 60 -43.84 9.74 10.00
CA SER D 60 -43.84 9.72 10.00
C SER D 60 -44.82 10.74 9.48
N ILE D 61 -45.65 10.34 8.52
CA ILE D 61 -46.67 11.22 7.98
C ILE D 61 -48.04 10.72 8.46
N ILE D 62 -48.80 11.59 9.11
CA ILE D 62 -50.15 11.25 9.54
C ILE D 62 -51.09 11.91 8.53
N ALA D 63 -51.97 11.13 7.89
CA ALA D 63 -52.90 11.72 6.92
C ALA D 63 -54.30 11.60 7.46
N THR D 64 -55.04 12.71 7.50
CA THR D 64 -56.43 12.67 7.94
C THR D 64 -57.32 12.09 6.87
N ILE D 65 -58.13 11.12 7.25
CA ILE D 65 -59.06 10.47 6.35
C ILE D 65 -60.39 11.28 6.21
N GLY D 66 -60.87 11.34 4.99
CA GLY D 66 -62.12 11.98 4.70
C GLY D 66 -62.62 11.61 3.32
N PRO D 67 -63.58 12.41 2.81
CA PRO D 67 -64.11 12.17 1.44
C PRO D 67 -63.07 12.05 0.30
N ALA D 68 -61.96 12.80 0.39
CA ALA D 68 -60.90 12.76 -0.62
C ALA D 68 -59.93 11.57 -0.48
N SER D 69 -60.07 10.78 0.59
CA SER D 69 -59.11 9.72 0.85
C SER D 69 -59.71 8.48 1.54
N ARG D 70 -60.95 8.10 1.17
CA ARG D 70 -61.59 6.92 1.73
C ARG D 70 -61.62 5.76 0.75
N SER D 71 -61.46 6.02 -0.53
CA SER D 71 -61.46 5.00 -1.56
C SER D 71 -60.31 4.03 -1.31
N VAL D 72 -60.56 2.71 -1.30
CA VAL D 72 -59.50 1.70 -1.10
C VAL D 72 -58.33 1.89 -2.07
N GLU D 73 -58.67 2.19 -3.32
CA GLU D 73 -57.64 2.41 -4.34
CA GLU D 73 -57.67 2.42 -4.36
C GLU D 73 -56.86 3.70 -4.12
N ARG D 74 -57.50 4.73 -3.55
CA ARG D 74 -56.84 5.99 -3.26
C ARG D 74 -55.92 5.79 -2.04
N LEU D 75 -56.38 5.07 -1.01
CA LEU D 75 -55.59 4.76 0.19
C LEU D 75 -54.36 3.89 -0.15
N LYS D 76 -54.45 3.01 -1.16
CA LYS D 76 -53.29 2.22 -1.61
C LYS D 76 -52.23 3.15 -2.18
N GLU D 77 -52.66 4.19 -2.91
CA GLU D 77 -51.76 5.19 -3.48
C GLU D 77 -51.11 6.02 -2.39
N MET D 78 -51.85 6.31 -1.31
CA MET D 78 -51.33 7.08 -0.18
CA MET D 78 -51.33 7.08 -0.18
C MET D 78 -50.33 6.26 0.64
N ILE D 79 -50.54 4.94 0.72
CA ILE D 79 -49.60 4.08 1.44
C ILE D 79 -48.29 4.05 0.65
N LYS D 80 -48.37 3.95 -0.69
CA LYS D 80 -47.19 3.95 -1.56
C LYS D 80 -46.48 5.29 -1.51
N ALA D 81 -47.22 6.42 -1.35
CA ALA D 81 -46.65 7.78 -1.25
C ALA D 81 -45.94 8.03 0.07
N GLY D 82 -46.30 7.26 1.12
CA GLY D 82 -45.64 7.43 2.40
C GLY D 82 -46.49 7.58 3.65
N MET D 83 -47.85 7.51 3.57
CA MET D 83 -48.71 7.61 4.75
C MET D 83 -48.39 6.48 5.74
N ASN D 84 -48.16 6.84 7.01
CA ASN D 84 -47.85 5.88 8.07
C ASN D 84 -48.96 5.76 9.10
N ILE D 85 -49.70 6.82 9.34
CA ILE D 85 -50.80 6.83 10.31
C ILE D 85 -52.03 7.46 9.65
N ALA D 86 -53.18 6.81 9.77
CA ALA D 86 -54.44 7.31 9.25
C ALA D 86 -55.19 7.95 10.43
N ARG D 87 -55.46 9.26 10.34
CA ARG D 87 -56.18 9.96 11.39
C ARG D 87 -57.68 10.06 11.10
N LEU D 88 -58.50 9.64 12.10
CA LEU D 88 -59.95 9.71 12.03
C LEU D 88 -60.38 10.87 12.88
N ASN D 89 -60.92 11.93 12.25
CA ASN D 89 -61.32 13.09 13.01
C ASN D 89 -62.76 12.92 13.49
N PHE D 90 -62.94 12.60 14.79
CA PHE D 90 -64.25 12.38 15.37
C PHE D 90 -65.04 13.71 15.61
N SER D 91 -64.48 14.83 15.19
CA SER D 91 -65.20 16.11 15.17
C SER D 91 -66.19 16.14 13.98
N HIS D 92 -66.03 15.24 12.97
CA HIS D 92 -66.89 15.10 11.80
C HIS D 92 -67.37 13.66 11.64
N GLY D 93 -68.51 13.45 11.04
CA GLY D 93 -69.03 12.11 10.78
C GLY D 93 -69.49 11.28 11.97
N SER D 94 -70.22 10.22 11.66
CA SER D 94 -70.81 9.29 12.62
C SER D 94 -69.91 8.05 12.88
N HIS D 95 -70.29 7.19 13.84
CA HIS D 95 -69.56 5.97 14.12
C HIS D 95 -69.60 5.03 12.91
N GLU D 96 -70.71 5.01 12.19
CA GLU D 96 -70.86 4.21 10.98
C GLU D 96 -69.88 4.69 9.92
N TYR D 97 -69.68 6.02 9.82
CA TYR D 97 -68.76 6.62 8.86
C TYR D 97 -67.33 6.23 9.23
N HIS D 98 -66.97 6.39 10.50
CA HIS D 98 -65.63 6.06 10.97
C HIS D 98 -65.30 4.58 10.86
N ALA D 99 -66.30 3.69 11.03
CA ALA D 99 -66.12 2.24 10.89
C ALA D 99 -65.82 1.88 9.43
N GLU D 100 -66.43 2.58 8.47
CA GLU D 100 -66.15 2.37 7.06
C GLU D 100 -64.76 2.87 6.73
N SER D 101 -64.30 4.02 7.33
CA SER D 101 -62.93 4.56 7.10
C SER D 101 -61.93 3.49 7.52
N ILE D 102 -62.13 2.96 8.75
CA ILE D 102 -61.30 1.93 9.37
C ILE D 102 -61.18 0.71 8.48
N ALA D 103 -62.33 0.23 7.97
CA ALA D 103 -62.39 -0.92 7.10
C ALA D 103 -61.67 -0.70 5.77
N ASN D 104 -61.82 0.50 5.17
CA ASN D 104 -61.16 0.81 3.90
C ASN D 104 -59.64 0.95 4.06
N VAL D 105 -59.20 1.49 5.21
CA VAL D 105 -57.79 1.61 5.49
C VAL D 105 -57.21 0.22 5.63
N ARG D 106 -57.85 -0.64 6.47
CA ARG D 106 -57.41 -2.01 6.66
C ARG D 106 -57.43 -2.83 5.38
N GLU D 107 -58.39 -2.61 4.50
CA GLU D 107 -58.46 -3.31 3.22
C GLU D 107 -57.29 -2.90 2.34
N ALA D 108 -56.98 -1.59 2.26
CA ALA D 108 -55.85 -1.11 1.46
C ALA D 108 -54.51 -1.59 2.04
N VAL D 109 -54.37 -1.59 3.36
CA VAL D 109 -53.15 -2.05 4.01
C VAL D 109 -52.93 -3.53 3.78
N GLU D 110 -53.99 -4.34 3.93
CA GLU D 110 -53.88 -5.79 3.73
C GLU D 110 -53.73 -6.21 2.28
N SER D 111 -53.98 -5.32 1.32
CA SER D 111 -53.77 -5.63 -0.08
C SER D 111 -52.28 -5.77 -0.42
N PHE D 112 -51.37 -5.44 0.51
CA PHE D 112 -49.92 -5.60 0.32
C PHE D 112 -49.33 -6.68 1.24
N ALA D 113 -50.17 -7.39 2.02
CA ALA D 113 -49.71 -8.42 2.95
C ALA D 113 -49.15 -9.70 2.29
N GLY D 114 -49.40 -9.87 0.99
CA GLY D 114 -48.91 -11.00 0.22
C GLY D 114 -47.40 -11.01 0.03
N SER D 115 -46.77 -9.86 0.26
CA SER D 115 -45.32 -9.73 0.18
C SER D 115 -44.84 -9.28 1.58
N PRO D 116 -44.63 -10.22 2.52
CA PRO D 116 -44.30 -9.83 3.90
C PRO D 116 -43.03 -9.00 4.11
N LEU D 117 -42.03 -9.14 3.24
CA LEU D 117 -40.80 -8.35 3.36
C LEU D 117 -41.02 -6.88 2.92
N SER D 118 -42.14 -6.59 2.20
CA SER D 118 -42.45 -5.25 1.71
CA SER D 118 -42.42 -5.23 1.75
C SER D 118 -43.79 -4.71 2.25
N TYR D 119 -44.38 -5.35 3.27
CA TYR D 119 -45.68 -4.92 3.80
C TYR D 119 -45.51 -3.75 4.77
N ARG D 120 -46.34 -2.72 4.58
CA ARG D 120 -46.29 -1.55 5.43
C ARG D 120 -47.48 -1.47 6.35
N PRO D 121 -47.27 -1.65 7.66
CA PRO D 121 -48.36 -1.45 8.61
C PRO D 121 -48.76 0.04 8.65
N VAL D 122 -50.03 0.35 8.87
CA VAL D 122 -50.51 1.73 8.96
C VAL D 122 -51.31 1.85 10.25
N ALA D 123 -50.89 2.73 11.17
CA ALA D 123 -51.61 2.90 12.44
C ALA D 123 -52.93 3.61 12.19
N ILE D 124 -53.91 3.39 13.08
CA ILE D 124 -55.19 4.07 13.01
C ILE D 124 -55.33 4.90 14.27
N ALA D 125 -55.45 6.21 14.10
CA ALA D 125 -55.57 7.14 15.23
C ALA D 125 -56.93 7.79 15.28
N LEU D 126 -57.52 7.87 16.47
CA LEU D 126 -58.84 8.45 16.65
C LEU D 126 -58.62 9.84 17.27
N ASP D 127 -58.97 10.92 16.56
CA ASP D 127 -58.80 12.27 17.09
C ASP D 127 -60.16 12.63 17.69
N THR D 128 -60.22 12.88 19.00
CA THR D 128 -61.50 13.14 19.67
C THR D 128 -62.08 14.50 19.37
N LYS D 129 -63.40 14.65 19.54
CA LYS D 129 -64.12 15.89 19.35
C LYS D 129 -63.73 16.94 20.38
N GLY D 130 -63.50 16.51 21.61
CA GLY D 130 -63.08 17.42 22.67
C GLY D 130 -64.14 17.79 23.68
N PRO D 131 -63.77 18.62 24.70
CA PRO D 131 -64.68 18.94 25.78
C PRO D 131 -65.65 20.10 25.54
N GLY D 132 -65.32 21.00 24.62
CA GLY D 132 -66.16 22.17 24.35
C GLY D 132 -66.27 23.06 25.57
N SER D 133 -67.45 23.66 25.79
CA SER D 133 -67.69 24.51 26.97
C SER D 133 -67.57 23.67 28.24
N GLY D 134 -67.22 22.40 28.08
CA GLY D 134 -67.17 21.50 29.24
C GLY D 134 -65.88 21.60 30.02
N PRO D 135 -65.84 21.07 31.25
CA PRO D 135 -64.66 21.11 32.11
C PRO D 135 -63.70 19.94 31.90
N GLY D 136 -64.20 18.79 31.46
CA GLY D 136 -63.37 17.59 31.31
C GLY D 136 -63.88 16.67 30.22
N LEU D 137 -63.90 15.36 30.48
CA LEU D 137 -64.28 14.42 29.38
C LEU D 137 -65.78 14.51 29.08
N SER D 138 -66.11 14.94 27.88
CA SER D 138 -67.50 14.98 27.43
C SER D 138 -68.13 13.59 27.31
N GLU D 139 -69.48 13.52 27.23
CA GLU D 139 -70.16 12.22 27.11
C GLU D 139 -70.00 11.62 25.72
N GLN D 140 -69.87 12.47 24.68
CA GLN D 140 -69.62 12.00 23.32
C GLN D 140 -68.22 11.40 23.24
N ASP D 141 -67.23 11.99 23.95
CA ASP D 141 -65.88 11.47 23.95
C ASP D 141 -65.85 10.09 24.59
N VAL D 142 -66.63 9.86 25.66
CA VAL D 142 -66.70 8.53 26.28
C VAL D 142 -67.25 7.50 25.29
N ARG D 143 -68.27 7.88 24.52
CA ARG D 143 -68.84 6.98 23.50
C ARG D 143 -67.87 6.71 22.33
N ASP D 144 -67.15 7.75 21.88
CA ASP D 144 -66.19 7.62 20.81
C ASP D 144 -64.96 6.84 21.22
N LEU D 145 -64.47 7.06 22.44
CA LEU D 145 -63.33 6.29 22.96
C LEU D 145 -63.69 4.81 23.06
N ARG D 146 -64.94 4.50 23.49
CA ARG D 146 -65.33 3.10 23.57
CA ARG D 146 -65.41 3.10 23.57
C ARG D 146 -65.44 2.50 22.17
N PHE D 147 -65.89 3.30 21.14
CA PHE D 147 -65.95 2.87 19.75
C PHE D 147 -64.50 2.48 19.29
N GLY D 148 -63.53 3.30 19.65
CA GLY D 148 -62.14 3.07 19.29
C GLY D 148 -61.61 1.77 19.85
N VAL D 149 -61.91 1.48 21.14
CA VAL D 149 -61.50 0.22 21.75
C VAL D 149 -62.16 -0.96 21.03
N GLU D 150 -63.47 -0.88 20.77
CA GLU D 150 -64.21 -1.92 20.06
C GLU D 150 -63.71 -2.16 18.64
N HIS D 151 -63.20 -1.10 17.97
CA HIS D 151 -62.71 -1.24 16.60
C HIS D 151 -61.19 -1.41 16.47
N GLY D 152 -60.49 -1.47 17.60
CA GLY D 152 -59.06 -1.73 17.59
C GLY D 152 -58.17 -0.59 17.15
N VAL D 153 -58.50 0.66 17.51
CA VAL D 153 -57.62 1.78 17.16
C VAL D 153 -56.31 1.69 17.95
N ASP D 154 -55.23 2.26 17.40
CA ASP D 154 -53.93 2.16 18.01
C ASP D 154 -53.59 3.37 18.86
N ILE D 155 -54.04 4.55 18.44
CA ILE D 155 -53.68 5.80 19.07
C ILE D 155 -54.93 6.66 19.27
N VAL D 156 -54.90 7.50 20.32
CA VAL D 156 -55.93 8.48 20.58
C VAL D 156 -55.24 9.84 20.56
N PHE D 157 -55.70 10.76 19.72
CA PHE D 157 -55.20 12.12 19.73
C PHE D 157 -56.27 12.83 20.58
N ALA D 158 -56.01 13.00 21.89
CA ALA D 158 -57.00 13.60 22.79
C ALA D 158 -57.05 15.13 22.66
N SER D 159 -58.16 15.67 22.13
CA SER D 159 -58.31 17.11 21.95
C SER D 159 -58.39 17.92 23.25
N PHE D 160 -57.88 19.16 23.19
CA PHE D 160 -57.88 20.16 24.25
C PHE D 160 -57.49 19.63 25.63
N VAL D 161 -56.36 18.92 25.72
CA VAL D 161 -55.88 18.43 27.02
C VAL D 161 -55.33 19.66 27.75
N ARG D 162 -55.86 19.95 28.95
CA ARG D 162 -55.45 21.13 29.73
C ARG D 162 -54.72 20.81 31.02
N LYS D 163 -54.86 19.57 31.52
CA LYS D 163 -54.23 19.14 32.77
C LYS D 163 -54.06 17.62 32.78
N ALA D 164 -53.26 17.09 33.70
CA ALA D 164 -53.01 15.66 33.81
C ALA D 164 -54.28 14.84 34.06
N SER D 165 -55.26 15.39 34.79
CA SER D 165 -56.51 14.68 35.06
C SER D 165 -57.35 14.42 33.79
N ASP D 166 -57.16 15.24 32.72
CA ASP D 166 -57.84 15.05 31.44
C ASP D 166 -57.31 13.76 30.80
N VAL D 167 -56.01 13.51 30.89
CA VAL D 167 -55.37 12.33 30.34
C VAL D 167 -55.85 11.08 31.09
N ALA D 168 -55.97 11.18 32.43
CA ALA D 168 -56.44 10.08 33.29
C ALA D 168 -57.87 9.73 32.95
N ALA D 169 -58.71 10.75 32.67
CA ALA D 169 -60.10 10.53 32.25
C ALA D 169 -60.16 9.81 30.90
N VAL D 170 -59.27 10.13 29.95
CA VAL D 170 -59.24 9.44 28.67
C VAL D 170 -58.84 7.98 28.87
N ARG D 171 -57.83 7.75 29.69
CA ARG D 171 -57.36 6.41 30.01
C ARG D 171 -58.47 5.57 30.66
N ALA D 172 -59.23 6.17 31.61
CA ALA D 172 -60.33 5.50 32.29
C ALA D 172 -61.43 5.16 31.30
N ALA D 173 -61.76 6.09 30.38
CA ALA D 173 -62.79 5.86 29.34
C ALA D 173 -62.41 4.76 28.35
N LEU D 174 -61.12 4.47 28.20
CA LEU D 174 -60.66 3.38 27.33
C LEU D 174 -60.84 2.01 27.99
N GLY D 175 -60.98 2.00 29.32
CA GLY D 175 -61.23 0.79 30.11
C GLY D 175 -60.08 -0.19 30.12
N PRO D 176 -60.33 -1.39 30.68
CA PRO D 176 -59.27 -2.41 30.74
C PRO D 176 -58.89 -2.98 29.39
N GLU D 177 -59.82 -2.97 28.42
CA GLU D 177 -59.52 -3.52 27.08
C GLU D 177 -58.69 -2.57 26.18
N GLY D 178 -58.61 -1.30 26.55
CA GLY D 178 -57.82 -0.32 25.82
C GLY D 178 -56.52 0.06 26.50
N HIS D 179 -55.95 -0.85 27.31
CA HIS D 179 -54.71 -0.58 28.04
CA HIS D 179 -54.71 -0.60 28.04
C HIS D 179 -53.51 -0.35 27.09
N GLY D 180 -53.52 -1.00 25.93
CA GLY D 180 -52.44 -0.86 24.97
C GLY D 180 -52.50 0.35 24.05
N ILE D 181 -53.66 1.03 23.94
CA ILE D 181 -53.80 2.20 23.10
C ILE D 181 -52.93 3.36 23.63
N LYS D 182 -52.22 4.06 22.74
CA LYS D 182 -51.38 5.21 23.08
C LYS D 182 -52.22 6.49 23.16
N ILE D 183 -51.96 7.32 24.15
CA ILE D 183 -52.67 8.59 24.29
C ILE D 183 -51.71 9.73 24.01
N ILE D 184 -51.93 10.43 22.89
CA ILE D 184 -51.14 11.58 22.46
C ILE D 184 -52.00 12.80 22.80
N SER D 185 -51.58 13.58 23.79
CA SER D 185 -52.35 14.74 24.21
C SER D 185 -52.18 15.93 23.29
N LYS D 186 -53.29 16.51 22.81
CA LYS D 186 -53.22 17.67 21.96
C LYS D 186 -53.16 18.94 22.80
N ILE D 187 -52.11 19.76 22.64
CA ILE D 187 -51.99 21.03 23.33
C ILE D 187 -52.55 22.09 22.40
N GLU D 188 -53.71 22.64 22.75
CA GLU D 188 -54.42 23.57 21.88
C GLU D 188 -54.75 24.93 22.49
N ASN D 189 -54.35 25.17 23.74
CA ASN D 189 -54.68 26.44 24.41
C ASN D 189 -53.61 26.85 25.41
N HIS D 190 -53.73 28.07 26.00
CA HIS D 190 -52.76 28.56 26.95
C HIS D 190 -52.61 27.66 28.18
N GLU D 191 -53.70 27.10 28.72
CA GLU D 191 -53.63 26.22 29.89
C GLU D 191 -52.80 24.96 29.65
N GLY D 192 -52.97 24.35 28.47
CA GLY D 192 -52.22 23.16 28.06
C GLY D 192 -50.74 23.48 27.97
N VAL D 193 -50.39 24.67 27.43
CA VAL D 193 -48.99 25.08 27.31
C VAL D 193 -48.38 25.30 28.69
N LYS D 194 -49.12 25.97 29.59
CA LYS D 194 -48.65 26.22 30.95
C LYS D 194 -48.52 24.96 31.81
N ARG D 195 -49.44 24.02 31.64
CA ARG D 195 -49.39 22.75 32.40
C ARG D 195 -48.75 21.62 31.60
N PHE D 196 -47.95 21.95 30.57
CA PHE D 196 -47.29 21.00 29.67
C PHE D 196 -46.54 19.88 30.38
N ASP D 197 -45.70 20.20 31.37
CA ASP D 197 -44.90 19.18 32.06
C ASP D 197 -45.71 18.09 32.75
N GLU D 198 -46.83 18.47 33.38
CA GLU D 198 -47.69 17.47 34.04
C GLU D 198 -48.47 16.64 33.02
N ILE D 199 -48.80 17.24 31.84
CA ILE D 199 -49.51 16.54 30.80
C ILE D 199 -48.56 15.53 30.14
N LEU D 200 -47.34 15.96 29.79
CA LEU D 200 -46.35 15.09 29.15
C LEU D 200 -45.99 13.93 30.05
N GLU D 201 -45.89 14.17 31.35
CA GLU D 201 -45.57 13.12 32.32
C GLU D 201 -46.54 11.95 32.29
N VAL D 202 -47.84 12.22 32.14
CA VAL D 202 -48.85 11.16 32.11
C VAL D 202 -49.29 10.74 30.70
N SER D 203 -48.80 11.40 29.65
CA SER D 203 -49.18 11.07 28.28
C SER D 203 -48.13 10.20 27.62
N ASP D 204 -48.50 9.48 26.56
CA ASP D 204 -47.51 8.73 25.77
C ASP D 204 -46.77 9.66 24.77
N GLY D 205 -47.35 10.84 24.48
CA GLY D 205 -46.79 11.81 23.57
C GLY D 205 -47.64 13.06 23.46
N ILE D 206 -47.23 13.99 22.58
CA ILE D 206 -47.90 15.27 22.44
C ILE D 206 -48.16 15.62 20.98
N MET D 207 -49.23 16.37 20.73
CA MET D 207 -49.49 16.91 19.41
C MET D 207 -49.55 18.44 19.56
N VAL D 208 -48.76 19.16 18.77
CA VAL D 208 -48.79 20.62 18.73
C VAL D 208 -49.90 20.94 17.74
N ALA D 209 -51.12 21.15 18.27
CA ALA D 209 -52.33 21.40 17.50
C ALA D 209 -52.40 22.88 17.18
N ARG D 210 -51.67 23.33 16.14
CA ARG D 210 -51.47 24.73 15.80
C ARG D 210 -52.71 25.50 15.35
N GLY D 211 -53.74 24.82 14.85
CA GLY D 211 -54.99 25.47 14.44
C GLY D 211 -55.65 26.19 15.61
N ASP D 212 -56.03 25.43 16.65
CA ASP D 212 -56.62 26.03 17.85
C ASP D 212 -55.64 26.84 18.61
N LEU D 213 -54.39 26.38 18.73
CA LEU D 213 -53.37 27.10 19.47
C LEU D 213 -53.17 28.52 18.92
N GLY D 214 -53.20 28.68 17.60
CA GLY D 214 -53.06 29.97 16.93
C GLY D 214 -54.23 30.93 17.10
N ILE D 215 -55.37 30.43 17.62
CA ILE D 215 -56.57 31.20 17.94
C ILE D 215 -56.56 31.50 19.45
N GLU D 216 -56.14 30.53 20.29
CA GLU D 216 -56.10 30.64 21.76
C GLU D 216 -55.00 31.53 22.27
N ILE D 217 -53.85 31.53 21.59
CA ILE D 217 -52.71 32.39 21.93
C ILE D 217 -52.39 33.27 20.71
N PRO D 218 -51.62 34.38 20.86
CA PRO D 218 -51.30 35.20 19.68
C PRO D 218 -50.59 34.34 18.61
N ALA D 219 -50.99 34.50 17.34
CA ALA D 219 -50.45 33.73 16.24
C ALA D 219 -48.93 33.78 16.18
N GLU D 220 -48.34 34.93 16.49
CA GLU D 220 -46.90 35.13 16.44
C GLU D 220 -46.13 34.45 17.56
N LYS D 221 -46.82 33.79 18.49
CA LYS D 221 -46.19 33.05 19.59
C LYS D 221 -46.24 31.53 19.36
N VAL D 222 -47.05 31.03 18.40
CA VAL D 222 -47.18 29.59 18.18
C VAL D 222 -45.82 28.90 17.94
N PHE D 223 -44.93 29.52 17.16
CA PHE D 223 -43.61 28.94 16.90
C PHE D 223 -42.79 28.71 18.20
N LEU D 224 -42.96 29.57 19.20
CA LEU D 224 -42.27 29.42 20.49
C LEU D 224 -42.82 28.20 21.22
N ALA D 225 -44.15 28.02 21.23
CA ALA D 225 -44.81 26.89 21.85
C ALA D 225 -44.45 25.59 21.14
N GLN D 226 -44.41 25.60 19.80
CA GLN D 226 -44.05 24.43 19.00
C GLN D 226 -42.62 23.99 19.32
N LYS D 227 -41.64 24.89 19.21
CA LYS D 227 -40.25 24.58 19.49
C LYS D 227 -40.01 24.15 20.93
N MET D 228 -40.74 24.76 21.90
CA MET D 228 -40.60 24.38 23.32
C MET D 228 -41.12 22.95 23.56
N MET D 229 -42.31 22.65 23.05
CA MET D 229 -42.91 21.34 23.22
C MET D 229 -42.11 20.25 22.51
N ILE D 230 -41.62 20.52 21.29
CA ILE D 230 -40.81 19.55 20.57
C ILE D 230 -39.51 19.25 21.35
N GLY D 231 -38.84 20.29 21.85
CA GLY D 231 -37.63 20.16 22.64
C GLY D 231 -37.83 19.32 23.89
N ARG D 232 -38.90 19.61 24.65
CA ARG D 232 -39.20 18.87 25.88
C ARG D 232 -39.55 17.44 25.62
N CYS D 233 -40.28 17.18 24.53
CA CYS D 233 -40.64 15.81 24.14
C CYS D 233 -39.41 15.04 23.76
N ASN D 234 -38.46 15.68 23.06
CA ASN D 234 -37.22 15.04 22.65
C ASN D 234 -36.39 14.67 23.89
N LEU D 235 -36.36 15.56 24.87
CA LEU D 235 -35.65 15.38 26.15
C LEU D 235 -36.29 14.18 26.89
N ALA D 236 -37.64 14.12 26.92
CA ALA D 236 -38.38 13.06 27.58
C ALA D 236 -38.36 11.74 26.84
N GLY D 237 -38.00 11.76 25.54
CA GLY D 237 -38.01 10.57 24.68
C GLY D 237 -39.43 10.12 24.35
N LYS D 238 -40.37 11.09 24.24
CA LYS D 238 -41.75 10.78 23.90
C LYS D 238 -42.13 11.39 22.54
N PRO D 239 -42.96 10.69 21.73
CA PRO D 239 -43.30 11.24 20.41
C PRO D 239 -44.03 12.58 20.40
N VAL D 240 -43.65 13.46 19.44
CA VAL D 240 -44.26 14.76 19.29
C VAL D 240 -44.69 14.92 17.84
N VAL D 241 -45.94 15.32 17.63
CA VAL D 241 -46.49 15.51 16.30
C VAL D 241 -46.60 17.01 16.00
N CYS D 242 -46.17 17.47 14.81
CA CYS D 242 -46.43 18.85 14.40
C CYS D 242 -47.64 18.80 13.47
N ALA D 243 -48.68 19.58 13.78
CA ALA D 243 -49.91 19.54 13.03
C ALA D 243 -50.44 20.89 12.57
N THR D 244 -51.29 20.87 11.51
CA THR D 244 -52.18 21.90 10.97
C THR D 244 -51.55 22.96 10.09
N GLN D 245 -52.12 23.09 8.88
CA GLN D 245 -51.80 24.06 7.83
C GLN D 245 -50.40 23.94 7.30
N MET D 246 -49.74 22.76 7.45
CA MET D 246 -48.38 22.58 6.97
C MET D 246 -48.25 22.79 5.46
N LEU D 247 -49.21 22.27 4.68
CA LEU D 247 -49.24 22.42 3.20
C LEU D 247 -50.66 22.86 2.80
N GLU D 248 -51.27 23.76 3.56
CA GLU D 248 -52.64 24.23 3.38
C GLU D 248 -53.07 24.56 1.93
N SER D 249 -52.27 25.33 1.21
CA SER D 249 -52.54 25.69 -0.16
C SER D 249 -52.71 24.47 -1.08
N MET D 250 -52.12 23.29 -0.70
CA MET D 250 -52.29 22.07 -1.51
C MET D 250 -53.69 21.46 -1.43
N ILE D 251 -54.61 22.06 -0.67
CA ILE D 251 -56.00 21.62 -0.68
C ILE D 251 -56.61 21.90 -2.10
N THR D 252 -56.20 23.01 -2.74
CA THR D 252 -56.67 23.40 -4.07
C THR D 252 -55.58 23.52 -5.12
N LYS D 253 -54.30 23.78 -4.73
CA LYS D 253 -53.21 23.96 -5.70
C LYS D 253 -52.27 22.75 -5.75
N PRO D 254 -51.70 22.43 -6.94
CA PRO D 254 -50.87 21.23 -7.03
C PRO D 254 -49.48 21.34 -6.39
N ARG D 255 -49.01 22.55 -6.09
CA ARG D 255 -47.71 22.78 -5.48
C ARG D 255 -47.89 23.68 -4.25
N PRO D 256 -47.10 23.50 -3.19
CA PRO D 256 -47.26 24.36 -1.99
C PRO D 256 -46.48 25.69 -2.13
N THR D 257 -46.66 26.59 -1.17
CA THR D 257 -45.97 27.87 -1.16
C THR D 257 -44.56 27.69 -0.56
N ARG D 258 -43.69 28.69 -0.72
CA ARG D 258 -42.35 28.65 -0.17
C ARG D 258 -42.38 28.61 1.35
N ALA D 259 -43.39 29.24 1.98
CA ALA D 259 -43.53 29.21 3.43
C ALA D 259 -43.95 27.83 3.94
N GLU D 260 -44.75 27.07 3.15
CA GLU D 260 -45.22 25.77 3.49
C GLU D 260 -44.12 24.72 3.48
N THR D 261 -43.30 24.68 2.41
CA THR D 261 -42.19 23.72 2.36
C THR D 261 -41.20 24.01 3.49
N SER D 262 -40.96 25.30 3.77
CA SER D 262 -40.10 25.77 4.83
C SER D 262 -40.67 25.30 6.20
N ASP D 263 -41.97 25.41 6.40
CA ASP D 263 -42.63 25.00 7.64
C ASP D 263 -42.43 23.49 7.89
N VAL D 264 -42.65 22.64 6.86
CA VAL D 264 -42.45 21.21 6.99
C VAL D 264 -40.98 20.90 7.34
N ALA D 265 -40.04 21.50 6.61
CA ALA D 265 -38.62 21.27 6.85
C ALA D 265 -38.20 21.70 8.25
N ASN D 266 -38.73 22.82 8.72
CA ASN D 266 -38.40 23.32 10.04
C ASN D 266 -39.02 22.51 11.16
N ALA D 267 -40.18 21.88 10.95
CA ALA D 267 -40.80 21.02 11.97
C ALA D 267 -39.88 19.79 12.17
N VAL D 268 -39.34 19.23 11.07
CA VAL D 268 -38.40 18.11 11.11
C VAL D 268 -37.07 18.55 11.78
N LEU D 269 -36.54 19.71 11.40
CA LEU D 269 -35.32 20.24 12.02
C LEU D 269 -35.53 20.53 13.51
N ASP D 270 -36.75 20.97 13.92
CA ASP D 270 -37.06 21.22 15.34
C ASP D 270 -36.97 19.91 16.16
N GLY D 271 -37.29 18.77 15.55
CA GLY D 271 -37.25 17.49 16.22
C GLY D 271 -38.56 16.73 16.25
N ALA D 272 -39.53 17.11 15.39
CA ALA D 272 -40.82 16.41 15.37
C ALA D 272 -40.66 14.97 14.94
N ASP D 273 -41.35 14.06 15.61
CA ASP D 273 -41.36 12.67 15.24
C ASP D 273 -42.29 12.45 14.07
N CYS D 274 -43.45 13.17 14.08
CA CYS D 274 -44.46 13.03 13.05
C CYS D 274 -44.84 14.38 12.52
N ILE D 275 -45.24 14.41 11.26
CA ILE D 275 -45.82 15.59 10.63
C ILE D 275 -47.23 15.18 10.14
N MET D 276 -48.18 16.11 10.15
CA MET D 276 -49.55 15.80 9.83
C MET D 276 -50.14 16.56 8.64
N LEU D 277 -51.13 15.94 7.98
CA LEU D 277 -51.93 16.55 6.93
C LEU D 277 -53.41 16.45 7.40
N SER D 278 -54.13 17.57 7.37
CA SER D 278 -55.53 17.58 7.78
C SER D 278 -56.42 17.73 6.53
N GLY D 279 -56.85 18.96 6.17
CA GLY D 279 -57.66 19.23 4.99
C GLY D 279 -56.96 18.81 3.71
N GLU D 280 -55.62 18.86 3.68
CA GLU D 280 -54.81 18.47 2.52
C GLU D 280 -55.10 17.05 2.08
N THR D 281 -55.43 16.15 3.01
CA THR D 281 -55.75 14.75 2.65
C THR D 281 -57.22 14.40 2.87
N ALA D 282 -57.90 15.06 3.83
CA ALA D 282 -59.31 14.74 4.10
C ALA D 282 -60.26 15.26 3.04
N LYS D 283 -60.03 16.49 2.55
CA LYS D 283 -60.96 17.10 1.62
C LYS D 283 -60.36 17.70 0.38
N GLY D 284 -59.05 17.85 0.32
CA GLY D 284 -58.42 18.49 -0.83
C GLY D 284 -58.47 17.75 -2.14
N ASN D 285 -57.88 18.34 -3.16
CA ASN D 285 -57.79 17.74 -4.48
C ASN D 285 -56.40 17.06 -4.75
N PHE D 286 -55.46 17.19 -3.81
CA PHE D 286 -54.13 16.63 -3.98
C PHE D 286 -53.73 15.76 -2.80
N PRO D 287 -54.56 14.78 -2.35
CA PRO D 287 -54.16 14.04 -1.14
C PRO D 287 -52.87 13.24 -1.31
N VAL D 288 -52.67 12.59 -2.45
CA VAL D 288 -51.50 11.77 -2.70
C VAL D 288 -50.28 12.65 -2.86
N GLU D 289 -50.42 13.77 -3.60
CA GLU D 289 -49.36 14.71 -3.83
C GLU D 289 -48.94 15.42 -2.55
N ALA D 290 -49.89 15.68 -1.62
CA ALA D 290 -49.57 16.31 -0.35
C ALA D 290 -48.69 15.34 0.48
N VAL D 291 -48.99 14.03 0.47
CA VAL D 291 -48.19 13.03 1.17
C VAL D 291 -46.81 12.94 0.52
N LYS D 292 -46.77 12.90 -0.82
CA LYS D 292 -45.49 12.85 -1.55
C LYS D 292 -44.62 14.08 -1.27
N MET D 293 -45.22 15.25 -1.11
CA MET D 293 -44.50 16.48 -0.82
C MET D 293 -43.90 16.45 0.60
N GLN D 294 -44.67 16.00 1.59
CA GLN D 294 -44.17 15.88 2.95
C GLN D 294 -43.05 14.85 3.02
N HIS D 295 -43.19 13.73 2.28
CA HIS D 295 -42.17 12.70 2.18
C HIS D 295 -40.87 13.28 1.65
N ALA D 296 -40.93 14.02 0.54
CA ALA D 296 -39.78 14.64 -0.12
C ALA D 296 -39.08 15.65 0.76
N ILE D 297 -39.85 16.55 1.43
CA ILE D 297 -39.23 17.57 2.30
C ILE D 297 -38.58 16.93 3.51
N ALA D 298 -39.28 16.00 4.17
CA ALA D 298 -38.74 15.34 5.36
C ALA D 298 -37.41 14.62 5.08
N ARG D 299 -37.26 13.95 3.93
CA ARG D 299 -35.99 13.29 3.60
C ARG D 299 -34.85 14.30 3.50
N GLU D 300 -35.11 15.46 2.89
CA GLU D 300 -34.13 16.52 2.74
C GLU D 300 -33.76 17.12 4.09
N ALA D 301 -34.77 17.38 4.94
CA ALA D 301 -34.57 17.99 6.25
C ALA D 301 -33.86 17.06 7.21
N GLU D 302 -34.12 15.74 7.13
CA GLU D 302 -33.47 14.78 8.00
C GLU D 302 -31.97 14.68 7.72
N ALA D 303 -31.59 14.79 6.44
CA ALA D 303 -30.17 14.77 6.08
C ALA D 303 -29.46 16.01 6.60
N ALA D 304 -30.15 17.16 6.69
CA ALA D 304 -29.62 18.42 7.17
C ALA D 304 -29.60 18.55 8.69
N VAL D 305 -30.02 17.51 9.43
CA VAL D 305 -29.97 17.55 10.88
C VAL D 305 -28.50 17.50 11.31
N TYR D 306 -28.11 18.38 12.23
CA TYR D 306 -26.74 18.45 12.74
C TYR D 306 -26.58 17.42 13.89
N HIS D 307 -26.44 16.13 13.53
CA HIS D 307 -26.36 15.05 14.51
C HIS D 307 -25.23 15.18 15.53
N ARG D 308 -24.10 15.82 15.15
CA ARG D 308 -22.98 15.97 16.07
C ARG D 308 -23.40 16.71 17.34
N GLN D 309 -24.10 17.83 17.20
CA GLN D 309 -24.56 18.56 18.36
C GLN D 309 -25.75 17.87 19.02
N LEU D 310 -26.70 17.39 18.18
CA LEU D 310 -27.93 16.74 18.66
C LEU D 310 -27.66 15.50 19.54
N PHE D 311 -26.85 14.55 19.06
CA PHE D 311 -26.53 13.36 19.85
C PHE D 311 -25.80 13.73 21.12
N GLU D 312 -24.84 14.66 21.06
CA GLU D 312 -24.10 15.07 22.25
C GLU D 312 -25.01 15.68 23.30
N GLU D 313 -25.96 16.51 22.86
CA GLU D 313 -26.92 17.16 23.75
C GLU D 313 -27.94 16.19 24.33
N LEU D 314 -28.39 15.20 23.52
CA LEU D 314 -29.34 14.19 24.01
C LEU D 314 -28.65 13.31 25.05
N ARG D 315 -27.39 12.92 24.81
CA ARG D 315 -26.60 12.13 25.76
C ARG D 315 -26.35 12.91 27.06
N ARG D 316 -25.89 14.18 26.95
CA ARG D 316 -25.60 15.00 28.11
C ARG D 316 -26.86 15.22 28.95
N ALA D 317 -28.01 15.44 28.31
CA ALA D 317 -29.25 15.71 29.01
C ALA D 317 -29.93 14.50 29.58
N ALA D 318 -29.74 13.32 28.97
CA ALA D 318 -30.41 12.13 29.48
C ALA D 318 -29.79 11.73 30.84
N PRO D 319 -30.67 11.44 31.82
CA PRO D 319 -30.16 11.05 33.14
C PRO D 319 -29.54 9.65 33.15
N LEU D 320 -28.79 9.31 34.21
CA LEU D 320 -28.23 7.98 34.33
C LEU D 320 -29.37 6.97 34.48
N SER D 321 -29.16 5.73 34.07
CA SER D 321 -30.21 4.73 34.17
C SER D 321 -29.72 3.39 34.60
N ARG D 322 -30.49 2.68 35.39
CA ARG D 322 -30.16 1.30 35.76
C ARG D 322 -31.08 0.27 35.03
N ASP D 323 -31.78 0.70 33.98
CA ASP D 323 -32.62 -0.15 33.17
C ASP D 323 -31.79 -0.68 31.99
N PRO D 324 -31.64 -2.01 31.87
CA PRO D 324 -30.82 -2.56 30.78
C PRO D 324 -31.26 -2.19 29.37
N THR D 325 -32.57 -1.95 29.14
CA THR D 325 -33.04 -1.57 27.81
C THR D 325 -32.50 -0.18 27.48
N GLU D 326 -32.60 0.74 28.43
CA GLU D 326 -32.12 2.10 28.31
C GLU D 326 -30.58 2.15 28.12
N VAL D 327 -29.84 1.34 28.90
CA VAL D 327 -28.37 1.25 28.81
C VAL D 327 -27.92 0.62 27.48
N THR D 328 -28.59 -0.43 27.02
CA THR D 328 -28.26 -1.07 25.75
C THR D 328 -28.56 -0.11 24.59
N ALA D 329 -29.64 0.66 24.68
CA ALA D 329 -30.03 1.59 23.63
C ALA D 329 -28.97 2.66 23.38
N ILE D 330 -28.40 3.25 24.44
CA ILE D 330 -27.39 4.27 24.26
C ILE D 330 -26.08 3.67 23.75
N GLY D 331 -25.72 2.48 24.22
CA GLY D 331 -24.53 1.79 23.72
C GLY D 331 -24.67 1.45 22.25
N ALA D 332 -25.86 1.01 21.81
CA ALA D 332 -26.12 0.65 20.42
C ALA D 332 -26.08 1.86 19.51
N VAL D 333 -26.65 3.02 19.94
CA VAL D 333 -26.64 4.23 19.13
C VAL D 333 -25.20 4.78 19.01
N GLU D 334 -24.43 4.70 20.09
CA GLU D 334 -23.05 5.13 20.09
CA GLU D 334 -23.04 5.13 20.08
C GLU D 334 -22.23 4.25 19.12
N ALA D 335 -22.48 2.93 19.14
CA ALA D 335 -21.83 1.98 18.27
C ALA D 335 -22.24 2.23 16.82
N ALA D 336 -23.52 2.53 16.54
CA ALA D 336 -23.99 2.82 15.19
C ALA D 336 -23.30 4.04 14.59
N PHE D 337 -23.07 5.09 15.39
CA PHE D 337 -22.39 6.27 14.92
C PHE D 337 -20.90 5.99 14.64
N LYS D 338 -20.26 5.17 15.46
CA LYS D 338 -18.85 4.81 15.32
C LYS D 338 -18.52 4.12 14.00
N CYS D 339 -19.41 3.27 13.50
CA CYS D 339 -19.16 2.56 12.25
C CYS D 339 -20.02 3.02 11.06
N CYS D 340 -20.86 4.07 11.24
CA CYS D 340 -21.81 4.47 10.19
C CYS D 340 -22.68 3.30 9.79
N ALA D 341 -23.25 2.63 10.83
CA ALA D 341 -24.12 1.46 10.63
C ALA D 341 -25.29 1.84 9.73
N ALA D 342 -25.62 0.98 8.76
CA ALA D 342 -26.74 1.22 7.86
C ALA D 342 -28.05 1.16 8.62
N ALA D 343 -28.14 0.30 9.65
CA ALA D 343 -29.34 0.11 10.44
C ALA D 343 -29.02 -0.44 11.84
N ILE D 344 -30.00 -0.35 12.75
CA ILE D 344 -30.04 -0.95 14.05
C ILE D 344 -31.27 -1.86 14.00
N ILE D 345 -31.10 -3.18 14.00
CA ILE D 345 -32.22 -4.12 13.96
C ILE D 345 -32.58 -4.47 15.38
N VAL D 346 -33.81 -4.19 15.81
CA VAL D 346 -34.23 -4.44 17.18
C VAL D 346 -35.44 -5.33 17.22
N LEU D 347 -35.44 -6.30 18.14
CA LEU D 347 -36.58 -7.17 18.31
C LEU D 347 -37.38 -6.52 19.41
N THR D 348 -38.70 -6.36 19.18
CA THR D 348 -39.52 -5.67 20.17
C THR D 348 -40.92 -6.29 20.25
N THR D 349 -41.46 -6.36 21.47
CA THR D 349 -42.81 -6.88 21.69
C THR D 349 -43.81 -5.71 21.75
N THR D 350 -43.53 -4.71 22.60
CA THR D 350 -44.38 -3.54 22.80
C THR D 350 -43.94 -2.31 22.00
N GLY D 351 -42.72 -2.35 21.41
CA GLY D 351 -42.14 -1.23 20.69
C GLY D 351 -41.22 -0.37 21.56
N ARG D 352 -41.18 -0.63 22.88
CA ARG D 352 -40.37 0.18 23.79
C ARG D 352 -38.88 0.16 23.48
N SER D 353 -38.29 -0.99 23.13
CA SER D 353 -36.86 -1.04 22.79
C SER D 353 -36.55 -0.19 21.58
N ALA D 354 -37.46 -0.11 20.61
CA ALA D 354 -37.27 0.72 19.43
C ALA D 354 -37.40 2.21 19.81
N GLN D 355 -38.32 2.54 20.72
CA GLN D 355 -38.53 3.89 21.19
C GLN D 355 -37.30 4.41 21.91
N LEU D 356 -36.68 3.57 22.77
CA LEU D 356 -35.48 3.98 23.49
C LEU D 356 -34.27 4.16 22.56
N LEU D 357 -34.25 3.50 21.41
CA LEU D 357 -33.17 3.70 20.45
C LEU D 357 -33.41 5.06 19.74
N SER D 358 -34.66 5.28 19.30
CA SER D 358 -35.14 6.44 18.58
C SER D 358 -34.92 7.76 19.33
N ARG D 359 -34.99 7.75 20.68
CA ARG D 359 -34.82 8.97 21.47
C ARG D 359 -33.40 9.58 21.35
N TYR D 360 -32.40 8.75 20.96
CA TYR D 360 -31.04 9.25 20.75
C TYR D 360 -30.78 9.69 19.33
N ARG D 361 -31.81 9.72 18.49
CA ARG D 361 -31.79 10.19 17.11
C ARG D 361 -30.62 9.65 16.31
N PRO D 362 -30.49 8.31 16.20
CA PRO D 362 -29.41 7.77 15.36
C PRO D 362 -29.67 8.12 13.89
N ARG D 363 -28.58 8.25 13.13
CA ARG D 363 -28.67 8.42 11.69
C ARG D 363 -29.03 7.03 11.07
N ALA D 364 -28.63 5.90 11.71
CA ALA D 364 -28.96 4.56 11.27
C ALA D 364 -30.45 4.29 11.45
N ALA D 365 -31.10 3.67 10.45
CA ALA D 365 -32.54 3.36 10.54
C ALA D 365 -32.74 2.32 11.64
N VAL D 366 -33.83 2.43 12.41
CA VAL D 366 -34.14 1.45 13.45
C VAL D 366 -35.18 0.50 12.87
N ILE D 367 -34.74 -0.67 12.43
CA ILE D 367 -35.64 -1.66 11.88
C ILE D 367 -36.19 -2.49 13.04
N ALA D 368 -37.47 -2.32 13.37
CA ALA D 368 -38.08 -3.01 14.50
C ALA D 368 -38.86 -4.23 14.06
N VAL D 369 -38.36 -5.42 14.41
CA VAL D 369 -39.06 -6.66 14.05
C VAL D 369 -39.96 -7.07 15.21
N THR D 370 -41.25 -7.19 14.95
CA THR D 370 -42.21 -7.53 15.99
C THR D 370 -43.26 -8.49 15.50
N ARG D 371 -43.82 -9.29 16.41
CA ARG D 371 -44.96 -10.14 16.07
C ARG D 371 -46.29 -9.42 16.40
N SER D 372 -46.24 -8.32 17.17
CA SER D 372 -47.43 -7.59 17.56
C SER D 372 -47.82 -6.64 16.45
N ALA D 373 -48.98 -6.87 15.82
CA ALA D 373 -49.46 -5.99 14.77
C ALA D 373 -49.74 -4.60 15.33
N GLN D 374 -50.22 -4.51 16.58
CA GLN D 374 -50.44 -3.21 17.21
C GLN D 374 -49.11 -2.43 17.46
N ALA D 375 -48.07 -3.12 17.94
CA ALA D 375 -46.78 -2.49 18.15
C ALA D 375 -46.19 -2.03 16.83
N ALA D 376 -46.30 -2.84 15.77
CA ALA D 376 -45.82 -2.48 14.44
C ALA D 376 -46.48 -1.17 13.96
N ARG D 377 -47.76 -0.99 14.24
CA ARG D 377 -48.46 0.22 13.86
C ARG D 377 -48.07 1.41 14.73
N GLN D 378 -48.05 1.21 16.06
CA GLN D 378 -47.74 2.28 17.00
C GLN D 378 -46.31 2.81 16.95
N VAL D 379 -45.32 1.99 16.55
CA VAL D 379 -43.95 2.49 16.51
C VAL D 379 -43.73 3.56 15.45
N HIS D 380 -44.70 3.78 14.52
CA HIS D 380 -44.62 4.87 13.55
C HIS D 380 -44.60 6.24 14.28
N LEU D 381 -45.04 6.31 15.57
CA LEU D 381 -44.99 7.55 16.33
C LEU D 381 -43.55 7.96 16.63
N CYS D 382 -42.57 7.03 16.55
CA CYS D 382 -41.18 7.28 16.89
C CYS D 382 -40.36 7.47 15.68
N ARG D 383 -39.69 8.63 15.55
CA ARG D 383 -38.88 8.93 14.39
C ARG D 383 -37.78 7.93 14.13
N GLY D 384 -37.70 7.47 12.89
CA GLY D 384 -36.63 6.60 12.48
C GLY D 384 -36.85 5.15 12.78
N VAL D 385 -38.08 4.78 13.20
CA VAL D 385 -38.42 3.37 13.45
C VAL D 385 -39.22 2.83 12.27
N PHE D 386 -38.72 1.78 11.65
CA PHE D 386 -39.30 1.13 10.48
C PHE D 386 -39.81 -0.24 10.92
N PRO D 387 -41.12 -0.37 11.15
CA PRO D 387 -41.67 -1.64 11.66
C PRO D 387 -41.82 -2.76 10.64
N LEU D 388 -41.43 -3.97 11.04
CA LEU D 388 -41.60 -5.15 10.23
C LEU D 388 -42.45 -6.12 11.03
N LEU D 389 -43.65 -6.46 10.54
CA LEU D 389 -44.51 -7.42 11.23
C LEU D 389 -44.09 -8.84 10.80
N TYR D 390 -43.62 -9.64 11.75
CA TYR D 390 -43.18 -11.02 11.52
C TYR D 390 -44.37 -11.95 11.76
N ARG D 391 -44.71 -12.79 10.78
CA ARG D 391 -45.90 -13.61 10.88
C ARG D 391 -45.66 -15.09 11.08
N GLU D 392 -44.41 -15.56 10.88
CA GLU D 392 -44.07 -16.98 11.02
C GLU D 392 -44.35 -17.57 12.39
N PRO D 393 -44.78 -18.84 12.43
CA PRO D 393 -45.00 -19.48 13.74
C PRO D 393 -43.65 -19.74 14.43
N PRO D 394 -43.64 -19.66 15.77
CA PRO D 394 -42.38 -19.79 16.50
C PRO D 394 -41.62 -21.08 16.30
N GLU D 395 -40.29 -21.00 16.40
CA GLU D 395 -39.41 -22.15 16.40
C GLU D 395 -39.46 -22.69 17.84
N ALA D 396 -39.22 -24.00 17.99
CA ALA D 396 -39.23 -24.63 19.31
C ALA D 396 -38.05 -24.11 20.15
N ILE D 397 -36.87 -23.89 19.51
CA ILE D 397 -35.71 -23.35 20.19
C ILE D 397 -35.74 -21.83 20.11
N TRP D 398 -35.88 -21.16 21.27
CA TRP D 398 -35.98 -19.70 21.34
C TRP D 398 -34.86 -18.96 20.60
N ALA D 399 -33.58 -19.29 20.80
CA ALA D 399 -32.48 -18.66 20.10
C ALA D 399 -32.62 -18.79 18.57
N ASP D 400 -33.18 -19.89 18.06
CA ASP D 400 -33.35 -20.04 16.62
C ASP D 400 -34.45 -19.10 16.11
N ASP D 401 -35.47 -18.85 16.93
CA ASP D 401 -36.60 -17.95 16.55
C ASP D 401 -36.14 -16.49 16.54
N VAL D 402 -35.20 -16.17 17.42
CA VAL D 402 -34.68 -14.79 17.52
C VAL D 402 -33.83 -14.52 16.29
N ASP D 403 -33.08 -15.52 15.85
CA ASP D 403 -32.19 -15.36 14.67
C ASP D 403 -33.05 -15.28 13.42
N ARG D 404 -34.10 -16.10 13.33
CA ARG D 404 -34.97 -16.11 12.14
C ARG D 404 -35.59 -14.73 11.96
N ARG D 405 -35.93 -14.07 13.07
CA ARG D 405 -36.49 -12.70 13.01
C ARG D 405 -35.39 -11.70 12.64
N VAL D 406 -34.18 -11.84 13.16
CA VAL D 406 -33.04 -10.96 12.80
C VAL D 406 -32.81 -11.11 11.30
N GLN D 407 -32.77 -12.38 10.79
CA GLN D 407 -32.62 -12.65 9.36
C GLN D 407 -33.75 -12.04 8.53
N PHE D 408 -34.99 -12.09 9.04
CA PHE D 408 -36.11 -11.46 8.41
C PHE D 408 -35.89 -9.92 8.30
N GLY D 409 -35.33 -9.33 9.35
CA GLY D 409 -35.01 -7.91 9.39
C GLY D 409 -33.95 -7.57 8.35
N ILE D 410 -32.92 -8.42 8.20
CA ILE D 410 -31.87 -8.23 7.20
C ILE D 410 -32.40 -8.39 5.77
N GLU D 411 -33.17 -9.44 5.52
CA GLU D 411 -33.74 -9.71 4.19
C GLU D 411 -34.69 -8.61 3.75
N SER D 412 -35.55 -8.10 4.64
CA SER D 412 -36.44 -6.98 4.31
C SER D 412 -35.62 -5.71 4.09
N GLY D 413 -34.59 -5.49 4.91
CA GLY D 413 -33.70 -4.34 4.79
C GLY D 413 -33.01 -4.32 3.44
N LYS D 414 -32.57 -5.47 2.96
CA LYS D 414 -31.94 -5.61 1.65
C LYS D 414 -32.96 -5.34 0.52
N LEU D 415 -34.13 -5.96 0.58
CA LEU D 415 -35.20 -5.76 -0.40
C LEU D 415 -35.63 -4.30 -0.49
N ARG D 416 -35.78 -3.61 0.65
CA ARG D 416 -36.20 -2.23 0.67
C ARG D 416 -35.09 -1.18 0.45
N GLY D 417 -33.86 -1.63 0.24
CA GLY D 417 -32.76 -0.71 -0.01
C GLY D 417 -32.04 -0.14 1.19
N PHE D 418 -32.44 -0.54 2.43
CA PHE D 418 -31.75 -0.06 3.64
C PHE D 418 -30.36 -0.63 3.77
N LEU D 419 -30.16 -1.88 3.33
CA LEU D 419 -28.92 -2.60 3.52
C LEU D 419 -28.38 -3.16 2.24
N ARG D 420 -27.08 -3.40 2.23
CA ARG D 420 -26.34 -4.03 1.14
C ARG D 420 -25.30 -4.94 1.77
N VAL D 421 -24.80 -5.92 1.01
CA VAL D 421 -23.69 -6.77 1.46
C VAL D 421 -22.46 -5.91 1.76
N GLY D 422 -21.82 -6.16 2.89
CA GLY D 422 -20.68 -5.36 3.32
C GLY D 422 -21.04 -4.27 4.31
N ASP D 423 -22.32 -3.96 4.48
CA ASP D 423 -22.76 -2.97 5.46
C ASP D 423 -22.58 -3.53 6.89
N LEU D 424 -22.48 -2.62 7.86
CA LEU D 424 -22.44 -3.00 9.27
C LEU D 424 -23.79 -2.63 9.86
N VAL D 425 -24.33 -3.50 10.68
CA VAL D 425 -25.62 -3.35 11.32
C VAL D 425 -25.44 -3.63 12.84
N ILE D 426 -26.16 -2.92 13.72
CA ILE D 426 -26.17 -3.14 15.17
C ILE D 426 -27.42 -3.94 15.46
N VAL D 427 -27.29 -5.09 16.15
CA VAL D 427 -28.45 -5.95 16.44
C VAL D 427 -28.81 -5.91 17.94
N VAL D 428 -30.05 -5.48 18.29
CA VAL D 428 -30.49 -5.33 19.67
C VAL D 428 -31.54 -6.38 20.04
N THR D 429 -31.18 -7.28 20.98
CA THR D 429 -32.02 -8.38 21.44
C THR D 429 -32.01 -8.43 23.00
N GLY D 430 -32.66 -9.41 23.58
CA GLY D 430 -32.76 -9.62 25.02
C GLY D 430 -32.37 -11.03 25.42
N TRP D 431 -32.33 -11.28 26.71
CA TRP D 431 -31.82 -12.55 27.23
C TRP D 431 -32.90 -13.66 27.47
N ARG D 432 -34.17 -13.24 27.54
CA ARG D 432 -35.28 -14.16 27.68
C ARG D 432 -36.49 -13.66 26.90
N PRO D 433 -37.47 -14.51 26.58
CA PRO D 433 -38.68 -14.01 25.87
C PRO D 433 -39.56 -13.08 26.71
N GLY D 434 -40.50 -12.40 26.08
CA GLY D 434 -41.35 -11.43 26.76
C GLY D 434 -40.75 -10.04 26.77
N SER D 435 -41.59 -9.07 27.04
CA SER D 435 -41.23 -7.67 27.06
CA SER D 435 -41.22 -7.66 27.06
C SER D 435 -40.38 -7.31 28.27
N GLY D 436 -39.50 -6.32 28.09
CA GLY D 436 -38.69 -5.76 29.15
C GLY D 436 -37.32 -6.33 29.40
N TYR D 437 -36.85 -7.25 28.55
CA TYR D 437 -35.58 -7.93 28.81
C TYR D 437 -34.49 -7.72 27.78
N THR D 438 -34.61 -6.66 26.94
CA THR D 438 -33.59 -6.27 25.97
C THR D 438 -32.31 -5.95 26.76
N ASN D 439 -31.18 -6.54 26.40
CA ASN D 439 -29.92 -6.26 27.10
C ASN D 439 -28.66 -6.54 26.24
N ILE D 440 -28.79 -7.00 24.98
CA ILE D 440 -27.65 -7.32 24.15
C ILE D 440 -27.61 -6.42 22.95
N MET D 441 -26.40 -6.04 22.58
CA MET D 441 -26.10 -5.24 21.41
C MET D 441 -24.95 -5.98 20.69
N ARG D 442 -25.16 -6.37 19.43
CA ARG D 442 -24.10 -7.05 18.67
C ARG D 442 -23.79 -6.37 17.30
N VAL D 443 -22.50 -6.23 16.93
CA VAL D 443 -22.06 -5.65 15.65
C VAL D 443 -22.06 -6.75 14.59
N LEU D 444 -22.86 -6.60 13.54
CA LEU D 444 -23.01 -7.61 12.52
C LEU D 444 -22.64 -7.12 11.13
N SER D 445 -21.95 -7.95 10.34
CA SER D 445 -21.60 -7.58 8.97
C SER D 445 -22.58 -8.24 8.02
N ILE D 446 -23.18 -7.47 7.11
CA ILE D 446 -24.16 -8.02 6.16
C ILE D 446 -23.52 -8.88 5.07
N SER D 447 -24.00 -10.12 4.93
CA SER D 447 -23.51 -11.07 3.93
C SER D 447 -24.61 -11.52 2.92
N ALA E 25 -11.27 -19.89 -25.85
CA ALA E 25 -11.64 -21.14 -25.18
C ALA E 25 -10.75 -22.32 -25.64
N PHE E 26 -10.33 -22.30 -26.93
CA PHE E 26 -9.46 -23.34 -27.47
C PHE E 26 -8.11 -23.31 -26.75
N PHE E 27 -7.57 -22.09 -26.56
CA PHE E 27 -6.26 -21.90 -25.92
C PHE E 27 -6.27 -22.06 -24.40
N GLN E 28 -7.45 -22.24 -23.77
CA GLN E 28 -7.52 -22.51 -22.34
C GLN E 28 -7.52 -24.04 -22.04
N GLN E 29 -8.00 -24.85 -23.01
CA GLN E 29 -8.05 -26.32 -22.93
C GLN E 29 -6.68 -26.97 -23.19
N GLN E 30 -6.59 -28.31 -22.95
CA GLN E 30 -5.46 -29.21 -23.12
C GLN E 30 -4.10 -28.63 -22.68
N GLN E 31 -4.11 -27.91 -21.52
CA GLN E 31 -2.94 -27.27 -20.88
C GLN E 31 -2.13 -26.41 -21.85
N LEU E 32 -2.81 -25.72 -22.77
CA LEU E 32 -2.12 -24.87 -23.75
C LEU E 32 -1.39 -23.68 -23.10
N PRO E 33 -1.92 -23.00 -22.03
CA PRO E 33 -1.10 -21.97 -21.35
C PRO E 33 0.19 -22.56 -20.77
N ALA E 34 0.14 -23.75 -20.16
CA ALA E 34 1.31 -24.43 -19.61
C ALA E 34 2.28 -24.90 -20.71
N ALA E 35 1.75 -25.25 -21.90
CA ALA E 35 2.57 -25.68 -23.05
C ALA E 35 3.31 -24.51 -23.72
N MET E 36 2.75 -23.28 -23.61
CA MET E 36 3.35 -22.04 -24.16
C MET E 36 4.42 -21.43 -23.26
N ALA E 37 4.59 -21.94 -22.02
CA ALA E 37 5.56 -21.39 -21.07
C ALA E 37 7.00 -21.40 -21.57
N ASP E 38 7.79 -20.40 -21.16
CA ASP E 38 9.17 -20.28 -21.60
C ASP E 38 10.17 -21.13 -20.81
N THR E 39 9.79 -21.58 -19.61
CA THR E 39 10.61 -22.46 -18.80
C THR E 39 9.76 -23.64 -18.30
N PHE E 40 10.42 -24.74 -17.91
CA PHE E 40 9.75 -25.89 -17.35
C PHE E 40 9.10 -25.56 -16.00
N LEU E 41 9.74 -24.68 -15.22
CA LEU E 41 9.22 -24.22 -13.94
C LEU E 41 7.93 -23.45 -14.14
N GLU E 42 7.88 -22.53 -15.12
CA GLU E 42 6.67 -21.75 -15.46
CA GLU E 42 6.65 -21.78 -15.38
C GLU E 42 5.57 -22.67 -16.01
N HIS E 43 5.98 -23.74 -16.73
CA HIS E 43 5.10 -24.74 -17.31
C HIS E 43 4.36 -25.44 -16.16
N LEU E 44 5.10 -25.89 -15.12
CA LEU E 44 4.48 -26.54 -13.97
C LEU E 44 3.50 -25.60 -13.27
N CYS E 45 3.91 -24.33 -13.06
CA CYS E 45 3.10 -23.32 -12.40
C CYS E 45 1.78 -23.04 -13.15
N LEU E 46 1.79 -23.20 -14.47
CA LEU E 46 0.62 -22.94 -15.28
C LEU E 46 -0.32 -24.13 -15.47
N LEU E 47 0.01 -25.33 -14.94
CA LEU E 47 -0.87 -26.50 -15.04
C LEU E 47 -2.18 -26.20 -14.32
N ASP E 48 -3.29 -26.50 -14.96
CA ASP E 48 -4.63 -26.14 -14.49
C ASP E 48 -5.53 -27.37 -14.43
N ILE E 49 -6.09 -27.66 -13.24
CA ILE E 49 -7.00 -28.78 -13.10
C ILE E 49 -8.33 -28.55 -13.87
N ASP E 50 -8.67 -27.28 -14.15
CA ASP E 50 -9.87 -26.92 -14.92
C ASP E 50 -9.64 -26.93 -16.43
N SER E 51 -8.40 -27.07 -16.90
CA SER E 51 -8.09 -27.16 -18.32
C SER E 51 -8.34 -28.62 -18.73
N GLU E 52 -9.42 -28.85 -19.50
CA GLU E 52 -9.80 -30.21 -19.91
C GLU E 52 -9.08 -30.76 -21.12
N PRO E 53 -8.73 -32.06 -21.08
CA PRO E 53 -8.04 -32.66 -22.23
C PRO E 53 -8.98 -32.82 -23.43
N VAL E 54 -8.55 -32.36 -24.61
CA VAL E 54 -9.38 -32.44 -25.82
C VAL E 54 -8.93 -33.59 -26.73
N ALA E 55 -7.62 -33.74 -26.91
CA ALA E 55 -7.02 -34.76 -27.75
C ALA E 55 -7.36 -36.20 -27.33
N ALA E 56 -7.33 -37.12 -28.32
CA ALA E 56 -7.57 -38.54 -28.07
C ALA E 56 -6.38 -39.11 -27.26
N ARG E 57 -6.63 -40.09 -26.39
CA ARG E 57 -5.58 -40.70 -25.58
C ARG E 57 -4.56 -41.39 -26.47
N SER E 58 -3.28 -41.01 -26.36
CA SER E 58 -2.24 -41.50 -27.23
C SER E 58 -1.34 -42.61 -26.62
N THR E 59 -1.28 -42.77 -25.28
CA THR E 59 -0.47 -43.83 -24.66
C THR E 59 -1.32 -45.10 -24.62
N SER E 60 -0.85 -46.19 -25.25
CA SER E 60 -1.63 -47.41 -25.32
C SER E 60 -1.69 -48.16 -24.03
N ILE E 61 -2.80 -48.86 -23.80
CA ILE E 61 -2.99 -49.64 -22.59
C ILE E 61 -2.87 -51.13 -22.95
N ILE E 62 -2.00 -51.84 -22.25
CA ILE E 62 -1.84 -53.26 -22.43
C ILE E 62 -2.53 -53.92 -21.23
N ALA E 63 -3.52 -54.80 -21.47
CA ALA E 63 -4.22 -55.47 -20.37
C ALA E 63 -3.90 -56.93 -20.40
N THR E 64 -3.48 -57.49 -19.25
CA THR E 64 -3.19 -58.93 -19.17
C THR E 64 -4.50 -59.70 -19.07
N ILE E 65 -4.73 -60.65 -19.98
CA ILE E 65 -5.98 -61.40 -20.01
C ILE E 65 -5.87 -62.71 -19.21
N GLY E 66 -6.77 -62.85 -18.23
CA GLY E 66 -6.84 -64.00 -17.35
C GLY E 66 -8.27 -64.31 -16.96
N PRO E 67 -8.44 -65.03 -15.84
CA PRO E 67 -9.81 -65.40 -15.41
C PRO E 67 -10.80 -64.26 -15.27
N ALA E 68 -10.33 -63.08 -14.81
CA ALA E 68 -11.19 -61.90 -14.62
C ALA E 68 -11.54 -61.16 -15.90
N SER E 69 -10.85 -61.44 -17.00
CA SER E 69 -11.05 -60.72 -18.25
C SER E 69 -11.10 -61.61 -19.49
N ARG E 70 -11.53 -62.86 -19.31
CA ARG E 70 -11.59 -63.84 -20.39
C ARG E 70 -12.84 -63.84 -21.25
N SER E 71 -14.01 -63.58 -20.66
CA SER E 71 -15.26 -63.66 -21.40
C SER E 71 -15.34 -62.66 -22.55
N VAL E 72 -16.02 -63.04 -23.64
CA VAL E 72 -16.20 -62.18 -24.81
C VAL E 72 -16.92 -60.89 -24.42
N GLU E 73 -17.93 -60.99 -23.55
CA GLU E 73 -18.69 -59.84 -23.10
C GLU E 73 -17.82 -58.88 -22.26
N ARG E 74 -16.93 -59.44 -21.41
CA ARG E 74 -16.01 -58.67 -20.58
C ARG E 74 -14.96 -57.99 -21.45
N LEU E 75 -14.43 -58.71 -22.44
CA LEU E 75 -13.44 -58.19 -23.38
C LEU E 75 -13.98 -57.06 -24.25
N LYS E 76 -15.28 -57.09 -24.58
CA LYS E 76 -15.91 -56.01 -25.35
C LYS E 76 -15.94 -54.75 -24.49
N GLU E 77 -16.21 -54.89 -23.17
CA GLU E 77 -16.22 -53.77 -22.23
C GLU E 77 -14.83 -53.19 -22.06
N MET E 78 -13.78 -54.04 -22.08
CA MET E 78 -12.40 -53.60 -21.96
CA MET E 78 -12.40 -53.59 -21.95
C MET E 78 -11.93 -52.88 -23.22
N ILE E 79 -12.44 -53.29 -24.40
CA ILE E 79 -12.09 -52.61 -25.64
C ILE E 79 -12.71 -51.21 -25.60
N LYS E 80 -13.96 -51.11 -25.15
CA LYS E 80 -14.64 -49.81 -25.04
C LYS E 80 -13.98 -48.91 -23.99
N ALA E 81 -13.44 -49.50 -22.90
CA ALA E 81 -12.76 -48.78 -21.83
C ALA E 81 -11.38 -48.22 -22.30
N GLY E 82 -10.75 -48.87 -23.30
CA GLY E 82 -9.49 -48.39 -23.84
C GLY E 82 -8.39 -49.39 -24.09
N MET E 83 -8.61 -50.70 -23.85
CA MET E 83 -7.57 -51.71 -24.09
C MET E 83 -7.13 -51.72 -25.57
N ASN E 84 -5.81 -51.63 -25.81
CA ASN E 84 -5.26 -51.63 -27.18
C ASN E 84 -4.46 -52.90 -27.48
N ILE E 85 -3.86 -53.50 -26.44
CA ILE E 85 -3.04 -54.69 -26.57
C ILE E 85 -3.46 -55.69 -25.49
N ALA E 86 -3.71 -56.95 -25.88
CA ALA E 86 -4.06 -58.01 -24.95
C ALA E 86 -2.82 -58.82 -24.68
N ARG E 87 -2.40 -58.92 -23.41
CA ARG E 87 -1.21 -59.66 -23.04
C ARG E 87 -1.55 -61.05 -22.49
N LEU E 88 -0.88 -62.09 -23.00
CA LEU E 88 -1.09 -63.45 -22.51
C LEU E 88 0.16 -63.87 -21.79
N ASN E 89 0.05 -64.09 -20.48
CA ASN E 89 1.22 -64.44 -19.69
C ASN E 89 1.46 -65.94 -19.70
N PHE E 90 2.46 -66.38 -20.47
CA PHE E 90 2.78 -67.81 -20.58
C PHE E 90 3.52 -68.37 -19.36
N SER E 91 3.68 -67.57 -18.30
CA SER E 91 4.20 -68.05 -17.03
C SER E 91 3.07 -68.82 -16.27
N HIS E 92 1.79 -68.62 -16.66
CA HIS E 92 0.61 -69.25 -16.09
C HIS E 92 -0.25 -69.89 -17.20
N GLY E 93 -1.17 -70.77 -16.81
CA GLY E 93 -2.06 -71.43 -17.76
C GLY E 93 -1.36 -72.38 -18.70
N SER E 94 -2.07 -72.79 -19.74
CA SER E 94 -1.58 -73.74 -20.73
C SER E 94 -1.81 -73.18 -22.15
N HIS E 95 -1.31 -73.89 -23.17
CA HIS E 95 -1.52 -73.53 -24.56
C HIS E 95 -3.03 -73.53 -24.88
N GLU E 96 -3.78 -74.51 -24.33
CA GLU E 96 -5.21 -74.62 -24.55
C GLU E 96 -5.95 -73.43 -23.93
N TYR E 97 -5.53 -73.03 -22.73
CA TYR E 97 -6.10 -71.91 -21.99
C TYR E 97 -5.89 -70.59 -22.74
N HIS E 98 -4.64 -70.33 -23.16
CA HIS E 98 -4.30 -69.12 -23.90
C HIS E 98 -4.90 -69.07 -25.30
N ALA E 99 -5.07 -70.23 -25.96
CA ALA E 99 -5.71 -70.27 -27.27
C ALA E 99 -7.17 -69.85 -27.17
N GLU E 100 -7.85 -70.23 -26.07
CA GLU E 100 -9.24 -69.85 -25.88
C GLU E 100 -9.34 -68.35 -25.61
N SER E 101 -8.39 -67.80 -24.82
CA SER E 101 -8.34 -66.37 -24.54
C SER E 101 -8.13 -65.59 -25.85
N ILE E 102 -7.17 -66.03 -26.71
CA ILE E 102 -6.89 -65.41 -28.02
C ILE E 102 -8.16 -65.39 -28.88
N ALA E 103 -8.90 -66.52 -28.92
CA ALA E 103 -10.13 -66.63 -29.68
C ALA E 103 -11.22 -65.68 -29.16
N ASN E 104 -11.30 -65.52 -27.83
CA ASN E 104 -12.28 -64.62 -27.21
C ASN E 104 -11.96 -63.16 -27.49
N VAL E 105 -10.65 -62.81 -27.50
CA VAL E 105 -10.22 -61.44 -27.82
C VAL E 105 -10.59 -61.14 -29.26
N ARG E 106 -10.24 -62.05 -30.19
CA ARG E 106 -10.57 -61.89 -31.60
C ARG E 106 -12.08 -61.81 -31.85
N GLU E 107 -12.87 -62.58 -31.08
CA GLU E 107 -14.31 -62.53 -31.20
C GLU E 107 -14.85 -61.18 -30.76
N ALA E 108 -14.35 -60.67 -29.62
CA ALA E 108 -14.77 -59.36 -29.10
C ALA E 108 -14.34 -58.22 -30.05
N VAL E 109 -13.12 -58.30 -30.62
CA VAL E 109 -12.63 -57.28 -31.56
C VAL E 109 -13.45 -57.28 -32.83
N GLU E 110 -13.76 -58.47 -33.37
CA GLU E 110 -14.54 -58.55 -34.61
C GLU E 110 -16.01 -58.22 -34.44
N SER E 111 -16.52 -58.18 -33.21
CA SER E 111 -17.90 -57.78 -32.96
C SER E 111 -18.16 -56.29 -33.28
N PHE E 112 -17.10 -55.51 -33.55
CA PHE E 112 -17.19 -54.10 -33.92
C PHE E 112 -16.76 -53.85 -35.39
N ALA E 113 -16.44 -54.92 -36.16
CA ALA E 113 -15.98 -54.82 -37.55
C ALA E 113 -17.03 -54.40 -38.56
N GLY E 114 -18.30 -54.39 -38.15
CA GLY E 114 -19.41 -53.95 -39.00
C GLY E 114 -19.38 -52.47 -39.33
N SER E 115 -18.62 -51.70 -38.55
CA SER E 115 -18.46 -50.28 -38.76
C SER E 115 -16.95 -50.02 -39.02
N PRO E 116 -16.46 -50.18 -40.29
CA PRO E 116 -15.01 -50.04 -40.57
C PRO E 116 -14.36 -48.67 -40.29
N LEU E 117 -15.18 -47.59 -40.26
CA LEU E 117 -14.70 -46.24 -39.95
C LEU E 117 -14.54 -46.00 -38.43
N SER E 118 -15.00 -46.96 -37.56
CA SER E 118 -14.90 -46.86 -36.09
C SER E 118 -14.46 -48.19 -35.39
N TYR E 119 -13.94 -49.17 -36.16
CA TYR E 119 -13.48 -50.46 -35.65
C TYR E 119 -12.12 -50.27 -34.99
N ARG E 120 -11.89 -50.91 -33.83
CA ARG E 120 -10.61 -50.75 -33.14
C ARG E 120 -9.75 -52.03 -33.12
N PRO E 121 -8.61 -52.02 -33.85
CA PRO E 121 -7.72 -53.18 -33.82
C PRO E 121 -7.10 -53.42 -32.43
N VAL E 122 -6.93 -54.67 -32.01
CA VAL E 122 -6.31 -54.98 -30.71
C VAL E 122 -5.16 -55.94 -30.96
N ALA E 123 -3.93 -55.56 -30.61
CA ALA E 123 -2.78 -56.43 -30.78
C ALA E 123 -2.81 -57.56 -29.76
N ILE E 124 -2.19 -58.69 -30.10
CA ILE E 124 -2.08 -59.82 -29.18
C ILE E 124 -0.62 -60.07 -28.87
N ALA E 125 -0.26 -60.00 -27.61
CA ALA E 125 1.12 -60.15 -27.19
C ALA E 125 1.33 -61.37 -26.33
N LEU E 126 2.41 -62.09 -26.58
CA LEU E 126 2.73 -63.30 -25.83
C LEU E 126 3.88 -62.97 -24.89
N ASP E 127 3.66 -63.06 -23.58
CA ASP E 127 4.73 -62.80 -22.62
C ASP E 127 5.33 -64.16 -22.26
N THR E 128 6.61 -64.40 -22.56
CA THR E 128 7.23 -65.69 -22.31
C THR E 128 7.51 -65.97 -20.83
N LYS E 129 7.63 -67.26 -20.47
CA LYS E 129 7.92 -67.71 -19.10
C LYS E 129 9.34 -67.31 -18.69
N GLY E 130 10.28 -67.36 -19.62
CA GLY E 130 11.65 -66.97 -19.36
C GLY E 130 12.64 -68.10 -19.17
N PRO E 131 13.93 -67.74 -19.02
CA PRO E 131 14.97 -68.77 -18.86
C PRO E 131 14.99 -69.46 -17.50
N GLY E 132 16.11 -70.06 -17.11
CA GLY E 132 16.20 -70.76 -15.83
C GLY E 132 17.64 -71.19 -15.55
N GLY E 136 20.01 -69.58 -20.89
CA GLY E 136 19.71 -69.22 -22.26
C GLY E 136 18.25 -69.40 -22.58
N LEU E 137 17.89 -69.63 -23.87
CA LEU E 137 16.48 -69.83 -24.24
C LEU E 137 16.02 -71.20 -23.76
N SER E 138 15.00 -71.24 -22.88
CA SER E 138 14.48 -72.51 -22.34
C SER E 138 13.71 -73.33 -23.39
N GLU E 139 13.48 -74.64 -23.13
CA GLU E 139 12.74 -75.47 -24.08
C GLU E 139 11.25 -75.16 -24.10
N GLN E 140 10.69 -74.73 -22.97
CA GLN E 140 9.28 -74.33 -22.89
C GLN E 140 9.10 -73.03 -23.70
N ASP E 141 10.08 -72.11 -23.67
CA ASP E 141 10.01 -70.87 -24.45
C ASP E 141 9.99 -71.17 -25.93
N VAL E 142 10.78 -72.15 -26.39
CA VAL E 142 10.77 -72.53 -27.81
C VAL E 142 9.38 -73.05 -28.22
N ARG E 143 8.75 -73.85 -27.35
CA ARG E 143 7.41 -74.37 -27.63
C ARG E 143 6.35 -73.27 -27.61
N ASP E 144 6.47 -72.32 -26.67
CA ASP E 144 5.53 -71.21 -26.53
C ASP E 144 5.66 -70.20 -27.66
N LEU E 145 6.89 -69.91 -28.08
CA LEU E 145 7.15 -69.02 -29.21
C LEU E 145 6.59 -69.63 -30.50
N ARG E 146 6.71 -70.96 -30.66
CA ARG E 146 6.15 -71.68 -31.79
C ARG E 146 4.62 -71.58 -31.78
N PHE E 147 4.00 -71.67 -30.58
CA PHE E 147 2.57 -71.53 -30.37
C PHE E 147 2.12 -70.14 -30.86
N GLY E 148 2.89 -69.11 -30.51
CA GLY E 148 2.61 -67.74 -30.90
C GLY E 148 2.61 -67.55 -32.40
N VAL E 149 3.59 -68.13 -33.09
CA VAL E 149 3.66 -68.06 -34.55
C VAL E 149 2.43 -68.74 -35.16
N GLU E 150 2.10 -69.95 -34.66
CA GLU E 150 0.94 -70.72 -35.13
C GLU E 150 -0.39 -70.03 -34.87
N HIS E 151 -0.47 -69.24 -33.79
CA HIS E 151 -1.70 -68.54 -33.46
C HIS E 151 -1.75 -67.08 -33.93
N GLY E 152 -0.73 -66.63 -34.66
CA GLY E 152 -0.69 -65.28 -35.23
C GLY E 152 -0.54 -64.13 -34.26
N VAL E 153 0.28 -64.30 -33.22
CA VAL E 153 0.51 -63.20 -32.27
C VAL E 153 1.27 -62.08 -32.95
N ASP E 154 1.09 -60.85 -32.48
CA ASP E 154 1.73 -59.68 -33.07
C ASP E 154 3.03 -59.30 -32.39
N ILE E 155 3.10 -59.50 -31.07
CA ILE E 155 4.23 -59.08 -30.27
C ILE E 155 4.67 -60.20 -29.32
N VAL E 156 5.96 -60.23 -28.99
CA VAL E 156 6.50 -61.13 -28.00
C VAL E 156 7.13 -60.25 -26.93
N PHE E 157 6.72 -60.41 -25.68
CA PHE E 157 7.35 -59.72 -24.57
C PHE E 157 8.33 -60.78 -24.05
N ALA E 158 9.60 -60.70 -24.45
CA ALA E 158 10.60 -61.69 -24.08
C ALA E 158 11.11 -61.49 -22.66
N SER E 159 10.77 -62.39 -21.73
CA SER E 159 11.22 -62.30 -20.36
C SER E 159 12.71 -62.45 -20.13
N PHE E 160 13.22 -61.77 -19.10
CA PHE E 160 14.60 -61.79 -18.63
C PHE E 160 15.66 -61.70 -19.74
N VAL E 161 15.53 -60.73 -20.66
CA VAL E 161 16.55 -60.53 -21.70
C VAL E 161 17.77 -59.93 -21.00
N ARG E 162 18.93 -60.58 -21.13
CA ARG E 162 20.16 -60.14 -20.47
C ARG E 162 21.27 -59.67 -21.41
N LYS E 163 21.19 -60.05 -22.68
CA LYS E 163 22.20 -59.71 -23.68
C LYS E 163 21.58 -59.78 -25.07
N ALA E 164 22.27 -59.23 -26.08
CA ALA E 164 21.79 -59.23 -27.47
C ALA E 164 21.55 -60.65 -28.03
N SER E 165 22.36 -61.64 -27.59
CA SER E 165 22.20 -63.01 -28.06
C SER E 165 20.88 -63.66 -27.60
N ASP E 166 20.29 -63.17 -26.51
CA ASP E 166 18.99 -63.65 -26.03
C ASP E 166 17.89 -63.25 -27.03
N VAL E 167 17.98 -62.04 -27.58
CA VAL E 167 17.04 -61.52 -28.56
C VAL E 167 17.16 -62.33 -29.85
N ALA E 168 18.40 -62.63 -30.27
CA ALA E 168 18.68 -63.41 -31.47
C ALA E 168 18.09 -64.83 -31.34
N ALA E 169 18.18 -65.42 -30.14
CA ALA E 169 17.62 -66.75 -29.87
C ALA E 169 16.10 -66.72 -29.98
N VAL E 170 15.44 -65.65 -29.50
CA VAL E 170 13.99 -65.54 -29.61
C VAL E 170 13.60 -65.39 -31.09
N ARG E 171 14.35 -64.59 -31.84
CA ARG E 171 14.11 -64.40 -33.26
C ARG E 171 14.23 -65.73 -34.03
N ALA E 172 15.27 -66.52 -33.72
CA ALA E 172 15.49 -67.83 -34.34
C ALA E 172 14.35 -68.80 -34.00
N ALA E 173 13.90 -68.81 -32.73
CA ALA E 173 12.78 -69.67 -32.29
C ALA E 173 11.44 -69.31 -32.95
N LEU E 174 11.29 -68.07 -33.42
CA LEU E 174 10.07 -67.67 -34.14
C LEU E 174 10.06 -68.20 -35.60
N GLY E 175 11.23 -68.56 -36.12
CA GLY E 175 11.38 -69.12 -37.45
C GLY E 175 11.12 -68.17 -38.57
N PRO E 176 11.08 -68.70 -39.81
CA PRO E 176 10.82 -67.83 -40.97
C PRO E 176 9.39 -67.32 -41.05
N GLU E 177 8.42 -68.04 -40.47
CA GLU E 177 7.02 -67.63 -40.48
C GLU E 177 6.69 -66.52 -39.46
N GLY E 178 7.56 -66.29 -38.48
CA GLY E 178 7.36 -65.26 -37.48
C GLY E 178 8.27 -64.04 -37.67
N HIS E 179 8.68 -63.78 -38.93
CA HIS E 179 9.55 -62.66 -39.27
CA HIS E 179 9.55 -62.66 -39.27
C HIS E 179 8.92 -61.30 -38.96
N GLY E 180 7.59 -61.20 -39.04
CA GLY E 180 6.87 -59.96 -38.80
C GLY E 180 6.58 -59.63 -37.35
N ILE E 181 6.66 -60.63 -36.46
CA ILE E 181 6.39 -60.45 -35.03
C ILE E 181 7.41 -59.49 -34.39
N LYS E 182 6.93 -58.55 -33.54
CA LYS E 182 7.79 -57.60 -32.85
C LYS E 182 8.33 -58.22 -31.57
N ILE E 183 9.62 -58.00 -31.29
CA ILE E 183 10.21 -58.51 -30.06
C ILE E 183 10.50 -57.35 -29.14
N ILE E 184 9.77 -57.28 -28.03
CA ILE E 184 9.90 -56.27 -26.99
C ILE E 184 10.66 -56.95 -25.86
N SER E 185 11.92 -56.58 -25.64
CA SER E 185 12.73 -57.23 -24.60
C SER E 185 12.42 -56.71 -23.21
N LYS E 186 12.13 -57.61 -22.28
CA LYS E 186 11.85 -57.23 -20.91
C LYS E 186 13.15 -57.13 -20.12
N ILE E 187 13.42 -55.94 -19.55
CA ILE E 187 14.61 -55.76 -18.73
C ILE E 187 14.17 -55.98 -17.29
N GLU E 188 14.63 -57.09 -16.69
CA GLU E 188 14.17 -57.49 -15.36
C GLU E 188 15.28 -57.70 -14.34
N ASN E 189 16.54 -57.47 -14.71
CA ASN E 189 17.66 -57.70 -13.77
C ASN E 189 18.84 -56.77 -14.01
N HIS E 190 19.86 -56.80 -13.13
CA HIS E 190 21.04 -55.94 -13.25
C HIS E 190 21.78 -56.11 -14.59
N GLU E 191 21.90 -57.36 -15.10
CA GLU E 191 22.58 -57.60 -16.36
C GLU E 191 21.89 -56.96 -17.56
N GLY E 192 20.56 -57.03 -17.59
CA GLY E 192 19.77 -56.42 -18.64
C GLY E 192 19.93 -54.92 -18.65
N VAL E 193 19.97 -54.31 -17.45
CA VAL E 193 20.16 -52.86 -17.31
C VAL E 193 21.54 -52.46 -17.80
N LYS E 194 22.57 -53.21 -17.40
CA LYS E 194 23.94 -52.92 -17.80
C LYS E 194 24.22 -53.13 -19.29
N ARG E 195 23.58 -54.14 -19.89
CA ARG E 195 23.74 -54.40 -21.31
C ARG E 195 22.60 -53.81 -22.16
N PHE E 196 21.87 -52.81 -21.62
CA PHE E 196 20.72 -52.16 -22.25
C PHE E 196 20.96 -51.70 -23.70
N ASP E 197 22.05 -51.00 -23.97
CA ASP E 197 22.30 -50.48 -25.31
C ASP E 197 22.39 -51.54 -26.38
N GLU E 198 23.03 -52.68 -26.06
CA GLU E 198 23.15 -53.76 -27.04
C GLU E 198 21.82 -54.49 -27.22
N ILE E 199 20.98 -54.55 -26.16
CA ILE E 199 19.68 -55.19 -26.22
C ILE E 199 18.71 -54.33 -27.03
N LEU E 200 18.67 -53.01 -26.76
CA LEU E 200 17.82 -52.08 -27.49
C LEU E 200 18.17 -52.06 -28.97
N GLU E 201 19.47 -52.13 -29.30
CA GLU E 201 19.97 -52.13 -30.67
CA GLU E 201 19.95 -52.11 -30.67
C GLU E 201 19.35 -53.24 -31.52
N VAL E 202 19.23 -54.44 -30.93
CA VAL E 202 18.68 -55.59 -31.66
C VAL E 202 17.20 -55.87 -31.39
N SER E 203 16.56 -55.12 -30.49
CA SER E 203 15.14 -55.32 -30.18
C SER E 203 14.25 -54.31 -30.90
N ASP E 204 12.96 -54.63 -31.03
CA ASP E 204 12.00 -53.69 -31.62
C ASP E 204 11.53 -52.65 -30.57
N GLY E 205 11.69 -52.98 -29.30
CA GLY E 205 11.31 -52.15 -28.17
C GLY E 205 11.69 -52.78 -26.84
N ILE E 206 11.32 -52.09 -25.75
CA ILE E 206 11.68 -52.51 -24.40
C ILE E 206 10.49 -52.47 -23.46
N MET E 207 10.49 -53.36 -22.46
CA MET E 207 9.51 -53.31 -21.40
C MET E 207 10.28 -53.17 -20.09
N VAL E 208 9.91 -52.17 -19.28
CA VAL E 208 10.50 -51.95 -17.97
C VAL E 208 9.66 -52.82 -17.05
N ALA E 209 10.14 -54.06 -16.83
CA ALA E 209 9.46 -55.07 -16.02
C ALA E 209 9.81 -54.84 -14.55
N ARG E 210 9.11 -53.90 -13.90
CA ARG E 210 9.41 -53.43 -12.56
C ARG E 210 9.25 -54.44 -11.43
N GLY E 211 8.43 -55.47 -11.61
CA GLY E 211 8.24 -56.51 -10.60
C GLY E 211 9.52 -57.25 -10.28
N ASP E 212 10.12 -57.91 -11.29
CA ASP E 212 11.38 -58.61 -11.08
C ASP E 212 12.52 -57.65 -10.90
N LEU E 213 12.52 -56.53 -11.62
CA LEU E 213 13.59 -55.53 -11.51
C LEU E 213 13.72 -55.02 -10.07
N GLY E 214 12.59 -54.82 -9.39
CA GLY E 214 12.51 -54.38 -8.00
C GLY E 214 13.02 -55.39 -6.97
N ILE E 215 13.18 -56.65 -7.38
CA ILE E 215 13.71 -57.75 -6.56
C ILE E 215 15.21 -57.93 -6.89
N GLU E 216 15.58 -57.79 -8.19
CA GLU E 216 16.94 -57.98 -8.67
C GLU E 216 17.88 -56.85 -8.31
N ILE E 217 17.36 -55.62 -8.33
CA ILE E 217 18.12 -54.42 -7.94
C ILE E 217 17.39 -53.77 -6.73
N PRO E 218 18.05 -52.88 -5.95
CA PRO E 218 17.34 -52.25 -4.83
C PRO E 218 16.07 -51.55 -5.29
N ALA E 219 14.96 -51.74 -4.56
CA ALA E 219 13.66 -51.18 -4.92
C ALA E 219 13.71 -49.65 -5.15
N GLU E 220 14.54 -48.95 -4.36
CA GLU E 220 14.68 -47.51 -4.45
C GLU E 220 15.45 -47.02 -5.69
N LYS E 221 15.98 -47.94 -6.52
CA LYS E 221 16.70 -47.61 -7.74
C LYS E 221 15.87 -47.88 -9.00
N VAL E 222 14.73 -48.61 -8.90
CA VAL E 222 13.90 -48.91 -10.07
C VAL E 222 13.50 -47.66 -10.89
N PHE E 223 13.12 -46.56 -10.21
CA PHE E 223 12.75 -45.33 -10.90
C PHE E 223 13.89 -44.79 -11.79
N LEU E 224 15.16 -44.99 -11.38
CA LEU E 224 16.31 -44.56 -12.17
C LEU E 224 16.42 -45.37 -13.43
N ALA E 225 16.24 -46.70 -13.31
CA ALA E 225 16.29 -47.62 -14.44
C ALA E 225 15.12 -47.33 -15.38
N GLN E 226 13.91 -47.08 -14.86
CA GLN E 226 12.75 -46.76 -15.69
C GLN E 226 12.96 -45.46 -16.50
N LYS E 227 13.32 -44.37 -15.83
CA LYS E 227 13.54 -43.10 -16.51
C LYS E 227 14.70 -43.16 -17.51
N MET E 228 15.76 -43.92 -17.20
CA MET E 228 16.91 -44.07 -18.11
C MET E 228 16.49 -44.84 -19.38
N MET E 229 15.81 -45.99 -19.21
CA MET E 229 15.38 -46.81 -20.31
C MET E 229 14.37 -46.10 -21.18
N ILE E 230 13.39 -45.39 -20.57
CA ILE E 230 12.40 -44.63 -21.32
C ILE E 230 13.09 -43.54 -22.15
N GLY E 231 14.01 -42.80 -21.54
CA GLY E 231 14.76 -41.75 -22.22
C GLY E 231 15.53 -42.26 -23.42
N ARG E 232 16.28 -43.36 -23.24
CA ARG E 232 17.06 -43.96 -24.33
C ARG E 232 16.20 -44.49 -25.44
N CYS E 233 15.02 -45.08 -25.11
CA CYS E 233 14.08 -45.57 -26.11
C CYS E 233 13.49 -44.42 -26.89
N ASN E 234 13.22 -43.29 -26.23
CA ASN E 234 12.69 -42.09 -26.88
C ASN E 234 13.72 -41.55 -27.87
N LEU E 235 14.99 -41.56 -27.47
CA LEU E 235 16.12 -41.11 -28.27
C LEU E 235 16.26 -42.02 -29.50
N ALA E 236 16.15 -43.35 -29.30
CA ALA E 236 16.24 -44.35 -30.35
C ALA E 236 15.00 -44.39 -31.27
N GLY E 237 13.89 -43.85 -30.81
CA GLY E 237 12.65 -43.88 -31.57
C GLY E 237 12.00 -45.26 -31.52
N LYS E 238 12.22 -46.04 -30.44
CA LYS E 238 11.65 -47.38 -30.30
C LYS E 238 10.66 -47.44 -29.14
N PRO E 239 9.57 -48.23 -29.26
CA PRO E 239 8.59 -48.28 -28.18
C PRO E 239 9.11 -48.77 -26.83
N VAL E 240 8.62 -48.14 -25.76
CA VAL E 240 8.96 -48.53 -24.40
C VAL E 240 7.66 -48.68 -23.59
N VAL E 241 7.54 -49.79 -22.88
CA VAL E 241 6.36 -50.10 -22.08
C VAL E 241 6.72 -49.94 -20.61
N CYS E 242 5.83 -49.29 -19.81
CA CYS E 242 6.05 -49.24 -18.37
C CYS E 242 5.09 -50.26 -17.78
N ALA E 243 5.62 -51.20 -16.97
CA ALA E 243 4.81 -52.29 -16.46
C ALA E 243 4.94 -52.54 -14.97
N THR E 244 3.91 -53.21 -14.38
CA THR E 244 3.79 -53.82 -13.05
C THR E 244 3.49 -52.90 -11.88
N GLN E 245 2.40 -53.23 -11.16
CA GLN E 245 1.88 -52.60 -9.95
C GLN E 245 1.46 -51.16 -10.13
N MET E 246 1.16 -50.74 -11.37
CA MET E 246 0.73 -49.36 -11.64
C MET E 246 -0.53 -48.97 -10.88
N LEU E 247 -1.54 -49.87 -10.84
CA LEU E 247 -2.79 -49.64 -10.12
C LEU E 247 -3.10 -50.86 -9.25
N GLU E 248 -2.07 -51.44 -8.61
CA GLU E 248 -2.14 -52.66 -7.82
C GLU E 248 -3.34 -52.77 -6.86
N SER E 249 -3.60 -51.73 -6.06
CA SER E 249 -4.69 -51.75 -5.09
C SER E 249 -6.06 -51.98 -5.75
N MET E 250 -6.20 -51.65 -7.05
CA MET E 250 -7.46 -51.83 -7.76
C MET E 250 -7.85 -53.31 -7.96
N ILE E 251 -6.90 -54.27 -7.69
CA ILE E 251 -7.17 -55.71 -7.73
C ILE E 251 -8.33 -56.02 -6.75
N THR E 252 -8.38 -55.32 -5.61
CA THR E 252 -9.45 -55.52 -4.64
C THR E 252 -10.32 -54.26 -4.37
N LYS E 253 -9.81 -53.04 -4.64
CA LYS E 253 -10.55 -51.80 -4.37
C LYS E 253 -11.00 -51.09 -5.64
N PRO E 254 -12.16 -50.40 -5.64
CA PRO E 254 -12.64 -49.79 -6.90
C PRO E 254 -11.92 -48.52 -7.35
N ARG E 255 -11.15 -47.90 -6.45
CA ARG E 255 -10.40 -46.68 -6.74
C ARG E 255 -8.94 -46.90 -6.35
N PRO E 256 -7.99 -46.34 -7.11
CA PRO E 256 -6.57 -46.54 -6.77
C PRO E 256 -6.09 -45.56 -5.68
N THR E 257 -4.87 -45.78 -5.17
CA THR E 257 -4.29 -44.87 -4.19
C THR E 257 -3.70 -43.63 -4.91
N ARG E 258 -3.36 -42.58 -4.12
CA ARG E 258 -2.74 -41.38 -4.65
C ARG E 258 -1.39 -41.67 -5.29
N ALA E 259 -0.65 -42.67 -4.79
CA ALA E 259 0.64 -43.05 -5.35
C ALA E 259 0.49 -43.73 -6.71
N GLU E 260 -0.58 -44.51 -6.88
CA GLU E 260 -0.87 -45.23 -8.11
C GLU E 260 -1.24 -44.33 -9.28
N THR E 261 -2.16 -43.35 -9.05
CA THR E 261 -2.51 -42.41 -10.13
C THR E 261 -1.27 -41.56 -10.53
N SER E 262 -0.46 -41.20 -9.53
CA SER E 262 0.76 -40.45 -9.71
C SER E 262 1.74 -41.26 -10.55
N ASP E 263 1.88 -42.57 -10.24
CA ASP E 263 2.77 -43.47 -10.98
C ASP E 263 2.38 -43.55 -12.46
N VAL E 264 1.08 -43.72 -12.77
CA VAL E 264 0.61 -43.78 -14.15
C VAL E 264 0.91 -42.48 -14.88
N ALA E 265 0.56 -41.34 -14.25
CA ALA E 265 0.80 -40.03 -14.86
C ALA E 265 2.28 -39.78 -15.12
N ASN E 266 3.13 -40.21 -14.19
CA ASN E 266 4.56 -40.01 -14.30
C ASN E 266 5.19 -40.91 -15.34
N ALA E 267 4.63 -42.10 -15.59
CA ALA E 267 5.16 -42.99 -16.63
C ALA E 267 4.91 -42.34 -18.01
N VAL E 268 3.74 -41.71 -18.20
CA VAL E 268 3.40 -41.00 -19.41
C VAL E 268 4.32 -39.76 -19.54
N LEU E 269 4.48 -38.97 -18.46
CA LEU E 269 5.35 -37.80 -18.49
C LEU E 269 6.80 -38.19 -18.76
N ASP E 270 7.26 -39.36 -18.27
CA ASP E 270 8.62 -39.89 -18.54
C ASP E 270 8.84 -40.12 -20.03
N GLY E 271 7.79 -40.54 -20.75
CA GLY E 271 7.86 -40.78 -22.17
C GLY E 271 7.47 -42.18 -22.60
N ALA E 272 6.77 -42.95 -21.73
CA ALA E 272 6.36 -44.30 -22.07
C ALA E 272 5.37 -44.31 -23.22
N ASP E 273 5.59 -45.21 -24.17
CA ASP E 273 4.67 -45.38 -25.29
C ASP E 273 3.44 -46.14 -24.83
N CYS E 274 3.63 -47.15 -23.95
CA CYS E 274 2.56 -47.99 -23.44
C CYS E 274 2.60 -48.09 -21.94
N ILE E 275 1.45 -48.28 -21.34
CA ILE E 275 1.32 -48.55 -19.91
C ILE E 275 0.59 -49.90 -19.78
N MET E 276 0.91 -50.69 -18.75
CA MET E 276 0.37 -52.03 -18.61
C MET E 276 -0.40 -52.30 -17.32
N LEU E 277 -1.33 -53.26 -17.40
CA LEU E 277 -2.08 -53.77 -16.26
C LEU E 277 -1.82 -55.28 -16.21
N SER E 278 -1.42 -55.80 -15.04
CA SER E 278 -1.16 -57.23 -14.91
C SER E 278 -2.30 -57.88 -14.08
N GLY E 279 -2.12 -58.06 -12.76
CA GLY E 279 -3.13 -58.62 -11.88
C GLY E 279 -4.42 -57.81 -11.85
N GLU E 280 -4.30 -56.49 -12.09
CA GLU E 280 -5.45 -55.57 -12.10
C GLU E 280 -6.49 -56.02 -13.12
N THR E 281 -6.07 -56.61 -14.27
CA THR E 281 -7.00 -57.09 -15.29
C THR E 281 -7.08 -58.61 -15.37
N ALA E 282 -5.99 -59.32 -15.05
CA ALA E 282 -5.97 -60.77 -15.13
C ALA E 282 -6.77 -61.45 -14.02
N LYS E 283 -6.65 -60.98 -12.78
CA LYS E 283 -7.32 -61.61 -11.65
C LYS E 283 -8.16 -60.70 -10.75
N GLY E 284 -8.07 -59.40 -10.95
CA GLY E 284 -8.75 -58.44 -10.08
C GLY E 284 -10.25 -58.34 -10.24
N ASN E 285 -10.91 -57.75 -9.22
CA ASN E 285 -12.35 -57.55 -9.17
C ASN E 285 -12.84 -56.35 -10.00
N PHE E 286 -11.93 -55.50 -10.49
CA PHE E 286 -12.34 -54.33 -11.27
C PHE E 286 -11.48 -54.18 -12.55
N PRO E 287 -11.46 -55.20 -13.46
CA PRO E 287 -10.61 -55.09 -14.66
C PRO E 287 -10.97 -53.94 -15.60
N VAL E 288 -12.28 -53.70 -15.79
CA VAL E 288 -12.73 -52.64 -16.68
C VAL E 288 -12.41 -51.28 -16.08
N GLU E 289 -12.60 -51.14 -14.76
CA GLU E 289 -12.36 -49.90 -14.03
C GLU E 289 -10.84 -49.55 -14.00
N ALA E 290 -9.97 -50.57 -13.98
CA ALA E 290 -8.53 -50.36 -14.03
C ALA E 290 -8.15 -49.79 -15.39
N VAL E 291 -8.75 -50.30 -16.48
CA VAL E 291 -8.50 -49.80 -17.84
C VAL E 291 -9.01 -48.36 -17.96
N LYS E 292 -10.22 -48.11 -17.44
CA LYS E 292 -10.82 -46.79 -17.49
C LYS E 292 -9.97 -45.76 -16.75
N MET E 293 -9.36 -46.17 -15.62
CA MET E 293 -8.54 -45.30 -14.80
C MET E 293 -7.25 -44.95 -15.53
N GLN E 294 -6.60 -45.94 -16.17
CA GLN E 294 -5.38 -45.68 -16.95
C GLN E 294 -5.68 -44.77 -18.12
N HIS E 295 -6.85 -44.96 -18.76
CA HIS E 295 -7.28 -44.13 -19.88
C HIS E 295 -7.41 -42.66 -19.42
N ALA E 296 -8.12 -42.44 -18.30
CA ALA E 296 -8.36 -41.13 -17.74
C ALA E 296 -7.07 -40.41 -17.33
N ILE E 297 -6.14 -41.11 -16.64
CA ILE E 297 -4.90 -40.50 -16.23
C ILE E 297 -4.00 -40.18 -17.43
N ALA E 298 -3.88 -41.11 -18.40
CA ALA E 298 -3.02 -40.88 -19.56
C ALA E 298 -3.45 -39.67 -20.36
N ARG E 299 -4.78 -39.46 -20.55
CA ARG E 299 -5.24 -38.28 -21.28
C ARG E 299 -4.82 -36.99 -20.60
N GLU E 300 -4.90 -36.96 -19.24
CA GLU E 300 -4.54 -35.79 -18.45
C GLU E 300 -3.02 -35.54 -18.52
N ALA E 301 -2.22 -36.61 -18.38
CA ALA E 301 -0.77 -36.53 -18.41
C ALA E 301 -0.24 -36.14 -19.76
N GLU E 302 -0.88 -36.59 -20.86
CA GLU E 302 -0.43 -36.23 -22.22
C GLU E 302 -0.62 -34.74 -22.49
N ALA E 303 -1.71 -34.15 -21.97
CA ALA E 303 -1.95 -32.73 -22.13
C ALA E 303 -0.90 -31.90 -21.34
N ALA E 304 -0.41 -32.43 -20.20
CA ALA E 304 0.59 -31.77 -19.35
C ALA E 304 2.02 -31.95 -19.85
N VAL E 305 2.24 -32.62 -20.98
CA VAL E 305 3.58 -32.79 -21.53
C VAL E 305 4.07 -31.40 -22.01
N TYR E 306 5.30 -31.05 -21.67
CA TYR E 306 5.89 -29.77 -22.05
C TYR E 306 6.52 -29.92 -23.44
N HIS E 307 5.68 -29.91 -24.49
CA HIS E 307 6.13 -30.10 -25.88
C HIS E 307 7.19 -29.13 -26.37
N ARG E 308 7.19 -27.89 -25.86
CA ARG E 308 8.18 -26.90 -26.28
C ARG E 308 9.62 -27.38 -26.03
N GLN E 309 9.90 -27.90 -24.83
CA GLN E 309 11.22 -28.41 -24.53
C GLN E 309 11.41 -29.80 -25.17
N LEU E 310 10.39 -30.66 -25.08
CA LEU E 310 10.44 -32.02 -25.63
C LEU E 310 10.76 -32.06 -27.11
N PHE E 311 10.01 -31.33 -27.94
CA PHE E 311 10.26 -31.31 -29.38
C PHE E 311 11.65 -30.77 -29.67
N GLU E 312 12.04 -29.66 -29.00
CA GLU E 312 13.36 -29.04 -29.19
CA GLU E 312 13.35 -29.09 -29.24
C GLU E 312 14.48 -30.03 -28.86
N GLU E 313 14.32 -30.79 -27.78
CA GLU E 313 15.33 -31.76 -27.36
C GLU E 313 15.37 -32.98 -28.24
N LEU E 314 14.20 -33.46 -28.71
CA LEU E 314 14.14 -34.62 -29.61
C LEU E 314 14.76 -34.24 -30.94
N ARG E 315 14.42 -33.05 -31.44
CA ARG E 315 14.94 -32.46 -32.66
C ARG E 315 16.47 -32.34 -32.56
N ARG E 316 17.00 -31.71 -31.51
CA ARG E 316 18.43 -31.51 -31.30
C ARG E 316 19.20 -32.81 -31.16
N ALA E 317 18.60 -33.80 -30.48
CA ALA E 317 19.27 -35.08 -30.25
C ALA E 317 19.22 -36.04 -31.42
N ALA E 318 18.14 -36.04 -32.25
CA ALA E 318 17.99 -36.94 -33.41
C ALA E 318 19.03 -36.59 -34.42
N PRO E 319 19.77 -37.59 -34.91
CA PRO E 319 20.88 -37.28 -35.82
C PRO E 319 20.44 -36.79 -37.18
N LEU E 320 21.37 -36.21 -37.94
CA LEU E 320 21.11 -35.79 -39.31
C LEU E 320 20.84 -37.05 -40.13
N SER E 321 19.95 -36.95 -41.10
CA SER E 321 19.60 -38.11 -41.87
C SER E 321 19.44 -37.81 -43.31
N ARG E 322 19.86 -38.74 -44.16
CA ARG E 322 19.69 -38.65 -45.60
CA ARG E 322 19.64 -38.60 -45.60
C ARG E 322 18.53 -39.57 -46.09
N ASP E 323 17.70 -40.10 -45.16
CA ASP E 323 16.57 -40.97 -45.45
C ASP E 323 15.34 -40.10 -45.62
N PRO E 324 14.72 -40.12 -46.82
CA PRO E 324 13.55 -39.25 -47.04
C PRO E 324 12.38 -39.47 -46.09
N THR E 325 12.19 -40.68 -45.54
CA THR E 325 11.09 -40.92 -44.60
C THR E 325 11.37 -40.14 -43.31
N GLU E 326 12.62 -40.23 -42.83
CA GLU E 326 13.08 -39.55 -41.64
C GLU E 326 13.01 -38.02 -41.80
N VAL E 327 13.43 -37.50 -42.97
CA VAL E 327 13.39 -36.08 -43.31
C VAL E 327 11.97 -35.55 -43.42
N THR E 328 11.09 -36.30 -44.08
CA THR E 328 9.69 -35.92 -44.23
C THR E 328 8.99 -35.90 -42.89
N ALA E 329 9.29 -36.89 -42.01
CA ALA E 329 8.70 -37.01 -40.68
C ALA E 329 8.96 -35.76 -39.83
N ILE E 330 10.21 -35.25 -39.81
CA ILE E 330 10.50 -34.07 -39.00
C ILE E 330 9.85 -32.81 -39.60
N GLY E 331 9.83 -32.70 -40.92
CA GLY E 331 9.19 -31.58 -41.58
C GLY E 331 7.69 -31.55 -41.33
N ALA E 332 7.04 -32.74 -41.32
CA ALA E 332 5.62 -32.88 -41.06
C ALA E 332 5.27 -32.52 -39.61
N VAL E 333 6.07 -32.95 -38.63
CA VAL E 333 5.81 -32.65 -37.21
C VAL E 333 6.03 -31.15 -36.96
N GLU E 334 7.05 -30.55 -37.59
CA GLU E 334 7.30 -29.12 -37.49
C GLU E 334 6.12 -28.33 -38.07
N ALA E 335 5.60 -28.76 -39.23
CA ALA E 335 4.45 -28.14 -39.88
C ALA E 335 3.20 -28.27 -39.03
N ALA E 336 2.98 -29.45 -38.41
CA ALA E 336 1.84 -29.70 -37.53
C ALA E 336 1.85 -28.75 -36.30
N PHE E 337 3.02 -28.48 -35.71
CA PHE E 337 3.14 -27.57 -34.58
C PHE E 337 2.88 -26.11 -35.01
N LYS E 338 3.32 -25.72 -36.20
CA LYS E 338 3.14 -24.38 -36.73
C LYS E 338 1.67 -23.97 -36.90
N CYS E 339 0.81 -24.91 -37.29
CA CYS E 339 -0.60 -24.60 -37.50
C CYS E 339 -1.54 -25.24 -36.48
N CYS E 340 -1.00 -25.96 -35.47
CA CYS E 340 -1.84 -26.70 -34.51
C CYS E 340 -2.74 -27.67 -35.25
N ALA E 341 -2.14 -28.42 -36.20
CA ALA E 341 -2.82 -29.42 -37.03
C ALA E 341 -3.57 -30.40 -36.17
N ALA E 342 -4.82 -30.69 -36.53
CA ALA E 342 -5.63 -31.61 -35.75
C ALA E 342 -5.05 -33.03 -35.81
N ALA E 343 -4.45 -33.39 -36.95
CA ALA E 343 -3.89 -34.72 -37.16
C ALA E 343 -2.83 -34.72 -38.26
N ILE E 344 -2.04 -35.79 -38.33
CA ILE E 344 -1.09 -36.07 -39.38
C ILE E 344 -1.57 -37.39 -39.94
N ILE E 345 -2.07 -37.41 -41.19
CA ILE E 345 -2.52 -38.66 -41.80
C ILE E 345 -1.37 -39.25 -42.60
N VAL E 346 -0.96 -40.47 -42.27
CA VAL E 346 0.17 -41.09 -42.93
C VAL E 346 -0.22 -42.45 -43.52
N LEU E 347 0.27 -42.71 -44.74
CA LEU E 347 0.05 -43.95 -45.43
C LEU E 347 1.26 -44.83 -45.09
N THR E 348 1.01 -46.02 -44.54
CA THR E 348 2.10 -46.90 -44.15
C THR E 348 1.80 -48.39 -44.45
N THR E 349 2.83 -49.13 -44.86
CA THR E 349 2.71 -50.56 -45.14
C THR E 349 3.13 -51.37 -43.91
N THR E 350 4.32 -51.09 -43.37
CA THR E 350 4.89 -51.77 -42.21
C THR E 350 4.66 -51.05 -40.87
N GLY E 351 4.22 -49.79 -40.92
CA GLY E 351 4.04 -48.95 -39.76
C GLY E 351 5.24 -48.02 -39.52
N ARG E 352 6.36 -48.19 -40.28
CA ARG E 352 7.58 -47.42 -40.09
C ARG E 352 7.40 -45.89 -40.25
N SER E 353 6.65 -45.44 -41.28
CA SER E 353 6.44 -44.00 -41.47
C SER E 353 5.67 -43.39 -40.29
N ALA E 354 4.76 -44.13 -39.69
CA ALA E 354 4.02 -43.65 -38.53
C ALA E 354 4.94 -43.63 -37.30
N GLN E 355 5.83 -44.63 -37.17
CA GLN E 355 6.77 -44.71 -36.07
C GLN E 355 7.74 -43.53 -36.11
N LEU E 356 8.24 -43.15 -37.29
CA LEU E 356 9.14 -42.02 -37.44
C LEU E 356 8.47 -40.67 -37.14
N LEU E 357 7.14 -40.58 -37.30
CA LEU E 357 6.42 -39.37 -36.96
C LEU E 357 6.28 -39.33 -35.41
N SER E 358 5.88 -40.47 -34.82
CA SER E 358 5.67 -40.66 -33.38
CA SER E 358 5.68 -40.64 -33.38
C SER E 358 6.90 -40.33 -32.51
N ARG E 359 8.11 -40.61 -33.02
CA ARG E 359 9.34 -40.36 -32.29
C ARG E 359 9.56 -38.87 -31.98
N TYR E 360 8.95 -37.95 -32.75
CA TYR E 360 9.05 -36.52 -32.50
C TYR E 360 7.95 -35.99 -31.59
N ARG E 361 7.12 -36.89 -31.02
CA ARG E 361 6.04 -36.61 -30.09
C ARG E 361 5.19 -35.42 -30.50
N PRO E 362 4.58 -35.45 -31.70
CA PRO E 362 3.68 -34.35 -32.07
C PRO E 362 2.46 -34.32 -31.16
N ARG E 363 1.89 -33.14 -31.00
CA ARG E 363 0.62 -33.01 -30.27
C ARG E 363 -0.54 -33.53 -31.17
N ALA E 364 -0.39 -33.39 -32.52
CA ALA E 364 -1.34 -33.84 -33.52
C ALA E 364 -1.38 -35.36 -33.55
N ALA E 365 -2.59 -35.94 -33.62
CA ALA E 365 -2.74 -37.40 -33.69
C ALA E 365 -2.16 -37.92 -34.99
N VAL E 366 -1.46 -39.06 -34.96
CA VAL E 366 -0.92 -39.65 -36.17
C VAL E 366 -1.89 -40.73 -36.64
N ILE E 367 -2.71 -40.42 -37.64
CA ILE E 367 -3.69 -41.37 -38.15
C ILE E 367 -2.99 -42.20 -39.23
N ALA E 368 -2.70 -43.46 -38.93
CA ALA E 368 -1.97 -44.31 -39.86
C ALA E 368 -2.93 -45.20 -40.65
N VAL E 369 -3.05 -44.95 -41.96
CA VAL E 369 -3.88 -45.76 -42.83
C VAL E 369 -3.03 -46.88 -43.44
N THR E 370 -3.36 -48.13 -43.13
CA THR E 370 -2.60 -49.27 -43.61
C THR E 370 -3.50 -50.39 -44.10
N ARG E 371 -2.99 -51.17 -45.06
CA ARG E 371 -3.69 -52.36 -45.53
C ARG E 371 -3.28 -53.59 -44.70
N SER E 372 -2.16 -53.52 -43.96
CA SER E 372 -1.68 -54.63 -43.18
C SER E 372 -2.38 -54.70 -41.84
N ALA E 373 -3.17 -55.76 -41.61
CA ALA E 373 -3.87 -55.96 -40.34
C ALA E 373 -2.88 -56.11 -39.18
N GLN E 374 -1.74 -56.75 -39.44
CA GLN E 374 -0.72 -56.91 -38.44
C GLN E 374 -0.07 -55.56 -38.09
N ALA E 375 0.24 -54.71 -39.11
CA ALA E 375 0.82 -53.38 -38.87
C ALA E 375 -0.18 -52.53 -38.09
N ALA E 376 -1.47 -52.59 -38.43
CA ALA E 376 -2.49 -51.85 -37.69
C ALA E 376 -2.52 -52.22 -36.20
N ARG E 377 -2.31 -53.51 -35.87
CA ARG E 377 -2.30 -53.95 -34.48
C ARG E 377 -0.99 -53.56 -33.79
N GLN E 378 0.14 -53.75 -34.47
CA GLN E 378 1.46 -53.47 -33.92
C GLN E 378 1.77 -51.99 -33.72
N VAL E 379 1.18 -51.06 -34.51
CA VAL E 379 1.45 -49.62 -34.34
C VAL E 379 0.89 -49.08 -33.01
N HIS E 380 0.10 -49.87 -32.27
CA HIS E 380 -0.36 -49.49 -30.94
C HIS E 380 0.84 -49.37 -29.99
N LEU E 381 2.00 -49.99 -30.31
CA LEU E 381 3.21 -49.87 -29.53
C LEU E 381 3.79 -48.44 -29.60
N CYS E 382 3.45 -47.64 -30.63
CA CYS E 382 3.96 -46.28 -30.82
C CYS E 382 2.97 -45.25 -30.33
N ARG E 383 3.40 -44.41 -29.38
CA ARG E 383 2.55 -43.37 -28.81
C ARG E 383 2.02 -42.38 -29.85
N GLY E 384 0.72 -42.13 -29.79
CA GLY E 384 0.08 -41.16 -30.66
C GLY E 384 -0.27 -41.66 -32.04
N VAL E 385 -0.12 -42.98 -32.31
CA VAL E 385 -0.48 -43.55 -33.61
C VAL E 385 -1.83 -44.24 -33.49
N PHE E 386 -2.79 -43.81 -34.32
CA PHE E 386 -4.16 -44.30 -34.38
C PHE E 386 -4.35 -45.09 -35.67
N PRO E 387 -4.29 -46.43 -35.59
CA PRO E 387 -4.38 -47.24 -36.81
C PRO E 387 -5.75 -47.37 -37.45
N LEU E 388 -5.79 -47.25 -38.78
CA LEU E 388 -7.00 -47.46 -39.56
C LEU E 388 -6.70 -48.55 -40.56
N LEU E 389 -7.38 -49.69 -40.46
CA LEU E 389 -7.19 -50.78 -41.41
C LEU E 389 -8.07 -50.54 -42.63
N TYR E 390 -7.44 -50.37 -43.79
CA TYR E 390 -8.12 -50.11 -45.06
C TYR E 390 -8.29 -51.47 -45.76
N ARG E 391 -9.54 -51.83 -46.10
CA ARG E 391 -9.80 -53.15 -46.66
C ARG E 391 -10.21 -53.14 -48.14
N GLU E 392 -10.41 -51.96 -48.75
CA GLU E 392 -10.86 -51.90 -50.13
CA GLU E 392 -10.85 -51.87 -50.14
C GLU E 392 -9.82 -52.35 -51.15
N PRO E 393 -10.28 -52.94 -52.28
CA PRO E 393 -9.32 -53.41 -53.29
C PRO E 393 -8.67 -52.24 -54.02
N PRO E 394 -7.41 -52.42 -54.45
CA PRO E 394 -6.70 -51.31 -55.10
C PRO E 394 -7.32 -50.74 -56.36
N GLU E 395 -7.13 -49.44 -56.57
CA GLU E 395 -7.58 -48.75 -57.77
C GLU E 395 -6.58 -49.07 -58.90
N ALA E 396 -7.01 -48.92 -60.16
CA ALA E 396 -6.11 -49.16 -61.29
C ALA E 396 -5.00 -48.10 -61.32
N ILE E 397 -5.35 -46.84 -61.04
CA ILE E 397 -4.36 -45.76 -60.97
C ILE E 397 -3.88 -45.63 -59.52
N TRP E 398 -2.57 -45.87 -59.27
CA TRP E 398 -2.00 -45.80 -57.92
C TRP E 398 -2.26 -44.45 -57.26
N ALA E 399 -2.11 -43.36 -58.02
CA ALA E 399 -2.38 -41.99 -57.59
C ALA E 399 -3.79 -41.84 -56.97
N ASP E 400 -4.79 -42.53 -57.53
CA ASP E 400 -6.17 -42.50 -57.06
C ASP E 400 -6.34 -43.36 -55.80
N ASP E 401 -5.59 -44.48 -55.71
CA ASP E 401 -5.64 -45.39 -54.56
C ASP E 401 -5.08 -44.72 -53.30
N VAL E 402 -4.03 -43.89 -53.48
CA VAL E 402 -3.42 -43.12 -52.41
C VAL E 402 -4.47 -42.09 -51.92
N ASP E 403 -5.06 -41.29 -52.85
CA ASP E 403 -6.08 -40.29 -52.51
CA ASP E 403 -6.06 -40.31 -52.45
C ASP E 403 -7.29 -40.92 -51.79
N ARG E 404 -7.65 -42.16 -52.17
CA ARG E 404 -8.77 -42.84 -51.54
C ARG E 404 -8.45 -43.16 -50.09
N ARG E 405 -7.22 -43.61 -49.82
CA ARG E 405 -6.75 -43.91 -48.47
C ARG E 405 -6.61 -42.65 -47.59
N VAL E 406 -6.28 -41.50 -48.19
CA VAL E 406 -6.20 -40.21 -47.48
C VAL E 406 -7.61 -39.81 -47.10
N GLN E 407 -8.56 -39.90 -48.06
CA GLN E 407 -9.96 -39.58 -47.80
C GLN E 407 -10.57 -40.49 -46.74
N PHE E 408 -10.19 -41.77 -46.74
CA PHE E 408 -10.65 -42.74 -45.73
C PHE E 408 -10.19 -42.30 -44.33
N GLY E 409 -8.95 -41.81 -44.23
CA GLY E 409 -8.38 -41.26 -43.01
C GLY E 409 -9.11 -40.01 -42.55
N ILE E 410 -9.43 -39.09 -43.47
CA ILE E 410 -10.16 -37.88 -43.11
C ILE E 410 -11.57 -38.22 -42.61
N GLU E 411 -12.28 -39.12 -43.34
CA GLU E 411 -13.62 -39.47 -42.94
CA GLU E 411 -13.62 -39.57 -43.00
C GLU E 411 -13.64 -40.20 -41.60
N SER E 412 -12.69 -41.11 -41.33
CA SER E 412 -12.64 -41.78 -40.02
C SER E 412 -12.31 -40.80 -38.89
N GLY E 413 -11.50 -39.80 -39.18
CA GLY E 413 -11.14 -38.78 -38.20
C GLY E 413 -12.36 -37.96 -37.84
N LYS E 414 -13.11 -37.55 -38.85
CA LYS E 414 -14.34 -36.78 -38.65
C LYS E 414 -15.34 -37.58 -37.79
N LEU E 415 -15.56 -38.85 -38.14
CA LEU E 415 -16.46 -39.75 -37.42
C LEU E 415 -16.02 -39.95 -35.96
N ARG E 416 -14.73 -40.14 -35.74
CA ARG E 416 -14.21 -40.37 -34.39
C ARG E 416 -13.94 -39.12 -33.56
N GLY E 417 -14.22 -37.94 -34.13
CA GLY E 417 -14.06 -36.68 -33.42
C GLY E 417 -12.68 -36.04 -33.46
N PHE E 418 -11.72 -36.64 -34.18
CA PHE E 418 -10.37 -36.08 -34.32
C PHE E 418 -10.38 -34.80 -35.16
N LEU E 419 -11.22 -34.77 -36.19
CA LEU E 419 -11.24 -33.68 -37.14
C LEU E 419 -12.61 -33.04 -37.28
N ARG E 420 -12.61 -31.79 -37.75
CA ARG E 420 -13.80 -31.04 -38.07
C ARG E 420 -13.50 -30.19 -39.32
N VAL E 421 -14.55 -29.72 -40.00
CA VAL E 421 -14.39 -28.86 -41.18
C VAL E 421 -13.72 -27.55 -40.73
N GLY E 422 -12.73 -27.11 -41.49
CA GLY E 422 -11.96 -25.93 -41.13
C GLY E 422 -10.63 -26.24 -40.47
N ASP E 423 -10.45 -27.49 -39.98
CA ASP E 423 -9.20 -27.93 -39.38
C ASP E 423 -8.09 -28.06 -40.42
N LEU E 424 -6.84 -27.98 -39.98
CA LEU E 424 -5.71 -28.21 -40.87
C LEU E 424 -5.09 -29.57 -40.56
N VAL E 425 -4.68 -30.30 -41.58
CA VAL E 425 -4.03 -31.60 -41.39
C VAL E 425 -2.79 -31.72 -42.28
N ILE E 426 -1.86 -32.52 -41.80
CA ILE E 426 -0.64 -32.76 -42.54
C ILE E 426 -0.78 -34.15 -43.13
N VAL E 427 -0.57 -34.30 -44.44
CA VAL E 427 -0.71 -35.60 -45.11
C VAL E 427 0.65 -36.11 -45.56
N VAL E 428 1.07 -37.27 -45.04
CA VAL E 428 2.38 -37.86 -45.34
C VAL E 428 2.24 -39.09 -46.24
N THR E 429 2.73 -38.96 -47.51
CA THR E 429 2.61 -39.99 -48.56
C THR E 429 3.99 -40.27 -49.24
N GLY E 430 4.03 -41.22 -50.18
CA GLY E 430 5.25 -41.57 -50.90
C GLY E 430 5.17 -41.28 -52.38
N TRP E 431 6.31 -41.46 -53.10
CA TRP E 431 6.37 -41.18 -54.54
C TRP E 431 6.08 -42.39 -55.44
N ARG E 432 6.26 -43.61 -54.89
CA ARG E 432 6.01 -44.86 -55.58
C ARG E 432 5.45 -45.90 -54.57
N PRO E 433 4.76 -46.96 -55.05
CA PRO E 433 4.20 -47.95 -54.12
C PRO E 433 5.26 -48.83 -53.45
N GLY E 434 4.91 -49.40 -52.31
CA GLY E 434 5.81 -50.25 -51.55
C GLY E 434 6.37 -49.57 -50.31
N SER E 435 6.90 -50.35 -49.38
CA SER E 435 7.47 -49.83 -48.15
CA SER E 435 7.49 -49.82 -48.14
C SER E 435 8.81 -49.12 -48.41
N GLY E 436 9.08 -48.06 -47.66
CA GLY E 436 10.33 -47.32 -47.73
C GLY E 436 10.43 -46.13 -48.63
N TYR E 437 9.31 -45.66 -49.23
CA TYR E 437 9.37 -44.54 -50.18
C TYR E 437 8.64 -43.25 -49.74
N THR E 438 8.28 -43.11 -48.46
CA THR E 438 7.61 -41.88 -48.00
C THR E 438 8.51 -40.65 -48.19
N ASN E 439 8.03 -39.61 -48.90
CA ASN E 439 8.85 -38.42 -49.16
C ASN E 439 8.05 -37.14 -49.36
N ILE E 440 6.71 -37.18 -49.15
CA ILE E 440 5.87 -36.03 -49.40
C ILE E 440 5.05 -35.61 -48.19
N MET E 441 4.95 -34.29 -47.99
CA MET E 441 4.13 -33.73 -46.92
CA MET E 441 4.19 -33.69 -46.89
C MET E 441 3.25 -32.63 -47.51
N ARG E 442 1.95 -32.72 -47.23
CA ARG E 442 0.97 -31.77 -47.75
C ARG E 442 0.21 -31.11 -46.64
N VAL E 443 -0.02 -29.79 -46.72
CA VAL E 443 -0.87 -29.12 -45.73
C VAL E 443 -2.25 -28.97 -46.35
N LEU E 444 -3.22 -29.64 -45.74
CA LEU E 444 -4.58 -29.75 -46.26
C LEU E 444 -5.63 -29.18 -45.31
N SER E 445 -6.60 -28.45 -45.86
CA SER E 445 -7.69 -27.88 -45.07
CA SER E 445 -7.68 -27.89 -45.06
C SER E 445 -8.90 -28.81 -45.14
N ILE E 446 -9.47 -29.19 -44.00
CA ILE E 446 -10.61 -30.10 -43.97
C ILE E 446 -11.90 -29.44 -44.48
N SER E 447 -12.55 -30.09 -45.46
CA SER E 447 -13.81 -29.62 -46.04
C SER E 447 -14.93 -30.69 -45.84
N ALA F 13 27.24 -38.13 -32.32
CA ALA F 13 26.21 -39.15 -32.55
C ALA F 13 25.08 -38.60 -33.45
N ASP F 14 24.74 -37.31 -33.30
CA ASP F 14 23.74 -36.67 -34.17
C ASP F 14 24.33 -36.29 -35.56
N VAL F 15 25.63 -36.57 -35.81
CA VAL F 15 26.31 -36.32 -37.08
C VAL F 15 27.15 -37.54 -37.52
N ALA F 16 27.27 -38.61 -36.69
CA ALA F 16 28.11 -39.78 -36.93
C ALA F 16 27.86 -40.54 -38.24
N GLN F 17 26.59 -40.88 -38.56
CA GLN F 17 26.30 -41.57 -39.82
C GLN F 17 26.44 -40.64 -41.03
N LEU F 18 26.06 -39.36 -40.87
CA LEU F 18 26.23 -38.40 -41.96
C LEU F 18 27.72 -38.10 -42.21
N THR F 19 28.58 -38.25 -41.19
CA THR F 19 30.03 -38.04 -41.30
C THR F 19 30.65 -39.21 -42.07
N GLN F 20 30.18 -40.43 -41.81
CA GLN F 20 30.65 -41.61 -42.53
C GLN F 20 30.25 -41.50 -44.02
N GLU F 21 29.03 -41.03 -44.29
CA GLU F 21 28.51 -40.88 -45.63
C GLU F 21 29.15 -39.74 -46.42
N LEU F 22 29.03 -38.49 -45.92
CA LEU F 22 29.52 -37.31 -46.61
C LEU F 22 31.03 -37.07 -46.46
N GLY F 23 31.65 -37.71 -45.48
CA GLY F 23 33.08 -37.58 -45.25
C GLY F 23 33.48 -36.52 -44.25
N THR F 24 34.72 -36.63 -43.72
CA THR F 24 35.20 -35.66 -42.76
C THR F 24 35.47 -34.33 -43.43
N ALA F 25 35.98 -34.31 -44.67
CA ALA F 25 36.27 -33.07 -45.37
C ALA F 25 35.03 -32.21 -45.58
N PHE F 26 33.85 -32.84 -45.73
CA PHE F 26 32.61 -32.09 -45.91
C PHE F 26 32.32 -31.29 -44.63
N PHE F 27 32.46 -31.96 -43.47
CA PHE F 27 32.16 -31.37 -42.18
C PHE F 27 33.23 -30.40 -41.68
N GLN F 28 34.38 -30.26 -42.37
CA GLN F 28 35.38 -29.26 -42.03
C GLN F 28 35.11 -27.94 -42.77
N GLN F 29 34.46 -27.99 -43.96
CA GLN F 29 34.14 -26.82 -44.77
C GLN F 29 32.93 -26.05 -44.23
N GLN F 30 32.70 -24.86 -44.81
CA GLN F 30 31.64 -23.88 -44.60
C GLN F 30 31.25 -23.68 -43.14
N GLN F 31 32.25 -23.62 -42.25
CA GLN F 31 32.14 -23.42 -40.80
C GLN F 31 31.18 -24.37 -40.14
N LEU F 32 31.11 -25.61 -40.63
CA LEU F 32 30.24 -26.62 -40.06
C LEU F 32 30.60 -26.99 -38.62
N PRO F 33 31.90 -27.08 -38.19
CA PRO F 33 32.16 -27.31 -36.76
C PRO F 33 31.59 -26.17 -35.90
N ALA F 34 31.75 -24.93 -36.33
CA ALA F 34 31.23 -23.76 -35.63
C ALA F 34 29.69 -23.71 -35.62
N ALA F 35 29.06 -24.22 -36.68
CA ALA F 35 27.59 -24.25 -36.80
C ALA F 35 26.96 -25.33 -35.89
N MET F 36 27.71 -26.41 -35.60
CA MET F 36 27.27 -27.50 -34.73
C MET F 36 27.45 -27.19 -33.23
N ALA F 37 28.12 -26.08 -32.87
CA ALA F 37 28.39 -25.72 -31.49
C ALA F 37 27.14 -25.58 -30.64
N ASP F 38 27.24 -25.92 -29.36
CA ASP F 38 26.10 -25.88 -28.45
C ASP F 38 25.84 -24.50 -27.85
N THR F 39 26.84 -23.60 -27.87
CA THR F 39 26.70 -22.22 -27.39
C THR F 39 27.25 -21.25 -28.43
N PHE F 40 26.85 -19.99 -28.36
CA PHE F 40 27.36 -18.96 -29.27
C PHE F 40 28.88 -18.70 -29.03
N LEU F 41 29.30 -18.80 -27.77
CA LEU F 41 30.68 -18.63 -27.39
C LEU F 41 31.54 -19.74 -28.01
N GLU F 42 31.08 -21.00 -27.95
CA GLU F 42 31.78 -22.15 -28.56
CA GLU F 42 31.84 -22.09 -28.55
C GLU F 42 31.79 -22.01 -30.09
N HIS F 43 30.72 -21.41 -30.65
CA HIS F 43 30.54 -21.19 -32.08
C HIS F 43 31.65 -20.23 -32.52
N LEU F 44 31.87 -19.12 -31.79
CA LEU F 44 32.93 -18.17 -32.12
C LEU F 44 34.30 -18.84 -32.05
N CYS F 45 34.54 -19.62 -30.99
CA CYS F 45 35.81 -20.32 -30.78
C CYS F 45 36.11 -21.30 -31.88
N LEU F 46 35.09 -21.89 -32.51
CA LEU F 46 35.26 -22.86 -33.56
C LEU F 46 35.36 -22.29 -34.97
N LEU F 47 35.20 -20.97 -35.17
CA LEU F 47 35.39 -20.34 -36.48
C LEU F 47 36.83 -20.61 -36.98
N ASP F 48 36.97 -20.98 -38.25
CA ASP F 48 38.26 -21.42 -38.80
C ASP F 48 38.55 -20.71 -40.11
N ILE F 49 39.68 -20.01 -40.21
CA ILE F 49 40.05 -19.36 -41.46
C ILE F 49 40.32 -20.36 -42.61
N ASP F 50 40.65 -21.62 -42.26
CA ASP F 50 40.90 -22.67 -43.24
C ASP F 50 39.61 -23.42 -43.65
N SER F 51 38.46 -23.14 -43.02
CA SER F 51 37.20 -23.78 -43.36
C SER F 51 36.52 -22.95 -44.47
N GLU F 52 36.74 -23.37 -45.73
CA GLU F 52 36.29 -22.64 -46.92
C GLU F 52 34.79 -22.65 -47.16
N PRO F 53 34.24 -21.47 -47.56
CA PRO F 53 32.81 -21.42 -47.89
C PRO F 53 32.50 -22.21 -49.17
N VAL F 54 31.46 -23.07 -49.11
CA VAL F 54 31.09 -23.89 -50.26
C VAL F 54 29.87 -23.32 -50.98
N ALA F 55 28.85 -22.89 -50.21
CA ALA F 55 27.60 -22.33 -50.74
C ALA F 55 27.76 -21.08 -51.60
N ALA F 56 26.80 -20.86 -52.51
CA ALA F 56 26.78 -19.66 -53.34
C ALA F 56 26.42 -18.47 -52.42
N ARG F 57 26.93 -17.29 -52.75
CA ARG F 57 26.69 -16.07 -51.97
C ARG F 57 25.21 -15.73 -51.97
N SER F 58 24.64 -15.60 -50.79
CA SER F 58 23.23 -15.36 -50.64
C SER F 58 22.83 -13.90 -50.33
N THR F 59 23.71 -13.01 -49.82
CA THR F 59 23.37 -11.61 -49.56
C THR F 59 23.56 -10.83 -50.85
N SER F 60 22.52 -10.14 -51.30
CA SER F 60 22.61 -9.41 -52.57
C SER F 60 23.41 -8.17 -52.49
N ILE F 61 24.05 -7.81 -53.59
CA ILE F 61 24.87 -6.62 -53.67
C ILE F 61 24.13 -5.61 -54.51
N ILE F 62 23.92 -4.41 -53.97
CA ILE F 62 23.32 -3.31 -54.70
C ILE F 62 24.45 -2.39 -55.10
N ALA F 63 24.63 -2.11 -56.39
CA ALA F 63 25.71 -1.23 -56.81
C ALA F 63 25.10 0.04 -57.38
N THR F 64 25.56 1.21 -56.93
CA THR F 64 25.06 2.46 -57.45
C THR F 64 25.71 2.71 -58.79
N ILE F 65 24.90 2.93 -59.83
CA ILE F 65 25.41 3.14 -61.18
C ILE F 65 25.67 4.63 -61.44
N GLY F 66 26.87 4.97 -61.89
CA GLY F 66 27.25 6.34 -62.20
C GLY F 66 28.33 6.40 -63.27
N PRO F 67 29.10 7.52 -63.32
CA PRO F 67 30.16 7.63 -64.33
C PRO F 67 31.17 6.50 -64.39
N ALA F 68 31.52 5.91 -63.24
CA ALA F 68 32.51 4.83 -63.20
C ALA F 68 31.96 3.45 -63.57
N SER F 69 30.63 3.32 -63.65
CA SER F 69 30.01 2.01 -63.90
C SER F 69 28.86 2.10 -64.90
N ARG F 70 28.93 3.04 -65.84
CA ARG F 70 27.88 3.29 -66.84
C ARG F 70 27.95 2.51 -68.13
N SER F 71 29.15 2.33 -68.70
CA SER F 71 29.32 1.60 -69.94
C SER F 71 28.83 0.17 -69.85
N VAL F 72 28.34 -0.35 -70.98
CA VAL F 72 27.79 -1.69 -71.13
C VAL F 72 28.86 -2.74 -70.82
N GLU F 73 30.10 -2.50 -71.28
CA GLU F 73 31.21 -3.41 -71.03
C GLU F 73 31.57 -3.48 -69.54
N ARG F 74 31.52 -2.33 -68.85
CA ARG F 74 31.80 -2.24 -67.41
C ARG F 74 30.68 -2.92 -66.61
N LEU F 75 29.43 -2.71 -67.01
CA LEU F 75 28.28 -3.31 -66.37
C LEU F 75 28.27 -4.83 -66.50
N LYS F 76 28.79 -5.36 -67.63
CA LYS F 76 28.89 -6.82 -67.82
C LYS F 76 29.88 -7.38 -66.82
N GLU F 77 31.02 -6.65 -66.57
CA GLU F 77 32.06 -7.00 -65.60
CA GLU F 77 32.00 -7.10 -65.60
C GLU F 77 31.46 -7.03 -64.17
N MET F 78 30.58 -6.06 -63.87
CA MET F 78 29.95 -5.94 -62.56
CA MET F 78 29.96 -5.95 -62.55
C MET F 78 28.91 -7.04 -62.33
N ILE F 79 28.22 -7.47 -63.39
CA ILE F 79 27.25 -8.55 -63.28
C ILE F 79 28.01 -9.85 -62.98
N LYS F 80 29.13 -10.08 -63.68
CA LYS F 80 29.97 -11.24 -63.45
C LYS F 80 30.62 -11.20 -62.05
N ALA F 81 30.95 -10.01 -61.52
CA ALA F 81 31.54 -9.83 -60.17
C ALA F 81 30.53 -10.09 -59.04
N GLY F 82 29.23 -9.94 -59.34
CA GLY F 82 28.20 -10.21 -58.35
C GLY F 82 27.09 -9.21 -58.15
N MET F 83 27.04 -8.12 -58.94
CA MET F 83 25.96 -7.14 -58.79
C MET F 83 24.57 -7.77 -59.05
N ASN F 84 23.63 -7.59 -58.12
CA ASN F 84 22.28 -8.13 -58.27
C ASN F 84 21.23 -7.06 -58.47
N ILE F 85 21.48 -5.85 -57.93
CA ILE F 85 20.56 -4.72 -58.03
C ILE F 85 21.35 -3.49 -58.44
N ALA F 86 20.87 -2.76 -59.47
CA ALA F 86 21.52 -1.53 -59.93
C ALA F 86 20.75 -0.39 -59.32
N ARG F 87 21.42 0.49 -58.58
CA ARG F 87 20.77 1.63 -57.95
C ARG F 87 21.01 2.92 -58.72
N LEU F 88 19.95 3.66 -59.00
CA LEU F 88 20.07 4.96 -59.68
C LEU F 88 19.73 6.04 -58.68
N ASN F 89 20.71 6.87 -58.33
CA ASN F 89 20.50 7.91 -57.34
C ASN F 89 19.94 9.17 -57.97
N PHE F 90 18.66 9.41 -57.77
CA PHE F 90 17.99 10.58 -58.35
C PHE F 90 18.30 11.90 -57.62
N SER F 91 19.23 11.86 -56.64
CA SER F 91 19.76 13.06 -56.01
C SER F 91 20.80 13.73 -56.95
N HIS F 92 21.33 12.98 -57.95
CA HIS F 92 22.32 13.44 -58.93
C HIS F 92 21.82 13.12 -60.34
N GLY F 93 22.46 13.71 -61.35
CA GLY F 93 22.10 13.49 -62.74
C GLY F 93 20.72 14.00 -63.12
N SER F 94 20.25 13.57 -64.28
CA SER F 94 18.95 13.97 -64.81
C SER F 94 18.16 12.74 -65.26
N HIS F 95 16.91 12.93 -65.68
CA HIS F 95 16.08 11.85 -66.21
C HIS F 95 16.75 11.22 -67.45
N GLU F 96 17.34 12.06 -68.29
CA GLU F 96 18.02 11.62 -69.52
C GLU F 96 19.26 10.79 -69.19
N TYR F 97 20.01 11.23 -68.17
CA TYR F 97 21.22 10.55 -67.71
C TYR F 97 20.88 9.15 -67.15
N HIS F 98 19.88 9.09 -66.25
CA HIS F 98 19.45 7.83 -65.64
C HIS F 98 18.79 6.90 -66.63
N ALA F 99 18.08 7.44 -67.65
CA ALA F 99 17.45 6.59 -68.67
C ALA F 99 18.52 5.89 -69.51
N GLU F 100 19.65 6.56 -69.76
CA GLU F 100 20.74 5.94 -70.51
C GLU F 100 21.41 4.86 -69.68
N SER F 101 21.58 5.11 -68.37
CA SER F 101 22.14 4.12 -67.46
C SER F 101 21.23 2.87 -67.41
N ILE F 102 19.90 3.06 -67.27
CA ILE F 102 18.91 1.97 -67.28
C ILE F 102 19.03 1.14 -68.54
N ALA F 103 19.15 1.79 -69.69
CA ALA F 103 19.27 1.12 -70.98
C ALA F 103 20.58 0.32 -71.08
N ASN F 104 21.69 0.86 -70.53
CA ASN F 104 22.98 0.18 -70.53
C ASN F 104 22.97 -1.04 -69.61
N VAL F 105 22.26 -0.94 -68.45
CA VAL F 105 22.12 -2.06 -67.53
C VAL F 105 21.35 -3.16 -68.23
N ARG F 106 20.21 -2.81 -68.85
CA ARG F 106 19.38 -3.77 -69.59
C ARG F 106 20.12 -4.41 -70.78
N GLU F 107 20.98 -3.63 -71.45
CA GLU F 107 21.77 -4.16 -72.55
C GLU F 107 22.78 -5.19 -72.03
N ALA F 108 23.49 -4.86 -70.92
CA ALA F 108 24.46 -5.76 -70.30
C ALA F 108 23.79 -7.02 -69.76
N VAL F 109 22.61 -6.89 -69.14
CA VAL F 109 21.85 -8.02 -68.59
C VAL F 109 21.38 -8.95 -69.69
N GLU F 110 20.87 -8.38 -70.81
CA GLU F 110 20.39 -9.20 -71.91
C GLU F 110 21.49 -9.85 -72.73
N SER F 111 22.75 -9.39 -72.58
CA SER F 111 23.86 -10.03 -73.26
C SER F 111 24.14 -11.47 -72.72
N PHE F 112 23.50 -11.87 -71.61
CA PHE F 112 23.64 -13.20 -71.03
C PHE F 112 22.34 -14.01 -71.13
N ALA F 113 21.32 -13.50 -71.86
CA ALA F 113 20.00 -14.11 -72.00
C ALA F 113 19.97 -15.41 -72.82
N GLY F 114 21.07 -15.79 -73.43
CA GLY F 114 21.12 -17.03 -74.19
C GLY F 114 20.89 -18.32 -73.42
N SER F 115 21.21 -18.35 -72.11
CA SER F 115 21.10 -19.60 -71.34
C SER F 115 20.71 -19.39 -69.87
N PRO F 116 19.99 -20.32 -69.20
CA PRO F 116 19.75 -20.15 -67.77
C PRO F 116 21.06 -20.21 -66.96
N LEU F 117 22.10 -20.88 -67.51
CA LEU F 117 23.42 -20.99 -66.91
C LEU F 117 24.18 -19.65 -66.91
N SER F 118 23.85 -18.74 -67.83
CA SER F 118 24.53 -17.46 -67.95
C SER F 118 23.68 -16.30 -67.47
N TYR F 119 22.37 -16.36 -67.70
CA TYR F 119 21.49 -15.27 -67.37
C TYR F 119 21.49 -14.94 -65.91
N ARG F 120 21.59 -13.65 -65.61
CA ARG F 120 21.56 -13.08 -64.27
C ARG F 120 20.51 -11.94 -64.26
N PRO F 121 19.31 -12.13 -63.69
CA PRO F 121 18.34 -11.02 -63.67
C PRO F 121 18.86 -9.94 -62.72
N VAL F 122 18.93 -8.68 -63.16
CA VAL F 122 19.41 -7.60 -62.30
C VAL F 122 18.26 -6.64 -62.07
N ALA F 123 17.85 -6.42 -60.81
CA ALA F 123 16.79 -5.49 -60.50
C ALA F 123 17.26 -4.05 -60.71
N ILE F 124 16.33 -3.15 -61.02
CA ILE F 124 16.66 -1.73 -61.18
C ILE F 124 15.94 -0.94 -60.11
N ALA F 125 16.69 -0.24 -59.28
CA ALA F 125 16.14 0.50 -58.15
C ALA F 125 16.31 1.99 -58.31
N LEU F 126 15.27 2.76 -58.02
CA LEU F 126 15.33 4.20 -58.11
C LEU F 126 15.42 4.75 -56.70
N ASP F 127 16.50 5.46 -56.37
CA ASP F 127 16.64 6.04 -55.04
C ASP F 127 16.20 7.51 -55.19
N THR F 128 15.12 7.91 -54.47
CA THR F 128 14.59 9.27 -54.60
C THR F 128 15.45 10.35 -53.96
N LYS F 129 15.30 11.61 -54.43
CA LYS F 129 16.01 12.78 -53.90
C LYS F 129 15.57 13.10 -52.47
N GLY F 130 14.30 12.93 -52.18
CA GLY F 130 13.75 13.14 -50.85
C GLY F 130 12.98 14.44 -50.66
N PRO F 131 12.40 14.60 -49.46
CA PRO F 131 11.63 15.82 -49.17
C PRO F 131 12.47 17.09 -48.98
N PRO F 135 9.23 18.43 -45.82
CA PRO F 135 7.86 18.81 -45.44
C PRO F 135 6.85 17.65 -45.64
N GLY F 136 6.91 17.04 -46.83
CA GLY F 136 6.12 15.89 -47.27
C GLY F 136 6.71 15.37 -48.59
N LEU F 137 5.88 14.76 -49.48
CA LEU F 137 6.42 14.29 -50.78
C LEU F 137 6.69 15.50 -51.68
N SER F 138 7.95 15.67 -52.11
CA SER F 138 8.33 16.81 -52.95
C SER F 138 7.79 16.69 -54.39
N GLU F 139 7.76 17.81 -55.14
CA GLU F 139 7.29 17.82 -56.52
C GLU F 139 8.24 17.07 -57.46
N GLN F 140 9.55 17.17 -57.20
CA GLN F 140 10.55 16.46 -57.98
C GLN F 140 10.41 14.95 -57.76
N ASP F 141 10.09 14.52 -56.53
CA ASP F 141 9.88 13.11 -56.23
C ASP F 141 8.70 12.57 -57.00
N VAL F 142 7.61 13.33 -57.12
CA VAL F 142 6.46 12.90 -57.90
C VAL F 142 6.85 12.68 -59.39
N ARG F 143 7.66 13.59 -59.94
CA ARG F 143 8.12 13.47 -61.31
C ARG F 143 9.09 12.28 -61.50
N ASP F 144 9.98 12.05 -60.52
CA ASP F 144 10.95 10.96 -60.56
C ASP F 144 10.29 9.60 -60.38
N LEU F 145 9.30 9.51 -59.48
CA LEU F 145 8.55 8.28 -59.27
C LEU F 145 7.75 7.93 -60.53
N ARG F 146 7.20 8.94 -61.21
CA ARG F 146 6.51 8.76 -62.48
C ARG F 146 7.48 8.26 -63.56
N PHE F 147 8.72 8.78 -63.57
CA PHE F 147 9.80 8.36 -64.47
C PHE F 147 10.07 6.87 -64.27
N GLY F 148 10.14 6.44 -63.00
CA GLY F 148 10.39 5.06 -62.63
C GLY F 148 9.32 4.12 -63.14
N VAL F 149 8.06 4.50 -63.01
CA VAL F 149 6.95 3.69 -63.51
C VAL F 149 7.03 3.58 -65.03
N GLU F 150 7.27 4.70 -65.72
CA GLU F 150 7.41 4.74 -67.18
C GLU F 150 8.60 3.94 -67.70
N HIS F 151 9.68 3.86 -66.90
CA HIS F 151 10.86 3.11 -67.30
C HIS F 151 10.93 1.69 -66.74
N GLY F 152 9.89 1.22 -66.06
CA GLY F 152 9.81 -0.14 -65.54
C GLY F 152 10.75 -0.52 -64.42
N VAL F 153 10.99 0.40 -63.47
CA VAL F 153 11.86 0.09 -62.34
C VAL F 153 11.19 -0.95 -61.45
N ASP F 154 12.00 -1.73 -60.73
CA ASP F 154 11.46 -2.80 -59.88
C ASP F 154 11.30 -2.36 -58.44
N ILE F 155 12.19 -1.48 -57.97
CA ILE F 155 12.22 -1.07 -56.57
C ILE F 155 12.38 0.45 -56.45
N VAL F 156 11.83 1.01 -55.38
CA VAL F 156 12.00 2.42 -55.04
C VAL F 156 12.65 2.45 -53.65
N PHE F 157 13.79 3.13 -53.54
CA PHE F 157 14.43 3.34 -52.24
C PHE F 157 13.94 4.74 -51.87
N ALA F 158 12.86 4.83 -51.06
CA ALA F 158 12.29 6.12 -50.71
C ALA F 158 13.08 6.85 -49.64
N SER F 159 13.73 7.96 -50.00
CA SER F 159 14.52 8.77 -49.05
C SER F 159 13.72 9.44 -47.94
N PHE F 160 14.35 9.58 -46.78
CA PHE F 160 13.85 10.25 -45.58
C PHE F 160 12.40 9.89 -45.20
N VAL F 161 12.09 8.60 -45.13
CA VAL F 161 10.76 8.18 -44.68
C VAL F 161 10.71 8.40 -43.17
N ARG F 162 9.71 9.18 -42.70
CA ARG F 162 9.57 9.52 -41.28
C ARG F 162 8.33 8.96 -40.61
N LYS F 163 7.33 8.61 -41.39
CA LYS F 163 6.07 8.09 -40.88
C LYS F 163 5.38 7.23 -41.95
N ALA F 164 4.36 6.45 -41.56
CA ALA F 164 3.62 5.60 -42.47
C ALA F 164 2.95 6.38 -43.64
N SER F 165 2.54 7.64 -43.40
CA SER F 165 1.90 8.45 -44.45
C SER F 165 2.87 8.83 -45.59
N ASP F 166 4.18 8.84 -45.31
CA ASP F 166 5.19 9.10 -46.32
C ASP F 166 5.22 7.95 -47.32
N VAL F 167 5.10 6.71 -46.83
CA VAL F 167 5.09 5.51 -47.66
C VAL F 167 3.83 5.51 -48.55
N ALA F 168 2.68 5.89 -47.96
CA ALA F 168 1.40 5.97 -48.67
C ALA F 168 1.48 7.02 -49.79
N ALA F 169 2.17 8.14 -49.55
CA ALA F 169 2.35 9.18 -50.56
C ALA F 169 3.19 8.67 -51.73
N VAL F 170 4.23 7.85 -51.45
CA VAL F 170 5.07 7.28 -52.51
C VAL F 170 4.24 6.29 -53.33
N ARG F 171 3.44 5.45 -52.65
CA ARG F 171 2.58 4.47 -53.29
CA ARG F 171 2.57 4.46 -53.29
C ARG F 171 1.58 5.16 -54.21
N ALA F 172 0.96 6.28 -53.74
CA ALA F 172 0.01 7.04 -54.52
C ALA F 172 0.68 7.66 -55.74
N ALA F 173 1.90 8.21 -55.58
CA ALA F 173 2.64 8.82 -56.70
C ALA F 173 3.07 7.80 -57.77
N LEU F 174 3.13 6.51 -57.42
CA LEU F 174 3.45 5.45 -58.38
C LEU F 174 2.22 5.08 -59.25
N GLY F 175 1.02 5.40 -58.76
CA GLY F 175 -0.24 5.18 -59.46
C GLY F 175 -0.63 3.74 -59.63
N PRO F 176 -1.66 3.51 -60.47
CA PRO F 176 -2.12 2.14 -60.72
C PRO F 176 -1.17 1.32 -61.58
N GLU F 177 -0.33 1.95 -62.41
CA GLU F 177 0.62 1.22 -63.23
C GLU F 177 1.91 0.80 -62.48
N GLY F 178 2.15 1.36 -61.30
CA GLY F 178 3.29 0.99 -60.48
C GLY F 178 2.91 0.15 -59.27
N HIS F 179 1.82 -0.60 -59.37
CA HIS F 179 1.34 -1.42 -58.28
C HIS F 179 2.31 -2.56 -57.88
N GLY F 180 3.10 -3.04 -58.85
CA GLY F 180 4.04 -4.12 -58.60
C GLY F 180 5.39 -3.69 -58.04
N ILE F 181 5.74 -2.40 -58.17
CA ILE F 181 7.01 -1.86 -57.67
C ILE F 181 7.11 -1.99 -56.12
N LYS F 182 8.29 -2.44 -55.62
CA LYS F 182 8.53 -2.60 -54.18
C LYS F 182 9.00 -1.27 -53.59
N ILE F 183 8.50 -0.93 -52.41
CA ILE F 183 8.91 0.29 -51.74
C ILE F 183 9.75 -0.06 -50.51
N ILE F 184 11.05 0.26 -50.57
CA ILE F 184 12.00 0.05 -49.48
C ILE F 184 12.19 1.43 -48.84
N SER F 185 11.69 1.62 -47.62
CA SER F 185 11.79 2.90 -46.95
C SER F 185 13.16 3.14 -46.34
N LYS F 186 13.78 4.27 -46.64
CA LYS F 186 15.08 4.61 -46.08
C LYS F 186 14.92 5.32 -44.74
N ILE F 187 15.50 4.75 -43.66
CA ILE F 187 15.43 5.35 -42.34
C ILE F 187 16.69 6.15 -42.18
N GLU F 188 16.56 7.50 -42.21
CA GLU F 188 17.71 8.40 -42.21
C GLU F 188 17.74 9.42 -41.08
N ASN F 189 16.77 9.41 -40.17
CA ASN F 189 16.74 10.40 -39.09
C ASN F 189 16.12 9.84 -37.79
N HIS F 190 16.11 10.64 -36.72
CA HIS F 190 15.54 10.22 -35.45
C HIS F 190 14.06 9.85 -35.54
N GLU F 191 13.28 10.62 -36.31
CA GLU F 191 11.84 10.32 -36.45
C GLU F 191 11.56 8.98 -37.10
N GLY F 192 12.30 8.64 -38.15
CA GLY F 192 12.18 7.37 -38.84
C GLY F 192 12.49 6.21 -37.91
N VAL F 193 13.53 6.38 -37.04
CA VAL F 193 13.91 5.35 -36.07
C VAL F 193 12.81 5.17 -35.03
N LYS F 194 12.27 6.27 -34.52
CA LYS F 194 11.21 6.22 -33.52
C LYS F 194 9.88 5.69 -34.05
N ARG F 195 9.51 6.03 -35.31
CA ARG F 195 8.26 5.50 -35.89
C ARG F 195 8.53 4.27 -36.78
N PHE F 196 9.64 3.54 -36.54
CA PHE F 196 10.05 2.39 -37.33
C PHE F 196 8.97 1.33 -37.53
N ASP F 197 8.28 0.91 -36.46
CA ASP F 197 7.27 -0.13 -36.54
C ASP F 197 6.13 0.18 -37.50
N GLU F 198 5.67 1.45 -37.49
CA GLU F 198 4.58 1.84 -38.38
C GLU F 198 5.07 1.94 -39.84
N ILE F 199 6.34 2.30 -40.05
CA ILE F 199 6.92 2.41 -41.38
C ILE F 199 7.14 1.01 -41.98
N LEU F 200 7.70 0.10 -41.19
CA LEU F 200 7.94 -1.29 -41.62
C LEU F 200 6.62 -1.97 -41.94
N GLU F 201 5.57 -1.73 -41.15
CA GLU F 201 4.26 -2.34 -41.35
C GLU F 201 3.70 -2.04 -42.74
N VAL F 202 3.88 -0.82 -43.25
CA VAL F 202 3.35 -0.42 -44.55
C VAL F 202 4.37 -0.48 -45.69
N SER F 203 5.65 -0.79 -45.41
CA SER F 203 6.69 -0.87 -46.43
C SER F 203 6.95 -2.31 -46.85
N ASP F 204 7.57 -2.49 -48.02
CA ASP F 204 7.99 -3.84 -48.46
C ASP F 204 9.32 -4.25 -47.79
N GLY F 205 10.08 -3.26 -47.33
CA GLY F 205 11.37 -3.45 -46.68
C GLY F 205 11.96 -2.13 -46.21
N ILE F 206 13.20 -2.20 -45.66
CA ILE F 206 13.85 -1.04 -45.09
C ILE F 206 15.30 -0.92 -45.55
N MET F 207 15.80 0.31 -45.63
CA MET F 207 17.19 0.54 -45.89
C MET F 207 17.75 1.34 -44.70
N VAL F 208 18.83 0.86 -44.08
CA VAL F 208 19.53 1.56 -43.01
C VAL F 208 20.49 2.51 -43.71
N ALA F 209 20.03 3.73 -43.96
CA ALA F 209 20.76 4.77 -44.66
C ALA F 209 21.69 5.46 -43.66
N ARG F 210 22.89 4.87 -43.44
CA ARG F 210 23.83 5.30 -42.41
C ARG F 210 24.48 6.66 -42.62
N GLY F 211 24.58 7.14 -43.86
CA GLY F 211 25.15 8.46 -44.13
C GLY F 211 24.38 9.57 -43.45
N ASP F 212 23.09 9.73 -43.77
CA ASP F 212 22.26 10.75 -43.13
C ASP F 212 21.98 10.42 -41.70
N LEU F 213 21.75 9.14 -41.38
CA LEU F 213 21.48 8.71 -40.00
C LEU F 213 22.62 9.10 -39.06
N GLY F 214 23.87 8.96 -39.52
CA GLY F 214 25.05 9.33 -38.76
C GLY F 214 25.26 10.82 -38.54
N ILE F 215 24.50 11.67 -39.27
CA ILE F 215 24.51 13.12 -39.14
C ILE F 215 23.30 13.52 -38.25
N GLU F 216 22.14 12.87 -38.44
CA GLU F 216 20.90 13.15 -37.70
C GLU F 216 20.93 12.71 -36.24
N ILE F 217 21.58 11.59 -35.98
CA ILE F 217 21.76 11.05 -34.61
C ILE F 217 23.25 10.97 -34.32
N PRO F 218 23.68 10.85 -33.03
CA PRO F 218 25.14 10.75 -32.77
C PRO F 218 25.74 9.56 -33.52
N ALA F 219 26.90 9.76 -34.13
CA ALA F 219 27.55 8.73 -34.94
C ALA F 219 27.74 7.43 -34.21
N GLU F 220 28.05 7.51 -32.90
CA GLU F 220 28.29 6.33 -32.07
C GLU F 220 27.03 5.54 -31.72
N LYS F 221 25.83 6.00 -32.16
CA LYS F 221 24.55 5.32 -31.93
C LYS F 221 24.02 4.63 -33.19
N VAL F 222 24.61 4.91 -34.39
CA VAL F 222 24.15 4.29 -35.63
C VAL F 222 24.14 2.75 -35.59
N PHE F 223 25.16 2.13 -34.99
CA PHE F 223 25.20 0.68 -34.90
C PHE F 223 24.00 0.10 -34.14
N LEU F 224 23.47 0.84 -33.14
CA LEU F 224 22.32 0.39 -32.36
C LEU F 224 21.08 0.41 -33.25
N ALA F 225 20.92 1.47 -34.05
CA ALA F 225 19.80 1.62 -34.96
C ALA F 225 19.87 0.55 -36.06
N GLN F 226 21.06 0.29 -36.61
CA GLN F 226 21.26 -0.74 -37.64
C GLN F 226 20.88 -2.13 -37.14
N LYS F 227 21.46 -2.54 -36.01
CA LYS F 227 21.16 -3.84 -35.43
C LYS F 227 19.70 -4.02 -35.01
N MET F 228 19.05 -2.94 -34.48
CA MET F 228 17.65 -2.99 -34.10
C MET F 228 16.74 -3.16 -35.35
N MET F 229 16.98 -2.33 -36.39
CA MET F 229 16.18 -2.39 -37.62
C MET F 229 16.36 -3.71 -38.34
N ILE F 230 17.59 -4.23 -38.42
CA ILE F 230 17.83 -5.52 -39.08
C ILE F 230 17.10 -6.64 -38.33
N GLY F 231 17.21 -6.64 -37.01
CA GLY F 231 16.52 -7.64 -36.19
C GLY F 231 15.01 -7.62 -36.36
N ARG F 232 14.38 -6.42 -36.36
CA ARG F 232 12.94 -6.29 -36.53
C ARG F 232 12.50 -6.69 -37.92
N CYS F 233 13.30 -6.40 -38.95
CA CYS F 233 13.01 -6.81 -40.32
C CYS F 233 13.09 -8.30 -40.46
N ASN F 234 14.06 -8.93 -39.79
CA ASN F 234 14.22 -10.39 -39.79
C ASN F 234 13.00 -11.05 -39.13
N LEU F 235 12.52 -10.46 -38.03
CA LEU F 235 11.35 -10.91 -37.29
C LEU F 235 10.10 -10.81 -38.19
N ALA F 236 9.96 -9.68 -38.90
CA ALA F 236 8.86 -9.43 -39.81
C ALA F 236 8.94 -10.24 -41.09
N GLY F 237 10.10 -10.76 -41.44
CA GLY F 237 10.28 -11.48 -42.69
C GLY F 237 10.31 -10.53 -43.88
N LYS F 238 10.77 -9.27 -43.71
CA LYS F 238 10.85 -8.29 -44.79
C LYS F 238 12.31 -7.91 -45.10
N PRO F 239 12.67 -7.67 -46.36
CA PRO F 239 14.06 -7.34 -46.67
C PRO F 239 14.63 -6.07 -46.03
N VAL F 240 15.89 -6.13 -45.63
CA VAL F 240 16.59 -5.01 -45.00
C VAL F 240 17.93 -4.84 -45.70
N VAL F 241 18.24 -3.59 -46.09
CA VAL F 241 19.48 -3.26 -46.78
C VAL F 241 20.42 -2.51 -45.83
N CYS F 242 21.72 -2.86 -45.82
CA CYS F 242 22.68 -2.07 -45.06
C CYS F 242 23.41 -1.21 -46.06
N ALA F 243 23.43 0.11 -45.84
CA ALA F 243 24.01 1.01 -46.81
C ALA F 243 25.01 2.04 -46.24
N THR F 244 25.89 2.57 -47.12
CA THR F 244 26.78 3.73 -47.00
C THR F 244 28.10 3.52 -46.27
N GLN F 245 29.20 3.83 -46.97
CA GLN F 245 30.60 3.81 -46.55
C GLN F 245 31.10 2.44 -46.15
N MET F 246 30.48 1.36 -46.67
CA MET F 246 30.90 0.01 -46.33
C MET F 246 32.33 -0.28 -46.76
N LEU F 247 32.72 0.16 -47.96
CA LEU F 247 34.09 -0.04 -48.46
C LEU F 247 34.59 1.30 -49.01
N GLU F 248 34.30 2.41 -48.32
CA GLU F 248 34.61 3.77 -48.72
C GLU F 248 36.01 3.98 -49.28
N SER F 249 37.07 3.51 -48.61
CA SER F 249 38.44 3.68 -49.08
C SER F 249 38.70 3.06 -50.48
N MET F 250 37.87 2.07 -50.89
CA MET F 250 37.98 1.45 -52.20
C MET F 250 37.54 2.40 -53.36
N ILE F 251 37.13 3.66 -53.06
CA ILE F 251 36.84 4.67 -54.07
C ILE F 251 38.18 5.03 -54.74
N THR F 252 39.30 5.06 -53.99
CA THR F 252 40.62 5.38 -54.52
C THR F 252 41.63 4.22 -54.41
N LYS F 253 41.47 3.29 -53.45
CA LYS F 253 42.43 2.21 -53.26
C LYS F 253 41.91 0.84 -53.70
N PRO F 254 42.76 -0.04 -54.26
CA PRO F 254 42.27 -1.37 -54.69
C PRO F 254 41.91 -2.37 -53.59
N ARG F 255 42.30 -2.12 -52.33
CA ARG F 255 42.00 -2.98 -51.18
C ARG F 255 41.33 -2.13 -50.08
N PRO F 256 40.39 -2.69 -49.31
CA PRO F 256 39.75 -1.88 -48.24
C PRO F 256 40.55 -1.89 -46.92
N THR F 257 40.07 -1.12 -45.94
CA THR F 257 40.68 -1.11 -44.62
C THR F 257 40.13 -2.28 -43.78
N ARG F 258 40.78 -2.58 -42.64
CA ARG F 258 40.34 -3.64 -41.76
C ARG F 258 38.96 -3.37 -41.15
N ALA F 259 38.61 -2.10 -40.96
CA ALA F 259 37.32 -1.67 -40.44
C ALA F 259 36.20 -1.89 -41.47
N GLU F 260 36.53 -1.69 -42.76
CA GLU F 260 35.59 -1.88 -43.86
C GLU F 260 35.21 -3.33 -44.07
N THR F 261 36.19 -4.25 -44.13
CA THR F 261 35.85 -5.68 -44.32
C THR F 261 35.03 -6.20 -43.12
N SER F 262 35.37 -5.74 -41.92
CA SER F 262 34.69 -6.05 -40.70
C SER F 262 33.25 -5.52 -40.75
N ASP F 263 33.05 -4.30 -41.23
CA ASP F 263 31.72 -3.71 -41.35
C ASP F 263 30.83 -4.52 -42.29
N VAL F 264 31.33 -4.94 -43.47
CA VAL F 264 30.58 -5.76 -44.41
C VAL F 264 30.21 -7.08 -43.77
N ALA F 265 31.17 -7.76 -43.14
CA ALA F 265 30.93 -9.05 -42.51
C ALA F 265 29.92 -8.95 -41.39
N ASN F 266 29.97 -7.86 -40.60
CA ASN F 266 29.06 -7.65 -39.50
C ASN F 266 27.66 -7.29 -39.94
N ALA F 267 27.50 -6.66 -41.11
CA ALA F 267 26.16 -6.36 -41.62
C ALA F 267 25.47 -7.68 -42.01
N VAL F 268 26.21 -8.60 -42.64
CA VAL F 268 25.72 -9.93 -43.00
C VAL F 268 25.41 -10.71 -41.72
N LEU F 269 26.33 -10.71 -40.74
CA LEU F 269 26.08 -11.41 -39.47
C LEU F 269 24.88 -10.84 -38.72
N ASP F 270 24.63 -9.51 -38.81
CA ASP F 270 23.48 -8.86 -38.20
C ASP F 270 22.17 -9.41 -38.78
N GLY F 271 22.17 -9.76 -40.07
CA GLY F 271 20.99 -10.30 -40.74
C GLY F 271 20.53 -9.53 -41.96
N ALA F 272 21.40 -8.68 -42.52
CA ALA F 272 21.03 -7.89 -43.70
C ALA F 272 20.77 -8.79 -44.91
N ASP F 273 19.70 -8.51 -45.63
CA ASP F 273 19.38 -9.24 -46.85
C ASP F 273 20.24 -8.74 -47.98
N CYS F 274 20.52 -7.41 -48.01
CA CYS F 274 21.31 -6.76 -49.03
C CYS F 274 22.39 -5.90 -48.43
N ILE F 275 23.48 -5.74 -49.16
CA ILE F 275 24.55 -4.82 -48.81
C ILE F 275 24.74 -3.88 -50.01
N MET F 276 25.12 -2.61 -49.77
CA MET F 276 25.18 -1.63 -50.83
C MET F 276 26.54 -0.98 -51.04
N LEU F 277 26.78 -0.52 -52.28
CA LEU F 277 27.96 0.24 -52.68
C LEU F 277 27.44 1.53 -53.28
N SER F 278 27.95 2.69 -52.80
CA SER F 278 27.50 3.98 -53.32
C SER F 278 28.62 4.59 -54.19
N GLY F 279 29.46 5.48 -53.63
CA GLY F 279 30.56 6.07 -54.36
C GLY F 279 31.58 5.06 -54.85
N GLU F 280 31.68 3.91 -54.14
CA GLU F 280 32.62 2.82 -54.48
C GLU F 280 32.36 2.32 -55.91
N THR F 281 31.09 2.33 -56.36
CA THR F 281 30.75 1.90 -57.72
C THR F 281 30.32 3.05 -58.64
N ALA F 282 29.72 4.11 -58.08
CA ALA F 282 29.27 5.23 -58.90
C ALA F 282 30.40 6.09 -59.42
N LYS F 283 31.42 6.36 -58.60
CA LYS F 283 32.51 7.25 -59.00
C LYS F 283 33.93 6.75 -58.76
N GLY F 284 34.09 5.66 -58.03
CA GLY F 284 35.42 5.17 -57.67
C GLY F 284 36.24 4.63 -58.81
N ASN F 285 37.52 4.35 -58.53
CA ASN F 285 38.47 3.82 -59.50
C ASN F 285 38.44 2.30 -59.61
N PHE F 286 37.77 1.57 -58.67
CA PHE F 286 37.73 0.11 -58.74
C PHE F 286 36.30 -0.44 -58.51
N PRO F 287 35.30 0.01 -59.31
CA PRO F 287 33.92 -0.47 -59.09
C PRO F 287 33.76 -1.97 -59.11
N VAL F 288 34.43 -2.64 -60.02
CA VAL F 288 34.35 -4.09 -60.15
C VAL F 288 35.01 -4.78 -58.93
N GLU F 289 36.17 -4.26 -58.48
CA GLU F 289 36.91 -4.80 -57.35
C GLU F 289 36.14 -4.61 -56.02
N ALA F 290 35.34 -3.52 -55.91
CA ALA F 290 34.50 -3.26 -54.74
C ALA F 290 33.38 -4.32 -54.68
N VAL F 291 32.78 -4.65 -55.84
CA VAL F 291 31.74 -5.66 -55.92
C VAL F 291 32.34 -7.04 -55.57
N LYS F 292 33.52 -7.33 -56.13
CA LYS F 292 34.22 -8.58 -55.87
C LYS F 292 34.54 -8.75 -54.39
N MET F 293 34.89 -7.64 -53.70
CA MET F 293 35.23 -7.65 -52.29
C MET F 293 34.00 -7.91 -51.44
N GLN F 294 32.88 -7.26 -51.76
CA GLN F 294 31.63 -7.52 -51.03
C GLN F 294 31.18 -8.94 -51.22
N HIS F 295 31.34 -9.49 -52.43
CA HIS F 295 30.99 -10.86 -52.75
C HIS F 295 31.79 -11.82 -51.86
N ALA F 296 33.13 -11.62 -51.80
CA ALA F 296 34.06 -12.44 -51.04
C ALA F 296 33.76 -12.41 -49.53
N ILE F 297 33.53 -11.20 -48.97
CA ILE F 297 33.24 -11.07 -47.55
C ILE F 297 31.89 -11.70 -47.19
N ALA F 298 30.84 -11.42 -48.00
CA ALA F 298 29.52 -11.98 -47.72
C ALA F 298 29.53 -13.51 -47.70
N ARG F 299 30.25 -14.16 -48.63
CA ARG F 299 30.31 -15.64 -48.62
C ARG F 299 30.92 -16.16 -47.31
N GLU F 300 31.99 -15.49 -46.81
CA GLU F 300 32.65 -15.90 -45.57
C GLU F 300 31.73 -15.68 -44.38
N ALA F 301 31.04 -14.53 -44.34
CA ALA F 301 30.17 -14.16 -43.25
C ALA F 301 28.93 -15.02 -43.18
N GLU F 302 28.37 -15.42 -44.32
CA GLU F 302 27.19 -16.28 -44.35
C GLU F 302 27.50 -17.65 -43.76
N ALA F 303 28.70 -18.20 -44.04
CA ALA F 303 29.07 -19.50 -43.49
C ALA F 303 29.22 -19.42 -41.97
N ALA F 304 29.66 -18.25 -41.43
CA ALA F 304 29.87 -17.99 -40.01
C ALA F 304 28.60 -17.67 -39.24
N VAL F 305 27.45 -17.65 -39.88
CA VAL F 305 26.16 -17.38 -39.21
C VAL F 305 25.87 -18.60 -38.29
N TYR F 306 25.45 -18.32 -37.04
CA TYR F 306 25.17 -19.39 -36.11
C TYR F 306 23.71 -19.86 -36.30
N HIS F 307 23.47 -20.65 -37.35
CA HIS F 307 22.11 -21.12 -37.70
C HIS F 307 21.36 -21.86 -36.60
N ARG F 308 22.08 -22.59 -35.72
CA ARG F 308 21.41 -23.33 -34.64
C ARG F 308 20.58 -22.41 -33.75
N GLN F 309 21.18 -21.28 -33.31
CA GLN F 309 20.44 -20.34 -32.48
C GLN F 309 19.47 -19.53 -33.33
N LEU F 310 19.90 -19.08 -34.52
CA LEU F 310 19.09 -18.26 -35.41
C LEU F 310 17.78 -18.92 -35.80
N PHE F 311 17.82 -20.17 -36.29
CA PHE F 311 16.61 -20.88 -36.69
C PHE F 311 15.70 -21.12 -35.50
N GLU F 312 16.25 -21.53 -34.33
CA GLU F 312 15.46 -21.73 -33.13
C GLU F 312 14.76 -20.43 -32.70
N GLU F 313 15.45 -19.29 -32.77
CA GLU F 313 14.89 -18.02 -32.37
C GLU F 313 13.84 -17.51 -33.36
N LEU F 314 14.07 -17.73 -34.67
CA LEU F 314 13.12 -17.32 -35.70
C LEU F 314 11.84 -18.13 -35.55
N ARG F 315 11.98 -19.42 -35.33
CA ARG F 315 10.87 -20.35 -35.13
C ARG F 315 10.08 -20.02 -33.86
N ARG F 316 10.76 -19.77 -32.72
CA ARG F 316 10.13 -19.43 -31.43
C ARG F 316 9.40 -18.07 -31.51
N ALA F 317 9.99 -17.09 -32.21
CA ALA F 317 9.40 -15.76 -32.31
C ALA F 317 8.26 -15.66 -33.32
N ALA F 318 8.30 -16.47 -34.38
CA ALA F 318 7.27 -16.44 -35.40
C ALA F 318 5.94 -16.93 -34.82
N PRO F 319 4.85 -16.19 -35.11
CA PRO F 319 3.55 -16.60 -34.57
C PRO F 319 3.00 -17.84 -35.27
N LEU F 320 2.04 -18.52 -34.63
CA LEU F 320 1.41 -19.68 -35.26
C LEU F 320 0.65 -19.21 -36.50
N SER F 321 0.60 -20.06 -37.53
CA SER F 321 -0.03 -19.65 -38.77
C SER F 321 -0.91 -20.71 -39.33
N ARG F 322 -2.05 -20.31 -39.89
CA ARG F 322 -2.93 -21.24 -40.57
C ARG F 322 -2.87 -21.06 -42.10
N ASP F 323 -1.82 -20.36 -42.61
CA ASP F 323 -1.58 -20.13 -44.02
C ASP F 323 -0.70 -21.27 -44.53
N PRO F 324 -1.19 -22.07 -45.49
CA PRO F 324 -0.39 -23.21 -45.95
C PRO F 324 0.98 -22.86 -46.54
N THR F 325 1.15 -21.67 -47.12
CA THR F 325 2.44 -21.29 -47.66
C THR F 325 3.44 -21.12 -46.50
N GLU F 326 3.00 -20.43 -45.43
CA GLU F 326 3.77 -20.20 -44.23
C GLU F 326 4.12 -21.52 -43.52
N VAL F 327 3.16 -22.43 -43.41
CA VAL F 327 3.32 -23.75 -42.79
C VAL F 327 4.27 -24.64 -43.60
N THR F 328 4.13 -24.64 -44.94
CA THR F 328 4.99 -25.44 -45.81
C THR F 328 6.41 -24.93 -45.75
N ALA F 329 6.59 -23.58 -45.71
CA ALA F 329 7.90 -22.96 -45.65
C ALA F 329 8.71 -23.41 -44.42
N ILE F 330 8.09 -23.45 -43.23
CA ILE F 330 8.83 -23.87 -42.05
C ILE F 330 9.13 -25.39 -42.09
N GLY F 331 8.21 -26.20 -42.59
CA GLY F 331 8.44 -27.63 -42.74
C GLY F 331 9.57 -27.92 -43.71
N ALA F 332 9.63 -27.17 -44.83
CA ALA F 332 10.68 -27.30 -45.84
C ALA F 332 12.06 -26.90 -45.31
N VAL F 333 12.15 -25.80 -44.54
CA VAL F 333 13.41 -25.34 -43.98
C VAL F 333 13.89 -26.33 -42.91
N GLU F 334 12.97 -26.87 -42.10
CA GLU F 334 13.30 -27.86 -41.08
CA GLU F 334 13.30 -27.86 -41.08
C GLU F 334 13.86 -29.12 -41.74
N ALA F 335 13.22 -29.57 -42.86
CA ALA F 335 13.63 -30.73 -43.64
C ALA F 335 15.00 -30.52 -44.26
N ALA F 336 15.27 -29.34 -44.85
CA ALA F 336 16.59 -29.03 -45.43
C ALA F 336 17.71 -29.11 -44.34
N PHE F 337 17.46 -28.57 -43.14
CA PHE F 337 18.47 -28.63 -42.08
C PHE F 337 18.74 -30.08 -41.64
N LYS F 338 17.71 -30.91 -41.59
CA LYS F 338 17.80 -32.32 -41.18
C LYS F 338 18.71 -33.15 -42.07
N CYS F 339 18.69 -32.90 -43.37
CA CYS F 339 19.52 -33.68 -44.30
C CYS F 339 20.67 -32.93 -44.91
N CYS F 340 20.90 -31.65 -44.53
CA CYS F 340 21.92 -30.79 -45.09
C CYS F 340 21.63 -30.61 -46.58
N ALA F 341 20.34 -30.36 -46.94
CA ALA F 341 19.90 -30.20 -48.32
C ALA F 341 20.71 -29.14 -49.05
N ALA F 342 21.10 -29.41 -50.30
CA ALA F 342 21.90 -28.44 -51.06
C ALA F 342 21.06 -27.25 -51.54
N ALA F 343 19.75 -27.46 -51.75
CA ALA F 343 18.87 -26.42 -52.22
C ALA F 343 17.40 -26.74 -51.86
N ILE F 344 16.55 -25.71 -51.96
CA ILE F 344 15.12 -25.79 -51.81
C ILE F 344 14.62 -25.18 -53.10
N ILE F 345 13.99 -25.97 -53.98
CA ILE F 345 13.51 -25.46 -55.26
C ILE F 345 12.05 -25.10 -55.07
N VAL F 346 11.70 -23.84 -55.29
CA VAL F 346 10.34 -23.37 -55.08
C VAL F 346 9.78 -22.73 -56.35
N LEU F 347 8.51 -23.08 -56.67
CA LEU F 347 7.80 -22.50 -57.80
C LEU F 347 7.09 -21.26 -57.27
N THR F 348 7.32 -20.08 -57.87
CA THR F 348 6.68 -18.87 -57.38
C THR F 348 6.22 -17.96 -58.52
N THR F 349 5.08 -17.29 -58.33
CA THR F 349 4.57 -16.34 -59.31
C THR F 349 5.02 -14.92 -58.92
N THR F 350 4.72 -14.51 -57.66
CA THR F 350 5.01 -13.19 -57.12
C THR F 350 6.32 -13.10 -56.34
N GLY F 351 6.91 -14.26 -56.00
CA GLY F 351 8.12 -14.33 -55.18
C GLY F 351 7.82 -14.59 -53.71
N ARG F 352 6.53 -14.54 -53.30
CA ARG F 352 6.14 -14.71 -51.91
C ARG F 352 6.55 -16.05 -51.28
N SER F 353 6.38 -17.18 -51.99
CA SER F 353 6.77 -18.47 -51.45
C SER F 353 8.28 -18.54 -51.20
N ALA F 354 9.08 -17.87 -52.04
CA ALA F 354 10.52 -17.85 -51.85
C ALA F 354 10.87 -16.94 -50.64
N GLN F 355 10.14 -15.83 -50.47
CA GLN F 355 10.32 -14.91 -49.36
C GLN F 355 10.03 -15.59 -48.02
N LEU F 356 8.95 -16.40 -47.94
CA LEU F 356 8.60 -17.12 -46.73
C LEU F 356 9.61 -18.23 -46.38
N LEU F 357 10.33 -18.75 -47.38
CA LEU F 357 11.36 -19.75 -47.11
C LEU F 357 12.60 -18.99 -46.55
N SER F 358 12.99 -17.88 -47.22
CA SER F 358 14.11 -17.02 -46.89
C SER F 358 14.04 -16.44 -45.44
N ARG F 359 12.85 -16.17 -44.91
CA ARG F 359 12.71 -15.62 -43.57
C ARG F 359 13.21 -16.57 -42.46
N TYR F 360 13.25 -17.88 -42.73
CA TYR F 360 13.77 -18.84 -41.76
C TYR F 360 15.27 -19.09 -41.90
N ARG F 361 15.95 -18.30 -42.76
CA ARG F 361 17.36 -18.32 -43.02
C ARG F 361 17.92 -19.71 -43.21
N PRO F 362 17.42 -20.49 -44.20
CA PRO F 362 18.01 -21.81 -44.42
C PRO F 362 19.45 -21.68 -44.92
N ARG F 363 20.26 -22.69 -44.63
CA ARG F 363 21.60 -22.76 -45.17
C ARG F 363 21.49 -23.21 -46.67
N ALA F 364 20.45 -24.01 -47.05
CA ALA F 364 20.20 -24.43 -48.43
C ALA F 364 19.79 -23.24 -49.35
N ALA F 365 20.37 -23.14 -50.55
CA ALA F 365 19.98 -22.09 -51.50
C ALA F 365 18.51 -22.25 -51.89
N VAL F 366 17.79 -21.13 -51.99
CA VAL F 366 16.38 -21.17 -52.39
C VAL F 366 16.34 -20.85 -53.88
N ILE F 367 16.20 -21.88 -54.72
CA ILE F 367 16.16 -21.69 -56.16
C ILE F 367 14.71 -21.42 -56.55
N ALA F 368 14.40 -20.16 -56.89
CA ALA F 368 13.03 -19.79 -57.20
C ALA F 368 12.77 -19.80 -58.72
N VAL F 369 11.94 -20.76 -59.18
CA VAL F 369 11.60 -20.85 -60.59
C VAL F 369 10.32 -20.04 -60.84
N THR F 370 10.42 -19.01 -61.66
CA THR F 370 9.30 -18.12 -61.92
C THR F 370 9.19 -17.77 -63.38
N ARG F 371 7.96 -17.51 -63.82
CA ARG F 371 7.73 -17.02 -65.18
C ARG F 371 7.75 -15.48 -65.21
N SER F 372 7.62 -14.81 -64.04
CA SER F 372 7.59 -13.36 -63.94
C SER F 372 9.01 -12.77 -63.93
N ALA F 373 9.37 -12.01 -64.97
CA ALA F 373 10.68 -11.38 -65.03
C ALA F 373 10.83 -10.34 -63.91
N GLN F 374 9.73 -9.65 -63.53
CA GLN F 374 9.78 -8.68 -62.44
C GLN F 374 10.00 -9.37 -61.09
N ALA F 375 9.31 -10.49 -60.82
CA ALA F 375 9.49 -11.26 -59.59
C ALA F 375 10.92 -11.78 -59.53
N ALA F 376 11.46 -12.29 -60.65
CA ALA F 376 12.83 -12.77 -60.71
C ALA F 376 13.84 -11.67 -60.30
N ARG F 377 13.60 -10.41 -60.70
CA ARG F 377 14.47 -9.29 -60.35
C ARG F 377 14.27 -8.86 -58.90
N GLN F 378 13.03 -8.74 -58.46
CA GLN F 378 12.70 -8.30 -57.11
C GLN F 378 13.07 -9.30 -56.00
N VAL F 379 13.10 -10.63 -56.27
CA VAL F 379 13.46 -11.60 -55.22
C VAL F 379 14.92 -11.48 -54.78
N HIS F 380 15.74 -10.69 -55.49
CA HIS F 380 17.11 -10.41 -55.08
C HIS F 380 17.11 -9.66 -53.72
N LEU F 381 15.99 -9.02 -53.34
CA LEU F 381 15.88 -8.36 -52.06
C LEU F 381 15.90 -9.37 -50.89
N CYS F 382 15.60 -10.65 -51.12
CA CYS F 382 15.51 -11.69 -50.11
C CYS F 382 16.74 -12.54 -50.08
N ARG F 383 17.41 -12.59 -48.92
CA ARG F 383 18.63 -13.35 -48.77
C ARG F 383 18.49 -14.82 -49.08
N GLY F 384 19.38 -15.32 -49.92
CA GLY F 384 19.42 -16.73 -50.27
C GLY F 384 18.49 -17.17 -51.37
N VAL F 385 17.84 -16.23 -52.06
CA VAL F 385 16.94 -16.56 -53.15
C VAL F 385 17.64 -16.36 -54.49
N PHE F 386 17.73 -17.43 -55.29
CA PHE F 386 18.39 -17.47 -56.59
C PHE F 386 17.32 -17.59 -57.68
N PRO F 387 16.99 -16.48 -58.35
CA PRO F 387 15.92 -16.53 -59.35
C PRO F 387 16.27 -17.19 -60.70
N LEU F 388 15.38 -18.07 -61.18
CA LEU F 388 15.50 -18.68 -62.49
C LEU F 388 14.27 -18.29 -63.29
N LEU F 389 14.46 -17.54 -64.36
CA LEU F 389 13.35 -17.14 -65.21
C LEU F 389 13.05 -18.27 -66.21
N TYR F 390 11.85 -18.84 -66.12
CA TYR F 390 11.41 -19.92 -66.99
C TYR F 390 10.64 -19.28 -68.14
N ARG F 391 11.05 -19.56 -69.38
CA ARG F 391 10.41 -18.92 -70.54
C ARG F 391 9.57 -19.85 -71.42
N GLU F 392 9.63 -21.17 -71.16
CA GLU F 392 8.91 -22.17 -71.94
C GLU F 392 7.41 -22.01 -71.96
N PRO F 393 6.77 -22.37 -73.10
CA PRO F 393 5.30 -22.29 -73.17
C PRO F 393 4.66 -23.37 -72.30
N PRO F 394 3.50 -23.07 -71.70
CA PRO F 394 2.87 -24.04 -70.80
C PRO F 394 2.48 -25.37 -71.44
N GLU F 395 2.55 -26.44 -70.65
CA GLU F 395 2.12 -27.77 -71.06
C GLU F 395 0.58 -27.80 -70.96
N ALA F 396 -0.06 -28.73 -71.69
CA ALA F 396 -1.51 -28.87 -71.66
C ALA F 396 -1.95 -29.34 -70.26
N ILE F 397 -1.23 -30.31 -69.68
CA ILE F 397 -1.52 -30.79 -68.33
C ILE F 397 -0.70 -29.96 -67.32
N TRP F 398 -1.38 -29.22 -66.42
CA TRP F 398 -0.73 -28.40 -65.41
C TRP F 398 0.33 -29.16 -64.60
N ALA F 399 0.03 -30.37 -64.11
CA ALA F 399 0.98 -31.18 -63.34
C ALA F 399 2.27 -31.46 -64.10
N ASP F 400 2.19 -31.58 -65.42
CA ASP F 400 3.37 -31.79 -66.25
C ASP F 400 4.18 -30.49 -66.36
N ASP F 401 3.49 -29.33 -66.42
CA ASP F 401 4.12 -28.02 -66.51
C ASP F 401 4.92 -27.70 -65.22
N VAL F 402 4.34 -28.11 -64.07
CA VAL F 402 4.92 -28.01 -62.74
C VAL F 402 6.19 -28.87 -62.72
N ASP F 403 6.09 -30.17 -63.08
CA ASP F 403 7.23 -31.08 -63.16
C ASP F 403 8.32 -30.56 -64.07
N ARG F 404 7.96 -29.92 -65.20
CA ARG F 404 8.96 -29.36 -66.11
C ARG F 404 9.75 -28.23 -65.44
N ARG F 405 9.07 -27.35 -64.70
CA ARG F 405 9.70 -26.25 -64.00
C ARG F 405 10.63 -26.74 -62.89
N VAL F 406 10.23 -27.82 -62.17
CA VAL F 406 11.04 -28.42 -61.12
C VAL F 406 12.30 -29.04 -61.74
N GLN F 407 12.12 -29.77 -62.86
CA GLN F 407 13.24 -30.37 -63.57
C GLN F 407 14.19 -29.31 -64.13
N PHE F 408 13.66 -28.16 -64.58
CA PHE F 408 14.43 -27.03 -65.07
C PHE F 408 15.34 -26.51 -63.93
N GLY F 409 14.79 -26.44 -62.72
CA GLY F 409 15.52 -26.02 -61.54
C GLY F 409 16.61 -27.00 -61.20
N ILE F 410 16.31 -28.31 -61.22
CA ILE F 410 17.30 -29.34 -60.92
C ILE F 410 18.44 -29.35 -61.95
N GLU F 411 18.09 -29.27 -63.23
CA GLU F 411 19.10 -29.28 -64.29
C GLU F 411 19.96 -28.03 -64.23
N SER F 412 19.33 -26.85 -64.06
CA SER F 412 20.06 -25.59 -63.96
C SER F 412 20.96 -25.54 -62.72
N GLY F 413 20.49 -26.12 -61.62
CA GLY F 413 21.24 -26.21 -60.38
C GLY F 413 22.40 -27.18 -60.51
N LYS F 414 22.20 -28.28 -61.24
CA LYS F 414 23.25 -29.28 -61.46
C LYS F 414 24.34 -28.69 -62.36
N LEU F 415 23.94 -28.04 -63.44
CA LEU F 415 24.91 -27.44 -64.37
C LEU F 415 25.61 -26.21 -63.80
N ARG F 416 25.06 -25.58 -62.73
CA ARG F 416 25.66 -24.40 -62.07
C ARG F 416 26.46 -24.79 -60.78
N GLY F 417 26.58 -26.09 -60.49
CA GLY F 417 27.29 -26.56 -59.30
C GLY F 417 26.49 -26.53 -58.01
N PHE F 418 25.29 -25.91 -58.03
CA PHE F 418 24.43 -25.83 -56.85
C PHE F 418 24.06 -27.23 -56.36
N LEU F 419 23.83 -28.15 -57.29
CA LEU F 419 23.47 -29.52 -56.98
C LEU F 419 24.51 -30.47 -57.54
N ARG F 420 24.64 -31.58 -56.85
CA ARG F 420 25.53 -32.67 -57.16
C ARG F 420 24.69 -33.99 -57.06
N VAL F 421 25.02 -35.02 -57.87
CA VAL F 421 24.31 -36.30 -57.79
C VAL F 421 24.51 -36.89 -56.40
N GLY F 422 23.44 -37.37 -55.81
CA GLY F 422 23.48 -37.88 -54.44
C GLY F 422 22.99 -36.88 -53.42
N ASP F 423 22.85 -35.59 -53.82
CA ASP F 423 22.35 -34.54 -52.94
C ASP F 423 20.87 -34.73 -52.71
N LEU F 424 20.37 -34.20 -51.59
CA LEU F 424 18.95 -34.20 -51.30
C LEU F 424 18.47 -32.80 -51.50
N VAL F 425 17.34 -32.67 -52.16
CA VAL F 425 16.73 -31.39 -52.45
C VAL F 425 15.29 -31.35 -51.90
N ILE F 426 14.81 -30.16 -51.51
CA ILE F 426 13.46 -30.00 -50.98
C ILE F 426 12.71 -29.23 -52.05
N VAL F 427 11.57 -29.78 -52.52
CA VAL F 427 10.80 -29.13 -53.59
C VAL F 427 9.49 -28.58 -53.08
N VAL F 428 9.29 -27.27 -53.19
CA VAL F 428 8.10 -26.61 -52.69
C VAL F 428 7.19 -26.16 -53.84
N THR F 429 5.97 -26.74 -53.89
CA THR F 429 4.93 -26.51 -54.92
C THR F 429 3.52 -26.37 -54.28
N GLY F 430 2.52 -25.95 -55.07
CA GLY F 430 1.13 -25.84 -54.64
C GLY F 430 0.21 -26.88 -55.26
N TRP F 431 -1.06 -26.90 -54.83
CA TRP F 431 -2.05 -27.90 -55.27
C TRP F 431 -2.87 -27.49 -56.50
N ARG F 432 -2.96 -26.18 -56.79
CA ARG F 432 -3.68 -25.63 -57.96
C ARG F 432 -2.91 -24.41 -58.52
N PRO F 433 -3.17 -23.94 -59.78
CA PRO F 433 -2.42 -22.79 -60.31
C PRO F 433 -2.79 -21.46 -59.67
N GLY F 434 -1.94 -20.46 -59.88
CA GLY F 434 -2.11 -19.12 -59.35
C GLY F 434 -1.34 -18.91 -58.06
N SER F 435 -1.13 -17.66 -57.67
CA SER F 435 -0.45 -17.34 -56.43
C SER F 435 -1.29 -17.70 -55.21
N GLY F 436 -0.64 -18.03 -54.12
CA GLY F 436 -1.30 -18.26 -52.85
C GLY F 436 -1.66 -19.68 -52.49
N TYR F 437 -1.29 -20.68 -53.31
CA TYR F 437 -1.71 -22.06 -53.02
C TYR F 437 -0.61 -23.04 -52.71
N THR F 438 0.65 -22.56 -52.48
CA THR F 438 1.77 -23.42 -52.07
C THR F 438 1.38 -24.25 -50.82
N ASN F 439 1.54 -25.59 -50.85
CA ASN F 439 1.16 -26.44 -49.71
C ASN F 439 1.87 -27.81 -49.70
N ILE F 440 2.82 -28.04 -50.63
CA ILE F 440 3.50 -29.32 -50.75
C ILE F 440 5.00 -29.18 -50.64
N MET F 441 5.60 -30.12 -49.91
CA MET F 441 7.04 -30.21 -49.76
CA MET F 441 7.03 -30.22 -49.68
C MET F 441 7.45 -31.65 -50.06
N ARG F 442 8.42 -31.82 -50.97
CA ARG F 442 8.90 -33.13 -51.39
C ARG F 442 10.38 -33.26 -51.14
N VAL F 443 10.82 -34.42 -50.65
CA VAL F 443 12.24 -34.70 -50.45
C VAL F 443 12.67 -35.53 -51.66
N LEU F 444 13.58 -35.00 -52.48
CA LEU F 444 14.03 -35.70 -53.68
CA LEU F 444 14.03 -35.68 -53.69
C LEU F 444 15.53 -35.95 -53.66
N SER F 445 15.97 -37.11 -54.18
CA SER F 445 17.40 -37.43 -54.26
C SER F 445 17.86 -37.13 -55.68
N ILE F 446 18.93 -36.35 -55.81
CA ILE F 446 19.42 -35.93 -57.10
CA ILE F 446 19.42 -35.91 -57.10
C ILE F 446 20.17 -37.03 -57.86
N SER F 447 19.75 -37.26 -59.11
CA SER F 447 20.35 -38.27 -59.98
C SER F 447 20.91 -37.63 -61.27
N GLY G 23 39.39 -37.10 -8.53
CA GLY G 23 39.44 -38.47 -9.00
C GLY G 23 38.30 -38.83 -9.95
N THR G 24 38.50 -39.91 -10.75
CA THR G 24 37.48 -40.37 -11.70
C THR G 24 36.27 -40.97 -10.96
N ALA G 25 36.53 -41.70 -9.86
CA ALA G 25 35.49 -42.33 -9.06
C ALA G 25 34.54 -41.31 -8.45
N PHE G 26 35.02 -40.09 -8.13
CA PHE G 26 34.18 -39.03 -7.58
C PHE G 26 33.14 -38.63 -8.60
N PHE G 27 33.57 -38.45 -9.87
CA PHE G 27 32.70 -38.00 -10.94
C PHE G 27 31.76 -39.09 -11.49
N GLN G 28 31.91 -40.34 -11.03
CA GLN G 28 30.99 -41.40 -11.43
C GLN G 28 29.81 -41.54 -10.43
N GLN G 29 30.03 -41.13 -9.15
CA GLN G 29 29.03 -41.16 -8.07
C GLN G 29 28.01 -40.01 -8.17
N GLN G 30 26.94 -40.08 -7.33
CA GLN G 30 25.82 -39.13 -7.17
C GLN G 30 25.28 -38.53 -8.49
N GLN G 31 25.17 -39.39 -9.52
CA GLN G 31 24.66 -39.08 -10.86
C GLN G 31 25.33 -37.85 -11.48
N LEU G 32 26.64 -37.67 -11.23
CA LEU G 32 27.37 -36.53 -11.77
C LEU G 32 27.45 -36.52 -13.31
N PRO G 33 27.61 -37.67 -14.02
CA PRO G 33 27.54 -37.61 -15.49
C PRO G 33 26.18 -37.12 -15.99
N ALA G 34 25.08 -37.57 -15.33
CA ALA G 34 23.71 -37.15 -15.67
C ALA G 34 23.46 -35.67 -15.34
N ALA G 35 24.12 -35.16 -14.27
CA ALA G 35 24.00 -33.77 -13.86
C ALA G 35 24.74 -32.80 -14.80
N MET G 36 25.82 -33.29 -15.47
CA MET G 36 26.63 -32.50 -16.42
C MET G 36 25.99 -32.44 -17.83
N ALA G 37 24.92 -33.23 -18.11
CA ALA G 37 24.28 -33.28 -19.41
C ALA G 37 23.79 -31.93 -19.92
N ASP G 38 23.83 -31.73 -21.25
CA ASP G 38 23.42 -30.47 -21.86
C ASP G 38 21.91 -30.34 -22.09
N THR G 39 21.19 -31.47 -22.09
CA THR G 39 19.73 -31.48 -22.22
C THR G 39 19.12 -32.38 -21.14
N PHE G 40 17.84 -32.18 -20.85
CA PHE G 40 17.11 -33.01 -19.90
C PHE G 40 16.98 -34.46 -20.41
N LEU G 41 16.85 -34.64 -21.73
CA LEU G 41 16.76 -35.94 -22.37
C LEU G 41 18.07 -36.71 -22.18
N GLU G 42 19.22 -36.04 -22.40
CA GLU G 42 20.55 -36.64 -22.19
CA GLU G 42 20.51 -36.71 -22.20
C GLU G 42 20.78 -36.95 -20.71
N HIS G 43 20.21 -36.11 -19.82
CA HIS G 43 20.30 -36.26 -18.38
C HIS G 43 19.62 -37.57 -17.99
N LEU G 44 18.40 -37.82 -18.51
CA LEU G 44 17.68 -39.07 -18.23
C LEU G 44 18.47 -40.28 -18.73
N CYS G 45 19.01 -40.19 -19.96
CA CYS G 45 19.80 -41.27 -20.58
C CYS G 45 21.06 -41.60 -19.78
N LEU G 46 21.62 -40.62 -19.08
CA LEU G 46 22.85 -40.82 -18.31
C LEU G 46 22.63 -41.28 -16.87
N LEU G 47 21.37 -41.41 -16.42
CA LEU G 47 21.09 -41.92 -15.06
C LEU G 47 21.63 -43.35 -14.94
N ASP G 48 22.34 -43.64 -13.85
CA ASP G 48 23.02 -44.92 -13.68
C ASP G 48 22.61 -45.55 -12.36
N ILE G 49 22.07 -46.80 -12.38
CA ILE G 49 21.73 -47.48 -11.13
C ILE G 49 22.99 -47.84 -10.29
N ASP G 50 24.16 -47.91 -10.94
CA ASP G 50 25.42 -48.19 -10.26
C ASP G 50 26.08 -46.93 -9.67
N SER G 51 25.56 -45.74 -10.00
CA SER G 51 26.08 -44.49 -9.45
C SER G 51 25.44 -44.32 -8.07
N GLU G 52 26.24 -44.50 -7.01
CA GLU G 52 25.74 -44.44 -5.66
C GLU G 52 25.61 -43.03 -5.09
N PRO G 53 24.53 -42.78 -4.31
CA PRO G 53 24.38 -41.46 -3.70
C PRO G 53 25.41 -41.27 -2.58
N VAL G 54 26.10 -40.15 -2.59
CA VAL G 54 27.10 -39.84 -1.56
C VAL G 54 26.55 -38.84 -0.55
N ALA G 55 25.87 -37.79 -1.08
CA ALA G 55 25.24 -36.73 -0.32
C ALA G 55 24.23 -37.21 0.73
N ALA G 56 24.12 -36.48 1.86
CA ALA G 56 23.15 -36.77 2.90
C ALA G 56 21.76 -36.47 2.33
N ARG G 57 20.74 -37.25 2.78
CA ARG G 57 19.36 -37.09 2.35
C ARG G 57 18.84 -35.72 2.74
N SER G 58 18.36 -34.95 1.77
CA SER G 58 17.94 -33.59 2.01
C SER G 58 16.42 -33.35 2.10
N THR G 59 15.58 -34.25 1.60
CA THR G 59 14.12 -34.11 1.70
C THR G 59 13.68 -34.64 3.06
N SER G 60 13.09 -33.78 3.90
CA SER G 60 12.71 -34.20 5.25
C SER G 60 11.57 -35.19 5.24
N ILE G 61 11.53 -36.06 6.25
CA ILE G 61 10.48 -37.03 6.37
C ILE G 61 9.61 -36.62 7.55
N ILE G 62 8.30 -36.49 7.31
CA ILE G 62 7.35 -36.20 8.37
C ILE G 62 6.67 -37.53 8.69
N ALA G 63 6.71 -37.99 9.95
CA ALA G 63 6.05 -39.24 10.31
C ALA G 63 4.90 -38.94 11.25
N THR G 64 3.71 -39.47 10.95
CA THR G 64 2.56 -39.27 11.83
C THR G 64 2.69 -40.20 13.04
N ILE G 65 2.64 -39.65 14.25
CA ILE G 65 2.80 -40.36 15.51
C ILE G 65 1.45 -40.84 16.07
N GLY G 66 1.32 -42.14 16.23
CA GLY G 66 0.11 -42.78 16.75
C GLY G 66 0.43 -44.04 17.53
N PRO G 67 -0.57 -44.95 17.66
CA PRO G 67 -0.36 -46.19 18.43
C PRO G 67 0.84 -47.04 18.00
N ALA G 68 1.14 -47.08 16.69
CA ALA G 68 2.29 -47.85 16.21
C ALA G 68 3.66 -47.21 16.42
N SER G 69 3.71 -45.92 16.76
CA SER G 69 4.97 -45.20 16.87
C SER G 69 5.03 -44.28 18.08
N ARG G 70 4.44 -44.69 19.18
CA ARG G 70 4.31 -43.87 20.36
C ARG G 70 5.36 -44.08 21.43
N SER G 71 5.85 -45.33 21.55
CA SER G 71 6.81 -45.62 22.61
C SER G 71 8.13 -44.86 22.42
N VAL G 72 8.80 -44.53 23.52
CA VAL G 72 10.09 -43.84 23.49
C VAL G 72 11.11 -44.68 22.73
N GLU G 73 11.10 -46.01 22.94
CA GLU G 73 12.02 -46.91 22.26
C GLU G 73 11.77 -46.98 20.76
N ARG G 74 10.50 -46.98 20.36
CA ARG G 74 10.11 -47.00 18.95
C ARG G 74 10.47 -45.67 18.27
N LEU G 75 10.23 -44.55 18.98
CA LEU G 75 10.55 -43.21 18.50
C LEU G 75 12.05 -43.01 18.30
N LYS G 76 12.89 -43.64 19.15
CA LYS G 76 14.35 -43.61 19.01
C LYS G 76 14.76 -44.31 17.71
N GLU G 77 14.10 -45.42 17.38
CA GLU G 77 14.36 -46.14 16.15
C GLU G 77 13.93 -45.34 14.93
N MET G 78 12.83 -44.57 15.04
CA MET G 78 12.36 -43.75 13.93
CA MET G 78 12.36 -43.75 13.93
C MET G 78 13.26 -42.53 13.71
N ILE G 79 13.88 -41.99 14.79
CA ILE G 79 14.81 -40.89 14.68
C ILE G 79 16.06 -41.41 13.94
N LYS G 80 16.53 -42.62 14.30
CA LYS G 80 17.69 -43.24 13.65
C LYS G 80 17.39 -43.57 12.19
N ALA G 81 16.15 -43.96 11.88
CA ALA G 81 15.73 -44.27 10.51
C ALA G 81 15.63 -43.01 9.59
N GLY G 82 15.47 -41.83 10.19
CA GLY G 82 15.40 -40.59 9.43
C GLY G 82 14.25 -39.63 9.68
N MET G 83 13.38 -39.89 10.67
CA MET G 83 12.26 -38.98 10.95
C MET G 83 12.78 -37.60 11.36
N ASN G 84 12.28 -36.54 10.72
CA ASN G 84 12.70 -35.17 11.03
C ASN G 84 11.59 -34.36 11.69
N ILE G 85 10.33 -34.66 11.34
CA ILE G 85 9.18 -33.95 11.88
C ILE G 85 8.19 -35.00 12.35
N ALA G 86 7.66 -34.83 13.56
CA ALA G 86 6.66 -35.71 14.14
C ALA G 86 5.31 -35.02 13.95
N ARG G 87 4.37 -35.64 13.25
CA ARG G 87 3.05 -35.07 13.03
C ARG G 87 2.01 -35.65 14.01
N LEU G 88 1.25 -34.78 14.65
CA LEU G 88 0.19 -35.20 15.54
C LEU G 88 -1.14 -34.85 14.87
N ASN G 89 -1.90 -35.87 14.50
CA ASN G 89 -3.16 -35.65 13.81
C ASN G 89 -4.29 -35.42 14.79
N PHE G 90 -4.73 -34.16 14.91
CA PHE G 90 -5.79 -33.81 15.83
C PHE G 90 -7.21 -34.18 15.33
N SER G 91 -7.29 -34.89 14.21
CA SER G 91 -8.52 -35.48 13.74
C SER G 91 -8.81 -36.76 14.59
N HIS G 92 -7.80 -37.34 15.29
CA HIS G 92 -7.91 -38.54 16.12
C HIS G 92 -7.31 -38.27 17.51
N GLY G 93 -7.55 -39.16 18.46
CA GLY G 93 -7.04 -39.03 19.83
C GLY G 93 -7.59 -37.86 20.60
N SER G 94 -6.94 -37.53 21.70
CA SER G 94 -7.35 -36.43 22.57
C SER G 94 -6.13 -35.56 22.91
N HIS G 95 -6.35 -34.43 23.61
CA HIS G 95 -5.28 -33.55 24.04
C HIS G 95 -4.34 -34.32 25.00
N GLU G 96 -4.90 -35.17 25.87
CA GLU G 96 -4.12 -35.97 26.82
C GLU G 96 -3.23 -36.95 26.06
N TYR G 97 -3.79 -37.60 25.04
CA TYR G 97 -3.11 -38.58 24.21
C TYR G 97 -1.94 -37.93 23.45
N HIS G 98 -2.21 -36.80 22.76
CA HIS G 98 -1.20 -36.10 21.99
C HIS G 98 -0.12 -35.47 22.88
N ALA G 99 -0.46 -35.02 24.11
CA ALA G 99 0.53 -34.48 25.04
C ALA G 99 1.52 -35.58 25.45
N GLU G 100 1.04 -36.83 25.59
CA GLU G 100 1.91 -37.95 25.96
CA GLU G 100 1.94 -37.93 25.95
C GLU G 100 2.83 -38.25 24.78
N SER G 101 2.30 -38.23 23.55
CA SER G 101 3.10 -38.47 22.36
C SER G 101 4.21 -37.39 22.23
N ILE G 102 3.86 -36.09 22.42
CA ILE G 102 4.83 -34.98 22.39
C ILE G 102 5.95 -35.22 23.41
N ALA G 103 5.57 -35.64 24.64
CA ALA G 103 6.56 -35.91 25.69
C ALA G 103 7.48 -37.08 25.35
N ASN G 104 6.95 -38.11 24.70
CA ASN G 104 7.72 -39.27 24.28
C ASN G 104 8.68 -38.93 23.16
N VAL G 105 8.25 -38.06 22.22
CA VAL G 105 9.11 -37.60 21.14
C VAL G 105 10.27 -36.81 21.74
N ARG G 106 9.98 -35.85 22.64
CA ARG G 106 11.01 -35.07 23.29
C ARG G 106 11.97 -35.91 24.12
N GLU G 107 11.46 -36.97 24.77
CA GLU G 107 12.28 -37.88 25.53
C GLU G 107 13.22 -38.65 24.60
N ALA G 108 12.70 -39.19 23.49
CA ALA G 108 13.52 -39.91 22.52
C ALA G 108 14.57 -39.01 21.87
N VAL G 109 14.23 -37.75 21.55
CA VAL G 109 15.15 -36.80 20.95
C VAL G 109 16.28 -36.48 21.92
N GLU G 110 15.94 -36.24 23.20
CA GLU G 110 16.94 -35.89 24.19
C GLU G 110 17.81 -37.05 24.64
N SER G 111 17.41 -38.29 24.34
CA SER G 111 18.23 -39.45 24.66
C SER G 111 19.54 -39.50 23.82
N PHE G 112 19.70 -38.62 22.83
CA PHE G 112 20.91 -38.53 22.00
C PHE G 112 21.66 -37.20 22.22
N ALA G 113 21.21 -36.35 23.19
CA ALA G 113 21.80 -35.03 23.42
C ALA G 113 23.18 -35.04 24.06
N GLY G 114 23.62 -36.22 24.53
CA GLY G 114 24.95 -36.42 25.11
C GLY G 114 26.08 -36.28 24.11
N SER G 115 25.76 -36.34 22.82
CA SER G 115 26.73 -36.17 21.74
C SER G 115 26.26 -34.92 20.91
N PRO G 116 26.62 -33.69 21.34
CA PRO G 116 26.12 -32.47 20.63
C PRO G 116 26.51 -32.30 19.15
N LEU G 117 27.65 -32.89 18.72
CA LEU G 117 28.04 -32.80 17.30
C LEU G 117 27.19 -33.77 16.42
N SER G 118 26.50 -34.80 17.03
CA SER G 118 25.69 -35.77 16.27
C SER G 118 24.18 -35.91 16.71
N TYR G 119 23.68 -34.94 17.53
CA TYR G 119 22.30 -34.95 18.03
C TYR G 119 21.34 -34.48 16.89
N ARG G 120 20.17 -35.12 16.76
CA ARG G 120 19.22 -34.72 15.71
C ARG G 120 17.91 -34.05 16.23
N PRO G 121 17.71 -32.74 15.98
CA PRO G 121 16.45 -32.07 16.38
C PRO G 121 15.23 -32.60 15.62
N VAL G 122 14.07 -32.70 16.27
CA VAL G 122 12.85 -33.21 15.60
C VAL G 122 11.72 -32.20 15.82
N ALA G 123 11.18 -31.63 14.74
CA ALA G 123 10.09 -30.65 14.86
C ALA G 123 8.81 -31.34 15.25
N ILE G 124 7.90 -30.61 15.90
CA ILE G 124 6.61 -31.15 16.28
C ILE G 124 5.54 -30.38 15.55
N ALA G 125 4.75 -31.08 14.73
CA ALA G 125 3.72 -30.44 13.92
C ALA G 125 2.33 -30.86 14.35
N LEU G 126 1.41 -29.91 14.41
CA LEU G 126 0.03 -30.18 14.80
C LEU G 126 -0.83 -30.11 13.55
N ASP G 127 -1.47 -31.22 13.17
CA ASP G 127 -2.34 -31.22 12.00
C ASP G 127 -3.77 -31.03 12.52
N THR G 128 -4.45 -29.93 12.12
CA THR G 128 -5.78 -29.65 12.65
C THR G 128 -6.88 -30.56 12.07
N LYS G 129 -8.00 -30.68 12.80
CA LYS G 129 -9.17 -31.48 12.36
C LYS G 129 -9.85 -30.85 11.13
N GLY G 130 -9.92 -29.53 11.11
CA GLY G 130 -10.50 -28.82 9.99
C GLY G 130 -11.88 -28.26 10.23
N PRO G 131 -12.39 -27.50 9.23
CA PRO G 131 -13.69 -26.85 9.38
C PRO G 131 -14.88 -27.79 9.25
N PRO G 135 -17.11 -24.16 7.14
CA PRO G 135 -17.68 -22.79 7.19
C PRO G 135 -16.60 -21.70 7.36
N GLY G 136 -15.72 -21.91 8.34
CA GLY G 136 -14.57 -21.08 8.71
C GLY G 136 -13.71 -21.84 9.72
N LEU G 137 -12.97 -21.14 10.61
CA LEU G 137 -12.21 -21.84 11.66
C LEU G 137 -13.19 -22.48 12.70
N SER G 138 -13.16 -23.80 12.87
CA SER G 138 -14.02 -24.48 13.82
C SER G 138 -13.64 -24.24 15.28
N GLU G 139 -14.56 -24.55 16.22
CA GLU G 139 -14.32 -24.33 17.65
C GLU G 139 -13.29 -25.30 18.22
N GLN G 140 -13.26 -26.54 17.69
CA GLN G 140 -12.29 -27.53 18.12
C GLN G 140 -10.90 -27.11 17.63
N ASP G 141 -10.79 -26.52 16.41
CA ASP G 141 -9.51 -26.03 15.90
C ASP G 141 -8.96 -24.93 16.78
N VAL G 142 -9.80 -24.02 17.28
CA VAL G 142 -9.35 -22.97 18.18
C VAL G 142 -8.76 -23.57 19.46
N ARG G 143 -9.41 -24.61 19.98
CA ARG G 143 -8.94 -25.27 21.22
C ARG G 143 -7.64 -26.05 20.98
N ASP G 144 -7.51 -26.68 19.82
CA ASP G 144 -6.35 -27.47 19.45
C ASP G 144 -5.12 -26.60 19.14
N LEU G 145 -5.29 -25.49 18.40
CA LEU G 145 -4.22 -24.55 18.13
C LEU G 145 -3.74 -23.92 19.43
N ARG G 146 -4.66 -23.68 20.43
CA ARG G 146 -4.30 -23.16 21.78
C ARG G 146 -3.43 -24.23 22.53
N PHE G 147 -3.81 -25.51 22.37
CA PHE G 147 -3.06 -26.63 22.92
C PHE G 147 -1.60 -26.62 22.35
N GLY G 148 -1.49 -26.43 21.04
CA GLY G 148 -0.21 -26.36 20.35
C GLY G 148 0.68 -25.25 20.87
N VAL G 149 0.13 -24.07 21.09
CA VAL G 149 0.89 -22.94 21.64
C VAL G 149 1.40 -23.28 23.03
N GLU G 150 0.51 -23.84 23.89
CA GLU G 150 0.86 -24.22 25.24
C GLU G 150 1.87 -25.34 25.32
N HIS G 151 1.89 -26.22 24.33
CA HIS G 151 2.82 -27.33 24.31
C HIS G 151 4.07 -27.10 23.45
N GLY G 152 4.23 -25.88 22.93
CA GLY G 152 5.41 -25.48 22.16
C GLY G 152 5.60 -26.16 20.82
N VAL G 153 4.52 -26.35 20.06
CA VAL G 153 4.64 -26.95 18.73
C VAL G 153 5.39 -25.97 17.80
N ASP G 154 6.03 -26.51 16.77
CA ASP G 154 6.79 -25.70 15.83
C ASP G 154 6.02 -25.37 14.58
N ILE G 155 5.15 -26.27 14.13
CA ILE G 155 4.44 -26.12 12.88
C ILE G 155 2.95 -26.47 13.05
N VAL G 156 2.09 -25.84 12.24
CA VAL G 156 0.68 -26.15 12.18
C VAL G 156 0.38 -26.54 10.75
N PHE G 157 -0.18 -27.73 10.54
CA PHE G 157 -0.62 -28.15 9.21
C PHE G 157 -2.12 -27.82 9.24
N ALA G 158 -2.52 -26.67 8.70
CA ALA G 158 -3.92 -26.22 8.76
C ALA G 158 -4.78 -26.88 7.73
N SER G 159 -5.71 -27.75 8.16
CA SER G 159 -6.61 -28.48 7.26
C SER G 159 -7.62 -27.61 6.51
N PHE G 160 -7.96 -28.04 5.29
CA PHE G 160 -8.92 -27.41 4.38
C PHE G 160 -8.83 -25.90 4.27
N VAL G 161 -7.62 -25.36 4.00
CA VAL G 161 -7.49 -23.93 3.79
C VAL G 161 -8.07 -23.66 2.39
N ARG G 162 -9.05 -22.74 2.30
CA ARG G 162 -9.68 -22.45 1.00
C ARG G 162 -9.46 -21.05 0.49
N LYS G 163 -9.08 -20.12 1.37
CA LYS G 163 -8.87 -18.71 1.04
C LYS G 163 -7.88 -18.07 2.04
N ALA G 164 -7.35 -16.89 1.71
CA ALA G 164 -6.39 -16.21 2.56
C ALA G 164 -6.91 -15.91 3.96
N SER G 165 -8.23 -15.65 4.10
CA SER G 165 -8.85 -15.34 5.40
C SER G 165 -8.83 -16.53 6.37
N ASP G 166 -8.74 -17.77 5.83
CA ASP G 166 -8.63 -18.97 6.65
C ASP G 166 -7.26 -19.00 7.36
N VAL G 167 -6.20 -18.58 6.65
CA VAL G 167 -4.85 -18.51 7.18
C VAL G 167 -4.78 -17.42 8.25
N ALA G 168 -5.46 -16.28 8.00
CA ALA G 168 -5.52 -15.16 8.95
C ALA G 168 -6.21 -15.58 10.24
N ALA G 169 -7.24 -16.44 10.13
CA ALA G 169 -7.95 -16.94 11.30
C ALA G 169 -7.06 -17.85 12.12
N VAL G 170 -6.25 -18.68 11.45
CA VAL G 170 -5.28 -19.54 12.15
C VAL G 170 -4.20 -18.70 12.83
N ARG G 171 -3.69 -17.63 12.13
CA ARG G 171 -2.67 -16.73 12.68
C ARG G 171 -3.14 -16.09 13.94
N ALA G 172 -4.40 -15.60 13.92
CA ALA G 172 -5.02 -14.92 15.06
C ALA G 172 -5.20 -15.93 16.23
N ALA G 173 -5.55 -17.17 15.91
CA ALA G 173 -5.73 -18.22 16.90
C ALA G 173 -4.40 -18.65 17.58
N LEU G 174 -3.25 -18.49 16.88
CA LEU G 174 -1.94 -18.80 17.48
C LEU G 174 -1.52 -17.76 18.58
N GLY G 175 -2.52 -17.01 19.01
CA GLY G 175 -2.64 -16.17 20.19
C GLY G 175 -1.53 -15.20 20.33
N PRO G 176 -1.24 -14.81 21.57
CA PRO G 176 -0.13 -13.87 21.78
C PRO G 176 1.26 -14.54 21.76
N GLU G 177 1.37 -15.84 22.08
CA GLU G 177 2.66 -16.45 22.22
C GLU G 177 3.03 -17.50 21.16
N GLY G 178 2.27 -17.60 20.08
CA GLY G 178 2.55 -18.57 19.02
C GLY G 178 2.75 -17.98 17.64
N HIS G 179 3.16 -16.73 17.59
CA HIS G 179 3.40 -16.01 16.35
C HIS G 179 4.59 -16.57 15.53
N GLY G 180 5.53 -17.25 16.21
CA GLY G 180 6.67 -17.91 15.59
C GLY G 180 6.39 -19.29 15.04
N ILE G 181 5.20 -19.82 15.24
CA ILE G 181 4.80 -21.12 14.72
C ILE G 181 4.57 -20.98 13.23
N LYS G 182 5.10 -21.92 12.46
CA LYS G 182 4.94 -21.90 11.01
C LYS G 182 3.59 -22.43 10.64
N ILE G 183 2.91 -21.77 9.70
CA ILE G 183 1.61 -22.24 9.24
C ILE G 183 1.77 -22.77 7.85
N ILE G 184 1.59 -24.07 7.69
CA ILE G 184 1.65 -24.77 6.42
C ILE G 184 0.19 -25.05 6.06
N SER G 185 -0.35 -24.36 5.02
CA SER G 185 -1.76 -24.52 4.62
C SER G 185 -1.97 -25.76 3.80
N LYS G 186 -2.92 -26.61 4.20
CA LYS G 186 -3.24 -27.81 3.45
C LYS G 186 -4.25 -27.52 2.37
N ILE G 187 -3.89 -27.79 1.10
CA ILE G 187 -4.80 -27.59 -0.02
C ILE G 187 -5.48 -28.92 -0.28
N GLU G 188 -6.80 -28.99 0.05
CA GLU G 188 -7.53 -30.26 0.01
C GLU G 188 -8.78 -30.25 -0.87
N ASN G 189 -9.10 -29.13 -1.53
CA ASN G 189 -10.33 -29.07 -2.35
C ASN G 189 -10.17 -28.14 -3.56
N HIS G 190 -11.17 -28.08 -4.46
CA HIS G 190 -11.13 -27.24 -5.64
C HIS G 190 -10.94 -25.76 -5.31
N GLU G 191 -11.60 -25.25 -4.25
CA GLU G 191 -11.46 -23.84 -3.88
C GLU G 191 -10.03 -23.46 -3.45
N GLY G 192 -9.37 -24.33 -2.67
CA GLY G 192 -8.00 -24.13 -2.24
C GLY G 192 -7.06 -24.10 -3.44
N VAL G 193 -7.27 -24.98 -4.44
CA VAL G 193 -6.45 -25.01 -5.64
C VAL G 193 -6.64 -23.74 -6.45
N LYS G 194 -7.89 -23.28 -6.61
CA LYS G 194 -8.20 -22.08 -7.37
C LYS G 194 -7.71 -20.80 -6.70
N ARG G 195 -7.75 -20.76 -5.38
CA ARG G 195 -7.27 -19.59 -4.64
C ARG G 195 -5.84 -19.77 -4.11
N PHE G 196 -5.06 -20.69 -4.71
CA PHE G 196 -3.71 -21.04 -4.31
C PHE G 196 -2.76 -19.84 -4.12
N ASP G 197 -2.69 -18.92 -5.09
CA ASP G 197 -1.78 -17.78 -5.00
C ASP G 197 -2.01 -16.90 -3.79
N GLU G 198 -3.29 -16.65 -3.43
CA GLU G 198 -3.58 -15.82 -2.29
C GLU G 198 -3.30 -16.54 -0.96
N ILE G 199 -3.42 -17.88 -0.96
CA ILE G 199 -3.16 -18.68 0.22
C ILE G 199 -1.62 -18.76 0.44
N LEU G 200 -0.86 -19.05 -0.64
CA LEU G 200 0.59 -19.14 -0.54
C LEU G 200 1.20 -17.83 -0.08
N GLU G 201 0.67 -16.70 -0.58
CA GLU G 201 1.14 -15.37 -0.22
C GLU G 201 1.12 -15.12 1.27
N VAL G 202 0.08 -15.60 1.98
CA VAL G 202 -0.06 -15.38 3.41
C VAL G 202 0.38 -16.56 4.29
N SER G 203 0.74 -17.70 3.68
CA SER G 203 1.18 -18.87 4.41
C SER G 203 2.69 -19.00 4.47
N ASP G 204 3.23 -19.78 5.42
CA ASP G 204 4.66 -20.05 5.48
C ASP G 204 5.03 -21.17 4.49
N GLY G 205 4.05 -21.98 4.07
CA GLY G 205 4.26 -23.08 3.16
C GLY G 205 2.95 -23.78 2.86
N ILE G 206 3.02 -24.88 2.09
CA ILE G 206 1.86 -25.59 1.62
C ILE G 206 2.02 -27.08 1.79
N MET G 207 0.90 -27.78 2.00
CA MET G 207 0.87 -29.23 2.01
C MET G 207 -0.10 -29.65 0.92
N VAL G 208 0.34 -30.52 0.02
CA VAL G 208 -0.51 -31.09 -1.02
C VAL G 208 -1.14 -32.31 -0.35
N ALA G 209 -2.35 -32.09 0.24
CA ALA G 209 -3.10 -33.09 0.99
C ALA G 209 -3.89 -33.95 0.01
N ARG G 210 -3.22 -34.92 -0.61
CA ARG G 210 -3.77 -35.73 -1.69
C ARG G 210 -4.97 -36.63 -1.35
N GLY G 211 -5.15 -37.00 -0.09
CA GLY G 211 -6.29 -37.81 0.36
C GLY G 211 -7.61 -37.14 0.07
N ASP G 212 -7.86 -35.97 0.69
CA ASP G 212 -9.09 -35.22 0.43
C ASP G 212 -9.11 -34.64 -0.95
N LEU G 213 -7.97 -34.17 -1.45
CA LEU G 213 -7.90 -33.58 -2.80
C LEU G 213 -8.38 -34.58 -3.87
N GLY G 214 -7.98 -35.85 -3.72
CA GLY G 214 -8.37 -36.93 -4.62
C GLY G 214 -9.85 -37.32 -4.57
N ILE G 215 -10.58 -36.84 -3.55
CA ILE G 215 -12.03 -37.04 -3.37
C ILE G 215 -12.76 -35.78 -3.85
N GLU G 216 -12.21 -34.59 -3.58
CA GLU G 216 -12.81 -33.31 -3.95
C GLU G 216 -12.71 -32.98 -5.43
N ILE G 217 -11.63 -33.41 -6.07
CA ILE G 217 -11.42 -33.22 -7.51
C ILE G 217 -11.21 -34.60 -8.15
N PRO G 218 -11.37 -34.75 -9.49
CA PRO G 218 -11.15 -36.07 -10.09
C PRO G 218 -9.77 -36.62 -9.76
N ALA G 219 -9.67 -37.90 -9.38
CA ALA G 219 -8.40 -38.52 -8.97
C ALA G 219 -7.32 -38.37 -10.01
N GLU G 220 -7.69 -38.42 -11.30
CA GLU G 220 -6.73 -38.29 -12.39
C GLU G 220 -6.18 -36.87 -12.59
N LYS G 221 -6.65 -35.88 -11.82
CA LYS G 221 -6.16 -34.50 -11.89
C LYS G 221 -5.24 -34.14 -10.70
N VAL G 222 -5.18 -34.97 -9.63
CA VAL G 222 -4.34 -34.69 -8.46
C VAL G 222 -2.86 -34.43 -8.81
N PHE G 223 -2.30 -35.22 -9.74
CA PHE G 223 -0.92 -35.02 -10.14
C PHE G 223 -0.66 -33.61 -10.72
N LEU G 224 -1.68 -33.02 -11.40
CA LEU G 224 -1.55 -31.67 -11.96
C LEU G 224 -1.50 -30.67 -10.85
N ALA G 225 -2.34 -30.83 -9.82
CA ALA G 225 -2.40 -29.94 -8.68
C ALA G 225 -1.10 -30.04 -7.87
N GLN G 226 -0.57 -31.27 -7.66
CA GLN G 226 0.67 -31.47 -6.93
C GLN G 226 1.86 -30.79 -7.65
N LYS G 227 2.06 -31.09 -8.95
CA LYS G 227 3.12 -30.48 -9.71
C LYS G 227 3.01 -28.94 -9.81
N MET G 228 1.78 -28.41 -9.94
CA MET G 228 1.58 -26.96 -10.01
C MET G 228 1.94 -26.27 -8.67
N MET G 229 1.43 -26.81 -7.56
CA MET G 229 1.70 -26.26 -6.24
C MET G 229 3.16 -26.38 -5.86
N ILE G 230 3.82 -27.50 -6.18
CA ILE G 230 5.24 -27.66 -5.87
C ILE G 230 6.07 -26.64 -6.65
N GLY G 231 5.77 -26.47 -7.95
CA GLY G 231 6.45 -25.51 -8.79
C GLY G 231 6.32 -24.09 -8.26
N ARG G 232 5.10 -23.68 -7.89
CA ARG G 232 4.85 -22.34 -7.37
C ARG G 232 5.52 -22.10 -6.04
N CYS G 233 5.56 -23.11 -5.19
CA CYS G 233 6.23 -23.00 -3.90
C CYS G 233 7.72 -22.88 -4.07
N ASN G 234 8.30 -23.61 -5.04
CA ASN G 234 9.72 -23.55 -5.36
C ASN G 234 10.07 -22.13 -5.85
N LEU G 235 9.20 -21.55 -6.70
CA LEU G 235 9.33 -20.22 -7.25
C LEU G 235 9.26 -19.19 -6.12
N ALA G 236 8.32 -19.37 -5.19
CA ALA G 236 8.15 -18.49 -4.03
C ALA G 236 9.21 -18.66 -2.95
N GLY G 237 9.94 -19.77 -2.97
CA GLY G 237 10.93 -20.08 -1.95
C GLY G 237 10.30 -20.46 -0.63
N LYS G 238 9.12 -21.09 -0.67
CA LYS G 238 8.42 -21.52 0.53
C LYS G 238 8.29 -23.02 0.58
N PRO G 239 8.40 -23.65 1.76
CA PRO G 239 8.32 -25.11 1.82
C PRO G 239 7.00 -25.73 1.32
N VAL G 240 7.14 -26.87 0.62
CA VAL G 240 6.00 -27.60 0.11
C VAL G 240 6.14 -29.07 0.55
N VAL G 241 5.08 -29.63 1.15
CA VAL G 241 5.04 -31.01 1.61
C VAL G 241 4.20 -31.85 0.64
N CYS G 242 4.67 -33.05 0.27
CA CYS G 242 3.84 -33.98 -0.51
C CYS G 242 3.34 -35.01 0.49
N ALA G 243 2.02 -35.20 0.54
CA ALA G 243 1.43 -36.06 1.56
C ALA G 243 0.43 -37.05 1.02
N THR G 244 0.20 -38.13 1.81
CA THR G 244 -0.87 -39.15 1.74
C THR G 244 -0.71 -40.27 0.72
N GLN G 245 -0.72 -41.51 1.23
CA GLN G 245 -0.67 -42.78 0.52
C GLN G 245 0.61 -43.01 -0.25
N MET G 246 1.70 -42.33 0.13
CA MET G 246 2.98 -42.49 -0.56
C MET G 246 3.51 -43.91 -0.51
N LEU G 247 3.40 -44.59 0.65
CA LEU G 247 3.84 -45.97 0.83
C LEU G 247 2.70 -46.76 1.53
N GLU G 248 1.44 -46.49 1.14
CA GLU G 248 0.22 -47.05 1.72
C GLU G 248 0.26 -48.55 2.02
N SER G 249 0.68 -49.38 1.04
CA SER G 249 0.75 -50.82 1.22
C SER G 249 1.63 -51.25 2.41
N MET G 250 2.58 -50.39 2.82
CA MET G 250 3.45 -50.69 3.95
C MET G 250 2.75 -50.63 5.31
N ILE G 251 1.46 -50.28 5.34
CA ILE G 251 0.68 -50.34 6.57
C ILE G 251 0.57 -51.84 7.01
N THR G 252 0.45 -52.77 6.02
CA THR G 252 0.37 -54.20 6.29
C THR G 252 1.54 -55.01 5.73
N LYS G 253 2.23 -54.55 4.69
CA LYS G 253 3.34 -55.31 4.07
C LYS G 253 4.72 -54.68 4.34
N PRO G 254 5.79 -55.48 4.50
CA PRO G 254 7.11 -54.89 4.83
C PRO G 254 7.84 -54.23 3.65
N ARG G 255 7.33 -54.36 2.43
CA ARG G 255 7.94 -53.73 1.26
C ARG G 255 6.84 -52.98 0.49
N PRO G 256 7.17 -51.85 -0.16
CA PRO G 256 6.13 -51.13 -0.92
C PRO G 256 5.97 -51.63 -2.36
N THR G 257 4.94 -51.13 -3.06
CA THR G 257 4.73 -51.48 -4.44
C THR G 257 5.63 -50.64 -5.37
N ARG G 258 5.71 -51.03 -6.66
CA ARG G 258 6.51 -50.31 -7.63
C ARG G 258 5.96 -48.91 -7.87
N ALA G 259 4.64 -48.71 -7.75
CA ALA G 259 4.02 -47.39 -7.89
C ALA G 259 4.36 -46.48 -6.71
N GLU G 260 4.46 -47.03 -5.50
CA GLU G 260 4.76 -46.30 -4.29
C GLU G 260 6.19 -45.77 -4.26
N THR G 261 7.20 -46.59 -4.61
CA THR G 261 8.57 -46.10 -4.65
C THR G 261 8.72 -45.02 -5.74
N SER G 262 8.03 -45.21 -6.86
CA SER G 262 8.02 -44.28 -7.96
C SER G 262 7.37 -42.95 -7.52
N ASP G 263 6.28 -43.03 -6.76
CA ASP G 263 5.58 -41.84 -6.25
C ASP G 263 6.49 -41.02 -5.33
N VAL G 264 7.21 -41.66 -4.39
CA VAL G 264 8.14 -40.98 -3.51
C VAL G 264 9.25 -40.31 -4.32
N ALA G 265 9.86 -41.04 -5.27
CA ALA G 265 10.93 -40.50 -6.09
C ALA G 265 10.46 -39.31 -6.93
N ASN G 266 9.25 -39.39 -7.46
CA ASN G 266 8.70 -38.33 -8.29
C ASN G 266 8.30 -37.10 -7.51
N ALA G 267 7.90 -37.26 -6.24
CA ALA G 267 7.58 -36.11 -5.40
C ALA G 267 8.88 -35.29 -5.13
N VAL G 268 10.00 -36.00 -4.90
CA VAL G 268 11.32 -35.38 -4.72
C VAL G 268 11.75 -34.71 -6.04
N LEU G 269 11.63 -35.42 -7.17
CA LEU G 269 11.98 -34.84 -8.47
C LEU G 269 11.10 -33.63 -8.82
N ASP G 270 9.83 -33.62 -8.39
CA ASP G 270 8.91 -32.48 -8.62
C ASP G 270 9.43 -31.23 -7.89
N GLY G 271 10.06 -31.40 -6.74
CA GLY G 271 10.61 -30.30 -5.97
C GLY G 271 10.10 -30.21 -4.55
N ALA G 272 9.51 -31.30 -4.01
CA ALA G 272 8.98 -31.26 -2.65
C ALA G 272 10.09 -31.10 -1.61
N ASP G 273 9.87 -30.23 -0.64
CA ASP G 273 10.81 -30.04 0.45
C ASP G 273 10.67 -31.18 1.43
N CYS G 274 9.44 -31.64 1.69
CA CYS G 274 9.15 -32.71 2.65
C CYS G 274 8.28 -33.76 2.02
N ILE G 275 8.40 -34.98 2.52
CA ILE G 275 7.55 -36.09 2.16
C ILE G 275 6.96 -36.63 3.47
N MET G 276 5.72 -37.13 3.42
CA MET G 276 5.02 -37.55 4.61
C MET G 276 4.60 -39.01 4.67
N LEU G 277 4.48 -39.53 5.89
CA LEU G 277 3.94 -40.86 6.17
C LEU G 277 2.77 -40.63 7.13
N SER G 278 1.61 -41.20 6.81
CA SER G 278 0.42 -41.05 7.64
CA SER G 278 0.42 -41.05 7.64
C SER G 278 0.10 -42.37 8.36
N GLY G 279 -0.80 -43.20 7.83
CA GLY G 279 -1.12 -44.49 8.41
C GLY G 279 0.07 -45.44 8.46
N GLU G 280 1.04 -45.28 7.53
CA GLU G 280 2.25 -46.08 7.46
C GLU G 280 3.04 -46.02 8.77
N THR G 281 3.01 -44.88 9.49
CA THR G 281 3.70 -44.77 10.76
C THR G 281 2.77 -44.66 11.97
N ALA G 282 1.55 -44.12 11.78
CA ALA G 282 0.63 -43.95 12.90
C ALA G 282 0.00 -45.26 13.36
N LYS G 283 -0.37 -46.12 12.40
CA LYS G 283 -1.06 -47.36 12.74
C LYS G 283 -0.50 -48.62 12.07
N GLY G 284 0.41 -48.47 11.12
CA GLY G 284 0.92 -49.59 10.36
C GLY G 284 1.72 -50.57 11.17
N ASN G 285 2.04 -51.72 10.55
CA ASN G 285 2.86 -52.75 11.19
C ASN G 285 4.35 -52.50 11.03
N PHE G 286 4.77 -51.63 10.06
CA PHE G 286 6.18 -51.39 9.81
C PHE G 286 6.52 -49.88 9.80
N PRO G 287 6.34 -49.18 10.94
CA PRO G 287 6.61 -47.73 10.95
C PRO G 287 8.07 -47.35 10.70
N VAL G 288 9.01 -48.11 11.29
CA VAL G 288 10.43 -47.85 11.12
C VAL G 288 10.89 -48.13 9.69
N GLU G 289 10.38 -49.22 9.12
CA GLU G 289 10.71 -49.65 7.77
C GLU G 289 10.18 -48.68 6.72
N ALA G 290 9.00 -48.05 7.00
CA ALA G 290 8.41 -47.05 6.11
C ALA G 290 9.32 -45.80 6.06
N VAL G 291 9.85 -45.39 7.22
CA VAL G 291 10.76 -44.26 7.30
C VAL G 291 12.05 -44.59 6.55
N LYS G 292 12.58 -45.79 6.77
CA LYS G 292 13.80 -46.23 6.12
C LYS G 292 13.66 -46.24 4.59
N MET G 293 12.47 -46.62 4.11
CA MET G 293 12.18 -46.69 2.69
C MET G 293 12.12 -45.30 2.05
N GLN G 294 11.47 -44.35 2.74
CA GLN G 294 11.43 -42.97 2.25
C GLN G 294 12.81 -42.36 2.22
N HIS G 295 13.62 -42.66 3.25
CA HIS G 295 14.99 -42.20 3.35
C HIS G 295 15.80 -42.69 2.12
N ALA G 296 15.73 -44.00 1.84
CA ALA G 296 16.44 -44.63 0.74
C ALA G 296 16.05 -44.08 -0.62
N ILE G 297 14.73 -43.93 -0.88
CA ILE G 297 14.27 -43.40 -2.17
C ILE G 297 14.66 -41.94 -2.35
N ALA G 298 14.45 -41.10 -1.31
CA ALA G 298 14.77 -39.67 -1.41
C ALA G 298 16.24 -39.44 -1.73
N ARG G 299 17.17 -40.21 -1.11
CA ARG G 299 18.61 -40.06 -1.41
C ARG G 299 18.90 -40.32 -2.89
N GLU G 300 18.25 -41.36 -3.47
CA GLU G 300 18.44 -41.72 -4.85
C GLU G 300 17.86 -40.65 -5.77
N ALA G 301 16.67 -40.15 -5.45
CA ALA G 301 15.97 -39.14 -6.25
C ALA G 301 16.65 -37.80 -6.21
N GLU G 302 17.24 -37.43 -5.08
CA GLU G 302 17.96 -36.15 -4.98
C GLU G 302 19.19 -36.13 -5.86
N ALA G 303 19.89 -37.27 -5.96
CA ALA G 303 21.07 -37.34 -6.83
C ALA G 303 20.67 -37.22 -8.31
N ALA G 304 19.48 -37.70 -8.67
CA ALA G 304 18.95 -37.66 -10.03
C ALA G 304 18.33 -36.32 -10.43
N VAL G 305 18.33 -35.32 -9.53
CA VAL G 305 17.78 -34.00 -9.87
C VAL G 305 18.72 -33.34 -10.92
N TYR G 306 18.15 -32.74 -11.95
CA TYR G 306 18.91 -32.09 -13.01
C TYR G 306 19.21 -30.64 -12.60
N HIS G 307 20.19 -30.46 -11.70
CA HIS G 307 20.53 -29.15 -11.16
C HIS G 307 20.90 -28.08 -12.20
N ARG G 308 21.48 -28.49 -13.35
CA ARG G 308 21.87 -27.53 -14.38
C ARG G 308 20.69 -26.71 -14.86
N GLN G 309 19.58 -27.37 -15.17
CA GLN G 309 18.39 -26.66 -15.62
C GLN G 309 17.68 -26.01 -14.44
N LEU G 310 17.55 -26.75 -13.31
CA LEU G 310 16.87 -26.26 -12.11
C LEU G 310 17.44 -24.95 -11.58
N PHE G 311 18.77 -24.88 -11.34
CA PHE G 311 19.41 -23.67 -10.85
C PHE G 311 19.24 -22.52 -11.84
N GLU G 312 19.44 -22.77 -13.13
CA GLU G 312 19.29 -21.73 -14.14
C GLU G 312 17.87 -21.19 -14.17
N GLU G 313 16.86 -22.06 -14.03
CA GLU G 313 15.47 -21.65 -14.03
C GLU G 313 15.06 -20.92 -12.77
N LEU G 314 15.58 -21.36 -11.61
CA LEU G 314 15.29 -20.69 -10.32
C LEU G 314 15.91 -19.30 -10.35
N ARG G 315 17.15 -19.18 -10.83
CA ARG G 315 17.86 -17.93 -10.95
C ARG G 315 17.17 -16.98 -11.92
N ARG G 316 16.76 -17.47 -13.11
CA ARG G 316 16.09 -16.64 -14.12
C ARG G 316 14.73 -16.17 -13.62
N ALA G 317 13.99 -17.03 -12.91
CA ALA G 317 12.65 -16.70 -12.42
C ALA G 317 12.64 -15.81 -11.21
N ALA G 318 13.66 -15.93 -10.33
CA ALA G 318 13.71 -15.10 -9.13
C ALA G 318 13.94 -13.64 -9.50
N PRO G 319 13.17 -12.73 -8.90
CA PRO G 319 13.34 -11.30 -9.23
C PRO G 319 14.63 -10.72 -8.66
N LEU G 320 15.01 -9.52 -9.15
CA LEU G 320 16.16 -8.82 -8.61
C LEU G 320 15.87 -8.44 -7.16
N SER G 321 16.89 -8.36 -6.32
CA SER G 321 16.69 -8.06 -4.93
C SER G 321 17.73 -7.14 -4.40
N ARG G 322 17.33 -6.24 -3.51
CA ARG G 322 18.24 -5.36 -2.81
C ARG G 322 18.43 -5.78 -1.35
N ASP G 323 17.98 -6.99 -0.98
CA ASP G 323 18.11 -7.54 0.36
C ASP G 323 19.45 -8.29 0.42
N PRO G 324 20.36 -7.89 1.31
CA PRO G 324 21.66 -8.54 1.36
C PRO G 324 21.65 -10.04 1.64
N THR G 325 20.65 -10.53 2.39
CA THR G 325 20.53 -11.96 2.67
C THR G 325 20.25 -12.69 1.38
N GLU G 326 19.29 -12.18 0.59
CA GLU G 326 18.91 -12.77 -0.68
CA GLU G 326 18.91 -12.75 -0.68
C GLU G 326 20.07 -12.72 -1.70
N VAL G 327 20.81 -11.60 -1.77
CA VAL G 327 21.95 -11.43 -2.65
C VAL G 327 23.11 -12.36 -2.25
N THR G 328 23.40 -12.47 -0.96
CA THR G 328 24.46 -13.34 -0.47
C THR G 328 24.14 -14.79 -0.76
N ALA G 329 22.85 -15.19 -0.61
CA ALA G 329 22.41 -16.54 -0.82
C ALA G 329 22.66 -17.00 -2.24
N ILE G 330 22.34 -16.17 -3.24
CA ILE G 330 22.53 -16.60 -4.63
C ILE G 330 24.03 -16.64 -4.97
N GLY G 331 24.82 -15.70 -4.44
CA GLY G 331 26.27 -15.72 -4.61
C GLY G 331 26.90 -16.96 -4.01
N ALA G 332 26.44 -17.38 -2.81
CA ALA G 332 26.93 -18.57 -2.12
C ALA G 332 26.59 -19.84 -2.84
N VAL G 333 25.38 -19.97 -3.38
CA VAL G 333 24.95 -21.17 -4.10
C VAL G 333 25.70 -21.26 -5.45
N GLU G 334 25.93 -20.12 -6.12
CA GLU G 334 26.70 -20.08 -7.35
CA GLU G 334 26.71 -20.09 -7.35
C GLU G 334 28.15 -20.56 -7.07
N ALA G 335 28.74 -20.07 -5.97
CA ALA G 335 30.10 -20.43 -5.54
C ALA G 335 30.17 -21.90 -5.19
N ALA G 336 29.15 -22.45 -4.49
CA ALA G 336 29.11 -23.86 -4.13
C ALA G 336 29.09 -24.78 -5.36
N PHE G 337 28.35 -24.39 -6.41
CA PHE G 337 28.31 -25.17 -7.64
C PHE G 337 29.66 -25.14 -8.38
N LYS G 338 30.31 -23.97 -8.39
CA LYS G 338 31.59 -23.76 -9.07
C LYS G 338 32.69 -24.69 -8.56
N CYS G 339 32.73 -24.97 -7.26
CA CYS G 339 33.77 -25.82 -6.68
C CYS G 339 33.29 -27.16 -6.19
N CYS G 340 32.00 -27.51 -6.38
CA CYS G 340 31.45 -28.73 -5.84
C CYS G 340 31.62 -28.77 -4.33
N ALA G 341 31.30 -27.65 -3.66
CA ALA G 341 31.44 -27.50 -2.22
C ALA G 341 30.72 -28.61 -1.50
N ALA G 342 31.36 -29.19 -0.51
CA ALA G 342 30.77 -30.30 0.25
C ALA G 342 29.55 -29.79 1.06
N ALA G 343 29.60 -28.55 1.50
CA ALA G 343 28.55 -27.97 2.31
C ALA G 343 28.60 -26.43 2.25
N ILE G 344 27.50 -25.78 2.64
CA ILE G 344 27.38 -24.35 2.83
C ILE G 344 27.05 -24.23 4.31
N ILE G 345 27.95 -23.67 5.12
CA ILE G 345 27.69 -23.49 6.53
C ILE G 345 27.12 -22.11 6.76
N VAL G 346 25.89 -22.02 7.29
CA VAL G 346 25.26 -20.73 7.52
C VAL G 346 24.90 -20.52 9.00
N LEU G 347 25.14 -19.33 9.51
CA LEU G 347 24.73 -18.96 10.84
C LEU G 347 23.36 -18.29 10.71
N THR G 348 22.42 -18.79 11.53
CA THR G 348 21.05 -18.31 11.46
C THR G 348 20.38 -18.27 12.85
N THR G 349 19.56 -17.23 13.15
CA THR G 349 18.83 -17.18 14.41
C THR G 349 17.38 -17.59 14.20
N THR G 350 16.77 -17.14 13.11
CA THR G 350 15.38 -17.44 12.78
C THR G 350 15.25 -18.56 11.73
N GLY G 351 16.33 -18.93 11.05
CA GLY G 351 16.33 -19.92 9.96
C GLY G 351 16.21 -19.29 8.57
N ARG G 352 15.97 -17.96 8.50
CA ARG G 352 15.76 -17.29 7.23
C ARG G 352 16.94 -17.37 6.26
N SER G 353 18.17 -17.17 6.73
CA SER G 353 19.34 -17.25 5.86
C SER G 353 19.51 -18.66 5.27
N ALA G 354 19.13 -19.71 6.03
CA ALA G 354 19.20 -21.07 5.51
C ALA G 354 18.10 -21.30 4.49
N GLN G 355 16.91 -20.72 4.70
CA GLN G 355 15.78 -20.85 3.81
C GLN G 355 16.10 -20.21 2.47
N LEU G 356 16.73 -19.02 2.48
CA LEU G 356 17.10 -18.33 1.24
C LEU G 356 18.19 -19.08 0.46
N LEU G 357 19.03 -19.88 1.13
CA LEU G 357 20.02 -20.68 0.44
C LEU G 357 19.30 -21.87 -0.21
N SER G 358 18.44 -22.55 0.56
CA SER G 358 17.65 -23.70 0.18
C SER G 358 16.78 -23.49 -1.06
N ARG G 359 16.21 -22.27 -1.25
CA ARG G 359 15.36 -21.96 -2.40
C ARG G 359 16.07 -22.08 -3.75
N TYR G 360 17.44 -21.97 -3.78
CA TYR G 360 18.21 -22.13 -5.00
C TYR G 360 18.67 -23.56 -5.25
N ARG G 361 18.20 -24.50 -4.42
CA ARG G 361 18.46 -25.92 -4.53
C ARG G 361 19.91 -26.29 -4.79
N PRO G 362 20.82 -25.87 -3.87
CA PRO G 362 22.22 -26.28 -4.05
C PRO G 362 22.38 -27.79 -3.87
N ARG G 363 23.36 -28.36 -4.52
CA ARG G 363 23.72 -29.76 -4.29
C ARG G 363 24.46 -29.87 -2.94
N ALA G 364 25.15 -28.82 -2.49
CA ALA G 364 25.87 -28.80 -1.24
C ALA G 364 24.88 -28.76 -0.08
N ALA G 365 25.14 -29.55 0.98
CA ALA G 365 24.28 -29.55 2.16
C ALA G 365 24.35 -28.19 2.83
N VAL G 366 23.21 -27.66 3.30
CA VAL G 366 23.20 -26.38 3.99
C VAL G 366 23.22 -26.68 5.48
N ILE G 367 24.40 -26.55 6.11
CA ILE G 367 24.54 -26.81 7.53
C ILE G 367 24.20 -25.53 8.27
N ALA G 368 23.05 -25.50 8.95
CA ALA G 368 22.61 -24.28 9.63
C ALA G 368 22.93 -24.35 11.10
N VAL G 369 23.81 -23.50 11.56
CA VAL G 369 24.21 -23.46 12.96
C VAL G 369 23.39 -22.38 13.66
N THR G 370 22.61 -22.77 14.68
CA THR G 370 21.74 -21.82 15.37
C THR G 370 21.74 -22.06 16.87
N ARG G 371 21.51 -21.01 17.63
CA ARG G 371 21.34 -21.12 19.08
C ARG G 371 19.82 -21.30 19.43
N SER G 372 18.89 -21.07 18.47
CA SER G 372 17.46 -21.20 18.64
C SER G 372 17.02 -22.64 18.41
N ALA G 373 16.54 -23.31 19.48
CA ALA G 373 16.06 -24.67 19.37
C ALA G 373 14.83 -24.75 18.45
N GLN G 374 13.98 -23.71 18.46
CA GLN G 374 12.82 -23.70 17.58
C GLN G 374 13.23 -23.57 16.10
N ALA G 375 14.20 -22.69 15.78
CA ALA G 375 14.67 -22.54 14.43
C ALA G 375 15.31 -23.83 13.94
N ALA G 376 16.11 -24.50 14.81
CA ALA G 376 16.73 -25.78 14.47
C ALA G 376 15.67 -26.82 14.08
N ARG G 377 14.52 -26.83 14.77
CA ARG G 377 13.45 -27.78 14.43
C ARG G 377 12.69 -27.37 13.16
N GLN G 378 12.34 -26.08 13.06
CA GLN G 378 11.56 -25.59 11.94
C GLN G 378 12.26 -25.59 10.61
N VAL G 379 13.58 -25.50 10.66
CA VAL G 379 14.38 -25.43 9.46
C VAL G 379 14.33 -26.77 8.68
N HIS G 380 13.81 -27.89 9.28
CA HIS G 380 13.56 -29.17 8.61
C HIS G 380 12.51 -29.02 7.48
N LEU G 381 11.71 -27.96 7.49
CA LEU G 381 10.74 -27.70 6.42
C LEU G 381 11.42 -27.39 5.09
N CYS G 382 12.68 -26.89 5.12
CA CYS G 382 13.43 -26.49 3.93
C CYS G 382 14.38 -27.56 3.47
N ARG G 383 14.23 -27.99 2.22
CA ARG G 383 15.06 -29.04 1.65
C ARG G 383 16.55 -28.72 1.68
N GLY G 384 17.32 -29.68 2.15
CA GLY G 384 18.76 -29.58 2.19
C GLY G 384 19.31 -28.81 3.35
N VAL G 385 18.49 -28.47 4.35
CA VAL G 385 18.97 -27.74 5.53
C VAL G 385 19.17 -28.73 6.68
N PHE G 386 20.40 -28.83 7.19
CA PHE G 386 20.80 -29.74 8.27
C PHE G 386 21.06 -28.89 9.52
N PRO G 387 20.11 -28.84 10.45
CA PRO G 387 20.27 -27.97 11.63
C PRO G 387 21.22 -28.47 12.72
N LEU G 388 22.02 -27.57 13.27
CA LEU G 388 22.91 -27.88 14.37
C LEU G 388 22.60 -26.90 15.47
N LEU G 389 22.14 -27.40 16.62
CA LEU G 389 21.86 -26.52 17.77
C LEU G 389 23.14 -26.32 18.58
N TYR G 390 23.57 -25.07 18.67
CA TYR G 390 24.79 -24.71 19.36
C TYR G 390 24.42 -24.29 20.79
N ARG G 391 25.06 -24.92 21.78
CA ARG G 391 24.75 -24.68 23.20
C ARG G 391 25.93 -24.14 24.02
N GLU G 392 27.08 -23.92 23.40
CA GLU G 392 28.26 -23.41 24.09
C GLU G 392 28.07 -22.00 24.62
N PRO G 393 28.79 -21.67 25.72
CA PRO G 393 28.68 -20.32 26.26
C PRO G 393 29.32 -19.29 25.34
N PRO G 394 28.80 -18.05 25.33
CA PRO G 394 29.31 -17.05 24.40
C PRO G 394 30.74 -16.61 24.66
N GLU G 395 31.45 -16.26 23.58
CA GLU G 395 32.77 -15.73 23.67
C GLU G 395 32.60 -14.22 23.92
N ALA G 396 33.59 -13.60 24.58
CA ALA G 396 33.60 -12.17 24.88
C ALA G 396 33.64 -11.36 23.56
N ILE G 397 34.46 -11.82 22.59
CA ILE G 397 34.57 -11.17 21.29
C ILE G 397 33.59 -11.81 20.29
N TRP G 398 32.76 -10.98 19.66
CA TRP G 398 31.78 -11.45 18.72
C TRP G 398 32.36 -12.25 17.54
N ALA G 399 33.40 -11.75 16.87
CA ALA G 399 34.02 -12.45 15.75
C ALA G 399 34.55 -13.82 16.16
N ASP G 400 35.02 -13.97 17.40
CA ASP G 400 35.48 -15.27 17.91
C ASP G 400 34.32 -16.19 18.13
N ASP G 401 33.21 -15.67 18.64
CA ASP G 401 32.00 -16.44 18.82
C ASP G 401 31.45 -16.92 17.43
N VAL G 402 31.49 -16.04 16.39
CA VAL G 402 31.11 -16.46 15.05
C VAL G 402 32.01 -17.64 14.54
N ASP G 403 33.35 -17.56 14.65
CA ASP G 403 34.27 -18.60 14.25
C ASP G 403 34.11 -19.89 14.99
N ARG G 404 33.79 -19.84 16.31
CA ARG G 404 33.54 -21.06 17.08
C ARG G 404 32.30 -21.77 16.51
N ARG G 405 31.28 -21.01 16.03
CA ARG G 405 30.09 -21.66 15.47
C ARG G 405 30.34 -22.24 14.10
N VAL G 406 31.09 -21.52 13.25
CA VAL G 406 31.48 -22.00 11.93
C VAL G 406 32.34 -23.30 12.13
N GLN G 407 33.35 -23.25 13.00
CA GLN G 407 34.13 -24.44 13.33
C GLN G 407 33.28 -25.59 13.91
N PHE G 408 32.26 -25.26 14.72
CA PHE G 408 31.32 -26.27 15.22
C PHE G 408 30.59 -26.96 14.07
N GLY G 409 30.28 -26.22 13.01
CA GLY G 409 29.62 -26.78 11.85
C GLY G 409 30.52 -27.68 11.04
N ILE G 410 31.80 -27.29 10.90
CA ILE G 410 32.83 -28.08 10.22
C ILE G 410 33.11 -29.35 10.99
N GLU G 411 33.28 -29.25 12.33
CA GLU G 411 33.53 -30.41 13.17
C GLU G 411 32.41 -31.37 13.14
N SER G 412 31.13 -30.89 13.21
CA SER G 412 29.95 -31.81 13.11
C SER G 412 29.89 -32.42 11.73
N GLY G 413 30.17 -31.63 10.69
CA GLY G 413 30.15 -32.09 9.31
C GLY G 413 31.16 -33.18 9.08
N LYS G 414 32.36 -33.07 9.65
CA LYS G 414 33.43 -34.09 9.59
C LYS G 414 32.98 -35.36 10.34
N LEU G 415 32.44 -35.21 11.55
CA LEU G 415 31.95 -36.34 12.36
C LEU G 415 30.83 -37.09 11.66
N ARG G 416 29.88 -36.38 11.04
CA ARG G 416 28.74 -37.01 10.36
C ARG G 416 29.01 -37.44 8.93
N GLY G 417 30.22 -37.24 8.43
CA GLY G 417 30.58 -37.68 7.09
C GLY G 417 30.26 -36.73 5.94
N PHE G 418 29.75 -35.53 6.23
CA PHE G 418 29.49 -34.54 5.18
C PHE G 418 30.81 -34.00 4.60
N LEU G 419 31.84 -33.84 5.45
CA LEU G 419 33.10 -33.18 5.08
C LEU G 419 34.35 -34.01 5.35
N ARG G 420 35.45 -33.65 4.69
CA ARG G 420 36.78 -34.26 4.85
C ARG G 420 37.82 -33.14 4.67
N VAL G 421 39.04 -33.34 5.18
CA VAL G 421 40.16 -32.41 5.00
C VAL G 421 40.44 -32.31 3.50
N GLY G 422 40.63 -31.10 3.00
CA GLY G 422 40.80 -30.90 1.57
C GLY G 422 39.53 -30.45 0.86
N ASP G 423 38.36 -30.66 1.48
CA ASP G 423 37.09 -30.21 0.90
C ASP G 423 36.97 -28.68 0.91
N LEU G 424 36.12 -28.14 0.02
CA LEU G 424 35.82 -26.71 0.05
C LEU G 424 34.41 -26.53 0.61
N VAL G 425 34.24 -25.52 1.46
CA VAL G 425 32.90 -25.20 1.98
C VAL G 425 32.68 -23.71 1.76
N ILE G 426 31.42 -23.31 1.68
CA ILE G 426 31.03 -21.90 1.57
C ILE G 426 30.48 -21.51 2.96
N VAL G 427 30.92 -20.45 3.56
CA VAL G 427 30.45 -20.04 4.88
C VAL G 427 29.69 -18.73 4.75
N VAL G 428 28.45 -18.72 5.20
CA VAL G 428 27.58 -17.54 5.11
C VAL G 428 27.28 -16.96 6.50
N THR G 429 27.66 -15.69 6.70
CA THR G 429 27.48 -14.97 7.96
C THR G 429 27.08 -13.48 7.64
N GLY G 430 26.91 -12.66 8.66
CA GLY G 430 26.61 -11.25 8.55
C GLY G 430 27.65 -10.43 9.26
N TRP G 431 27.56 -9.09 9.09
CA TRP G 431 28.56 -8.13 9.60
C TRP G 431 28.41 -7.76 11.07
N ARG G 432 27.24 -7.96 11.63
CA ARG G 432 26.98 -7.59 13.02
C ARG G 432 26.02 -8.60 13.65
N PRO G 433 26.02 -8.70 15.03
CA PRO G 433 25.11 -9.65 15.68
C PRO G 433 23.65 -9.34 15.39
N GLY G 434 22.79 -10.30 15.66
CA GLY G 434 21.37 -10.14 15.44
C GLY G 434 20.90 -10.67 14.11
N SER G 435 19.66 -11.07 14.05
CA SER G 435 19.03 -11.56 12.86
C SER G 435 18.80 -10.43 11.85
N GLY G 436 18.80 -10.77 10.55
CA GLY G 436 18.51 -9.87 9.45
C GLY G 436 19.67 -9.19 8.77
N TYR G 437 20.91 -9.49 9.18
CA TYR G 437 22.09 -8.83 8.60
C TYR G 437 23.07 -9.71 7.82
N THR G 438 22.67 -10.94 7.36
CA THR G 438 23.56 -11.77 6.55
C THR G 438 24.03 -11.00 5.32
N ASN G 439 25.33 -10.94 5.08
CA ASN G 439 25.86 -10.20 3.92
C ASN G 439 27.25 -10.67 3.45
N ILE G 440 27.77 -11.76 4.03
CA ILE G 440 29.11 -12.25 3.74
C ILE G 440 29.07 -13.68 3.27
N MET G 441 29.93 -14.00 2.30
CA MET G 441 30.11 -15.33 1.76
C MET G 441 31.65 -15.55 1.74
N ARG G 442 32.15 -16.64 2.34
CA ARG G 442 33.59 -16.97 2.40
C ARG G 442 33.82 -18.34 1.81
N VAL G 443 34.92 -18.52 1.07
CA VAL G 443 35.30 -19.83 0.53
C VAL G 443 36.36 -20.37 1.47
N LEU G 444 36.07 -21.49 2.14
CA LEU G 444 37.01 -22.06 3.10
CA LEU G 444 36.98 -22.05 3.14
C LEU G 444 37.46 -23.43 2.72
N SER G 445 38.75 -23.72 2.93
CA SER G 445 39.29 -25.04 2.65
CA SER G 445 39.26 -25.05 2.65
C SER G 445 39.34 -25.81 3.98
N ILE G 446 38.77 -27.02 4.05
CA ILE G 446 38.75 -27.79 5.27
C ILE G 446 40.16 -28.33 5.64
N SER G 447 40.59 -28.02 6.88
CA SER G 447 41.85 -28.48 7.42
C SER G 447 41.64 -29.30 8.70
N GLY H 23 13.04 2.98 -9.77
CA GLY H 23 12.35 3.89 -10.67
C GLY H 23 12.24 3.39 -12.10
N THR H 24 11.25 3.92 -12.85
CA THR H 24 11.04 3.53 -14.24
C THR H 24 12.18 4.01 -15.15
N ALA H 25 12.65 5.24 -14.89
CA ALA H 25 13.73 5.86 -15.66
C ALA H 25 15.03 5.07 -15.57
N PHE H 26 15.29 4.39 -14.43
CA PHE H 26 16.49 3.59 -14.25
C PHE H 26 16.46 2.41 -15.24
N PHE H 27 15.30 1.76 -15.34
CA PHE H 27 15.14 0.59 -16.20
C PHE H 27 15.00 0.90 -17.70
N GLN H 28 14.92 2.19 -18.08
CA GLN H 28 14.90 2.57 -19.48
C GLN H 28 16.33 2.86 -20.00
N GLN H 29 17.26 3.25 -19.10
CA GLN H 29 18.66 3.54 -19.40
C GLN H 29 19.51 2.26 -19.59
N GLN H 30 20.78 2.42 -20.08
CA GLN H 30 21.82 1.43 -20.33
C GLN H 30 21.32 0.12 -20.96
N GLN H 31 20.39 0.24 -21.93
CA GLN H 31 19.76 -0.86 -22.71
C GLN H 31 19.22 -1.97 -21.82
N LEU H 32 18.64 -1.60 -20.66
CA LEU H 32 18.09 -2.57 -19.72
C LEU H 32 16.89 -3.34 -20.31
N PRO H 33 15.96 -2.73 -21.10
CA PRO H 33 14.91 -3.56 -21.74
C PRO H 33 15.50 -4.62 -22.68
N ALA H 34 16.55 -4.25 -23.46
CA ALA H 34 17.21 -5.16 -24.38
C ALA H 34 18.00 -6.25 -23.61
N ALA H 35 18.53 -5.92 -22.42
CA ALA H 35 19.28 -6.86 -21.58
C ALA H 35 18.37 -7.90 -20.91
N MET H 36 17.09 -7.54 -20.65
CA MET H 36 16.09 -8.43 -20.05
C MET H 36 15.45 -9.40 -21.05
N ALA H 37 15.69 -9.23 -22.37
CA ALA H 37 15.09 -10.06 -23.41
C ALA H 37 15.39 -11.56 -23.27
N ASP H 38 14.45 -12.40 -23.68
CA ASP H 38 14.57 -13.85 -23.55
C ASP H 38 15.35 -14.50 -24.70
N THR H 39 15.48 -13.80 -25.83
CA THR H 39 16.25 -14.27 -26.97
C THR H 39 17.19 -13.16 -27.45
N PHE H 40 18.25 -13.55 -28.17
CA PHE H 40 19.19 -12.61 -28.76
C PHE H 40 18.51 -11.74 -29.84
N LEU H 41 17.58 -12.34 -30.58
CA LEU H 41 16.84 -11.65 -31.62
C LEU H 41 15.96 -10.57 -31.00
N GLU H 42 15.26 -10.88 -29.89
CA GLU H 42 14.42 -9.92 -29.16
C GLU H 42 15.29 -8.81 -28.53
N HIS H 43 16.52 -9.18 -28.10
CA HIS H 43 17.50 -8.28 -27.53
C HIS H 43 17.86 -7.23 -28.56
N LEU H 44 18.17 -7.65 -29.81
CA LEU H 44 18.49 -6.71 -30.88
C LEU H 44 17.32 -5.78 -31.18
N CYS H 45 16.10 -6.33 -31.26
CA CYS H 45 14.88 -5.57 -31.53
C CYS H 45 14.61 -4.52 -30.47
N LEU H 46 15.01 -4.76 -29.22
CA LEU H 46 14.79 -3.84 -28.11
C LEU H 46 15.89 -2.77 -27.91
N LEU H 47 16.98 -2.80 -28.72
CA LEU H 47 18.03 -1.77 -28.63
C LEU H 47 17.43 -0.40 -28.94
N ASP H 48 17.75 0.60 -28.10
CA ASP H 48 17.15 1.92 -28.18
C ASP H 48 18.20 3.00 -28.25
N ILE H 49 18.19 3.82 -29.32
CA ILE H 49 19.14 4.93 -29.43
C ILE H 49 18.89 6.02 -28.36
N ASP H 50 17.69 6.08 -27.77
CA ASP H 50 17.37 7.03 -26.72
C ASP H 50 17.72 6.50 -25.33
N SER H 51 18.12 5.22 -25.20
CA SER H 51 18.53 4.64 -23.93
C SER H 51 20.00 5.03 -23.73
N GLU H 52 20.26 5.96 -22.79
CA GLU H 52 21.60 6.46 -22.57
C GLU H 52 22.47 5.58 -21.68
N PRO H 53 23.77 5.45 -22.04
CA PRO H 53 24.67 4.63 -21.20
C PRO H 53 24.94 5.33 -19.86
N VAL H 54 24.82 4.60 -18.74
CA VAL H 54 25.06 5.18 -17.41
C VAL H 54 26.42 4.73 -16.89
N ALA H 55 26.73 3.42 -17.05
CA ALA H 55 27.98 2.84 -16.61
C ALA H 55 29.25 3.50 -17.20
N ALA H 56 30.35 3.47 -16.44
CA ALA H 56 31.62 3.95 -16.90
C ALA H 56 32.12 3.03 -18.03
N ARG H 57 32.87 3.60 -19.00
CA ARG H 57 33.39 2.86 -20.14
C ARG H 57 34.37 1.81 -19.64
N SER H 58 34.16 0.56 -19.99
CA SER H 58 34.96 -0.52 -19.48
C SER H 58 36.03 -1.09 -20.45
N THR H 59 35.92 -0.87 -21.79
CA THR H 59 36.93 -1.33 -22.75
C THR H 59 38.07 -0.33 -22.77
N SER H 60 39.29 -0.78 -22.53
CA SER H 60 40.45 0.10 -22.47
CA SER H 60 40.45 0.09 -22.46
C SER H 60 40.88 0.58 -23.82
N ILE H 61 41.39 1.80 -23.87
CA ILE H 61 41.86 2.38 -25.10
C ILE H 61 43.37 2.40 -25.07
N ILE H 62 44.02 1.79 -26.08
CA ILE H 62 45.48 1.84 -26.22
C ILE H 62 45.78 2.89 -27.28
N ALA H 63 46.61 3.91 -26.97
CA ALA H 63 46.93 4.94 -27.94
C ALA H 63 48.41 4.83 -28.25
N THR H 64 48.78 4.73 -29.53
CA THR H 64 50.18 4.68 -29.91
C THR H 64 50.74 6.09 -29.87
N ILE H 65 51.90 6.24 -29.25
CA ILE H 65 52.56 7.50 -29.03
C ILE H 65 53.49 7.80 -30.21
N GLY H 66 53.40 9.00 -30.72
CA GLY H 66 54.25 9.44 -31.81
C GLY H 66 54.36 10.95 -31.81
N PRO H 67 54.84 11.52 -32.95
CA PRO H 67 54.98 12.98 -33.02
C PRO H 67 53.72 13.76 -32.71
N ALA H 68 52.52 13.18 -33.03
CA ALA H 68 51.22 13.83 -32.76
C ALA H 68 50.74 13.75 -31.31
N SER H 69 51.44 13.00 -30.46
CA SER H 69 50.98 12.76 -29.11
C SER H 69 52.12 12.65 -28.09
N ARG H 70 53.25 13.35 -28.28
CA ARG H 70 54.33 13.29 -27.29
C ARG H 70 54.34 14.49 -26.34
N SER H 71 53.67 15.56 -26.69
CA SER H 71 53.61 16.75 -25.85
C SER H 71 53.03 16.40 -24.47
N VAL H 72 53.64 16.81 -23.35
CA VAL H 72 53.07 16.58 -22.02
C VAL H 72 51.63 17.16 -21.92
N GLU H 73 51.40 18.34 -22.48
CA GLU H 73 50.07 18.96 -22.44
CA GLU H 73 50.09 18.99 -22.47
C GLU H 73 49.06 18.20 -23.30
N ARG H 74 49.50 17.64 -24.45
CA ARG H 74 48.62 16.86 -25.32
C ARG H 74 48.31 15.51 -24.63
N LEU H 75 49.29 14.88 -23.98
CA LEU H 75 49.13 13.64 -23.26
C LEU H 75 48.15 13.78 -22.07
N LYS H 76 48.11 14.96 -21.43
CA LYS H 76 47.16 15.23 -20.34
C LYS H 76 45.74 15.26 -20.93
N GLU H 77 45.56 15.83 -22.14
CA GLU H 77 44.28 15.86 -22.81
C GLU H 77 43.83 14.47 -23.23
N MET H 78 44.78 13.60 -23.62
CA MET H 78 44.46 12.23 -24.01
CA MET H 78 44.46 12.23 -24.01
C MET H 78 44.08 11.38 -22.79
N ILE H 79 44.68 11.66 -21.61
CA ILE H 79 44.34 10.94 -20.39
C ILE H 79 42.90 11.34 -20.01
N LYS H 80 42.56 12.63 -20.11
CA LYS H 80 41.20 13.10 -19.83
C LYS H 80 40.17 12.56 -20.83
N ALA H 81 40.57 12.35 -22.08
CA ALA H 81 39.70 11.79 -23.14
C ALA H 81 39.43 10.30 -22.96
N GLY H 82 40.32 9.60 -22.25
CA GLY H 82 40.14 8.18 -22.00
C GLY H 82 41.29 7.22 -22.24
N MET H 83 42.50 7.69 -22.64
CA MET H 83 43.63 6.80 -22.89
C MET H 83 44.01 6.04 -21.62
N ASN H 84 44.16 4.71 -21.73
CA ASN H 84 44.52 3.88 -20.59
C ASN H 84 45.88 3.26 -20.74
N ILE H 85 46.30 2.97 -21.95
CA ILE H 85 47.59 2.35 -22.24
C ILE H 85 48.29 3.14 -23.33
N ALA H 86 49.57 3.49 -23.12
CA ALA H 86 50.37 4.20 -24.10
C ALA H 86 51.21 3.14 -24.78
N ARG H 87 51.07 3.01 -26.11
CA ARG H 87 51.88 2.05 -26.86
C ARG H 87 53.10 2.71 -27.53
N LEU H 88 54.29 2.12 -27.32
CA LEU H 88 55.52 2.60 -27.94
C LEU H 88 55.89 1.61 -29.02
N ASN H 89 55.82 2.03 -30.28
CA ASN H 89 56.11 1.13 -31.38
C ASN H 89 57.61 1.12 -31.69
N PHE H 90 58.31 0.04 -31.27
CA PHE H 90 59.75 -0.07 -31.51
C PHE H 90 60.11 -0.44 -32.96
N SER H 91 59.12 -0.47 -33.87
CA SER H 91 59.37 -0.58 -35.30
C SER H 91 59.85 0.79 -35.85
N HIS H 92 59.60 1.90 -35.13
CA HIS H 92 59.99 3.25 -35.48
C HIS H 92 60.79 3.89 -34.33
N GLY H 93 61.54 4.92 -34.64
CA GLY H 93 62.30 5.65 -33.64
C GLY H 93 63.47 4.89 -33.05
N SER H 94 64.06 5.50 -32.05
CA SER H 94 65.22 4.95 -31.38
C SER H 94 64.96 4.80 -29.87
N HIS H 95 65.92 4.21 -29.13
CA HIS H 95 65.83 4.07 -27.68
C HIS H 95 65.74 5.44 -27.03
N GLU H 96 66.45 6.43 -27.56
CA GLU H 96 66.43 7.80 -27.05
C GLU H 96 65.08 8.43 -27.25
N TYR H 97 64.46 8.19 -28.42
CA TYR H 97 63.15 8.72 -28.78
C TYR H 97 62.09 8.11 -27.85
N HIS H 98 62.08 6.77 -27.70
CA HIS H 98 61.11 6.11 -26.84
C HIS H 98 61.29 6.40 -25.34
N ALA H 99 62.54 6.65 -24.89
CA ALA H 99 62.78 7.04 -23.51
C ALA H 99 62.16 8.42 -23.20
N GLU H 100 62.15 9.33 -24.20
CA GLU H 100 61.52 10.64 -24.07
C GLU H 100 60.02 10.49 -24.02
N SER H 101 59.47 9.55 -24.83
CA SER H 101 58.04 9.24 -24.88
C SER H 101 57.58 8.81 -23.49
N ILE H 102 58.30 7.84 -22.92
CA ILE H 102 58.05 7.30 -21.61
C ILE H 102 58.05 8.37 -20.55
N ALA H 103 59.06 9.25 -20.58
CA ALA H 103 59.19 10.34 -19.61
C ALA H 103 58.04 11.36 -19.71
N ASN H 104 57.55 11.66 -20.93
CA ASN H 104 56.45 12.62 -21.13
C ASN H 104 55.12 12.02 -20.69
N VAL H 105 54.94 10.71 -20.93
CA VAL H 105 53.73 10.02 -20.47
C VAL H 105 53.71 10.04 -18.95
N ARG H 106 54.82 9.65 -18.30
CA ARG H 106 54.92 9.67 -16.86
C ARG H 106 54.74 11.07 -16.28
N GLU H 107 55.24 12.11 -16.96
CA GLU H 107 55.07 13.48 -16.50
C GLU H 107 53.61 13.88 -16.56
N ALA H 108 52.91 13.57 -17.66
CA ALA H 108 51.48 13.87 -17.78
C ALA H 108 50.62 13.09 -16.79
N VAL H 109 50.94 11.81 -16.57
CA VAL H 109 50.22 10.98 -15.61
C VAL H 109 50.41 11.50 -14.19
N GLU H 110 51.65 11.87 -13.82
CA GLU H 110 51.92 12.36 -12.48
C GLU H 110 51.43 13.78 -12.22
N SER H 111 51.06 14.52 -13.25
CA SER H 111 50.49 15.85 -13.09
C SER H 111 49.09 15.81 -12.46
N PHE H 112 48.50 14.63 -12.30
CA PHE H 112 47.21 14.46 -11.65
C PHE H 112 47.35 13.72 -10.30
N ALA H 113 48.57 13.39 -9.85
CA ALA H 113 48.79 12.64 -8.62
C ALA H 113 48.47 13.41 -7.33
N GLY H 114 48.34 14.73 -7.41
CA GLY H 114 48.01 15.54 -6.23
C GLY H 114 46.55 15.39 -5.78
N SER H 115 45.70 14.75 -6.61
CA SER H 115 44.31 14.42 -6.27
C SER H 115 44.20 12.88 -6.35
N PRO H 116 44.57 12.18 -5.26
CA PRO H 116 44.60 10.70 -5.28
C PRO H 116 43.30 9.97 -5.61
N LEU H 117 42.15 10.58 -5.30
CA LEU H 117 40.84 9.96 -5.59
C LEU H 117 40.48 10.05 -7.08
N SER H 118 41.15 10.91 -7.88
CA SER H 118 40.83 11.05 -9.30
C SER H 118 42.06 10.85 -10.25
N TYR H 119 43.18 10.31 -9.71
CA TYR H 119 44.40 10.08 -10.46
C TYR H 119 44.21 8.85 -11.37
N ARG H 120 44.62 8.94 -12.64
CA ARG H 120 44.45 7.82 -13.56
C ARG H 120 45.80 7.19 -13.99
N PRO H 121 46.06 5.95 -13.56
CA PRO H 121 47.27 5.27 -14.00
C PRO H 121 47.23 4.97 -15.51
N VAL H 122 48.36 5.08 -16.20
CA VAL H 122 48.44 4.76 -17.62
C VAL H 122 49.54 3.74 -17.81
N ALA H 123 49.22 2.55 -18.34
CA ALA H 123 50.23 1.53 -18.58
C ALA H 123 51.11 1.93 -19.75
N ILE H 124 52.34 1.42 -19.77
CA ILE H 124 53.26 1.68 -20.85
C ILE H 124 53.57 0.34 -21.50
N ALA H 125 53.22 0.21 -22.78
CA ALA H 125 53.43 -1.04 -23.51
C ALA H 125 54.47 -0.86 -24.59
N LEU H 126 55.40 -1.83 -24.70
CA LEU H 126 56.47 -1.79 -25.70
C LEU H 126 56.07 -2.76 -26.81
N ASP H 127 55.82 -2.27 -28.03
CA ASP H 127 55.47 -3.13 -29.15
C ASP H 127 56.80 -3.42 -29.88
N THR H 128 57.21 -4.68 -29.96
CA THR H 128 58.50 -5.03 -30.59
C THR H 128 58.48 -4.94 -32.11
N LYS H 129 59.67 -4.77 -32.73
CA LYS H 129 59.86 -4.69 -34.17
C LYS H 129 59.55 -6.02 -34.84
N GLY H 130 59.91 -7.12 -34.18
CA GLY H 130 59.62 -8.44 -34.72
C GLY H 130 60.80 -9.18 -35.32
N PRO H 131 60.59 -10.45 -35.76
CA PRO H 131 61.70 -11.28 -36.24
C PRO H 131 62.14 -11.07 -37.69
N GLY H 132 61.29 -10.44 -38.50
CA GLY H 132 61.60 -10.22 -39.91
C GLY H 132 61.89 -11.52 -40.64
N SER H 133 62.84 -11.49 -41.57
CA SER H 133 63.24 -12.71 -42.31
C SER H 133 63.71 -13.77 -41.33
N GLY H 134 64.03 -13.37 -40.10
CA GLY H 134 64.58 -14.32 -39.11
C GLY H 134 63.60 -15.39 -38.67
N PRO H 135 64.12 -16.50 -38.10
CA PRO H 135 63.27 -17.61 -37.66
C PRO H 135 62.55 -17.32 -36.34
N GLY H 136 63.25 -16.69 -35.40
CA GLY H 136 62.65 -16.36 -34.10
C GLY H 136 63.09 -15.01 -33.54
N LEU H 137 63.59 -14.98 -32.31
CA LEU H 137 63.88 -13.67 -31.68
C LEU H 137 65.09 -13.00 -32.31
N SER H 138 64.88 -11.79 -32.81
CA SER H 138 65.94 -11.00 -33.43
C SER H 138 66.88 -10.37 -32.40
N GLU H 139 68.07 -9.91 -32.81
CA GLU H 139 69.01 -9.26 -31.89
C GLU H 139 68.56 -7.87 -31.47
N GLN H 140 67.84 -7.16 -32.35
CA GLN H 140 67.27 -5.86 -32.02
C GLN H 140 66.16 -6.04 -30.97
N ASP H 141 65.37 -7.11 -31.07
CA ASP H 141 64.32 -7.38 -30.08
C ASP H 141 64.92 -7.66 -28.72
N VAL H 142 66.05 -8.38 -28.66
CA VAL H 142 66.72 -8.60 -27.38
C VAL H 142 67.18 -7.27 -26.74
N ARG H 143 67.70 -6.36 -27.55
CA ARG H 143 68.13 -5.05 -27.07
C ARG H 143 66.93 -4.18 -26.62
N ASP H 144 65.83 -4.24 -27.37
CA ASP H 144 64.62 -3.48 -27.06
C ASP H 144 63.91 -4.00 -25.83
N LEU H 145 63.83 -5.32 -25.69
CA LEU H 145 63.24 -5.94 -24.50
C LEU H 145 64.04 -5.58 -23.24
N ARG H 146 65.40 -5.55 -23.34
CA ARG H 146 66.19 -5.18 -22.18
CA ARG H 146 66.26 -5.16 -22.21
C ARG H 146 66.01 -3.68 -21.87
N PHE H 147 65.79 -2.83 -22.91
CA PHE H 147 65.51 -1.41 -22.73
C PHE H 147 64.19 -1.28 -21.91
N GLY H 148 63.19 -2.08 -22.26
CA GLY H 148 61.90 -2.07 -21.60
C GLY H 148 62.00 -2.39 -20.14
N VAL H 149 62.78 -3.44 -19.80
CA VAL H 149 63.00 -3.82 -18.41
C VAL H 149 63.69 -2.67 -17.66
N GLU H 150 64.74 -2.07 -18.26
CA GLU H 150 65.46 -0.96 -17.64
C GLU H 150 64.61 0.28 -17.45
N HIS H 151 63.61 0.49 -18.32
CA HIS H 151 62.74 1.66 -18.24
C HIS H 151 61.39 1.40 -17.57
N GLY H 152 61.20 0.21 -17.03
CA GLY H 152 60.01 -0.17 -16.29
C GLY H 152 58.71 -0.28 -17.06
N VAL H 153 58.75 -0.81 -18.29
CA VAL H 153 57.50 -0.98 -19.06
C VAL H 153 56.64 -2.04 -18.39
N ASP H 154 55.32 -1.94 -18.60
CA ASP H 154 54.38 -2.86 -17.94
C ASP H 154 54.00 -4.02 -18.81
N ILE H 155 53.93 -3.79 -20.13
CA ILE H 155 53.45 -4.77 -21.08
C ILE H 155 54.40 -4.85 -22.27
N VAL H 156 54.47 -6.02 -22.91
CA VAL H 156 55.19 -6.21 -24.15
C VAL H 156 54.16 -6.71 -25.15
N PHE H 157 54.01 -6.04 -26.30
CA PHE H 157 53.17 -6.53 -27.37
C PHE H 157 54.20 -7.20 -28.29
N ALA H 158 54.36 -8.52 -28.17
CA ALA H 158 55.36 -9.24 -28.96
C ALA H 158 54.91 -9.47 -30.40
N SER H 159 55.55 -8.82 -31.37
CA SER H 159 55.22 -8.97 -32.79
C SER H 159 55.50 -10.36 -33.38
N PHE H 160 54.66 -10.74 -34.36
CA PHE H 160 54.74 -11.97 -35.12
C PHE H 160 55.00 -13.24 -34.30
N VAL H 161 54.21 -13.46 -33.23
CA VAL H 161 54.35 -14.68 -32.44
C VAL H 161 53.76 -15.80 -33.25
N ARG H 162 54.54 -16.86 -33.54
CA ARG H 162 54.09 -17.98 -34.38
C ARG H 162 53.96 -19.31 -33.63
N LYS H 163 54.59 -19.43 -32.46
CA LYS H 163 54.57 -20.66 -31.67
C LYS H 163 54.89 -20.34 -30.21
N ALA H 164 54.66 -21.30 -29.31
CA ALA H 164 54.91 -21.11 -27.89
C ALA H 164 56.38 -20.79 -27.57
N SER H 165 57.33 -21.33 -28.34
CA SER H 165 58.75 -21.08 -28.10
C SER H 165 59.15 -19.62 -28.35
N ASP H 166 58.37 -18.88 -29.17
CA ASP H 166 58.62 -17.45 -29.43
C ASP H 166 58.32 -16.67 -28.15
N VAL H 167 57.26 -17.04 -27.42
CA VAL H 167 56.86 -16.41 -26.16
C VAL H 167 57.94 -16.67 -25.12
N ALA H 168 58.45 -17.92 -25.06
CA ALA H 168 59.51 -18.33 -24.12
C ALA H 168 60.77 -17.55 -24.34
N ALA H 169 61.11 -17.28 -25.63
CA ALA H 169 62.29 -16.47 -25.98
C ALA H 169 62.10 -15.03 -25.51
N VAL H 170 60.88 -14.46 -25.61
CA VAL H 170 60.64 -13.09 -25.14
C VAL H 170 60.77 -13.06 -23.61
N ARG H 171 60.23 -14.06 -22.93
N ARG H 171 60.23 -14.06 -22.93
CA ARG H 171 60.31 -14.16 -21.47
CA ARG H 171 60.31 -14.17 -21.47
C ARG H 171 61.77 -14.25 -21.01
C ARG H 171 61.78 -14.24 -21.02
N ALA H 172 62.58 -15.07 -21.69
CA ALA H 172 64.01 -15.21 -21.39
C ALA H 172 64.72 -13.90 -21.60
N ALA H 173 64.43 -13.19 -22.70
CA ALA H 173 65.06 -11.89 -22.99
C ALA H 173 64.70 -10.80 -21.99
N LEU H 174 63.59 -10.91 -21.30
CA LEU H 174 63.20 -9.96 -20.25
C LEU H 174 64.01 -10.19 -18.94
N GLY H 175 64.57 -11.39 -18.77
CA GLY H 175 65.41 -11.76 -17.64
C GLY H 175 64.68 -11.83 -16.32
N PRO H 176 65.43 -11.99 -15.22
CA PRO H 176 64.80 -12.05 -13.90
C PRO H 176 64.18 -10.75 -13.42
N GLU H 177 64.69 -9.60 -13.91
CA GLU H 177 64.14 -8.31 -13.47
C GLU H 177 62.82 -7.92 -14.21
N GLY H 178 62.50 -8.63 -15.29
CA GLY H 178 61.26 -8.41 -16.01
C GLY H 178 60.21 -9.49 -15.78
N HIS H 179 60.27 -10.16 -14.61
CA HIS H 179 59.32 -11.24 -14.29
CA HIS H 179 59.32 -11.24 -14.29
C HIS H 179 57.86 -10.75 -14.21
N GLY H 180 57.67 -9.50 -13.81
CA GLY H 180 56.33 -8.94 -13.67
C GLY H 180 55.71 -8.39 -14.94
N ILE H 181 56.48 -8.15 -15.98
CA ILE H 181 55.99 -7.61 -17.25
C ILE H 181 55.05 -8.62 -17.93
N LYS H 182 53.91 -8.13 -18.46
CA LYS H 182 52.93 -8.97 -19.15
C LYS H 182 53.34 -9.13 -20.61
N ILE H 183 53.19 -10.33 -21.16
CA ILE H 183 53.50 -10.58 -22.55
C ILE H 183 52.19 -10.85 -23.29
N ILE H 184 51.80 -9.94 -24.19
CA ILE H 184 50.61 -10.02 -25.02
C ILE H 184 51.13 -10.40 -26.40
N SER H 185 50.85 -11.62 -26.86
CA SER H 185 51.35 -12.10 -28.15
C SER H 185 50.55 -11.57 -29.30
N LYS H 186 51.20 -10.96 -30.30
CA LYS H 186 50.51 -10.48 -31.48
C LYS H 186 50.38 -11.59 -32.51
N ILE H 187 49.14 -11.90 -32.92
CA ILE H 187 48.90 -12.91 -33.94
C ILE H 187 48.76 -12.16 -35.26
N GLU H 188 49.78 -12.31 -36.14
CA GLU H 188 49.84 -11.53 -37.38
C GLU H 188 49.94 -12.34 -38.65
N ASN H 189 49.91 -13.68 -38.55
CA ASN H 189 50.06 -14.52 -39.74
C ASN H 189 49.31 -15.85 -39.61
N HIS H 190 49.26 -16.65 -40.71
CA HIS H 190 48.55 -17.92 -40.68
C HIS H 190 49.08 -18.88 -39.60
N GLU H 191 50.41 -18.96 -39.40
CA GLU H 191 51.00 -19.85 -38.39
C GLU H 191 50.56 -19.52 -36.97
N GLY H 192 50.52 -18.24 -36.63
CA GLY H 192 50.06 -17.77 -35.32
C GLY H 192 48.61 -18.16 -35.09
N VAL H 193 47.76 -18.03 -36.12
CA VAL H 193 46.35 -18.40 -36.03
C VAL H 193 46.21 -19.91 -35.82
N LYS H 194 46.96 -20.71 -36.58
CA LYS H 194 46.91 -22.16 -36.45
C LYS H 194 47.49 -22.70 -35.15
N ARG H 195 48.52 -22.06 -34.61
CA ARG H 195 49.09 -22.48 -33.33
C ARG H 195 48.57 -21.65 -32.15
N PHE H 196 47.41 -20.99 -32.31
CA PHE H 196 46.79 -20.10 -31.33
C PHE H 196 46.68 -20.69 -29.91
N ASP H 197 46.15 -21.90 -29.77
CA ASP H 197 45.97 -22.50 -28.44
C ASP H 197 47.26 -22.66 -27.64
N GLU H 198 48.35 -23.05 -28.31
CA GLU H 198 49.63 -23.19 -27.62
C GLU H 198 50.25 -21.83 -27.27
N ILE H 199 49.99 -20.81 -28.09
CA ILE H 199 50.49 -19.46 -27.85
C ILE H 199 49.72 -18.82 -26.66
N LEU H 200 48.38 -18.92 -26.69
CA LEU H 200 47.54 -18.37 -25.63
C LEU H 200 47.87 -19.02 -24.29
N GLU H 201 48.14 -20.33 -24.29
CA GLU H 201 48.48 -21.05 -23.07
C GLU H 201 49.66 -20.50 -22.35
N VAL H 202 50.71 -20.08 -23.08
CA VAL H 202 51.93 -19.53 -22.46
C VAL H 202 51.97 -18.00 -22.42
N SER H 203 50.99 -17.30 -23.00
CA SER H 203 50.97 -15.84 -23.02
C SER H 203 50.04 -15.29 -21.91
N ASP H 204 50.22 -14.03 -21.56
CA ASP H 204 49.31 -13.35 -20.65
C ASP H 204 48.04 -12.85 -21.37
N GLY H 205 48.11 -12.72 -22.69
CA GLY H 205 47.01 -12.26 -23.51
C GLY H 205 47.38 -12.25 -24.97
N ILE H 206 46.44 -11.77 -25.82
CA ILE H 206 46.64 -11.75 -27.26
C ILE H 206 46.28 -10.40 -27.89
N MET H 207 46.92 -10.07 -29.00
CA MET H 207 46.55 -8.90 -29.79
C MET H 207 46.21 -9.38 -31.20
N VAL H 208 45.03 -9.05 -31.69
CA VAL H 208 44.61 -9.35 -33.05
C VAL H 208 45.18 -8.22 -33.91
N ALA H 209 46.39 -8.44 -34.45
CA ALA H 209 47.13 -7.49 -35.24
C ALA H 209 46.64 -7.54 -36.69
N ARG H 210 45.51 -6.88 -36.98
CA ARG H 210 44.81 -6.95 -38.26
C ARG H 210 45.55 -6.38 -39.47
N GLY H 211 46.50 -5.48 -39.28
CA GLY H 211 47.27 -4.93 -40.39
C GLY H 211 48.07 -6.01 -41.13
N ASP H 212 48.99 -6.67 -40.42
CA ASP H 212 49.77 -7.75 -41.01
C ASP H 212 48.90 -8.96 -41.28
N LEU H 213 47.95 -9.29 -40.39
CA LEU H 213 47.08 -10.43 -40.59
C LEU H 213 46.30 -10.31 -41.90
N GLY H 214 45.84 -9.10 -42.23
CA GLY H 214 45.09 -8.80 -43.45
C GLY H 214 45.89 -8.88 -44.74
N ILE H 215 47.22 -8.93 -44.63
CA ILE H 215 48.06 -9.12 -45.77
C ILE H 215 48.63 -10.56 -45.79
N GLU H 216 48.78 -11.23 -44.64
CA GLU H 216 49.23 -12.63 -44.55
C GLU H 216 48.16 -13.63 -44.93
N ILE H 217 46.90 -13.33 -44.60
CA ILE H 217 45.75 -14.16 -44.93
C ILE H 217 44.79 -13.31 -45.79
N PRO H 218 43.85 -13.92 -46.53
CA PRO H 218 42.91 -13.11 -47.32
C PRO H 218 42.18 -12.10 -46.43
N ALA H 219 42.04 -10.86 -46.88
CA ALA H 219 41.43 -9.79 -46.11
C ALA H 219 40.04 -10.14 -45.61
N GLU H 220 39.28 -10.87 -46.43
CA GLU H 220 37.91 -11.26 -46.09
C GLU H 220 37.82 -12.36 -45.05
N LYS H 221 38.95 -12.90 -44.56
CA LYS H 221 38.98 -13.92 -43.52
C LYS H 221 39.39 -13.33 -42.15
N VAL H 222 39.90 -12.08 -42.09
CA VAL H 222 40.36 -11.48 -40.85
C VAL H 222 39.28 -11.47 -39.76
N PHE H 223 38.04 -11.14 -40.13
CA PHE H 223 36.94 -11.11 -39.16
C PHE H 223 36.72 -12.47 -38.49
N LEU H 224 36.97 -13.57 -39.20
CA LEU H 224 36.82 -14.92 -38.64
C LEU H 224 37.90 -15.16 -37.58
N ALA H 225 39.14 -14.75 -37.88
CA ALA H 225 40.27 -14.87 -36.97
C ALA H 225 40.08 -13.98 -35.76
N GLN H 226 39.59 -12.75 -35.95
CA GLN H 226 39.33 -11.82 -34.85
C GLN H 226 38.28 -12.39 -33.87
N LYS H 227 37.10 -12.79 -34.40
CA LYS H 227 36.03 -13.34 -33.59
C LYS H 227 36.42 -14.65 -32.90
N MET H 228 37.23 -15.51 -33.57
CA MET H 228 37.68 -16.76 -32.97
C MET H 228 38.63 -16.48 -31.78
N MET H 229 39.63 -15.61 -32.00
CA MET H 229 40.60 -15.30 -30.98
C MET H 229 39.97 -14.60 -29.80
N ILE H 230 39.06 -13.66 -30.05
CA ILE H 230 38.36 -12.96 -28.96
C ILE H 230 37.56 -13.95 -28.11
N GLY H 231 36.80 -14.83 -28.76
CA GLY H 231 36.01 -15.84 -28.09
C GLY H 231 36.85 -16.75 -27.24
N ARG H 232 38.00 -17.27 -27.78
CA ARG H 232 38.89 -18.16 -27.03
C ARG H 232 39.55 -17.48 -25.87
N CYS H 233 39.89 -16.20 -26.02
CA CYS H 233 40.46 -15.43 -24.92
C CYS H 233 39.47 -15.22 -23.84
N ASN H 234 38.22 -14.95 -24.20
CA ASN H 234 37.13 -14.78 -23.24
C ASN H 234 36.93 -16.06 -22.44
N LEU H 235 36.99 -17.20 -23.12
CA LEU H 235 36.84 -18.53 -22.54
C LEU H 235 38.02 -18.76 -21.54
N ALA H 236 39.26 -18.41 -21.98
CA ALA H 236 40.46 -18.55 -21.18
C ALA H 236 40.59 -17.54 -20.04
N GLY H 237 39.82 -16.46 -20.09
CA GLY H 237 39.89 -15.39 -19.10
C GLY H 237 41.19 -14.60 -19.23
N LYS H 238 41.69 -14.44 -20.48
CA LYS H 238 42.91 -13.67 -20.72
C LYS H 238 42.62 -12.48 -21.60
N PRO H 239 43.29 -11.33 -21.37
CA PRO H 239 42.99 -10.14 -22.20
C PRO H 239 43.23 -10.29 -23.69
N VAL H 240 42.32 -9.71 -24.50
CA VAL H 240 42.47 -9.70 -25.95
C VAL H 240 42.31 -8.27 -26.44
N VAL H 241 43.24 -7.83 -27.28
CA VAL H 241 43.23 -6.48 -27.85
C VAL H 241 42.80 -6.53 -29.32
N CYS H 242 41.89 -5.64 -29.76
CA CYS H 242 41.58 -5.54 -31.17
C CYS H 242 42.36 -4.33 -31.70
N ALA H 243 43.14 -4.53 -32.76
CA ALA H 243 44.00 -3.51 -33.27
C ALA H 243 43.92 -3.27 -34.76
N THR H 244 44.33 -2.04 -35.19
CA THR H 244 44.64 -1.55 -36.55
C THR H 244 43.47 -1.16 -37.43
N GLN H 245 43.52 0.09 -37.91
CA GLN H 245 42.61 0.76 -38.84
C GLN H 245 41.21 0.91 -38.31
N MET H 246 41.02 0.90 -36.96
CA MET H 246 39.70 1.02 -36.38
C MET H 246 39.03 2.34 -36.72
N LEU H 247 39.76 3.45 -36.69
CA LEU H 247 39.24 4.79 -37.02
C LEU H 247 40.25 5.45 -37.98
N GLU H 248 40.78 4.69 -38.95
CA GLU H 248 41.82 5.12 -39.90
C GLU H 248 41.61 6.50 -40.53
N SER H 249 40.41 6.77 -41.03
CA SER H 249 40.11 8.04 -41.65
C SER H 249 40.30 9.25 -40.72
N MET H 250 40.30 9.04 -39.36
CA MET H 250 40.55 10.13 -38.37
C MET H 250 42.00 10.58 -38.30
N ILE H 251 42.88 9.98 -39.10
CA ILE H 251 44.25 10.47 -39.21
C ILE H 251 44.20 11.88 -39.89
N THR H 252 43.27 12.06 -40.87
CA THR H 252 43.16 13.30 -41.61
C THR H 252 41.82 13.99 -41.48
N LYS H 253 40.73 13.26 -41.15
CA LYS H 253 39.38 13.84 -41.05
C LYS H 253 38.87 13.92 -39.60
N PRO H 254 38.10 14.98 -39.27
CA PRO H 254 37.62 15.14 -37.88
C PRO H 254 36.62 14.09 -37.33
N ARG H 255 35.88 13.39 -38.24
CA ARG H 255 34.85 12.39 -37.95
C ARG H 255 35.15 11.09 -38.72
N PRO H 256 34.85 9.93 -38.13
CA PRO H 256 35.14 8.66 -38.83
C PRO H 256 34.02 8.25 -39.81
N THR H 257 34.27 7.18 -40.58
CA THR H 257 33.27 6.65 -41.51
C THR H 257 32.27 5.76 -40.78
N ARG H 258 31.15 5.42 -41.42
CA ARG H 258 30.16 4.56 -40.84
C ARG H 258 30.71 3.15 -40.59
N ALA H 259 31.64 2.69 -41.42
CA ALA H 259 32.29 1.40 -41.26
C ALA H 259 33.22 1.37 -40.03
N GLU H 260 33.88 2.48 -39.76
CA GLU H 260 34.79 2.63 -38.63
C GLU H 260 34.10 2.61 -37.28
N THR H 261 33.01 3.38 -37.12
CA THR H 261 32.27 3.36 -35.85
C THR H 261 31.67 1.97 -35.61
N SER H 262 31.22 1.33 -36.67
CA SER H 262 30.65 0.01 -36.65
C SER H 262 31.74 -0.99 -36.23
N ASP H 263 32.94 -0.87 -36.77
CA ASP H 263 34.04 -1.75 -36.45
C ASP H 263 34.39 -1.67 -34.96
N VAL H 264 34.48 -0.44 -34.39
CA VAL H 264 34.77 -0.25 -32.98
C VAL H 264 33.68 -0.90 -32.11
N ALA H 265 32.42 -0.65 -32.44
CA ALA H 265 31.28 -1.20 -31.71
C ALA H 265 31.26 -2.72 -31.76
N ASN H 266 31.58 -3.29 -32.92
CA ASN H 266 31.59 -4.73 -33.09
C ASN H 266 32.76 -5.41 -32.41
N ALA H 267 33.90 -4.75 -32.27
CA ALA H 267 35.04 -5.32 -31.54
C ALA H 267 34.66 -5.44 -30.04
N VAL H 268 33.95 -4.42 -29.49
CA VAL H 268 33.47 -4.45 -28.12
C VAL H 268 32.38 -5.53 -27.97
N LEU H 269 31.42 -5.60 -28.89
CA LEU H 269 30.40 -6.64 -28.85
C LEU H 269 31.01 -8.03 -28.97
N ASP H 270 32.10 -8.20 -29.76
CA ASP H 270 32.80 -9.48 -29.91
C ASP H 270 33.36 -9.96 -28.57
N GLY H 271 33.81 -9.02 -27.72
CA GLY H 271 34.35 -9.34 -26.42
C GLY H 271 35.75 -8.84 -26.17
N ALA H 272 36.23 -7.86 -26.98
CA ALA H 272 37.58 -7.32 -26.81
C ALA H 272 37.72 -6.63 -25.48
N ASP H 273 38.83 -6.87 -24.78
CA ASP H 273 39.13 -6.18 -23.55
C ASP H 273 39.64 -4.79 -23.84
N CYS H 274 40.47 -4.66 -24.90
CA CYS H 274 41.08 -3.40 -25.30
C CYS H 274 40.83 -3.13 -26.77
N ILE H 275 40.78 -1.84 -27.12
CA ILE H 275 40.72 -1.40 -28.49
C ILE H 275 41.93 -0.46 -28.70
N MET H 276 42.50 -0.45 -29.93
CA MET H 276 43.71 0.32 -30.18
C MET H 276 43.62 1.40 -31.27
N LEU H 277 44.46 2.44 -31.12
CA LEU H 277 44.64 3.49 -32.09
C LEU H 277 46.16 3.48 -32.43
N SER H 278 46.49 3.47 -33.73
CA SER H 278 47.88 3.48 -34.17
C SER H 278 48.12 4.86 -34.80
N GLY H 279 47.98 4.99 -36.13
CA GLY H 279 48.17 6.26 -36.83
C GLY H 279 47.31 7.38 -36.31
N GLU H 280 46.09 7.05 -35.85
CA GLU H 280 45.10 8.00 -35.32
C GLU H 280 45.65 8.78 -34.17
N THR H 281 46.57 8.18 -33.34
CA THR H 281 47.15 8.96 -32.24
C THR H 281 48.65 9.27 -32.41
N ALA H 282 49.36 8.43 -33.16
CA ALA H 282 50.79 8.56 -33.33
C ALA H 282 51.20 9.69 -34.27
N LYS H 283 50.45 9.92 -35.34
CA LYS H 283 50.86 10.88 -36.33
C LYS H 283 49.76 11.72 -36.94
N GLY H 284 48.51 11.41 -36.68
CA GLY H 284 47.40 12.13 -37.29
C GLY H 284 47.13 13.51 -36.73
N ASN H 285 46.06 14.13 -37.22
CA ASN H 285 45.70 15.48 -36.79
C ASN H 285 44.62 15.51 -35.72
N PHE H 286 44.00 14.36 -35.42
CA PHE H 286 42.94 14.31 -34.42
C PHE H 286 43.19 13.24 -33.33
N PRO H 287 44.39 13.18 -32.68
CA PRO H 287 44.61 12.12 -31.68
C PRO H 287 43.66 12.10 -30.47
N VAL H 288 43.26 13.28 -29.95
CA VAL H 288 42.40 13.41 -28.77
C VAL H 288 40.98 13.07 -29.16
N GLU H 289 40.53 13.56 -30.33
CA GLU H 289 39.19 13.25 -30.81
C GLU H 289 39.08 11.78 -31.15
N ALA H 290 40.17 11.12 -31.62
CA ALA H 290 40.11 9.70 -31.96
C ALA H 290 39.87 8.90 -30.64
N VAL H 291 40.51 9.32 -29.53
CA VAL H 291 40.35 8.72 -28.21
C VAL H 291 38.93 8.97 -27.73
N LYS H 292 38.43 10.21 -27.90
CA LYS H 292 37.05 10.55 -27.51
C LYS H 292 36.03 9.71 -28.25
N MET H 293 36.28 9.44 -29.55
CA MET H 293 35.39 8.67 -30.41
C MET H 293 35.35 7.22 -29.97
N GLN H 294 36.52 6.63 -29.68
CA GLN H 294 36.56 5.24 -29.21
C GLN H 294 35.84 5.13 -27.86
N HIS H 295 36.04 6.14 -26.98
CA HIS H 295 35.41 6.20 -25.68
C HIS H 295 33.88 6.19 -25.84
N ALA H 296 33.35 7.06 -26.71
CA ALA H 296 31.93 7.21 -26.97
C ALA H 296 31.29 5.95 -27.54
N ILE H 297 31.92 5.33 -28.55
CA ILE H 297 31.38 4.12 -29.14
C ILE H 297 31.43 2.94 -28.13
N ALA H 298 32.55 2.77 -27.40
CA ALA H 298 32.68 1.67 -26.46
C ALA H 298 31.62 1.73 -25.37
N ARG H 299 31.29 2.92 -24.83
CA ARG H 299 30.25 3.03 -23.80
C ARG H 299 28.91 2.58 -24.35
N GLU H 300 28.59 2.93 -25.63
CA GLU H 300 27.33 2.55 -26.26
C GLU H 300 27.27 1.06 -26.48
N ALA H 301 28.36 0.48 -26.99
CA ALA H 301 28.44 -0.94 -27.30
C ALA H 301 28.43 -1.81 -26.07
N GLU H 302 29.03 -1.34 -24.94
CA GLU H 302 29.01 -2.10 -23.70
C GLU H 302 27.60 -2.20 -23.12
N ALA H 303 26.81 -1.14 -23.24
CA ALA H 303 25.42 -1.18 -22.78
C ALA H 303 24.60 -2.17 -23.62
N ALA H 304 24.91 -2.34 -24.92
CA ALA H 304 24.22 -3.24 -25.83
C ALA H 304 24.67 -4.69 -25.74
N VAL H 305 25.59 -5.02 -24.84
CA VAL H 305 26.03 -6.41 -24.65
C VAL H 305 24.85 -7.19 -24.03
N TYR H 306 24.59 -8.38 -24.56
CA TYR H 306 23.50 -9.23 -24.08
C TYR H 306 24.00 -10.07 -22.92
N HIS H 307 24.14 -9.46 -21.73
CA HIS H 307 24.68 -10.12 -20.54
C HIS H 307 23.96 -11.41 -20.13
N ARG H 308 22.65 -11.52 -20.37
CA ARG H 308 21.90 -12.71 -20.01
C ARG H 308 22.49 -13.97 -20.66
N GLN H 309 22.74 -13.93 -21.96
CA GLN H 309 23.32 -15.07 -22.64
C GLN H 309 24.81 -15.17 -22.33
N LEU H 310 25.54 -14.02 -22.36
CA LEU H 310 26.98 -13.97 -22.10
C LEU H 310 27.38 -14.57 -20.75
N PHE H 311 26.75 -14.14 -19.65
CA PHE H 311 27.07 -14.65 -18.33
C PHE H 311 26.76 -16.13 -18.22
N GLU H 312 25.60 -16.56 -18.75
CA GLU H 312 25.22 -17.97 -18.73
C GLU H 312 26.22 -18.83 -19.51
N GLU H 313 26.69 -18.34 -20.65
CA GLU H 313 27.64 -19.08 -21.47
C GLU H 313 29.05 -19.10 -20.85
N LEU H 314 29.47 -18.00 -20.20
CA LEU H 314 30.76 -17.96 -19.54
C LEU H 314 30.74 -18.92 -18.35
N ARG H 315 29.62 -18.97 -17.56
CA ARG H 315 29.63 -19.88 -16.42
C ARG H 315 29.46 -21.35 -16.90
N ARG H 316 28.71 -21.62 -17.97
CA ARG H 316 28.57 -22.97 -18.51
C ARG H 316 29.90 -23.49 -19.08
N ALA H 317 30.65 -22.62 -19.76
CA ALA H 317 31.92 -23.00 -20.38
C ALA H 317 33.09 -23.08 -19.41
N ALA H 318 33.08 -22.28 -18.35
CA ALA H 318 34.17 -22.27 -17.39
C ALA H 318 34.17 -23.59 -16.63
N PRO H 319 35.33 -24.22 -16.49
CA PRO H 319 35.38 -25.50 -15.76
C PRO H 319 35.21 -25.29 -14.25
N LEU H 320 34.93 -26.39 -13.53
CA LEU H 320 34.87 -26.32 -12.07
C LEU H 320 36.24 -25.97 -11.52
N SER H 321 36.28 -25.25 -10.41
CA SER H 321 37.54 -24.81 -9.86
C SER H 321 37.61 -25.01 -8.39
N ARG H 322 38.78 -25.36 -7.90
CA ARG H 322 39.00 -25.47 -6.45
C ARG H 322 39.84 -24.29 -5.91
N ASP H 323 40.02 -23.22 -6.72
CA ASP H 323 40.78 -22.06 -6.32
C ASP H 323 39.83 -21.05 -5.67
N PRO H 324 40.05 -20.66 -4.41
CA PRO H 324 39.10 -19.76 -3.74
C PRO H 324 38.93 -18.41 -4.41
N THR H 325 39.94 -17.89 -5.10
CA THR H 325 39.84 -16.61 -5.80
C THR H 325 38.83 -16.78 -6.94
N GLU H 326 38.94 -17.86 -7.71
CA GLU H 326 38.08 -18.19 -8.81
C GLU H 326 36.62 -18.42 -8.35
N VAL H 327 36.44 -19.15 -7.23
CA VAL H 327 35.12 -19.43 -6.65
C VAL H 327 34.47 -18.14 -6.09
N THR H 328 35.23 -17.29 -5.40
CA THR H 328 34.72 -16.03 -4.87
C THR H 328 34.33 -15.10 -6.00
N ALA H 329 35.13 -15.06 -7.09
CA ALA H 329 34.87 -14.21 -8.23
C ALA H 329 33.52 -14.50 -8.88
N ILE H 330 33.18 -15.79 -9.10
CA ILE H 330 31.89 -16.10 -9.70
C ILE H 330 30.72 -15.79 -8.75
N GLY H 331 30.89 -16.03 -7.44
CA GLY H 331 29.87 -15.71 -6.47
C GLY H 331 29.64 -14.21 -6.39
N ALA H 332 30.70 -13.41 -6.47
CA ALA H 332 30.61 -11.95 -6.45
C ALA H 332 29.92 -11.38 -7.68
N VAL H 333 30.21 -11.93 -8.88
CA VAL H 333 29.58 -11.46 -10.11
C VAL H 333 28.11 -11.84 -10.11
N GLU H 334 27.76 -13.04 -9.61
CA GLU H 334 26.38 -13.48 -9.51
CA GLU H 334 26.38 -13.48 -9.51
C GLU H 334 25.61 -12.56 -8.55
N ALA H 335 26.23 -12.19 -7.42
CA ALA H 335 25.66 -11.31 -6.43
C ALA H 335 25.46 -9.92 -7.00
N ALA H 336 26.45 -9.41 -7.77
CA ALA H 336 26.37 -8.09 -8.40
C ALA H 336 25.19 -8.00 -9.40
N PHE H 337 24.95 -9.08 -10.18
CA PHE H 337 23.82 -9.10 -11.11
C PHE H 337 22.48 -9.14 -10.38
N LYS H 338 22.39 -9.87 -9.26
CA LYS H 338 21.18 -10.03 -8.47
C LYS H 338 20.65 -8.70 -7.95
N CYS H 339 21.53 -7.80 -7.53
CA CYS H 339 21.12 -6.52 -6.94
C CYS H 339 21.40 -5.32 -7.80
N CYS H 340 21.92 -5.51 -9.05
CA CYS H 340 22.32 -4.41 -9.92
C CYS H 340 23.33 -3.53 -9.18
N ALA H 341 24.34 -4.19 -8.54
CA ALA H 341 25.40 -3.52 -7.78
C ALA H 341 26.05 -2.44 -8.66
N ALA H 342 26.30 -1.27 -8.07
CA ALA H 342 26.95 -0.19 -8.81
C ALA H 342 28.40 -0.54 -9.11
N ALA H 343 29.05 -1.32 -8.22
CA ALA H 343 30.44 -1.69 -8.37
C ALA H 343 30.80 -2.96 -7.56
N ILE H 344 31.96 -3.55 -7.89
CA ILE H 344 32.57 -4.62 -7.16
C ILE H 344 33.91 -4.04 -6.76
N ILE H 345 34.12 -3.74 -5.48
CA ILE H 345 35.41 -3.22 -5.02
C ILE H 345 36.30 -4.37 -4.60
N VAL H 346 37.47 -4.51 -5.20
CA VAL H 346 38.36 -5.64 -4.93
C VAL H 346 39.76 -5.16 -4.52
N LEU H 347 40.34 -5.77 -3.51
CA LEU H 347 41.70 -5.49 -3.08
C LEU H 347 42.56 -6.50 -3.83
N THR H 348 43.62 -5.99 -4.46
CA THR H 348 44.50 -6.84 -5.27
C THR H 348 45.96 -6.35 -5.17
N THR H 349 46.92 -7.29 -5.21
CA THR H 349 48.34 -7.02 -5.13
C THR H 349 48.94 -7.15 -6.53
N THR H 350 48.56 -8.23 -7.25
CA THR H 350 49.05 -8.55 -8.58
C THR H 350 48.06 -8.20 -9.67
N GLY H 351 46.79 -7.93 -9.32
CA GLY H 351 45.72 -7.70 -10.28
C GLY H 351 44.90 -8.94 -10.61
N ARG H 352 45.35 -10.12 -10.17
CA ARG H 352 44.69 -11.37 -10.47
C ARG H 352 43.24 -11.45 -9.99
N SER H 353 42.94 -11.00 -8.76
CA SER H 353 41.56 -11.05 -8.26
C SER H 353 40.63 -10.20 -9.11
N ALA H 354 41.12 -9.07 -9.63
CA ALA H 354 40.33 -8.22 -10.49
C ALA H 354 40.12 -8.90 -11.86
N GLN H 355 41.14 -9.58 -12.38
CA GLN H 355 41.09 -10.29 -13.65
C GLN H 355 40.06 -11.41 -13.58
N LEU H 356 40.02 -12.17 -12.47
CA LEU H 356 39.05 -13.24 -12.34
C LEU H 356 37.62 -12.73 -12.22
N LEU H 357 37.43 -11.50 -11.77
CA LEU H 357 36.09 -10.90 -11.71
C LEU H 357 35.69 -10.51 -13.15
N SER H 358 36.60 -9.84 -13.84
CA SER H 358 36.45 -9.35 -15.19
C SER H 358 36.11 -10.45 -16.22
N ARG H 359 36.62 -11.68 -16.06
CA ARG H 359 36.35 -12.76 -17.02
C ARG H 359 34.88 -13.18 -17.08
N TYR H 360 34.09 -12.86 -16.02
CA TYR H 360 32.64 -13.15 -16.02
C TYR H 360 31.80 -11.99 -16.56
N ARG H 361 32.44 -10.94 -17.06
CA ARG H 361 31.82 -9.78 -17.67
C ARG H 361 30.69 -9.19 -16.88
N PRO H 362 30.93 -8.80 -15.60
CA PRO H 362 29.86 -8.15 -14.86
C PRO H 362 29.51 -6.79 -15.47
N ARG H 363 28.28 -6.38 -15.29
CA ARG H 363 27.84 -5.05 -15.67
C ARG H 363 28.40 -4.02 -14.62
N ALA H 364 28.56 -4.43 -13.35
CA ALA H 364 29.11 -3.58 -12.28
C ALA H 364 30.60 -3.33 -12.52
N ALA H 365 31.03 -2.09 -12.29
CA ALA H 365 32.43 -1.73 -12.47
C ALA H 365 33.29 -2.45 -11.45
N VAL H 366 34.48 -2.94 -11.83
CA VAL H 366 35.37 -3.61 -10.89
C VAL H 366 36.41 -2.57 -10.44
N ILE H 367 36.22 -2.00 -9.27
CA ILE H 367 37.12 -0.99 -8.76
C ILE H 367 38.23 -1.71 -8.02
N ALA H 368 39.44 -1.74 -8.59
CA ALA H 368 40.54 -2.48 -8.01
C ALA H 368 41.44 -1.58 -7.20
N VAL H 369 41.46 -1.75 -5.87
CA VAL H 369 42.34 -0.94 -5.02
C VAL H 369 43.63 -1.70 -4.79
N THR H 370 44.74 -1.09 -5.19
CA THR H 370 46.05 -1.75 -5.09
C THR H 370 47.12 -0.82 -4.64
N ARG H 371 48.15 -1.33 -3.95
CA ARG H 371 49.33 -0.52 -3.60
C ARG H 371 50.41 -0.66 -4.68
N SER H 372 50.30 -1.64 -5.60
CA SER H 372 51.27 -1.85 -6.64
C SER H 372 50.97 -0.92 -7.82
N ALA H 373 51.85 0.05 -8.07
CA ALA H 373 51.70 0.95 -9.21
C ALA H 373 51.73 0.16 -10.53
N GLN H 374 52.53 -0.92 -10.62
CA GLN H 374 52.57 -1.73 -11.83
C GLN H 374 51.25 -2.49 -12.03
N ALA H 375 50.68 -3.08 -10.95
CA ALA H 375 49.41 -3.77 -11.06
C ALA H 375 48.31 -2.80 -11.48
N ALA H 376 48.30 -1.59 -10.90
CA ALA H 376 47.32 -0.56 -11.24
C ALA H 376 47.36 -0.25 -12.76
N ARG H 377 48.56 -0.21 -13.35
CA ARG H 377 48.71 0.03 -14.76
C ARG H 377 48.32 -1.18 -15.62
N GLN H 378 48.77 -2.36 -15.24
CA GLN H 378 48.51 -3.59 -15.99
C GLN H 378 47.06 -4.05 -15.98
N VAL H 379 46.28 -3.76 -14.92
CA VAL H 379 44.88 -4.21 -14.90
C VAL H 379 44.02 -3.52 -15.96
N HIS H 380 44.53 -2.47 -16.64
CA HIS H 380 43.82 -1.83 -17.74
C HIS H 380 43.63 -2.84 -18.90
N LEU H 381 44.42 -3.92 -18.96
CA LEU H 381 44.25 -4.95 -19.97
C LEU H 381 42.93 -5.70 -19.81
N CYS H 382 42.32 -5.69 -18.59
CA CYS H 382 41.10 -6.42 -18.30
C CYS H 382 39.92 -5.55 -18.33
N ARG H 383 38.94 -5.87 -19.18
CA ARG H 383 37.74 -5.10 -19.34
C ARG H 383 36.95 -4.91 -18.06
N GLY H 384 36.58 -3.67 -17.78
CA GLY H 384 35.75 -3.34 -16.64
C GLY H 384 36.48 -3.17 -15.35
N VAL H 385 37.84 -3.18 -15.36
CA VAL H 385 38.64 -2.97 -14.17
C VAL H 385 39.12 -1.53 -14.11
N PHE H 386 38.79 -0.80 -13.06
CA PHE H 386 39.11 0.60 -12.82
C PHE H 386 40.11 0.66 -11.67
N PRO H 387 41.40 0.81 -11.99
CA PRO H 387 42.43 0.76 -10.93
C PRO H 387 42.59 2.01 -10.09
N LEU H 388 42.73 1.84 -8.77
CA LEU H 388 42.97 2.93 -7.86
C LEU H 388 44.27 2.61 -7.13
N LEU H 389 45.26 3.47 -7.26
CA LEU H 389 46.53 3.28 -6.57
C LEU H 389 46.40 3.89 -5.16
N TYR H 390 46.54 3.06 -4.13
CA TYR H 390 46.45 3.46 -2.74
C TYR H 390 47.87 3.75 -2.26
N ARG H 391 48.10 4.94 -1.70
CA ARG H 391 49.45 5.33 -1.32
C ARG H 391 49.70 5.47 0.17
N GLU H 392 48.66 5.39 0.99
CA GLU H 392 48.78 5.55 2.44
C GLU H 392 49.65 4.48 3.09
N PRO H 393 50.37 4.86 4.16
CA PRO H 393 51.18 3.85 4.87
C PRO H 393 50.24 2.88 5.62
N PRO H 394 50.67 1.61 5.74
CA PRO H 394 49.81 0.60 6.36
C PRO H 394 49.41 0.88 7.79
N GLU H 395 48.23 0.44 8.18
CA GLU H 395 47.77 0.48 9.56
C GLU H 395 48.46 -0.72 10.27
N ALA H 396 48.64 -0.61 11.58
CA ALA H 396 49.25 -1.68 12.38
C ALA H 396 48.31 -2.90 12.43
N ILE H 397 46.99 -2.64 12.46
CA ILE H 397 45.98 -3.69 12.46
C ILE H 397 45.55 -3.97 10.99
N TRP H 398 45.88 -5.16 10.47
CA TRP H 398 45.60 -5.53 9.11
C TRP H 398 44.15 -5.31 8.70
N ALA H 399 43.21 -5.70 9.55
CA ALA H 399 41.79 -5.50 9.26
C ALA H 399 41.39 -4.02 9.02
N ASP H 400 41.99 -3.07 9.74
CA ASP H 400 41.75 -1.64 9.57
C ASP H 400 42.37 -1.15 8.26
N ASP H 401 43.54 -1.69 7.88
CA ASP H 401 44.20 -1.36 6.63
C ASP H 401 43.36 -1.86 5.47
N VAL H 402 42.74 -3.04 5.62
CA VAL H 402 41.82 -3.56 4.63
C VAL H 402 40.59 -2.63 4.54
N ASP H 403 39.99 -2.24 5.68
CA ASP H 403 38.84 -1.33 5.67
C ASP H 403 39.15 0.04 5.06
N ARG H 404 40.28 0.63 5.42
CA ARG H 404 40.73 1.90 4.86
C ARG H 404 40.78 1.88 3.33
N ARG H 405 41.35 0.83 2.74
CA ARG H 405 41.42 0.68 1.30
C ARG H 405 40.04 0.58 0.65
N VAL H 406 39.09 -0.15 1.27
CA VAL H 406 37.71 -0.30 0.82
C VAL H 406 37.04 1.06 0.85
N GLN H 407 37.20 1.82 1.95
CA GLN H 407 36.68 3.18 2.09
C GLN H 407 37.27 4.10 1.06
N PHE H 408 38.55 3.94 0.74
CA PHE H 408 39.20 4.71 -0.32
C PHE H 408 38.55 4.41 -1.67
N GLY H 409 38.25 3.14 -1.91
CA GLY H 409 37.54 2.66 -3.09
C GLY H 409 36.16 3.28 -3.18
N ILE H 410 35.40 3.36 -2.06
CA ILE H 410 34.07 3.97 -2.02
C ILE H 410 34.13 5.49 -2.26
N GLU H 411 35.05 6.17 -1.59
CA GLU H 411 35.20 7.61 -1.75
C GLU H 411 35.59 8.01 -3.17
N SER H 412 36.45 7.23 -3.85
CA SER H 412 36.81 7.52 -5.26
C SER H 412 35.62 7.26 -6.16
N GLY H 413 34.90 6.16 -5.89
CA GLY H 413 33.72 5.76 -6.62
C GLY H 413 32.68 6.85 -6.59
N LYS H 414 32.51 7.50 -5.43
CA LYS H 414 31.57 8.60 -5.23
C LYS H 414 32.03 9.86 -5.97
N LEU H 415 33.29 10.25 -5.82
CA LEU H 415 33.86 11.40 -6.53
C LEU H 415 33.74 11.25 -8.03
N ARG H 416 34.07 10.07 -8.58
CA ARG H 416 34.06 9.85 -10.03
C ARG H 416 32.70 9.51 -10.62
N GLY H 417 31.65 9.51 -9.82
CA GLY H 417 30.32 9.23 -10.31
C GLY H 417 29.89 7.78 -10.42
N PHE H 418 30.76 6.83 -10.01
CA PHE H 418 30.41 5.42 -10.05
C PHE H 418 29.33 5.08 -9.00
N LEU H 419 29.41 5.70 -7.84
CA LEU H 419 28.57 5.36 -6.69
C LEU H 419 27.85 6.57 -6.15
N ARG H 420 26.80 6.30 -5.40
CA ARG H 420 25.98 7.28 -4.72
C ARG H 420 25.46 6.59 -3.44
N VAL H 421 25.08 7.37 -2.41
CA VAL H 421 24.48 6.88 -1.17
C VAL H 421 23.21 6.08 -1.51
N GLY H 422 23.07 4.92 -0.90
CA GLY H 422 21.94 4.03 -1.19
C GLY H 422 22.25 2.93 -2.18
N ASP H 423 23.39 3.05 -2.91
CA ASP H 423 23.81 2.01 -3.85
C ASP H 423 24.29 0.77 -3.11
N LEU H 424 24.26 -0.39 -3.78
CA LEU H 424 24.79 -1.60 -3.22
C LEU H 424 26.09 -1.91 -3.97
N VAL H 425 27.15 -2.28 -3.27
CA VAL H 425 28.41 -2.73 -3.89
C VAL H 425 28.74 -4.13 -3.32
N ILE H 426 29.55 -4.86 -4.05
CA ILE H 426 30.08 -6.17 -3.63
C ILE H 426 31.55 -5.90 -3.31
N VAL H 427 32.03 -6.30 -2.13
CA VAL H 427 33.40 -6.05 -1.72
C VAL H 427 34.15 -7.37 -1.63
N VAL H 428 35.26 -7.49 -2.41
CA VAL H 428 36.01 -8.74 -2.50
C VAL H 428 37.37 -8.57 -1.84
N THR H 429 37.67 -9.39 -0.83
CA THR H 429 38.91 -9.36 -0.06
C THR H 429 39.38 -10.82 0.26
N GLY H 430 40.46 -10.99 1.00
CA GLY H 430 41.03 -12.27 1.36
C GLY H 430 41.18 -12.45 2.86
N TRP H 431 41.70 -13.59 3.29
CA TRP H 431 41.77 -13.92 4.72
C TRP H 431 43.12 -13.59 5.37
N ARG H 432 44.15 -13.32 4.59
CA ARG H 432 45.45 -12.91 5.14
C ARG H 432 46.15 -11.96 4.15
N PRO H 433 47.16 -11.21 4.60
CA PRO H 433 47.91 -10.36 3.67
C PRO H 433 48.70 -11.18 2.64
N GLY H 434 49.18 -10.52 1.60
CA GLY H 434 49.86 -11.20 0.52
C GLY H 434 48.89 -11.66 -0.54
N SER H 435 49.42 -11.78 -1.74
CA SER H 435 48.72 -12.19 -2.93
CA SER H 435 48.68 -12.21 -2.93
C SER H 435 48.25 -13.65 -2.84
N GLY H 436 47.12 -13.96 -3.48
CA GLY H 436 46.59 -15.30 -3.62
C GLY H 436 45.67 -15.83 -2.56
N TYR H 437 45.20 -14.96 -1.65
CA TYR H 437 44.30 -15.40 -0.57
C TYR H 437 42.90 -14.83 -0.58
N THR H 438 42.41 -14.29 -1.76
CA THR H 438 41.04 -13.77 -1.87
C THR H 438 40.07 -14.92 -1.61
N ASN H 439 39.06 -14.69 -0.80
CA ASN H 439 38.09 -15.72 -0.47
C ASN H 439 36.81 -15.17 0.15
N ILE H 440 36.63 -13.85 0.25
CA ILE H 440 35.44 -13.29 0.88
C ILE H 440 34.75 -12.33 -0.06
N MET H 441 33.43 -12.38 -0.14
CA MET H 441 32.64 -11.37 -0.82
C MET H 441 31.57 -10.84 0.19
N ARG H 442 31.43 -9.50 0.31
CA ARG H 442 30.47 -8.81 1.22
CA ARG H 442 30.39 -8.94 1.16
C ARG H 442 29.50 -7.98 0.40
N VAL H 443 28.22 -7.95 0.77
CA VAL H 443 27.23 -7.08 0.16
C VAL H 443 27.17 -5.87 1.08
N LEU H 444 27.49 -4.69 0.56
CA LEU H 444 27.60 -3.47 1.34
C LEU H 444 26.69 -2.38 0.80
N SER H 445 26.04 -1.63 1.68
CA SER H 445 25.20 -0.51 1.27
C SER H 445 25.97 0.79 1.43
N ILE H 446 26.01 1.62 0.37
CA ILE H 446 26.76 2.88 0.42
C ILE H 446 26.07 3.94 1.29
N SER H 447 26.85 4.52 2.23
CA SER H 447 26.39 5.57 3.13
C SER H 447 27.32 6.83 3.00
#